data_4H32
#
_entry.id   4H32
#
_cell.length_a   74.149
_cell.length_b   101.840
_cell.length_c   497.091
_cell.angle_alpha   90.00
_cell.angle_beta   90.00
_cell.angle_gamma   90.00
#
_symmetry.space_group_name_H-M   'P 21 21 21'
#
loop_
_entity.id
_entity.type
_entity.pdbx_description
1 polymer Hemagglutinin
2 polymer Hemagglutinin
3 non-polymer 2-acetamido-2-deoxy-beta-D-glucopyranose
4 water water
#
loop_
_entity_poly.entity_id
_entity_poly.type
_entity_poly.pdbx_seq_one_letter_code
_entity_poly.pdbx_strand_id
1 'polypeptide(L)'
;QDRICIGYQANQNNQTVNTLLEQNVPVTGAQEILETNHNGKLCSLNGVPPLDLQSCTLAGWLLGNPNCDNLLEAEEWSYI
KINENAPDDLCFPGNFENLQDLLLEMSGVQNFTKVKLFNPQSMTGVTTNNVDQTCPFEGKPSFYRNLNWIQGNSGLPFNI
EIKNPTSNPLLLLWGIHNTKDAAQQRNLYGNDYSYTIFNFGEKSEEFRPDIGQRDEIKAHQDRIDYYWGSLPAQSTLRIE
STGNLIAPEYGFYYKRKEGKGGLMKSKLPISDCSTKCQTPLGALNSTLPFQNVHQQTIGNCPKYVKATSLMLATGLRNNP
;
A,C,E,G,I,K
2 'polypeptide(L)'
;AGFIEGGWQGMIDGWYGYHHENQEGSGYAADKEATQKAVDAITNKVNSIIDKMNSQFESNIKEFNRLELRIQHLSDRVDD
ALLDIWSYNTELLVLLENERTLDFHDANVKNLFEKVKAQLKDNAIDEGNGCFLLLHKCNNSCMDDIKNGTYKYMDYREES
HIEKQKIDGVE
;
B,D,F,H,J,L
#
# COMPACT_ATOMS: atom_id res chain seq x y z
N GLN A 1 40.29 3.34 -29.92
CA GLN A 1 39.44 3.45 -31.10
C GLN A 1 38.25 4.38 -30.87
N ASP A 2 37.84 5.08 -31.93
CA ASP A 2 36.65 5.91 -31.90
C ASP A 2 35.40 5.05 -32.05
N ARG A 3 34.33 5.43 -31.37
CA ARG A 3 33.21 4.53 -31.16
C ARG A 3 31.94 5.29 -30.80
N ILE A 4 30.90 5.19 -31.63
CA ILE A 4 29.62 5.82 -31.33
C ILE A 4 28.53 4.77 -31.07
N CYS A 5 27.62 5.08 -30.16
CA CYS A 5 26.58 4.13 -29.74
C CYS A 5 25.19 4.75 -29.67
N ILE A 6 24.18 3.91 -29.85
CA ILE A 6 22.79 4.30 -29.70
C ILE A 6 22.27 3.64 -28.44
N GLY A 7 21.60 4.41 -27.59
CA GLY A 7 21.08 3.87 -26.35
C GLY A 7 19.87 4.61 -25.82
N TYR A 8 19.39 4.18 -24.66
CA TYR A 8 18.19 4.78 -24.08
C TYR A 8 18.29 4.97 -22.57
N GLN A 9 17.46 5.89 -22.06
CA GLN A 9 17.50 6.28 -20.65
C GLN A 9 17.18 5.16 -19.67
N ALA A 10 17.82 5.22 -18.51
CA ALA A 10 17.45 4.42 -17.36
C ALA A 10 17.58 5.34 -16.15
N ASN A 11 16.68 5.19 -15.17
CA ASN A 11 16.79 5.98 -13.95
C ASN A 11 16.55 5.18 -12.67
N GLN A 12 16.21 5.88 -11.59
CA GLN A 12 16.05 5.23 -10.30
C GLN A 12 14.59 5.05 -9.90
N ASN A 13 13.76 4.65 -10.86
CA ASN A 13 12.33 4.44 -10.60
C ASN A 13 12.05 2.99 -10.26
N ASN A 14 11.32 2.75 -9.17
CA ASN A 14 11.01 1.38 -8.78
C ASN A 14 9.64 0.89 -9.25
N GLN A 15 8.96 1.70 -10.05
CA GLN A 15 7.68 1.30 -10.62
C GLN A 15 7.82 0.09 -11.52
N THR A 16 6.92 -0.88 -11.34
CA THR A 16 6.83 -2.02 -12.24
C THR A 16 5.44 -2.09 -12.85
N VAL A 17 5.37 -2.66 -14.05
CA VAL A 17 4.09 -2.86 -14.72
C VAL A 17 3.99 -4.29 -15.22
N ASN A 18 2.76 -4.74 -15.46
CA ASN A 18 2.53 -6.04 -16.07
C ASN A 18 2.09 -5.87 -17.52
N THR A 19 2.52 -6.80 -18.37
CA THR A 19 2.10 -6.80 -19.76
C THR A 19 1.51 -8.17 -20.08
N LEU A 20 0.94 -8.30 -21.25
CA LEU A 20 0.34 -9.55 -21.68
C LEU A 20 1.41 -10.64 -21.79
N LEU A 21 2.66 -10.21 -21.93
CA LEU A 21 3.77 -11.16 -22.12
C LEU A 21 4.60 -11.37 -20.86
N GLU A 22 4.89 -10.28 -20.15
CA GLU A 22 5.71 -10.37 -18.95
C GLU A 22 5.04 -9.66 -17.78
N GLN A 23 5.36 -10.10 -16.57
CA GLN A 23 4.85 -9.45 -15.37
C GLN A 23 5.97 -8.84 -14.52
N ASN A 24 5.65 -7.74 -13.85
CA ASN A 24 6.62 -7.02 -13.01
C ASN A 24 7.85 -6.57 -13.78
N VAL A 25 7.62 -5.91 -14.92
CA VAL A 25 8.69 -5.31 -15.69
C VAL A 25 8.94 -3.90 -15.17
N PRO A 26 10.16 -3.66 -14.65
CA PRO A 26 10.55 -2.33 -14.16
C PRO A 26 10.51 -1.29 -15.28
N VAL A 27 10.03 -0.11 -14.97
CA VAL A 27 9.94 0.96 -15.97
C VAL A 27 10.49 2.27 -15.41
N THR A 28 10.72 3.23 -16.29
CA THR A 28 11.23 4.53 -15.89
C THR A 28 10.09 5.50 -15.57
N GLY A 29 8.90 5.19 -16.07
CA GLY A 29 7.73 6.01 -15.81
C GLY A 29 6.45 5.23 -16.00
N ALA A 30 5.55 5.31 -15.02
CA ALA A 30 4.25 4.64 -15.11
C ALA A 30 3.11 5.51 -14.58
N GLN A 31 1.96 5.42 -15.23
CA GLN A 31 0.76 6.15 -14.79
C GLN A 31 -0.26 5.23 -14.16
N GLU A 32 -0.87 5.69 -13.09
CA GLU A 32 -2.00 5.00 -12.46
C GLU A 32 -3.29 5.55 -13.04
N ILE A 33 -4.14 4.67 -13.58
CA ILE A 33 -5.42 5.11 -14.12
C ILE A 33 -6.59 4.63 -13.26
N LEU A 34 -6.27 4.12 -12.07
CA LEU A 34 -7.30 3.71 -11.13
C LEU A 34 -7.34 4.67 -9.95
N GLU A 35 -8.51 5.26 -9.72
CA GLU A 35 -8.68 6.11 -8.54
C GLU A 35 -8.96 5.26 -7.31
N THR A 36 -8.25 5.53 -6.22
CA THR A 36 -8.37 4.72 -5.01
C THR A 36 -8.57 5.59 -3.78
N ASN A 37 -8.67 6.89 -3.99
CA ASN A 37 -8.78 7.84 -2.88
C ASN A 37 -10.06 8.66 -2.92
N HIS A 38 -10.66 8.83 -1.74
CA HIS A 38 -11.85 9.66 -1.60
C HIS A 38 -11.63 10.62 -0.45
N ASN A 39 -12.58 11.53 -0.23
CA ASN A 39 -12.41 12.59 0.76
C ASN A 39 -13.09 12.29 2.10
N GLY A 40 -13.69 11.12 2.19
CA GLY A 40 -14.35 10.67 3.41
C GLY A 40 -15.42 11.63 3.89
N LYS A 41 -16.18 12.19 2.96
CA LYS A 41 -17.24 13.13 3.31
C LYS A 41 -18.47 12.95 2.42
N LEU A 42 -19.63 13.26 2.97
CA LEU A 42 -20.86 13.32 2.20
C LEU A 42 -21.01 14.77 1.73
N CYS A 43 -21.03 14.99 0.42
CA CYS A 43 -20.98 16.34 -0.11
C CYS A 43 -22.20 16.71 -0.93
N SER A 44 -22.25 17.97 -1.34
CA SER A 44 -23.23 18.43 -2.31
C SER A 44 -22.80 17.93 -3.69
N LEU A 45 -23.78 17.68 -4.55
CA LEU A 45 -23.49 17.29 -5.92
C LEU A 45 -23.58 18.51 -6.81
N ASN A 46 -22.42 18.94 -7.32
CA ASN A 46 -22.35 20.12 -8.19
C ASN A 46 -22.95 21.37 -7.57
N GLY A 47 -22.76 21.53 -6.25
CA GLY A 47 -23.25 22.70 -5.54
C GLY A 47 -24.62 22.53 -4.91
N VAL A 48 -25.35 21.50 -5.34
CA VAL A 48 -26.67 21.20 -4.78
C VAL A 48 -26.55 20.23 -3.61
N PRO A 49 -26.88 20.70 -2.39
CA PRO A 49 -26.76 19.89 -1.18
C PRO A 49 -27.81 18.80 -1.15
N PRO A 50 -27.49 17.67 -0.48
CA PRO A 50 -28.49 16.61 -0.30
C PRO A 50 -29.54 17.03 0.73
N LEU A 51 -30.59 16.25 0.86
CA LEU A 51 -31.62 16.54 1.86
C LEU A 51 -31.27 15.85 3.18
N ASP A 52 -31.09 16.64 4.23
CA ASP A 52 -30.78 16.11 5.55
C ASP A 52 -32.03 16.10 6.43
N LEU A 53 -32.53 14.90 6.72
CA LEU A 53 -33.77 14.74 7.47
C LEU A 53 -33.55 14.77 8.99
N GLN A 54 -32.31 14.55 9.40
CA GLN A 54 -31.93 14.57 10.81
C GLN A 54 -32.75 13.50 11.54
N SER A 55 -33.40 13.87 12.63
CA SER A 55 -34.07 12.90 13.49
C SER A 55 -35.33 12.33 12.85
N CYS A 56 -35.67 12.84 11.67
CA CYS A 56 -36.92 12.46 11.00
C CYS A 56 -36.73 11.52 9.82
N THR A 57 -37.80 10.83 9.45
CA THR A 57 -37.85 10.07 8.22
C THR A 57 -38.50 10.93 7.14
N LEU A 58 -38.47 10.46 5.90
CA LEU A 58 -39.13 11.18 4.81
C LEU A 58 -40.62 11.30 5.09
N ALA A 59 -41.22 10.20 5.54
CA ALA A 59 -42.65 10.17 5.86
C ALA A 59 -42.97 11.14 6.98
N GLY A 60 -42.24 11.04 8.08
CA GLY A 60 -42.43 11.94 9.21
C GLY A 60 -42.35 13.39 8.80
N TRP A 61 -41.40 13.71 7.92
CA TRP A 61 -41.20 15.09 7.48
C TRP A 61 -42.32 15.58 6.56
N LEU A 62 -42.66 14.76 5.57
CA LEU A 62 -43.68 15.14 4.58
C LEU A 62 -45.07 15.24 5.20
N LEU A 63 -45.38 14.34 6.14
CA LEU A 63 -46.65 14.36 6.84
C LEU A 63 -46.71 15.54 7.80
N GLY A 64 -45.55 15.94 8.31
CA GLY A 64 -45.48 17.05 9.24
C GLY A 64 -45.60 16.62 10.69
N ASN A 65 -44.89 15.55 11.05
CA ASN A 65 -44.73 15.17 12.44
C ASN A 65 -44.18 16.37 13.21
N PRO A 66 -44.89 16.77 14.28
CA PRO A 66 -44.56 17.96 15.07
C PRO A 66 -43.08 18.06 15.46
N ASN A 67 -42.44 16.91 15.69
CA ASN A 67 -41.03 16.88 16.04
C ASN A 67 -40.12 17.16 14.83
N CYS A 68 -40.72 17.37 13.67
CA CYS A 68 -39.97 17.67 12.45
C CYS A 68 -40.13 19.14 12.04
N ASP A 69 -40.69 19.94 12.93
CA ASP A 69 -40.94 21.35 12.66
C ASP A 69 -39.67 22.18 12.53
N ASN A 70 -38.51 21.55 12.74
CA ASN A 70 -37.26 22.28 12.83
C ASN A 70 -36.29 22.07 11.67
N LEU A 71 -36.69 21.31 10.66
CA LEU A 71 -35.72 20.83 9.66
C LEU A 71 -34.89 21.90 8.90
N LEU A 72 -35.44 22.71 7.99
CA LEU A 72 -36.78 22.65 7.42
C LEU A 72 -36.68 23.34 6.06
N GLU A 73 -37.82 23.63 5.44
CA GLU A 73 -37.92 24.43 4.20
C GLU A 73 -36.80 24.27 3.17
N ALA A 74 -36.49 23.02 2.80
CA ALA A 74 -35.51 22.77 1.75
C ALA A 74 -36.18 22.93 0.39
N GLU A 75 -35.60 23.75 -0.48
CA GLU A 75 -36.16 23.99 -1.80
C GLU A 75 -35.71 22.93 -2.81
N GLU A 76 -34.42 22.62 -2.83
CA GLU A 76 -33.91 21.60 -3.74
C GLU A 76 -32.83 20.74 -3.11
N TRP A 77 -32.74 19.50 -3.58
CA TRP A 77 -31.68 18.59 -3.14
C TRP A 77 -31.28 17.65 -4.26
N SER A 78 -30.01 17.26 -4.26
CA SER A 78 -29.47 16.40 -5.31
C SER A 78 -29.71 14.92 -5.01
N TYR A 79 -29.68 14.57 -3.73
CA TYR A 79 -30.01 13.22 -3.29
C TYR A 79 -30.45 13.26 -1.84
N ILE A 80 -30.91 12.13 -1.32
CA ILE A 80 -31.35 12.06 0.06
C ILE A 80 -30.45 11.15 0.89
N LYS A 81 -30.02 11.65 2.04
CA LYS A 81 -29.30 10.81 2.99
C LYS A 81 -30.31 10.21 3.94
N ILE A 82 -30.45 8.89 3.91
CA ILE A 82 -31.41 8.21 4.78
C ILE A 82 -30.83 7.85 6.15
N ASN A 83 -31.52 8.33 7.20
CA ASN A 83 -31.24 7.93 8.56
C ASN A 83 -32.15 6.76 8.91
N GLU A 84 -31.56 5.58 9.01
CA GLU A 84 -32.28 4.32 9.18
C GLU A 84 -33.13 4.29 10.43
N ASN A 85 -32.48 4.49 11.59
CA ASN A 85 -33.17 4.42 12.87
C ASN A 85 -33.67 5.78 13.35
N ALA A 86 -34.09 6.62 12.41
CA ALA A 86 -34.66 7.93 12.75
C ALA A 86 -35.90 7.74 13.61
N PRO A 87 -35.88 8.28 14.84
CA PRO A 87 -36.96 8.10 15.81
C PRO A 87 -38.26 8.78 15.42
N ASP A 88 -38.17 9.97 14.82
CA ASP A 88 -39.36 10.73 14.47
C ASP A 88 -39.97 10.31 13.14
N ASP A 89 -40.84 9.32 13.20
CA ASP A 89 -41.48 8.75 12.01
C ASP A 89 -42.98 9.00 12.10
N LEU A 90 -43.74 7.92 12.28
CA LEU A 90 -45.20 7.99 12.39
C LEU A 90 -45.59 8.12 13.86
N CYS A 91 -45.99 9.32 14.27
CA CYS A 91 -46.37 9.53 15.67
C CYS A 91 -47.67 8.80 16.04
N PHE A 92 -48.67 8.88 15.17
CA PHE A 92 -49.88 8.06 15.34
C PHE A 92 -49.64 6.74 14.63
N PRO A 93 -49.86 5.62 15.32
CA PRO A 93 -49.52 4.28 14.82
C PRO A 93 -50.25 3.91 13.54
N GLY A 94 -49.56 3.23 12.64
CA GLY A 94 -50.17 2.76 11.41
C GLY A 94 -49.20 2.30 10.33
N ASN A 95 -49.74 2.13 9.12
CA ASN A 95 -48.97 1.69 7.97
C ASN A 95 -48.77 2.84 7.00
N PHE A 96 -47.58 2.90 6.39
CA PHE A 96 -47.37 3.83 5.29
C PHE A 96 -47.41 3.07 3.97
N GLU A 97 -48.33 3.49 3.11
CA GLU A 97 -48.53 2.79 1.84
C GLU A 97 -47.56 3.32 0.79
N ASN A 98 -46.94 2.41 0.05
CA ASN A 98 -46.09 2.73 -1.08
C ASN A 98 -44.93 3.69 -0.75
N LEU A 99 -44.24 3.43 0.36
CA LEU A 99 -43.15 4.29 0.79
C LEU A 99 -41.99 4.32 -0.23
N GLN A 100 -41.67 3.17 -0.81
CA GLN A 100 -40.53 3.06 -1.70
C GLN A 100 -40.64 3.91 -2.98
N ASP A 101 -41.83 3.94 -3.56
CA ASP A 101 -42.04 4.77 -4.75
C ASP A 101 -41.96 6.26 -4.41
N LEU A 102 -42.43 6.60 -3.21
CA LEU A 102 -42.31 7.97 -2.71
C LEU A 102 -40.85 8.35 -2.57
N LEU A 103 -40.05 7.43 -2.06
CA LEU A 103 -38.61 7.59 -1.95
C LEU A 103 -37.99 7.91 -3.32
N LEU A 104 -38.30 7.06 -4.31
CA LEU A 104 -37.84 7.29 -5.68
C LEU A 104 -38.31 8.64 -6.23
N GLU A 105 -39.59 8.93 -6.04
CA GLU A 105 -40.18 10.17 -6.55
C GLU A 105 -39.53 11.41 -5.93
N MET A 106 -39.05 11.29 -4.70
CA MET A 106 -38.47 12.41 -3.97
C MET A 106 -36.94 12.41 -3.96
N SER A 107 -36.33 11.50 -4.70
CA SER A 107 -34.89 11.28 -4.63
C SER A 107 -34.07 12.49 -5.10
N GLY A 108 -34.62 13.27 -6.02
CA GLY A 108 -34.00 14.49 -6.49
C GLY A 108 -35.04 15.44 -7.05
N VAL A 109 -35.26 16.56 -6.37
CA VAL A 109 -36.29 17.52 -6.78
C VAL A 109 -35.77 18.96 -6.84
N GLN A 110 -36.49 19.82 -7.58
CA GLN A 110 -36.01 21.17 -7.85
C GLN A 110 -36.75 22.29 -7.12
N ASN A 111 -37.98 22.56 -7.54
CA ASN A 111 -38.70 23.73 -7.02
C ASN A 111 -39.75 23.35 -5.97
N PHE A 112 -39.28 22.71 -4.90
CA PHE A 112 -40.12 22.18 -3.84
C PHE A 112 -40.66 23.27 -2.92
N THR A 113 -41.98 23.49 -2.96
CA THR A 113 -42.65 24.51 -2.14
C THR A 113 -43.96 24.04 -1.53
N LYS A 114 -44.10 24.20 -0.21
CA LYS A 114 -45.34 23.83 0.48
C LYS A 114 -46.51 24.72 0.04
N VAL A 115 -47.70 24.12 -0.03
CA VAL A 115 -48.91 24.85 -0.41
C VAL A 115 -50.10 24.49 0.48
N LYS A 116 -50.86 25.49 0.90
CA LYS A 116 -52.11 25.19 1.55
C LYS A 116 -53.12 24.75 0.48
N LEU A 117 -53.82 23.65 0.75
CA LEU A 117 -54.66 23.02 -0.24
C LEU A 117 -56.14 23.41 -0.10
N PHE A 118 -56.60 23.53 1.13
CA PHE A 118 -57.96 23.97 1.40
C PHE A 118 -58.02 24.64 2.77
N ASN A 119 -59.11 25.36 3.01
CA ASN A 119 -59.31 26.03 4.29
C ASN A 119 -60.39 25.31 5.11
N PRO A 120 -59.97 24.67 6.21
CA PRO A 120 -60.86 23.88 7.07
C PRO A 120 -61.95 24.70 7.75
N GLN A 121 -61.73 25.99 7.92
CA GLN A 121 -62.73 26.86 8.58
C GLN A 121 -63.98 27.08 7.73
N SER A 122 -63.84 26.91 6.41
CA SER A 122 -64.96 27.06 5.49
C SER A 122 -65.99 25.94 5.67
N MET A 123 -65.51 24.79 6.15
CA MET A 123 -66.35 23.61 6.30
C MET A 123 -67.39 23.75 7.41
N THR A 124 -68.58 23.21 7.17
CA THR A 124 -69.66 23.25 8.14
C THR A 124 -70.13 21.85 8.50
N GLY A 125 -70.82 21.73 9.62
CA GLY A 125 -71.37 20.45 10.07
C GLY A 125 -70.30 19.42 10.37
N VAL A 126 -69.15 19.91 10.82
CA VAL A 126 -67.98 19.06 10.95
C VAL A 126 -67.00 19.67 11.95
N THR A 127 -66.16 18.82 12.54
CA THR A 127 -65.09 19.27 13.43
C THR A 127 -63.74 19.10 12.73
N THR A 128 -62.88 20.12 12.80
CA THR A 128 -61.59 20.06 12.13
C THR A 128 -60.42 20.27 13.09
N ASN A 129 -59.23 19.96 12.61
CA ASN A 129 -57.99 20.11 13.38
C ASN A 129 -57.96 19.32 14.68
N ASN A 130 -58.43 18.08 14.63
CA ASN A 130 -58.43 17.20 15.80
C ASN A 130 -57.05 16.64 16.14
N VAL A 131 -56.78 16.53 17.44
CA VAL A 131 -55.44 16.18 17.90
C VAL A 131 -55.43 14.88 18.70
N ASP A 132 -54.24 14.48 19.15
CA ASP A 132 -54.10 13.25 19.93
C ASP A 132 -52.84 13.29 20.80
N GLN A 133 -52.89 12.64 21.94
CA GLN A 133 -51.75 12.59 22.87
C GLN A 133 -50.53 11.93 22.23
N THR A 134 -50.78 11.09 21.23
CA THR A 134 -49.73 10.31 20.58
C THR A 134 -48.87 11.18 19.63
N CYS A 135 -49.40 12.33 19.25
CA CYS A 135 -48.64 13.27 18.42
C CYS A 135 -48.46 14.58 19.16
N PRO A 136 -47.69 14.57 20.26
CA PRO A 136 -47.63 15.75 21.11
C PRO A 136 -46.71 16.84 20.57
N PHE A 137 -47.02 18.09 20.93
CA PHE A 137 -46.12 19.20 20.67
C PHE A 137 -46.00 20.06 21.92
N GLU A 138 -44.86 19.95 22.59
CA GLU A 138 -44.58 20.68 23.82
C GLU A 138 -45.59 20.37 24.93
N GLY A 139 -45.73 19.09 25.26
CA GLY A 139 -46.58 18.66 26.37
C GLY A 139 -48.07 18.74 26.11
N LYS A 140 -48.45 19.06 24.87
CA LYS A 140 -49.85 19.15 24.49
C LYS A 140 -50.16 18.28 23.29
N PRO A 141 -51.33 17.62 23.31
CA PRO A 141 -51.78 16.81 22.18
C PRO A 141 -51.93 17.65 20.90
N SER A 142 -51.20 17.26 19.87
CA SER A 142 -51.25 17.95 18.59
C SER A 142 -51.56 16.94 17.47
N PHE A 143 -51.16 17.25 16.25
CA PHE A 143 -51.32 16.34 15.13
C PHE A 143 -50.39 16.76 14.00
N TYR A 144 -50.37 15.99 12.91
CA TYR A 144 -49.52 16.29 11.78
C TYR A 144 -49.86 17.67 11.21
N ARG A 145 -48.85 18.44 10.85
CA ARG A 145 -49.05 19.81 10.39
C ARG A 145 -49.73 19.89 9.02
N ASN A 146 -49.42 18.92 8.17
CA ASN A 146 -49.89 18.95 6.79
C ASN A 146 -51.16 18.13 6.57
N LEU A 147 -51.63 17.51 7.64
CA LEU A 147 -52.85 16.71 7.58
C LEU A 147 -53.93 17.31 8.48
N ASN A 148 -55.19 17.07 8.15
CA ASN A 148 -56.28 17.56 8.97
C ASN A 148 -57.29 16.46 9.29
N TRP A 149 -57.37 16.11 10.57
CA TRP A 149 -58.26 15.06 11.04
C TRP A 149 -59.67 15.61 11.19
N ILE A 150 -60.54 15.22 10.28
CA ILE A 150 -61.93 15.69 10.26
C ILE A 150 -62.86 14.70 10.94
N GLN A 151 -63.74 15.21 11.81
CA GLN A 151 -64.68 14.38 12.54
C GLN A 151 -66.05 15.06 12.64
N GLY A 152 -66.98 14.39 13.32
CA GLY A 152 -68.27 14.96 13.65
C GLY A 152 -69.19 15.27 12.49
N ASN A 153 -69.09 14.49 11.42
CA ASN A 153 -69.91 14.72 10.24
C ASN A 153 -71.30 14.11 10.33
N SER A 154 -71.54 13.34 11.40
CA SER A 154 -72.83 12.69 11.63
C SER A 154 -73.27 11.80 10.47
N GLY A 155 -72.31 11.11 9.85
CA GLY A 155 -72.60 10.21 8.75
C GLY A 155 -72.87 10.93 7.44
N LEU A 156 -72.81 12.26 7.48
CA LEU A 156 -73.05 13.06 6.28
C LEU A 156 -71.74 13.27 5.51
N PRO A 157 -71.83 13.31 4.17
CA PRO A 157 -70.67 13.61 3.34
C PRO A 157 -70.15 15.04 3.51
N PHE A 158 -68.84 15.20 3.39
CA PHE A 158 -68.23 16.51 3.29
C PHE A 158 -67.29 16.50 2.09
N ASN A 159 -66.98 17.68 1.58
CA ASN A 159 -66.26 17.76 0.32
C ASN A 159 -65.03 18.67 0.37
N ILE A 160 -63.99 18.26 -0.34
CA ILE A 160 -62.77 19.07 -0.46
C ILE A 160 -62.31 19.07 -1.91
N GLU A 161 -62.13 20.27 -2.46
CA GLU A 161 -61.63 20.41 -3.82
C GLU A 161 -60.21 20.96 -3.83
N ILE A 162 -59.30 20.18 -4.41
CA ILE A 162 -57.91 20.58 -4.50
C ILE A 162 -57.54 20.90 -5.95
N LYS A 163 -56.82 22.00 -6.14
CA LYS A 163 -56.49 22.46 -7.48
C LYS A 163 -55.00 22.70 -7.63
N ASN A 164 -54.43 22.19 -8.71
CA ASN A 164 -53.03 22.45 -9.08
C ASN A 164 -52.95 23.36 -10.30
N PRO A 165 -52.85 24.67 -10.07
CA PRO A 165 -52.83 25.67 -11.14
C PRO A 165 -51.43 25.94 -11.70
N THR A 166 -50.44 25.14 -11.32
CA THR A 166 -49.08 25.35 -11.81
C THR A 166 -48.74 24.34 -12.89
N SER A 167 -47.53 24.43 -13.41
CA SER A 167 -47.07 23.54 -14.48
C SER A 167 -46.24 22.40 -13.92
N ASN A 168 -46.14 22.36 -12.60
CA ASN A 168 -45.44 21.29 -11.91
C ASN A 168 -46.42 20.41 -11.12
N PRO A 169 -46.05 19.13 -10.90
CA PRO A 169 -46.92 18.24 -10.13
C PRO A 169 -47.06 18.65 -8.67
N LEU A 170 -48.15 18.22 -8.04
CA LEU A 170 -48.44 18.56 -6.65
C LEU A 170 -48.43 17.32 -5.76
N LEU A 171 -47.47 17.24 -4.85
CA LEU A 171 -47.39 16.09 -3.93
C LEU A 171 -48.48 16.20 -2.87
N LEU A 172 -49.22 15.13 -2.68
CA LEU A 172 -50.30 15.08 -1.70
C LEU A 172 -50.09 13.91 -0.75
N LEU A 173 -50.34 14.14 0.53
CA LEU A 173 -50.31 13.06 1.51
C LEU A 173 -51.61 13.09 2.32
N TRP A 174 -52.09 11.92 2.71
CA TRP A 174 -53.30 11.81 3.52
C TRP A 174 -53.36 10.48 4.25
N GLY A 175 -54.42 10.29 5.02
CA GLY A 175 -54.58 9.08 5.79
C GLY A 175 -56.01 8.60 5.86
N ILE A 176 -56.18 7.31 6.10
CA ILE A 176 -57.49 6.75 6.40
C ILE A 176 -57.48 6.21 7.82
N HIS A 177 -58.45 6.64 8.61
CA HIS A 177 -58.54 6.23 10.01
C HIS A 177 -59.18 4.85 10.14
N ASN A 178 -58.38 3.87 10.51
CA ASN A 178 -58.91 2.53 10.77
C ASN A 178 -59.37 2.42 12.22
N THR A 179 -60.66 2.61 12.44
CA THR A 179 -61.24 2.55 13.77
C THR A 179 -61.12 1.16 14.39
N LYS A 180 -61.15 1.09 15.72
CA LYS A 180 -60.94 -0.16 16.43
C LYS A 180 -62.21 -0.99 16.56
N ASP A 181 -63.37 -0.32 16.57
CA ASP A 181 -64.65 -1.02 16.60
C ASP A 181 -65.77 -0.10 16.12
N ALA A 182 -66.96 -0.68 15.95
CA ALA A 182 -68.12 0.05 15.50
C ALA A 182 -68.48 1.21 16.43
N ALA A 183 -68.21 1.03 17.71
CA ALA A 183 -68.54 2.03 18.72
C ALA A 183 -67.72 3.31 18.53
N GLN A 184 -66.49 3.15 18.06
CA GLN A 184 -65.63 4.30 17.79
C GLN A 184 -66.00 4.90 16.44
N GLN A 185 -66.36 4.03 15.51
CA GLN A 185 -66.79 4.45 14.18
C GLN A 185 -68.01 5.35 14.28
N ARG A 186 -69.01 4.90 15.05
CA ARG A 186 -70.23 5.67 15.27
C ARG A 186 -69.99 6.97 16.05
N ASN A 187 -69.14 6.91 17.06
CA ASN A 187 -68.91 8.08 17.92
C ASN A 187 -68.18 9.21 17.18
N LEU A 188 -67.28 8.83 16.27
CA LEU A 188 -66.48 9.81 15.55
C LEU A 188 -67.17 10.30 14.28
N TYR A 189 -67.70 9.38 13.49
CA TYR A 189 -68.19 9.73 12.16
C TYR A 189 -69.68 9.46 11.96
N GLY A 190 -70.35 8.97 13.00
CA GLY A 190 -71.80 8.86 12.99
C GLY A 190 -72.36 7.82 12.04
N ASN A 191 -71.59 6.77 11.81
CA ASN A 191 -72.04 5.65 10.99
C ASN A 191 -71.36 4.35 11.38
N ASP A 192 -71.67 3.27 10.69
CA ASP A 192 -71.05 1.98 10.97
C ASP A 192 -69.95 1.70 9.96
N TYR A 193 -69.90 2.49 8.91
CA TYR A 193 -68.99 2.29 7.79
C TYR A 193 -68.98 3.57 6.99
N SER A 194 -67.85 3.89 6.39
CA SER A 194 -67.76 5.09 5.58
C SER A 194 -67.13 4.80 4.24
N TYR A 195 -67.32 5.71 3.29
CA TYR A 195 -66.54 5.70 2.06
C TYR A 195 -65.80 7.01 1.96
N THR A 196 -64.64 6.98 1.31
CA THR A 196 -63.89 8.18 1.00
C THR A 196 -63.41 8.05 -0.43
N ILE A 197 -63.86 8.96 -1.29
CA ILE A 197 -63.57 8.85 -2.71
C ILE A 197 -62.73 10.01 -3.22
N PHE A 198 -61.62 9.67 -3.85
CA PHE A 198 -60.75 10.65 -4.50
C PHE A 198 -61.06 10.69 -5.98
N ASN A 199 -61.40 11.88 -6.50
CA ASN A 199 -61.71 12.01 -7.92
C ASN A 199 -60.65 12.73 -8.73
N PHE A 200 -60.01 12.01 -9.64
N PHE A 200 -59.98 12.02 -9.63
CA PHE A 200 -59.10 12.59 -10.63
CA PHE A 200 -59.10 12.67 -10.59
C PHE A 200 -59.74 12.52 -12.00
C PHE A 200 -59.72 12.54 -11.99
N GLY A 201 -60.68 13.41 -12.28
CA GLY A 201 -61.42 13.34 -13.53
C GLY A 201 -62.34 12.14 -13.46
N GLU A 202 -62.34 11.32 -14.50
CA GLU A 202 -63.17 10.13 -14.51
C GLU A 202 -62.59 9.05 -13.60
N LYS A 203 -61.30 9.19 -13.26
CA LYS A 203 -60.63 8.21 -12.43
C LYS A 203 -60.96 8.38 -10.96
N SER A 204 -61.10 7.27 -10.24
CA SER A 204 -61.43 7.37 -8.83
C SER A 204 -60.87 6.24 -7.97
N GLU A 205 -60.53 6.58 -6.74
CA GLU A 205 -60.13 5.61 -5.74
C GLU A 205 -61.12 5.71 -4.59
N GLU A 206 -61.55 4.56 -4.08
CA GLU A 206 -62.42 4.55 -2.92
C GLU A 206 -61.71 3.96 -1.73
N PHE A 207 -61.77 4.66 -0.59
CA PHE A 207 -61.16 4.17 0.63
C PHE A 207 -62.22 3.77 1.65
N ARG A 208 -62.02 2.61 2.27
CA ARG A 208 -62.92 2.12 3.30
C ARG A 208 -62.09 1.82 4.53
N PRO A 209 -62.60 2.17 5.72
CA PRO A 209 -61.84 1.84 6.93
C PRO A 209 -61.76 0.34 7.15
N ASP A 210 -60.66 -0.12 7.74
CA ASP A 210 -60.51 -1.51 8.12
C ASP A 210 -60.73 -1.63 9.63
N ILE A 211 -61.98 -1.86 10.02
CA ILE A 211 -62.38 -1.80 11.41
C ILE A 211 -62.03 -3.06 12.17
N GLY A 212 -61.43 -2.89 13.34
CA GLY A 212 -61.02 -4.02 14.16
C GLY A 212 -59.93 -3.65 15.16
N GLN A 213 -59.91 -4.34 16.29
CA GLN A 213 -58.94 -4.07 17.33
C GLN A 213 -57.53 -4.54 16.96
N ARG A 214 -56.61 -3.60 16.82
CA ARG A 214 -55.21 -3.93 16.69
C ARG A 214 -54.60 -4.11 18.08
N ASP A 215 -53.47 -4.79 18.17
CA ASP A 215 -52.77 -4.86 19.43
C ASP A 215 -52.42 -3.44 19.85
N GLU A 216 -52.59 -3.15 21.13
CA GLU A 216 -52.44 -1.79 21.64
C GLU A 216 -51.02 -1.24 21.57
N ILE A 217 -50.89 -0.05 21.01
CA ILE A 217 -49.63 0.68 20.99
C ILE A 217 -49.91 2.16 21.21
N LYS A 218 -49.15 2.78 22.13
CA LYS A 218 -49.30 4.18 22.44
C LYS A 218 -50.73 4.51 22.86
N ALA A 219 -51.34 3.57 23.57
CA ALA A 219 -52.73 3.65 24.00
C ALA A 219 -53.74 3.64 22.85
N HIS A 220 -53.33 3.10 21.70
CA HIS A 220 -54.21 3.04 20.54
C HIS A 220 -54.40 1.62 20.00
N GLN A 221 -55.65 1.19 19.91
CA GLN A 221 -55.99 -0.06 19.25
C GLN A 221 -56.40 0.23 17.81
N ASP A 222 -56.58 1.50 17.50
CA ASP A 222 -56.90 1.92 16.14
C ASP A 222 -55.62 2.34 15.43
N ARG A 223 -55.68 2.44 14.11
CA ARG A 223 -54.52 2.79 13.32
C ARG A 223 -54.89 3.79 12.24
N ILE A 224 -53.87 4.29 11.55
CA ILE A 224 -54.06 5.12 10.37
C ILE A 224 -53.22 4.57 9.24
N ASP A 225 -53.83 4.36 8.08
CA ASP A 225 -53.09 4.02 6.87
C ASP A 225 -52.77 5.30 6.10
N TYR A 226 -51.47 5.60 5.97
CA TYR A 226 -51.05 6.83 5.32
C TYR A 226 -50.83 6.61 3.82
N TYR A 227 -51.33 7.54 3.03
CA TYR A 227 -51.20 7.46 1.58
C TYR A 227 -50.51 8.70 1.01
N TRP A 228 -49.93 8.56 -0.17
CA TRP A 228 -49.39 9.70 -0.89
C TRP A 228 -49.83 9.65 -2.34
N GLY A 229 -49.85 10.81 -2.99
CA GLY A 229 -50.23 10.89 -4.39
C GLY A 229 -49.59 12.09 -5.07
N SER A 230 -49.75 12.17 -6.39
CA SER A 230 -49.21 13.28 -7.15
C SER A 230 -50.26 13.80 -8.10
N LEU A 231 -50.79 14.99 -7.81
CA LEU A 231 -51.78 15.62 -8.68
C LEU A 231 -51.07 16.40 -9.78
N PRO A 232 -51.25 15.96 -11.03
CA PRO A 232 -50.51 16.50 -12.18
C PRO A 232 -50.77 17.97 -12.42
N ALA A 233 -49.95 18.57 -13.28
CA ALA A 233 -50.08 19.98 -13.64
C ALA A 233 -51.43 20.28 -14.26
N GLN A 234 -51.97 21.45 -13.94
CA GLN A 234 -53.26 21.92 -14.48
C GLN A 234 -54.37 20.91 -14.25
N SER A 235 -54.39 20.30 -13.06
CA SER A 235 -55.37 19.25 -12.78
C SER A 235 -56.13 19.58 -11.50
N THR A 236 -57.21 18.83 -11.28
CA THR A 236 -58.10 19.08 -10.15
C THR A 236 -58.47 17.77 -9.45
N LEU A 237 -58.38 17.79 -8.12
CA LEU A 237 -58.78 16.66 -7.31
C LEU A 237 -60.00 17.01 -6.48
N ARG A 238 -61.03 16.18 -6.53
CA ARG A 238 -62.22 16.39 -5.70
C ARG A 238 -62.45 15.20 -4.78
N ILE A 239 -62.61 15.48 -3.49
CA ILE A 239 -62.74 14.43 -2.49
C ILE A 239 -64.09 14.47 -1.80
N GLU A 240 -64.70 13.31 -1.65
CA GLU A 240 -65.92 13.20 -0.85
C GLU A 240 -65.75 12.07 0.16
N SER A 241 -66.20 12.31 1.39
CA SER A 241 -66.01 11.36 2.46
C SER A 241 -67.15 11.41 3.47
N THR A 242 -67.58 10.24 3.93
CA THR A 242 -68.55 10.16 5.02
C THR A 242 -67.83 9.74 6.30
N GLY A 243 -66.55 10.09 6.39
CA GLY A 243 -65.75 9.82 7.59
C GLY A 243 -64.41 9.15 7.35
N ASN A 244 -63.64 9.02 8.42
CA ASN A 244 -62.38 8.28 8.43
C ASN A 244 -61.26 8.89 7.61
N LEU A 245 -61.49 10.08 7.05
CA LEU A 245 -60.49 10.76 6.23
C LEU A 245 -59.65 11.76 7.02
N ILE A 246 -58.34 11.50 7.09
CA ILE A 246 -57.40 12.50 7.59
C ILE A 246 -56.95 13.31 6.38
N ALA A 247 -57.55 14.49 6.23
CA ALA A 247 -57.50 15.26 5.00
C ALA A 247 -56.12 15.84 4.69
N PRO A 248 -55.80 15.99 3.40
CA PRO A 248 -54.58 16.67 2.97
C PRO A 248 -54.75 18.19 3.00
N GLU A 249 -54.15 18.83 3.98
CA GLU A 249 -54.28 20.28 4.12
C GLU A 249 -53.12 21.01 3.47
N TYR A 250 -51.93 20.43 3.56
CA TYR A 250 -50.74 21.03 2.94
C TYR A 250 -50.03 20.05 2.02
N GLY A 251 -49.82 20.49 0.78
CA GLY A 251 -49.10 19.70 -0.19
C GLY A 251 -47.82 20.40 -0.61
N PHE A 252 -47.15 19.86 -1.62
CA PHE A 252 -45.92 20.46 -2.12
C PHE A 252 -45.84 20.43 -3.64
N TYR A 253 -45.78 21.61 -4.27
CA TYR A 253 -45.40 21.67 -5.68
C TYR A 253 -43.96 21.21 -5.76
N TYR A 254 -43.62 20.46 -6.80
CA TYR A 254 -42.25 20.00 -6.96
C TYR A 254 -41.91 19.73 -8.42
N LYS A 255 -40.65 19.93 -8.78
CA LYS A 255 -40.15 19.47 -10.06
C LYS A 255 -39.06 18.45 -9.82
N ARG A 256 -39.23 17.25 -10.36
CA ARG A 256 -38.24 16.20 -10.18
C ARG A 256 -37.16 16.25 -11.26
N LYS A 257 -35.90 16.21 -10.84
CA LYS A 257 -34.79 16.19 -11.76
C LYS A 257 -34.72 14.82 -12.42
N GLU A 258 -35.10 14.76 -13.70
CA GLU A 258 -35.21 13.50 -14.43
C GLU A 258 -33.90 12.73 -14.55
N GLY A 259 -33.91 11.48 -14.09
CA GLY A 259 -32.74 10.63 -14.13
C GLY A 259 -31.55 11.21 -13.40
N LYS A 260 -31.81 11.86 -12.26
CA LYS A 260 -30.78 12.60 -11.57
C LYS A 260 -31.05 12.71 -10.06
N GLY A 261 -31.61 11.64 -9.50
CA GLY A 261 -31.87 11.60 -8.07
C GLY A 261 -30.89 10.71 -7.35
N GLY A 262 -31.22 10.31 -6.14
CA GLY A 262 -30.38 9.39 -5.39
C GLY A 262 -30.82 9.16 -3.95
N LEU A 263 -30.64 7.93 -3.49
CA LEU A 263 -30.92 7.58 -2.10
C LEU A 263 -29.64 7.06 -1.45
N MET A 264 -29.23 7.68 -0.36
CA MET A 264 -27.96 7.38 0.26
C MET A 264 -28.11 6.87 1.69
N LYS A 265 -27.71 5.62 1.92
CA LYS A 265 -27.64 5.09 3.27
C LYS A 265 -26.20 5.20 3.77
N SER A 266 -25.98 6.09 4.72
CA SER A 266 -24.62 6.33 5.21
C SER A 266 -24.62 6.79 6.65
N LYS A 267 -23.52 6.49 7.36
CA LYS A 267 -23.38 6.86 8.76
C LYS A 267 -22.70 8.21 8.88
N LEU A 268 -21.96 8.59 7.84
CA LEU A 268 -21.32 9.90 7.77
C LEU A 268 -22.37 11.01 7.81
N PRO A 269 -22.03 12.13 8.45
CA PRO A 269 -22.89 13.32 8.41
C PRO A 269 -22.70 14.07 7.10
N ILE A 270 -23.37 15.21 6.97
CA ILE A 270 -23.25 16.02 5.76
C ILE A 270 -22.30 17.20 5.98
N SER A 271 -21.31 17.32 5.10
CA SER A 271 -20.28 18.34 5.24
C SER A 271 -20.47 19.47 4.24
N ASP A 272 -19.73 20.55 4.44
CA ASP A 272 -19.79 21.69 3.53
C ASP A 272 -18.76 21.54 2.40
N CYS A 273 -18.97 20.56 1.54
CA CYS A 273 -18.11 20.37 0.37
C CYS A 273 -18.96 20.03 -0.86
N SER A 274 -18.31 20.01 -2.02
CA SER A 274 -19.00 19.70 -3.27
C SER A 274 -18.20 18.72 -4.10
N THR A 275 -18.90 17.97 -4.95
CA THR A 275 -18.28 16.94 -5.76
C THR A 275 -19.17 16.64 -6.94
N LYS A 276 -18.65 15.91 -7.92
CA LYS A 276 -19.46 15.46 -9.04
C LYS A 276 -19.73 13.97 -8.93
N CYS A 277 -19.11 13.33 -7.94
CA CYS A 277 -19.28 11.90 -7.72
C CYS A 277 -19.24 11.56 -6.23
N GLN A 278 -20.25 10.83 -5.75
CA GLN A 278 -20.41 10.55 -4.32
C GLN A 278 -20.54 9.05 -4.04
N THR A 279 -19.89 8.59 -2.97
CA THR A 279 -20.01 7.20 -2.52
C THR A 279 -20.38 7.19 -1.04
N PRO A 280 -20.90 6.06 -0.53
CA PRO A 280 -21.20 5.95 0.90
C PRO A 280 -19.97 6.12 1.79
N LEU A 281 -18.78 6.04 1.21
CA LEU A 281 -17.54 6.14 1.96
C LEU A 281 -16.93 7.53 1.83
N GLY A 282 -17.49 8.33 0.93
CA GLY A 282 -16.98 9.66 0.69
C GLY A 282 -16.96 10.01 -0.78
N ALA A 283 -16.63 11.27 -1.08
CA ALA A 283 -16.67 11.77 -2.45
C ALA A 283 -15.39 11.47 -3.22
N LEU A 284 -15.55 11.18 -4.50
CA LEU A 284 -14.42 10.98 -5.40
C LEU A 284 -14.17 12.25 -6.20
N ASN A 285 -12.98 12.82 -6.07
CA ASN A 285 -12.58 13.97 -6.86
C ASN A 285 -11.64 13.52 -7.97
N SER A 286 -12.17 12.79 -8.95
CA SER A 286 -11.30 12.13 -9.92
C SER A 286 -11.58 12.46 -11.38
N THR A 287 -10.50 12.53 -12.17
CA THR A 287 -10.59 12.71 -13.60
C THR A 287 -10.23 11.39 -14.26
N LEU A 288 -9.85 10.42 -13.43
CA LEU A 288 -9.51 9.07 -13.87
C LEU A 288 -10.76 8.30 -14.30
N PRO A 289 -10.60 7.36 -15.25
CA PRO A 289 -11.72 6.61 -15.80
C PRO A 289 -12.22 5.48 -14.89
N PHE A 290 -11.36 4.99 -13.99
CA PHE A 290 -11.73 3.84 -13.16
C PHE A 290 -11.49 4.06 -11.67
N GLN A 291 -12.37 3.52 -10.84
CA GLN A 291 -12.24 3.65 -9.39
C GLN A 291 -12.58 2.33 -8.69
N ASN A 292 -11.96 2.10 -7.54
CA ASN A 292 -12.23 0.89 -6.77
C ASN A 292 -12.72 1.22 -5.35
N VAL A 293 -13.18 2.45 -5.17
CA VAL A 293 -13.63 2.91 -3.87
C VAL A 293 -14.94 2.25 -3.46
N HIS A 294 -15.97 2.38 -4.31
CA HIS A 294 -17.28 1.84 -4.01
C HIS A 294 -18.12 1.67 -5.26
N GLN A 295 -18.90 0.60 -5.31
CA GLN A 295 -19.76 0.31 -6.45
C GLN A 295 -21.01 1.17 -6.45
N GLN A 296 -21.63 1.31 -5.29
CA GLN A 296 -22.80 2.18 -5.13
C GLN A 296 -22.39 3.65 -5.22
N THR A 297 -22.65 4.26 -6.37
CA THR A 297 -22.20 5.62 -6.61
C THR A 297 -23.33 6.52 -7.09
N ILE A 298 -23.17 7.83 -6.91
CA ILE A 298 -24.16 8.81 -7.35
C ILE A 298 -23.51 9.96 -8.11
N GLY A 299 -23.99 10.19 -9.32
CA GLY A 299 -23.46 11.26 -10.17
C GLY A 299 -22.58 10.76 -11.30
N ASN A 300 -21.72 11.64 -11.81
CA ASN A 300 -20.80 11.29 -12.89
C ASN A 300 -19.51 10.70 -12.35
N CYS A 301 -19.42 9.36 -12.34
CA CYS A 301 -18.32 8.69 -11.66
C CYS A 301 -17.50 7.79 -12.57
N PRO A 302 -16.24 7.53 -12.18
CA PRO A 302 -15.42 6.51 -12.86
C PRO A 302 -16.04 5.13 -12.67
N LYS A 303 -15.83 4.23 -13.62
CA LYS A 303 -16.39 2.90 -13.52
C LYS A 303 -15.73 2.10 -12.39
N TYR A 304 -16.54 1.33 -11.67
CA TYR A 304 -16.04 0.53 -10.57
C TYR A 304 -15.46 -0.78 -11.07
N VAL A 305 -14.19 -1.01 -10.76
CA VAL A 305 -13.53 -2.25 -11.16
C VAL A 305 -12.98 -3.00 -9.95
N LYS A 306 -12.95 -4.32 -10.04
CA LYS A 306 -12.42 -5.14 -8.97
C LYS A 306 -10.92 -5.27 -9.10
N ALA A 307 -10.21 -4.15 -8.88
CA ALA A 307 -8.75 -4.14 -9.03
C ALA A 307 -8.08 -3.27 -7.97
N THR A 308 -6.87 -3.64 -7.60
CA THR A 308 -6.11 -2.90 -6.60
C THR A 308 -5.24 -1.81 -7.24
N SER A 309 -4.84 -2.02 -8.49
CA SER A 309 -4.11 -1.01 -9.23
C SER A 309 -4.20 -1.23 -10.74
N LEU A 310 -4.09 -0.14 -11.50
CA LEU A 310 -4.08 -0.23 -12.95
C LEU A 310 -2.90 0.59 -13.48
N MET A 311 -1.69 0.07 -13.28
CA MET A 311 -0.47 0.77 -13.66
C MET A 311 -0.24 0.75 -15.16
N LEU A 312 -0.32 1.93 -15.77
CA LEU A 312 -0.10 2.08 -17.21
C LEU A 312 1.33 2.51 -17.47
N ALA A 313 2.08 1.68 -18.20
CA ALA A 313 3.45 2.03 -18.55
C ALA A 313 3.49 3.23 -19.47
N THR A 314 4.31 4.23 -19.12
CA THR A 314 4.55 5.36 -20.00
C THR A 314 6.02 5.35 -20.41
N GLY A 315 6.89 5.12 -19.42
CA GLY A 315 8.33 5.15 -19.64
C GLY A 315 8.87 3.91 -20.32
N LEU A 316 10.19 3.73 -20.23
CA LEU A 316 10.87 2.66 -20.94
C LEU A 316 11.14 1.50 -20.02
N ARG A 317 11.53 0.36 -20.61
CA ARG A 317 11.96 -0.78 -19.83
C ARG A 317 13.23 -0.41 -19.09
N ASN A 318 13.18 -0.49 -17.76
CA ASN A 318 14.28 -0.01 -16.94
C ASN A 318 15.27 -1.11 -16.58
N ASN A 319 16.12 -1.46 -17.54
CA ASN A 319 17.17 -2.43 -17.30
C ASN A 319 18.56 -1.88 -17.64
N PRO A 320 19.31 -1.47 -16.60
CA PRO A 320 20.64 -0.90 -16.75
C PRO A 320 21.67 -1.93 -17.21
N ILE B 4 21.49 -2.82 -26.67
CA ILE B 4 21.22 -4.25 -26.80
C ILE B 4 21.62 -5.00 -25.52
N GLU B 5 22.61 -4.46 -24.80
CA GLU B 5 23.05 -5.05 -23.54
C GLU B 5 22.21 -4.53 -22.38
N GLY B 6 21.56 -3.39 -22.60
CA GLY B 6 20.69 -2.80 -21.60
C GLY B 6 20.63 -1.29 -21.72
N GLY B 7 19.83 -0.68 -20.85
CA GLY B 7 19.71 0.77 -20.82
C GLY B 7 20.87 1.39 -20.08
N TRP B 8 21.03 2.70 -20.22
CA TRP B 8 22.13 3.41 -19.60
C TRP B 8 21.70 4.20 -18.38
N GLN B 9 22.14 3.76 -17.21
CA GLN B 9 22.05 4.56 -16.00
C GLN B 9 22.88 5.80 -16.23
N GLY B 10 22.29 6.97 -15.99
CA GLY B 10 22.99 8.20 -16.29
C GLY B 10 23.04 8.43 -17.80
N MET B 11 21.87 8.59 -18.40
CA MET B 11 21.71 8.91 -19.82
C MET B 11 20.63 10.01 -19.87
N ILE B 12 20.39 10.60 -18.71
CA ILE B 12 19.28 11.51 -18.48
C ILE B 12 19.19 12.68 -19.46
N ASP B 13 18.13 13.48 -19.34
CA ASP B 13 17.82 14.56 -20.30
C ASP B 13 17.31 14.12 -21.68
N GLY B 14 16.83 12.87 -21.76
CA GLY B 14 16.31 12.34 -23.00
C GLY B 14 15.98 10.87 -22.83
N TRP B 15 14.99 10.39 -23.58
CA TRP B 15 14.59 8.98 -23.50
C TRP B 15 15.54 8.06 -24.25
N TYR B 16 15.73 8.34 -25.54
CA TYR B 16 16.71 7.63 -26.35
C TYR B 16 17.79 8.61 -26.80
N GLY B 17 18.99 8.12 -27.02
CA GLY B 17 20.07 8.99 -27.47
C GLY B 17 21.38 8.33 -27.81
N TYR B 18 22.46 9.10 -27.78
CA TYR B 18 23.77 8.60 -28.16
C TYR B 18 24.79 8.67 -27.04
N HIS B 19 25.85 7.87 -27.15
CA HIS B 19 26.94 7.86 -26.21
C HIS B 19 28.19 7.58 -26.97
N HIS B 20 28.90 8.63 -27.37
CA HIS B 20 30.03 8.50 -28.30
C HIS B 20 31.26 8.44 -27.39
N GLU B 21 32.42 8.24 -28.00
CA GLU B 21 33.64 7.91 -27.27
C GLU B 21 34.84 7.96 -28.23
N ASN B 22 35.48 9.13 -28.30
CA ASN B 22 36.61 9.31 -29.21
C ASN B 22 37.94 9.51 -28.47
N GLN B 23 38.85 10.24 -29.09
CA GLN B 23 40.15 10.51 -28.47
C GLN B 23 40.11 11.76 -27.61
N GLU B 24 39.03 12.53 -27.72
CA GLU B 24 38.78 13.62 -26.80
C GLU B 24 38.48 13.03 -25.43
N GLY B 25 37.43 12.22 -25.38
CA GLY B 25 37.04 11.54 -24.16
C GLY B 25 35.84 10.63 -24.35
N SER B 26 34.93 10.69 -23.39
CA SER B 26 33.71 9.89 -23.43
C SER B 26 32.50 10.77 -23.08
N GLY B 27 31.35 10.16 -22.91
CA GLY B 27 30.14 10.88 -22.55
C GLY B 27 28.87 10.37 -23.23
N TYR B 28 27.73 10.84 -22.72
CA TYR B 28 26.43 10.46 -23.26
C TYR B 28 25.72 11.67 -23.82
N ALA B 29 24.78 11.43 -24.75
CA ALA B 29 23.97 12.50 -25.31
C ALA B 29 22.56 12.01 -25.61
N ALA B 30 21.60 12.94 -25.63
CA ALA B 30 20.21 12.56 -25.84
C ALA B 30 19.66 13.05 -27.18
N ASP B 31 19.04 12.15 -27.92
CA ASP B 31 18.37 12.51 -29.16
C ASP B 31 17.03 13.12 -28.79
N LYS B 32 16.99 14.45 -28.71
CA LYS B 32 15.84 15.15 -28.16
C LYS B 32 14.61 15.13 -29.07
N GLU B 33 14.81 15.20 -30.37
CA GLU B 33 13.70 15.12 -31.32
C GLU B 33 13.02 13.76 -31.28
N ALA B 34 13.83 12.69 -31.27
CA ALA B 34 13.30 11.33 -31.23
C ALA B 34 12.63 11.07 -29.89
N THR B 35 13.15 11.71 -28.84
CA THR B 35 12.55 11.62 -27.52
C THR B 35 11.22 12.35 -27.48
N GLN B 36 11.21 13.57 -28.00
CA GLN B 36 10.00 14.40 -27.96
C GLN B 36 8.84 13.79 -28.75
N LYS B 37 9.15 13.16 -29.88
CA LYS B 37 8.14 12.44 -30.65
C LYS B 37 7.48 11.37 -29.79
N ALA B 38 8.32 10.55 -29.14
CA ALA B 38 7.85 9.46 -28.31
C ALA B 38 7.10 9.97 -27.08
N VAL B 39 7.62 11.04 -26.49
CA VAL B 39 6.99 11.64 -25.32
C VAL B 39 5.60 12.18 -25.65
N ASP B 40 5.49 12.83 -26.82
CA ASP B 40 4.20 13.33 -27.29
C ASP B 40 3.19 12.20 -27.51
N ALA B 41 3.66 11.10 -28.12
CA ALA B 41 2.78 10.00 -28.46
C ALA B 41 2.26 9.26 -27.23
N ILE B 42 3.19 8.83 -26.37
CA ILE B 42 2.84 8.11 -25.15
C ILE B 42 1.90 8.93 -24.27
N THR B 43 2.13 10.24 -24.25
CA THR B 43 1.23 11.16 -23.56
C THR B 43 -0.16 11.10 -24.17
N ASN B 44 -0.23 11.15 -25.49
CA ASN B 44 -1.50 11.10 -26.20
C ASN B 44 -2.22 9.78 -25.99
N LYS B 45 -1.47 8.70 -25.81
CA LYS B 45 -2.09 7.41 -25.49
C LYS B 45 -2.76 7.47 -24.14
N VAL B 46 -2.02 7.95 -23.14
CA VAL B 46 -2.53 8.04 -21.78
C VAL B 46 -3.76 8.94 -21.73
N ASN B 47 -3.67 10.12 -22.35
CA ASN B 47 -4.82 11.02 -22.44
C ASN B 47 -6.03 10.36 -23.06
N SER B 48 -5.80 9.56 -24.11
CA SER B 48 -6.88 8.87 -24.80
C SER B 48 -7.62 7.91 -23.87
N ILE B 49 -6.88 7.11 -23.12
CA ILE B 49 -7.46 6.14 -22.22
C ILE B 49 -8.24 6.84 -21.09
N ILE B 50 -7.78 8.01 -20.69
CA ILE B 50 -8.44 8.79 -19.66
C ILE B 50 -9.67 9.52 -20.20
N ASP B 51 -9.45 10.36 -21.21
CA ASP B 51 -10.44 11.33 -21.65
C ASP B 51 -11.64 10.72 -22.40
N LYS B 52 -11.41 9.61 -23.07
CA LYS B 52 -12.47 9.00 -23.88
C LYS B 52 -13.58 8.42 -23.02
N MET B 53 -13.32 8.25 -21.73
CA MET B 53 -14.36 7.80 -20.80
C MET B 53 -15.33 8.92 -20.49
N ASN B 54 -16.49 8.86 -21.13
CA ASN B 54 -17.56 9.80 -20.83
C ASN B 54 -18.64 9.09 -20.03
N SER B 55 -18.89 9.57 -18.82
CA SER B 55 -19.84 8.88 -17.95
C SER B 55 -21.21 9.52 -17.87
N GLN B 56 -22.24 8.68 -17.89
CA GLN B 56 -23.60 9.11 -17.68
C GLN B 56 -23.77 9.58 -16.23
N PHE B 57 -24.81 10.36 -15.97
CA PHE B 57 -25.18 10.59 -14.59
C PHE B 57 -25.85 9.32 -14.10
N GLU B 58 -25.17 8.56 -13.25
CA GLU B 58 -25.70 7.30 -12.75
C GLU B 58 -26.15 7.49 -11.32
N SER B 59 -27.19 6.75 -10.93
CA SER B 59 -27.68 6.76 -9.55
C SER B 59 -27.86 5.35 -9.05
N ASN B 60 -27.05 4.95 -8.07
CA ASN B 60 -27.10 3.59 -7.55
C ASN B 60 -27.95 3.40 -6.30
N ILE B 61 -28.88 2.47 -6.40
CA ILE B 61 -29.73 2.09 -5.29
C ILE B 61 -29.54 0.59 -5.06
N LYS B 62 -29.26 0.23 -3.81
CA LYS B 62 -29.18 -1.18 -3.43
C LYS B 62 -29.80 -1.37 -2.05
N GLU B 63 -30.24 -0.28 -1.46
CA GLU B 63 -30.95 -0.31 -0.19
C GLU B 63 -32.45 -0.55 -0.43
N PHE B 64 -32.93 -1.71 0.01
CA PHE B 64 -34.34 -2.06 -0.13
C PHE B 64 -34.78 -3.07 0.93
N ASN B 65 -35.81 -3.85 0.62
CA ASN B 65 -36.47 -4.68 1.63
C ASN B 65 -36.73 -6.12 1.21
N ARG B 66 -38.01 -6.52 1.29
CA ARG B 66 -38.41 -7.89 0.98
C ARG B 66 -39.67 -7.93 0.12
N LEU B 67 -40.22 -6.75 -0.15
CA LEU B 67 -41.43 -6.64 -0.96
C LEU B 67 -41.09 -6.21 -2.38
N GLU B 68 -39.85 -6.47 -2.78
CA GLU B 68 -39.36 -6.06 -4.10
C GLU B 68 -38.30 -7.04 -4.58
N LEU B 69 -38.36 -8.24 -4.03
CA LEU B 69 -37.29 -9.23 -4.14
C LEU B 69 -36.90 -9.58 -5.58
N ARG B 70 -37.84 -9.48 -6.51
CA ARG B 70 -37.55 -9.76 -7.91
C ARG B 70 -36.72 -8.66 -8.56
N ILE B 71 -37.03 -7.42 -8.26
CA ILE B 71 -36.32 -6.29 -8.83
C ILE B 71 -34.93 -6.19 -8.22
N GLN B 72 -34.84 -6.47 -6.93
CA GLN B 72 -33.56 -6.43 -6.23
C GLN B 72 -32.60 -7.48 -6.79
N HIS B 73 -33.13 -8.66 -7.09
CA HIS B 73 -32.34 -9.74 -7.65
C HIS B 73 -31.78 -9.37 -9.00
N LEU B 74 -32.61 -8.74 -9.84
CA LEU B 74 -32.16 -8.33 -11.17
C LEU B 74 -31.15 -7.19 -11.06
N SER B 75 -31.40 -6.26 -10.14
CA SER B 75 -30.50 -5.14 -9.93
C SER B 75 -29.12 -5.59 -9.45
N ASP B 76 -29.10 -6.56 -8.55
CA ASP B 76 -27.85 -7.10 -8.04
C ASP B 76 -27.14 -7.93 -9.10
N ARG B 77 -27.91 -8.50 -10.02
CA ARG B 77 -27.34 -9.29 -11.10
C ARG B 77 -26.70 -8.39 -12.15
N VAL B 78 -27.36 -7.26 -12.42
CA VAL B 78 -26.83 -6.26 -13.34
C VAL B 78 -25.53 -5.67 -12.79
N ASP B 79 -25.49 -5.47 -11.47
CA ASP B 79 -24.31 -4.89 -10.82
C ASP B 79 -23.06 -5.76 -11.01
N ASP B 80 -23.21 -7.07 -10.81
CA ASP B 80 -22.09 -8.00 -10.95
C ASP B 80 -21.64 -8.14 -12.39
N ALA B 81 -22.61 -8.12 -13.32
CA ALA B 81 -22.33 -8.27 -14.74
C ALA B 81 -21.55 -7.06 -15.25
N LEU B 82 -21.95 -5.88 -14.80
CA LEU B 82 -21.23 -4.64 -15.09
C LEU B 82 -19.84 -4.69 -14.46
N LEU B 83 -19.75 -5.32 -13.30
CA LEU B 83 -18.48 -5.44 -12.61
C LEU B 83 -17.51 -6.32 -13.40
N ASP B 84 -18.00 -7.49 -13.84
CA ASP B 84 -17.18 -8.43 -14.59
C ASP B 84 -16.64 -7.83 -15.88
N ILE B 85 -17.51 -7.16 -16.63
CA ILE B 85 -17.12 -6.52 -17.89
C ILE B 85 -16.00 -5.51 -17.69
N TRP B 86 -16.24 -4.52 -16.84
CA TRP B 86 -15.27 -3.45 -16.63
C TRP B 86 -13.97 -3.93 -15.96
N SER B 87 -14.06 -4.98 -15.15
CA SER B 87 -12.86 -5.54 -14.54
C SER B 87 -12.00 -6.21 -15.59
N TYR B 88 -12.56 -7.21 -16.25
CA TYR B 88 -11.84 -8.02 -17.23
C TYR B 88 -11.28 -7.19 -18.37
N ASN B 89 -12.12 -6.32 -18.94
CA ASN B 89 -11.72 -5.48 -20.05
C ASN B 89 -10.60 -4.49 -19.72
N THR B 90 -10.66 -3.90 -18.54
CA THR B 90 -9.66 -2.91 -18.15
C THR B 90 -8.32 -3.59 -17.87
N GLU B 91 -8.37 -4.73 -17.18
CA GLU B 91 -7.17 -5.51 -16.90
C GLU B 91 -6.43 -5.85 -18.19
N LEU B 92 -7.17 -6.32 -19.19
CA LEU B 92 -6.59 -6.68 -20.47
C LEU B 92 -6.15 -5.45 -21.27
N LEU B 93 -6.89 -4.36 -21.12
CA LEU B 93 -6.53 -3.11 -21.77
C LEU B 93 -5.15 -2.66 -21.29
N VAL B 94 -4.93 -2.75 -19.99
CA VAL B 94 -3.67 -2.34 -19.39
C VAL B 94 -2.53 -3.26 -19.84
N LEU B 95 -2.75 -4.57 -19.75
CA LEU B 95 -1.73 -5.55 -20.12
C LEU B 95 -1.30 -5.40 -21.57
N LEU B 96 -2.27 -5.26 -22.47
CA LEU B 96 -1.97 -5.10 -23.88
C LEU B 96 -1.22 -3.82 -24.15
N GLU B 97 -1.68 -2.71 -23.57
CA GLU B 97 -1.08 -1.41 -23.81
C GLU B 97 0.31 -1.27 -23.21
N ASN B 98 0.58 -2.01 -22.14
CA ASN B 98 1.89 -2.01 -21.53
C ASN B 98 2.89 -2.77 -22.39
N GLU B 99 2.40 -3.81 -23.07
CA GLU B 99 3.22 -4.57 -24.00
C GLU B 99 3.50 -3.75 -25.24
N ARG B 100 2.49 -3.04 -25.73
CA ARG B 100 2.64 -2.22 -26.93
C ARG B 100 3.56 -1.02 -26.67
N THR B 101 3.44 -0.44 -25.49
CA THR B 101 4.26 0.70 -25.11
C THR B 101 5.74 0.32 -25.09
N LEU B 102 6.04 -0.86 -24.58
CA LEU B 102 7.41 -1.36 -24.53
C LEU B 102 7.93 -1.75 -25.92
N ASP B 103 7.04 -2.28 -26.74
CA ASP B 103 7.40 -2.59 -28.12
C ASP B 103 7.68 -1.29 -28.86
N PHE B 104 6.90 -0.27 -28.53
CA PHE B 104 7.01 1.04 -29.16
C PHE B 104 8.35 1.70 -28.85
N HIS B 105 8.89 1.42 -27.67
CA HIS B 105 10.17 1.98 -27.27
C HIS B 105 11.34 1.29 -27.97
N ASP B 106 11.31 -0.05 -27.99
CA ASP B 106 12.33 -0.83 -28.68
C ASP B 106 12.42 -0.48 -30.16
N ALA B 107 11.29 -0.13 -30.75
CA ALA B 107 11.27 0.24 -32.16
C ALA B 107 11.91 1.61 -32.38
N ASN B 108 11.75 2.50 -31.43
CA ASN B 108 12.28 3.86 -31.55
C ASN B 108 13.81 3.93 -31.50
N VAL B 109 14.42 3.16 -30.61
CA VAL B 109 15.88 3.15 -30.50
C VAL B 109 16.46 2.34 -31.66
N LYS B 110 15.70 1.37 -32.15
CA LYS B 110 16.18 0.51 -33.21
C LYS B 110 16.21 1.26 -34.54
N ASN B 111 15.25 2.16 -34.72
CA ASN B 111 15.26 3.03 -35.90
C ASN B 111 16.29 4.15 -35.76
N LEU B 112 16.65 4.47 -34.51
CA LEU B 112 17.70 5.44 -34.26
C LEU B 112 19.04 4.78 -34.60
N PHE B 113 19.11 3.49 -34.32
CA PHE B 113 20.28 2.69 -34.61
C PHE B 113 20.46 2.54 -36.13
N GLU B 114 19.38 2.14 -36.82
CA GLU B 114 19.40 1.90 -38.26
C GLU B 114 19.55 3.18 -39.08
N LYS B 115 19.32 4.32 -38.45
CA LYS B 115 19.48 5.59 -39.14
C LYS B 115 20.96 5.98 -39.12
N VAL B 116 21.66 5.59 -38.07
CA VAL B 116 23.10 5.84 -37.99
C VAL B 116 23.86 4.84 -38.85
N LYS B 117 23.48 3.58 -38.76
CA LYS B 117 24.08 2.51 -39.56
C LYS B 117 23.99 2.80 -41.05
N ALA B 118 22.94 3.53 -41.44
CA ALA B 118 22.72 3.87 -42.84
C ALA B 118 23.62 5.02 -43.28
N GLN B 119 24.17 5.73 -42.31
CA GLN B 119 25.06 6.86 -42.60
C GLN B 119 26.50 6.42 -42.76
N LEU B 120 26.94 5.48 -41.92
CA LEU B 120 28.28 4.92 -42.01
C LEU B 120 28.21 3.50 -42.50
N LYS B 121 28.06 3.33 -43.81
CA LYS B 121 27.92 2.00 -44.39
C LYS B 121 29.21 1.20 -44.23
N ASP B 122 30.20 1.53 -45.06
CA ASP B 122 31.49 0.86 -44.99
C ASP B 122 32.37 1.45 -43.89
N ASN B 123 32.13 2.71 -43.54
CA ASN B 123 33.02 3.46 -42.65
C ASN B 123 33.02 3.04 -41.18
N ALA B 124 32.46 1.87 -40.88
CA ALA B 124 32.40 1.39 -39.51
C ALA B 124 32.10 -0.10 -39.46
N ILE B 125 32.51 -0.73 -38.37
CA ILE B 125 32.23 -2.13 -38.13
C ILE B 125 31.09 -2.22 -37.12
N ASP B 126 30.12 -3.10 -37.37
CA ASP B 126 29.01 -3.27 -36.44
C ASP B 126 29.45 -4.23 -35.34
N GLU B 127 29.60 -3.71 -34.13
CA GLU B 127 30.03 -4.53 -33.00
C GLU B 127 28.95 -5.50 -32.55
N GLY B 128 27.71 -5.22 -32.96
CA GLY B 128 26.58 -6.08 -32.64
C GLY B 128 26.01 -5.81 -31.28
N ASN B 129 26.07 -4.56 -30.84
CA ASN B 129 25.49 -4.17 -29.56
C ASN B 129 25.13 -2.70 -29.52
N GLY B 130 24.64 -2.18 -30.64
CA GLY B 130 24.26 -0.79 -30.72
C GLY B 130 25.44 0.17 -30.80
N CYS B 131 26.65 -0.39 -30.90
CA CYS B 131 27.85 0.43 -31.01
C CYS B 131 28.52 0.25 -32.37
N PHE B 132 29.03 1.35 -32.93
CA PHE B 132 29.75 1.32 -34.20
C PHE B 132 31.25 1.58 -34.03
N LEU B 133 32.06 0.60 -34.45
CA LEU B 133 33.50 0.75 -34.41
C LEU B 133 33.97 1.52 -35.64
N LEU B 134 34.12 2.83 -35.49
CA LEU B 134 34.46 3.69 -36.61
C LEU B 134 35.84 3.36 -37.18
N LEU B 135 35.92 3.28 -38.50
CA LEU B 135 37.16 2.93 -39.19
C LEU B 135 38.05 4.14 -39.45
N HIS B 136 37.76 5.24 -38.77
CA HIS B 136 38.56 6.45 -38.91
C HIS B 136 38.53 7.28 -37.63
N LYS B 137 39.28 8.37 -37.63
CA LYS B 137 39.30 9.30 -36.50
C LYS B 137 38.06 10.18 -36.56
N CYS B 138 37.38 10.31 -35.43
CA CYS B 138 36.11 11.04 -35.39
C CYS B 138 36.02 11.97 -34.18
N ASN B 139 36.28 13.24 -34.39
CA ASN B 139 36.25 14.23 -33.32
C ASN B 139 34.84 14.75 -33.02
N ASN B 140 34.75 15.83 -32.25
CA ASN B 140 33.45 16.36 -31.83
C ASN B 140 32.74 17.17 -32.90
N SER B 141 33.17 16.99 -34.14
CA SER B 141 32.46 17.54 -35.28
C SER B 141 31.94 16.37 -36.11
N CYS B 142 32.61 15.23 -35.97
CA CYS B 142 32.23 14.02 -36.68
C CYS B 142 31.12 13.26 -35.95
N MET B 143 31.33 13.01 -34.66
CA MET B 143 30.35 12.31 -33.85
C MET B 143 29.05 13.11 -33.81
N ASP B 144 29.19 14.43 -33.80
CA ASP B 144 28.04 15.33 -33.78
C ASP B 144 27.20 15.24 -35.04
N ASP B 145 27.83 15.34 -36.21
CA ASP B 145 27.11 15.33 -37.48
C ASP B 145 26.43 14.00 -37.77
N ILE B 146 26.92 12.94 -37.15
CA ILE B 146 26.24 11.65 -37.20
C ILE B 146 24.91 11.76 -36.47
N LYS B 147 24.95 12.36 -35.29
CA LYS B 147 23.75 12.57 -34.48
C LYS B 147 22.78 13.50 -35.19
N ASN B 148 23.33 14.48 -35.90
CA ASN B 148 22.53 15.51 -36.56
C ASN B 148 21.92 15.05 -37.89
N GLY B 149 22.50 14.01 -38.47
CA GLY B 149 21.98 13.46 -39.71
C GLY B 149 22.63 14.03 -40.95
N THR B 150 23.87 14.49 -40.81
CA THR B 150 24.57 15.16 -41.89
C THR B 150 25.97 14.59 -42.14
N TYR B 151 26.27 13.45 -41.53
CA TYR B 151 27.55 12.79 -41.70
C TYR B 151 27.86 12.52 -43.18
N LYS B 152 29.05 12.92 -43.62
CA LYS B 152 29.43 12.77 -45.02
C LYS B 152 30.29 11.53 -45.26
N TYR B 153 29.67 10.52 -45.85
CA TYR B 153 30.30 9.22 -46.08
C TYR B 153 31.53 9.29 -46.98
N MET B 154 31.55 10.27 -47.88
CA MET B 154 32.66 10.41 -48.82
C MET B 154 33.88 11.09 -48.20
N ASP B 155 33.67 11.93 -47.21
CA ASP B 155 34.76 12.68 -46.59
C ASP B 155 35.61 11.80 -45.66
N TYR B 156 35.30 10.50 -45.63
CA TYR B 156 36.03 9.56 -44.79
C TYR B 156 36.16 8.20 -45.49
N ARG B 157 35.95 8.19 -46.80
CA ARG B 157 35.91 6.93 -47.55
C ARG B 157 37.27 6.24 -47.71
N GLU B 158 38.23 6.95 -48.27
CA GLU B 158 39.55 6.38 -48.53
C GLU B 158 40.29 6.00 -47.26
N GLU B 159 40.23 6.86 -46.26
CA GLU B 159 40.88 6.57 -44.98
C GLU B 159 40.32 5.31 -44.33
N SER B 160 39.01 5.11 -44.47
CA SER B 160 38.35 3.92 -43.93
C SER B 160 38.80 2.67 -44.67
N HIS B 161 38.98 2.79 -45.98
CA HIS B 161 39.38 1.65 -46.79
C HIS B 161 40.80 1.19 -46.45
N ILE B 162 41.66 2.16 -46.18
CA ILE B 162 43.03 1.88 -45.76
C ILE B 162 43.01 1.09 -44.45
N GLU B 163 42.20 1.57 -43.51
CA GLU B 163 42.10 0.94 -42.19
C GLU B 163 41.62 -0.51 -42.28
N LYS B 164 40.61 -0.74 -43.11
CA LYS B 164 40.10 -2.10 -43.25
C LYS B 164 41.07 -2.99 -44.00
N GLN B 165 41.88 -2.39 -44.87
CA GLN B 165 42.93 -3.13 -45.56
C GLN B 165 43.97 -3.57 -44.54
N LYS B 166 44.21 -2.72 -43.54
CA LYS B 166 45.12 -3.05 -42.45
C LYS B 166 44.47 -4.04 -41.49
N ILE B 167 43.27 -4.51 -41.84
CA ILE B 167 42.55 -5.49 -41.04
C ILE B 167 42.68 -6.87 -41.69
N ASP B 168 43.36 -6.89 -42.84
CA ASP B 168 43.64 -8.16 -43.53
C ASP B 168 44.89 -8.08 -44.41
N GLY B 169 45.01 -8.99 -45.37
CA GLY B 169 46.16 -9.06 -46.23
C GLY B 169 46.04 -8.23 -47.50
N VAL B 170 46.82 -8.58 -48.51
CA VAL B 170 46.81 -7.82 -49.76
C VAL B 170 47.52 -8.58 -50.87
N GLU B 171 47.00 -8.42 -52.10
CA GLU B 171 47.62 -9.00 -53.29
C GLU B 171 47.37 -8.14 -54.53
N GLN C 1 23.58 8.33 -62.99
CA GLN C 1 23.69 7.15 -62.13
C GLN C 1 22.38 6.38 -62.04
N ASP C 2 22.48 5.07 -61.86
CA ASP C 2 21.31 4.19 -61.81
C ASP C 2 20.81 3.96 -60.39
N ARG C 3 19.56 4.35 -60.13
CA ARG C 3 18.97 4.21 -58.81
C ARG C 3 17.60 3.54 -58.88
N ILE C 4 17.20 2.88 -57.80
CA ILE C 4 15.84 2.39 -57.66
C ILE C 4 15.34 2.61 -56.23
N CYS C 5 14.14 3.15 -56.12
CA CYS C 5 13.59 3.52 -54.82
C CYS C 5 12.35 2.71 -54.44
N ILE C 6 12.08 2.65 -53.14
CA ILE C 6 10.87 2.02 -52.62
C ILE C 6 10.00 3.10 -52.01
N GLY C 7 8.73 3.13 -52.37
CA GLY C 7 7.83 4.15 -51.87
C GLY C 7 6.39 3.75 -51.83
N TYR C 8 5.54 4.66 -51.37
CA TYR C 8 4.11 4.37 -51.24
C TYR C 8 3.22 5.47 -51.82
N GLN C 9 1.93 5.17 -51.90
CA GLN C 9 0.95 6.03 -52.54
C GLN C 9 0.60 7.26 -51.71
N ALA C 10 0.38 8.37 -52.40
CA ALA C 10 -0.18 9.58 -51.80
C ALA C 10 -1.26 10.12 -52.73
N ASN C 11 -2.36 10.60 -52.17
CA ASN C 11 -3.44 11.15 -52.99
C ASN C 11 -4.03 12.44 -52.44
N GLN C 12 -5.18 12.83 -52.99
CA GLN C 12 -5.84 14.07 -52.63
C GLN C 12 -7.04 13.86 -51.71
N ASN C 13 -6.94 12.89 -50.81
CA ASN C 13 -8.01 12.61 -49.87
C ASN C 13 -7.88 13.46 -48.61
N ASN C 14 -8.94 14.17 -48.26
CA ASN C 14 -8.92 15.06 -47.10
C ASN C 14 -9.24 14.33 -45.80
N GLN C 15 -9.48 13.02 -45.89
CA GLN C 15 -9.83 12.22 -44.72
C GLN C 15 -8.70 12.14 -43.71
N THR C 16 -9.06 12.33 -42.44
CA THR C 16 -8.12 12.16 -41.34
C THR C 16 -8.70 11.22 -40.29
N VAL C 17 -7.82 10.43 -39.66
CA VAL C 17 -8.23 9.52 -38.62
C VAL C 17 -7.46 9.82 -37.34
N ASN C 18 -8.03 9.44 -36.20
CA ASN C 18 -7.31 9.53 -34.94
C ASN C 18 -6.75 8.18 -34.54
N THR C 19 -5.59 8.18 -33.93
CA THR C 19 -4.99 6.95 -33.43
C THR C 19 -4.73 7.11 -31.94
N LEU C 20 -4.30 6.04 -31.31
CA LEU C 20 -3.96 6.04 -29.89
C LEU C 20 -2.78 6.96 -29.64
N LEU C 21 -1.95 7.14 -30.67
CA LEU C 21 -0.70 7.90 -30.54
C LEU C 21 -0.79 9.29 -31.14
N GLU C 22 -1.49 9.43 -32.26
CA GLU C 22 -1.60 10.72 -32.94
C GLU C 22 -3.05 11.04 -33.24
N GLN C 23 -3.35 12.33 -33.39
CA GLN C 23 -4.70 12.74 -33.78
C GLN C 23 -4.72 13.58 -35.05
N ASN C 24 -5.76 13.39 -35.84
CA ASN C 24 -5.89 14.04 -37.15
C ASN C 24 -4.77 13.68 -38.11
N VAL C 25 -4.49 12.39 -38.22
CA VAL C 25 -3.53 11.87 -39.20
C VAL C 25 -4.21 11.71 -40.55
N PRO C 26 -3.71 12.42 -41.56
CA PRO C 26 -4.25 12.33 -42.92
C PRO C 26 -4.10 10.91 -43.45
N VAL C 27 -5.07 10.45 -44.22
CA VAL C 27 -5.00 9.12 -44.81
C VAL C 27 -5.50 9.12 -46.25
N THR C 28 -5.18 8.07 -46.98
CA THR C 28 -5.61 7.92 -48.37
C THR C 28 -6.96 7.23 -48.45
N GLY C 29 -7.36 6.62 -47.34
CA GLY C 29 -8.64 5.91 -47.27
C GLY C 29 -9.09 5.69 -45.83
N ALA C 30 -10.40 5.80 -45.61
CA ALA C 30 -10.97 5.59 -44.29
C ALA C 30 -12.46 5.21 -44.37
N GLN C 31 -12.86 4.25 -43.53
CA GLN C 31 -14.24 3.78 -43.48
C GLN C 31 -14.98 4.33 -42.25
N GLU C 32 -16.21 4.77 -42.46
CA GLU C 32 -17.09 5.13 -41.34
C GLU C 32 -17.87 3.91 -40.89
N ILE C 33 -17.73 3.54 -39.62
CA ILE C 33 -18.46 2.39 -39.09
C ILE C 33 -19.55 2.81 -38.13
N LEU C 34 -19.93 4.09 -38.19
CA LEU C 34 -20.99 4.63 -37.35
C LEU C 34 -22.16 5.11 -38.20
N GLU C 35 -23.32 4.50 -38.01
CA GLU C 35 -24.52 4.93 -38.72
C GLU C 35 -25.09 6.21 -38.10
N THR C 36 -25.30 7.22 -38.93
CA THR C 36 -25.76 8.51 -38.44
C THR C 36 -27.06 8.91 -39.11
N ASN C 37 -27.51 8.08 -40.05
CA ASN C 37 -28.68 8.38 -40.85
C ASN C 37 -29.88 7.47 -40.59
N HIS C 38 -31.08 8.03 -40.75
CA HIS C 38 -32.31 7.27 -40.68
C HIS C 38 -33.18 7.72 -41.84
N ASN C 39 -34.18 6.92 -42.20
CA ASN C 39 -35.03 7.26 -43.34
C ASN C 39 -36.21 8.16 -42.97
N GLY C 40 -36.31 8.48 -41.69
CA GLY C 40 -37.39 9.31 -41.19
C GLY C 40 -38.78 8.71 -41.36
N LYS C 41 -38.87 7.39 -41.26
CA LYS C 41 -40.15 6.70 -41.38
C LYS C 41 -40.43 5.76 -40.22
N LEU C 42 -41.72 5.55 -39.95
CA LEU C 42 -42.17 4.44 -39.14
C LEU C 42 -42.44 3.29 -40.11
N CYS C 43 -41.59 2.28 -40.09
CA CYS C 43 -41.70 1.18 -41.05
C CYS C 43 -42.23 -0.11 -40.43
N SER C 44 -42.52 -1.08 -41.28
CA SER C 44 -42.84 -2.42 -40.83
C SER C 44 -41.55 -3.12 -40.41
N LEU C 45 -41.66 -4.05 -39.48
CA LEU C 45 -40.51 -4.82 -39.03
C LEU C 45 -40.46 -6.16 -39.74
N ASN C 46 -39.62 -6.25 -40.77
CA ASN C 46 -39.50 -7.45 -41.59
C ASN C 46 -40.81 -7.83 -42.26
N GLY C 47 -41.46 -6.87 -42.89
CA GLY C 47 -42.71 -7.11 -43.60
C GLY C 47 -43.97 -7.08 -42.76
N VAL C 48 -43.80 -7.14 -41.43
CA VAL C 48 -44.92 -7.10 -40.52
C VAL C 48 -45.17 -5.67 -40.03
N PRO C 49 -46.29 -5.06 -40.47
CA PRO C 49 -46.59 -3.65 -40.16
C PRO C 49 -46.94 -3.46 -38.70
N PRO C 50 -46.72 -2.23 -38.18
CA PRO C 50 -47.10 -1.92 -36.81
C PRO C 50 -48.60 -1.72 -36.65
N LEU C 51 -49.06 -1.54 -35.42
CA LEU C 51 -50.47 -1.33 -35.14
C LEU C 51 -50.77 0.16 -35.00
N ASP C 52 -51.65 0.67 -35.85
CA ASP C 52 -52.06 2.07 -35.79
C ASP C 52 -53.50 2.14 -35.26
N LEU C 53 -53.56 2.50 -33.98
CA LEU C 53 -54.78 2.83 -33.27
C LEU C 53 -54.80 4.34 -33.34
N GLN C 54 -55.65 4.84 -34.22
CA GLN C 54 -55.52 6.16 -34.84
C GLN C 54 -56.10 6.99 -33.69
N SER C 55 -57.41 7.22 -33.73
CA SER C 55 -58.06 8.05 -32.72
C SER C 55 -58.46 7.26 -31.47
N CYS C 56 -58.29 5.95 -31.53
CA CYS C 56 -58.67 5.10 -30.40
C CYS C 56 -57.46 4.70 -29.55
N THR C 57 -57.71 4.40 -28.29
CA THR C 57 -56.68 3.81 -27.44
C THR C 57 -56.78 2.30 -27.56
N LEU C 58 -55.75 1.59 -27.11
CA LEU C 58 -55.78 0.13 -27.14
C LEU C 58 -56.99 -0.37 -26.37
N ALA C 59 -57.19 0.16 -25.17
CA ALA C 59 -58.34 -0.19 -24.35
C ALA C 59 -59.64 0.09 -25.08
N GLY C 60 -59.78 1.30 -25.62
CA GLY C 60 -60.98 1.68 -26.35
C GLY C 60 -61.28 0.73 -27.50
N TRP C 61 -60.23 0.31 -28.20
CA TRP C 61 -60.36 -0.57 -29.34
C TRP C 61 -60.76 -1.99 -28.93
N LEU C 62 -60.07 -2.52 -27.92
CA LEU C 62 -60.29 -3.89 -27.49
C LEU C 62 -61.62 -4.06 -26.79
N LEU C 63 -62.06 -3.00 -26.11
CA LEU C 63 -63.35 -3.02 -25.42
C LEU C 63 -64.50 -2.94 -26.41
N GLY C 64 -64.27 -2.24 -27.52
CA GLY C 64 -65.31 -2.07 -28.52
C GLY C 64 -66.07 -0.77 -28.36
N ASN C 65 -65.33 0.30 -28.07
CA ASN C 65 -65.89 1.65 -28.07
C ASN C 65 -66.57 1.89 -29.40
N PRO C 66 -67.81 2.40 -29.36
CA PRO C 66 -68.62 2.66 -30.57
C PRO C 66 -67.95 3.58 -31.59
N ASN C 67 -66.89 4.29 -31.19
CA ASN C 67 -66.15 5.13 -32.12
C ASN C 67 -64.91 4.46 -32.69
N CYS C 68 -64.68 3.21 -32.31
CA CYS C 68 -63.50 2.46 -32.75
C CYS C 68 -63.89 1.27 -33.62
N ASP C 69 -65.05 1.36 -34.26
CA ASP C 69 -65.54 0.25 -35.09
C ASP C 69 -65.03 0.32 -36.53
N ASN C 70 -64.06 1.19 -36.79
CA ASN C 70 -63.57 1.38 -38.15
C ASN C 70 -62.10 1.00 -38.37
N LEU C 71 -61.42 0.57 -37.31
CA LEU C 71 -59.94 0.51 -37.34
C LEU C 71 -59.26 -0.24 -38.52
N LEU C 72 -59.40 -1.56 -38.69
CA LEU C 72 -59.99 -2.53 -37.77
C LEU C 72 -59.35 -3.86 -38.19
N GLU C 73 -59.82 -4.97 -37.62
CA GLU C 73 -59.42 -6.33 -38.01
C GLU C 73 -57.97 -6.54 -38.45
N ALA C 74 -57.03 -6.06 -37.65
CA ALA C 74 -55.63 -6.29 -37.92
C ALA C 74 -55.24 -7.65 -37.34
N GLU C 75 -54.79 -8.56 -38.19
CA GLU C 75 -54.47 -9.92 -37.75
C GLU C 75 -53.15 -9.99 -36.98
N GLU C 76 -52.14 -9.25 -37.41
CA GLU C 76 -50.85 -9.27 -36.74
C GLU C 76 -50.17 -7.91 -36.75
N TRP C 77 -49.27 -7.70 -35.78
CA TRP C 77 -48.46 -6.49 -35.74
C TRP C 77 -47.12 -6.74 -35.06
N SER C 78 -46.10 -5.97 -35.45
CA SER C 78 -44.74 -6.17 -34.95
C SER C 78 -44.46 -5.26 -33.76
N TYR C 79 -45.13 -4.12 -33.72
CA TYR C 79 -45.08 -3.22 -32.58
C TYR C 79 -46.28 -2.29 -32.65
N ILE C 80 -46.53 -1.54 -31.58
CA ILE C 80 -47.67 -0.63 -31.55
C ILE C 80 -47.23 0.82 -31.49
N LYS C 81 -47.76 1.63 -32.41
CA LYS C 81 -47.52 3.06 -32.36
C LYS C 81 -48.50 3.66 -31.39
N ILE C 82 -47.98 4.28 -30.33
CA ILE C 82 -48.84 4.84 -29.29
C ILE C 82 -49.22 6.30 -29.56
N ASN C 83 -50.52 6.54 -29.68
CA ASN C 83 -51.08 7.89 -29.68
C ASN C 83 -51.56 8.23 -28.28
N GLU C 84 -50.75 8.99 -27.55
CA GLU C 84 -51.00 9.31 -26.14
C GLU C 84 -52.23 10.18 -25.89
N ASN C 85 -52.60 11.01 -26.86
CA ASN C 85 -53.77 11.87 -26.73
C ASN C 85 -54.96 11.43 -27.56
N ALA C 86 -55.14 10.13 -27.70
CA ALA C 86 -56.27 9.57 -28.43
C ALA C 86 -57.57 9.89 -27.69
N PRO C 87 -58.54 10.48 -28.41
CA PRO C 87 -59.81 10.91 -27.81
C PRO C 87 -60.76 9.78 -27.43
N ASP C 88 -60.81 8.71 -28.23
CA ASP C 88 -61.75 7.62 -27.99
C ASP C 88 -61.15 6.56 -27.08
N ASP C 89 -61.43 6.67 -25.78
CA ASP C 89 -60.89 5.77 -24.78
C ASP C 89 -62.03 5.06 -24.08
N LEU C 90 -62.31 5.47 -22.84
CA LEU C 90 -63.40 4.90 -22.07
C LEU C 90 -64.62 5.80 -22.19
N CYS C 91 -65.64 5.33 -22.91
CA CYS C 91 -66.84 6.14 -23.13
C CYS C 91 -67.73 6.14 -21.90
N PHE C 92 -67.70 5.06 -21.13
CA PHE C 92 -68.31 5.07 -19.80
C PHE C 92 -67.20 5.29 -18.77
N PRO C 93 -67.38 6.31 -17.91
CA PRO C 93 -66.34 6.72 -16.95
C PRO C 93 -65.92 5.61 -16.01
N GLY C 94 -64.63 5.53 -15.72
CA GLY C 94 -64.10 4.55 -14.79
C GLY C 94 -62.61 4.35 -14.90
N ASN C 95 -62.12 3.29 -14.27
CA ASN C 95 -60.70 2.96 -14.28
C ASN C 95 -60.42 1.74 -15.13
N PHE C 96 -59.31 1.75 -15.86
CA PHE C 96 -58.83 0.53 -16.48
C PHE C 96 -57.72 -0.07 -15.61
N GLU C 97 -57.89 -1.35 -15.27
CA GLU C 97 -56.94 -2.01 -14.37
C GLU C 97 -55.83 -2.71 -15.14
N ASN C 98 -54.59 -2.52 -14.67
CA ASN C 98 -53.42 -3.20 -15.23
C ASN C 98 -53.21 -2.95 -16.72
N LEU C 99 -53.30 -1.68 -17.12
CA LEU C 99 -53.14 -1.30 -18.52
C LEU C 99 -51.74 -1.58 -19.06
N GLN C 100 -50.72 -1.34 -18.24
CA GLN C 100 -49.34 -1.50 -18.67
C GLN C 100 -49.00 -2.93 -19.10
N ASP C 101 -49.36 -3.90 -18.25
CA ASP C 101 -49.15 -5.32 -18.59
C ASP C 101 -49.88 -5.71 -19.87
N LEU C 102 -51.06 -5.15 -20.08
CA LEU C 102 -51.83 -5.42 -21.29
C LEU C 102 -51.11 -4.83 -22.51
N LEU C 103 -50.57 -3.63 -22.36
CA LEU C 103 -49.75 -3.00 -23.39
C LEU C 103 -48.59 -3.92 -23.79
N LEU C 104 -47.93 -4.49 -22.78
CA LEU C 104 -46.83 -5.42 -22.99
C LEU C 104 -47.30 -6.71 -23.65
N GLU C 105 -48.39 -7.25 -23.14
CA GLU C 105 -48.94 -8.51 -23.63
C GLU C 105 -49.28 -8.42 -25.13
N MET C 106 -49.73 -7.24 -25.55
CA MET C 106 -50.21 -7.04 -26.92
C MET C 106 -49.20 -6.32 -27.80
N SER C 107 -47.95 -6.23 -27.35
CA SER C 107 -46.95 -5.47 -28.10
C SER C 107 -46.62 -6.10 -29.45
N GLY C 108 -46.71 -7.42 -29.55
CA GLY C 108 -46.50 -8.12 -30.81
C GLY C 108 -47.25 -9.43 -30.86
N VAL C 109 -48.25 -9.52 -31.75
CA VAL C 109 -49.08 -10.72 -31.85
C VAL C 109 -49.21 -11.22 -33.30
N GLN C 110 -49.57 -12.48 -33.46
CA GLN C 110 -49.56 -13.12 -34.79
C GLN C 110 -50.95 -13.46 -35.30
N ASN C 111 -51.63 -14.38 -34.63
CA ASN C 111 -52.94 -14.83 -35.11
C ASN C 111 -54.09 -14.26 -34.26
N PHE C 112 -54.26 -12.94 -34.37
CA PHE C 112 -55.21 -12.18 -33.56
C PHE C 112 -56.60 -12.18 -34.19
N THR C 113 -57.48 -13.04 -33.69
CA THR C 113 -58.85 -13.15 -34.22
C THR C 113 -59.91 -13.05 -33.12
N LYS C 114 -61.01 -12.35 -33.41
CA LYS C 114 -62.09 -12.17 -32.44
C LYS C 114 -63.05 -13.38 -32.37
N VAL C 115 -63.46 -13.73 -31.16
CA VAL C 115 -64.42 -14.82 -30.96
C VAL C 115 -65.58 -14.39 -30.06
N LYS C 116 -66.76 -14.91 -30.35
CA LYS C 116 -67.90 -14.71 -29.46
C LYS C 116 -67.77 -15.70 -28.29
N LEU C 117 -67.82 -15.17 -27.08
CA LEU C 117 -67.50 -15.93 -25.87
C LEU C 117 -68.71 -16.64 -25.29
N PHE C 118 -69.87 -15.98 -25.35
CA PHE C 118 -71.11 -16.57 -24.91
C PHE C 118 -72.27 -15.87 -25.59
N ASN C 119 -73.43 -16.52 -25.63
CA ASN C 119 -74.60 -15.89 -26.23
C ASN C 119 -75.62 -15.43 -25.20
N PRO C 120 -75.75 -14.10 -25.05
CA PRO C 120 -76.63 -13.43 -24.09
C PRO C 120 -78.11 -13.80 -24.21
N GLN C 121 -78.56 -14.18 -25.40
CA GLN C 121 -79.97 -14.52 -25.61
C GLN C 121 -80.35 -15.82 -24.89
N SER C 122 -79.38 -16.69 -24.70
CA SER C 122 -79.61 -17.99 -24.05
C SER C 122 -79.87 -17.83 -22.56
N MET C 123 -79.65 -16.63 -22.04
CA MET C 123 -79.81 -16.36 -20.61
C MET C 123 -81.25 -16.02 -20.23
N THR C 124 -81.64 -16.40 -19.02
CA THR C 124 -82.98 -16.12 -18.51
C THR C 124 -82.90 -15.43 -17.14
N GLY C 125 -83.98 -14.77 -16.75
CA GLY C 125 -84.04 -14.10 -15.47
C GLY C 125 -83.12 -12.90 -15.39
N VAL C 126 -82.92 -12.26 -16.54
CA VAL C 126 -81.91 -11.20 -16.64
C VAL C 126 -82.14 -10.30 -17.85
N THR C 127 -81.74 -9.03 -17.72
CA THR C 127 -81.69 -8.12 -18.86
C THR C 127 -80.28 -8.11 -19.47
N THR C 128 -80.21 -8.22 -20.79
CA THR C 128 -78.92 -8.16 -21.49
C THR C 128 -78.87 -6.98 -22.44
N ASN C 129 -77.68 -6.72 -22.97
CA ASN C 129 -77.45 -5.64 -23.93
C ASN C 129 -77.97 -4.28 -23.47
N ASN C 130 -77.58 -3.89 -22.27
CA ASN C 130 -77.99 -2.59 -21.74
C ASN C 130 -77.10 -1.47 -22.26
N VAL C 131 -77.72 -0.31 -22.50
CA VAL C 131 -77.04 0.79 -23.18
C VAL C 131 -77.02 2.06 -22.34
N ASP C 132 -76.33 3.08 -22.82
CA ASP C 132 -76.19 4.32 -22.07
C ASP C 132 -75.79 5.48 -22.97
N GLN C 133 -76.33 6.66 -22.68
CA GLN C 133 -76.07 7.86 -23.47
C GLN C 133 -74.59 8.20 -23.57
N THR C 134 -73.82 7.77 -22.57
CA THR C 134 -72.40 8.11 -22.51
C THR C 134 -71.57 7.32 -23.53
N CYS C 135 -72.13 6.22 -24.03
CA CYS C 135 -71.50 5.44 -25.09
C CYS C 135 -72.40 5.44 -26.32
N PRO C 136 -72.47 6.59 -27.00
CA PRO C 136 -73.42 6.73 -28.12
C PRO C 136 -72.93 6.08 -29.39
N PHE C 137 -73.86 5.57 -30.18
CA PHE C 137 -73.57 5.17 -31.56
C PHE C 137 -74.55 5.85 -32.50
N GLU C 138 -74.06 6.84 -33.24
CA GLU C 138 -74.88 7.61 -34.15
C GLU C 138 -76.11 8.21 -33.43
N GLY C 139 -75.85 9.13 -32.49
CA GLY C 139 -76.88 9.87 -31.81
C GLY C 139 -77.75 9.10 -30.84
N LYS C 140 -77.49 7.80 -30.73
CA LYS C 140 -78.31 6.91 -29.92
C LYS C 140 -77.51 6.18 -28.84
N PRO C 141 -78.11 6.03 -27.64
CA PRO C 141 -77.45 5.33 -26.52
C PRO C 141 -77.09 3.89 -26.87
N SER C 142 -75.81 3.56 -26.79
CA SER C 142 -75.34 2.22 -27.11
C SER C 142 -74.41 1.73 -25.99
N PHE C 143 -73.49 0.83 -26.33
CA PHE C 143 -72.51 0.33 -25.38
C PHE C 143 -71.36 -0.33 -26.14
N TYR C 144 -70.32 -0.68 -25.40
CA TYR C 144 -69.15 -1.33 -25.97
C TYR C 144 -69.56 -2.57 -26.77
N ARG C 145 -68.97 -2.77 -27.94
CA ARG C 145 -69.32 -3.91 -28.79
C ARG C 145 -69.01 -5.25 -28.14
N ASN C 146 -67.86 -5.33 -27.49
CA ASN C 146 -67.34 -6.59 -26.97
C ASN C 146 -67.74 -6.89 -25.52
N LEU C 147 -68.47 -5.96 -24.89
CA LEU C 147 -68.95 -6.16 -23.54
C LEU C 147 -70.48 -6.20 -23.48
N ASN C 148 -71.04 -6.85 -22.47
CA ASN C 148 -72.49 -6.95 -22.34
C ASN C 148 -72.95 -6.59 -20.93
N TRP C 149 -73.63 -5.46 -20.80
CA TRP C 149 -74.11 -4.97 -19.51
C TRP C 149 -75.35 -5.73 -19.05
N ILE C 150 -75.17 -6.60 -18.06
CA ILE C 150 -76.24 -7.46 -17.56
C ILE C 150 -76.87 -6.86 -16.29
N GLN C 151 -78.20 -6.83 -16.27
CA GLN C 151 -78.95 -6.29 -15.14
C GLN C 151 -80.19 -7.14 -14.85
N GLY C 152 -81.02 -6.67 -13.92
CA GLY C 152 -82.33 -7.24 -13.65
C GLY C 152 -82.35 -8.67 -13.17
N ASN C 153 -81.26 -9.11 -12.53
CA ASN C 153 -81.16 -10.47 -12.05
C ASN C 153 -81.97 -10.72 -10.78
N SER C 154 -82.46 -9.64 -10.18
CA SER C 154 -83.29 -9.71 -8.97
C SER C 154 -82.60 -10.40 -7.79
N GLY C 155 -81.31 -10.13 -7.62
CA GLY C 155 -80.56 -10.69 -6.51
C GLY C 155 -80.09 -12.11 -6.72
N LEU C 156 -80.56 -12.72 -7.81
CA LEU C 156 -80.28 -14.12 -8.10
C LEU C 156 -78.98 -14.27 -8.89
N PRO C 157 -78.26 -15.37 -8.65
CA PRO C 157 -76.99 -15.62 -9.34
C PRO C 157 -77.20 -16.06 -10.78
N PHE C 158 -76.42 -15.51 -11.71
CA PHE C 158 -76.41 -16.00 -13.08
C PHE C 158 -75.03 -16.55 -13.45
N ASN C 159 -74.97 -17.36 -14.50
CA ASN C 159 -73.73 -18.04 -14.85
C ASN C 159 -73.31 -17.91 -16.31
N ILE C 160 -72.00 -17.79 -16.52
CA ILE C 160 -71.43 -17.74 -17.85
C ILE C 160 -70.19 -18.63 -17.91
N GLU C 161 -70.19 -19.58 -18.84
CA GLU C 161 -69.02 -20.44 -19.04
C GLU C 161 -68.33 -20.10 -20.35
N ILE C 162 -67.03 -19.82 -20.27
CA ILE C 162 -66.24 -19.47 -21.43
C ILE C 162 -65.14 -20.49 -21.66
N LYS C 163 -65.12 -21.09 -22.85
CA LYS C 163 -64.18 -22.15 -23.18
C LYS C 163 -63.19 -21.70 -24.25
N ASN C 164 -61.91 -21.97 -23.99
CA ASN C 164 -60.85 -21.80 -24.99
C ASN C 164 -60.32 -23.16 -25.43
N PRO C 165 -60.85 -23.67 -26.56
CA PRO C 165 -60.47 -24.99 -27.07
C PRO C 165 -59.15 -24.97 -27.85
N THR C 166 -58.76 -23.81 -28.40
CA THR C 166 -57.59 -23.73 -29.26
C THR C 166 -56.29 -23.96 -28.49
N SER C 167 -55.18 -23.87 -29.23
CA SER C 167 -53.85 -24.07 -28.65
C SER C 167 -53.16 -22.74 -28.39
N ASN C 168 -53.91 -21.66 -28.54
CA ASN C 168 -53.42 -20.31 -28.24
C ASN C 168 -54.21 -19.67 -27.10
N PRO C 169 -53.60 -18.72 -26.38
CA PRO C 169 -54.33 -18.05 -25.31
C PRO C 169 -55.49 -17.20 -25.84
N LEU C 170 -56.41 -16.83 -24.96
CA LEU C 170 -57.59 -16.06 -25.34
C LEU C 170 -57.72 -14.82 -24.46
N LEU C 171 -57.67 -13.64 -25.09
CA LEU C 171 -57.74 -12.39 -24.36
C LEU C 171 -59.17 -12.02 -24.03
N LEU C 172 -59.47 -11.79 -22.76
CA LEU C 172 -60.79 -11.40 -22.31
C LEU C 172 -60.77 -10.00 -21.71
N LEU C 173 -61.85 -9.25 -21.88
CA LEU C 173 -62.00 -7.99 -21.19
C LEU C 173 -63.38 -7.93 -20.56
N TRP C 174 -63.47 -7.31 -19.39
CA TRP C 174 -64.75 -7.18 -18.70
C TRP C 174 -64.75 -6.00 -17.74
N GLY C 175 -65.90 -5.73 -17.17
CA GLY C 175 -66.04 -4.62 -16.25
C GLY C 175 -66.79 -5.01 -15.00
N ILE C 176 -66.67 -4.17 -13.97
CA ILE C 176 -67.47 -4.29 -12.77
C ILE C 176 -68.14 -2.94 -12.54
N HIS C 177 -69.45 -2.97 -12.32
CA HIS C 177 -70.21 -1.74 -12.18
C HIS C 177 -70.17 -1.24 -10.76
N ASN C 178 -69.53 -0.08 -10.57
CA ASN C 178 -69.50 0.57 -9.26
C ASN C 178 -70.68 1.53 -9.10
N THR C 179 -71.74 1.04 -8.45
CA THR C 179 -72.94 1.84 -8.25
C THR C 179 -72.71 3.03 -7.34
N LYS C 180 -73.52 4.08 -7.52
CA LYS C 180 -73.36 5.32 -6.78
C LYS C 180 -73.91 5.26 -5.36
N ASP C 181 -74.93 4.44 -5.15
CA ASP C 181 -75.53 4.30 -3.83
C ASP C 181 -76.33 3.00 -3.73
N ALA C 182 -76.85 2.73 -2.54
CA ALA C 182 -77.59 1.51 -2.27
C ALA C 182 -78.87 1.42 -3.08
N ALA C 183 -79.42 2.58 -3.42
CA ALA C 183 -80.66 2.62 -4.18
C ALA C 183 -80.46 2.12 -5.60
N GLN C 184 -79.40 2.59 -6.26
CA GLN C 184 -79.08 2.16 -7.61
C GLN C 184 -78.69 0.69 -7.65
N GLN C 185 -78.02 0.23 -6.60
CA GLN C 185 -77.62 -1.17 -6.49
C GLN C 185 -78.82 -2.09 -6.33
N ARG C 186 -79.75 -1.68 -5.45
CA ARG C 186 -81.00 -2.40 -5.25
C ARG C 186 -81.81 -2.42 -6.52
N ASN C 187 -81.72 -1.33 -7.27
CA ASN C 187 -82.59 -1.11 -8.42
C ASN C 187 -82.18 -1.86 -9.68
N LEU C 188 -80.89 -1.94 -9.93
CA LEU C 188 -80.41 -2.57 -11.14
C LEU C 188 -80.24 -4.07 -10.94
N TYR C 189 -79.85 -4.46 -9.74
CA TYR C 189 -79.43 -5.83 -9.50
C TYR C 189 -80.17 -6.50 -8.34
N GLY C 190 -81.14 -5.81 -7.76
CA GLY C 190 -82.00 -6.41 -6.77
C GLY C 190 -81.33 -6.84 -5.47
N ASN C 191 -80.33 -6.08 -5.05
CA ASN C 191 -79.66 -6.35 -3.77
C ASN C 191 -78.91 -5.13 -3.22
N ASP C 192 -78.33 -5.29 -2.04
CA ASP C 192 -77.53 -4.21 -1.44
C ASP C 192 -76.05 -4.38 -1.75
N TYR C 193 -75.67 -5.59 -2.15
CA TYR C 193 -74.27 -5.94 -2.32
C TYR C 193 -74.18 -7.26 -3.08
N SER C 194 -73.38 -7.27 -4.15
CA SER C 194 -73.28 -8.47 -4.97
C SER C 194 -71.87 -9.05 -4.90
N TYR C 195 -71.72 -10.26 -5.44
CA TYR C 195 -70.40 -10.82 -5.66
C TYR C 195 -70.29 -11.27 -7.12
N THR C 196 -69.09 -11.20 -7.66
CA THR C 196 -68.83 -11.70 -8.99
C THR C 196 -67.54 -12.50 -8.94
N ILE C 197 -67.63 -13.79 -9.24
CA ILE C 197 -66.48 -14.67 -9.09
C ILE C 197 -66.05 -15.29 -10.40
N PHE C 198 -64.77 -15.13 -10.73
CA PHE C 198 -64.18 -15.75 -11.91
C PHE C 198 -63.47 -17.04 -11.51
N ASN C 199 -63.78 -18.13 -12.20
CA ASN C 199 -63.17 -19.41 -11.87
C ASN C 199 -62.22 -19.96 -12.92
N PHE C 200 -60.93 -20.05 -12.55
N PHE C 200 -60.94 -20.02 -12.57
CA PHE C 200 -59.93 -20.73 -13.35
CA PHE C 200 -59.97 -20.74 -13.40
C PHE C 200 -59.45 -21.95 -12.57
C PHE C 200 -59.44 -21.94 -12.61
N GLY C 201 -60.17 -23.05 -12.68
CA GLY C 201 -59.81 -24.24 -11.92
C GLY C 201 -60.07 -23.95 -10.47
N GLU C 202 -59.09 -24.21 -9.62
CA GLU C 202 -59.23 -23.93 -8.19
C GLU C 202 -58.94 -22.46 -7.90
N LYS C 203 -58.37 -21.77 -8.89
CA LYS C 203 -58.04 -20.36 -8.73
C LYS C 203 -59.28 -19.50 -8.97
N SER C 204 -59.50 -18.52 -8.10
CA SER C 204 -60.66 -17.66 -8.26
C SER C 204 -60.43 -16.20 -7.87
N GLU C 205 -61.11 -15.31 -8.56
CA GLU C 205 -61.10 -13.89 -8.22
C GLU C 205 -62.51 -13.48 -7.89
N GLU C 206 -62.70 -12.85 -6.74
CA GLU C 206 -64.01 -12.32 -6.39
C GLU C 206 -64.02 -10.80 -6.47
N PHE C 207 -64.95 -10.27 -7.27
CA PHE C 207 -65.09 -8.84 -7.41
C PHE C 207 -66.30 -8.37 -6.63
N ARG C 208 -66.16 -7.24 -5.95
CA ARG C 208 -67.26 -6.61 -5.23
C ARG C 208 -67.45 -5.20 -5.78
N PRO C 209 -68.70 -4.72 -5.85
CA PRO C 209 -68.85 -3.34 -6.29
C PRO C 209 -68.35 -2.40 -5.21
N ASP C 210 -67.68 -1.32 -5.61
CA ASP C 210 -67.32 -0.26 -4.67
C ASP C 210 -68.37 0.85 -4.77
N ILE C 211 -69.32 0.82 -3.85
CA ILE C 211 -70.46 1.71 -3.90
C ILE C 211 -70.15 3.07 -3.28
N GLY C 212 -70.60 4.14 -3.92
CA GLY C 212 -70.34 5.49 -3.45
C GLY C 212 -70.37 6.52 -4.57
N GLN C 213 -70.77 7.74 -4.22
CA GLN C 213 -70.92 8.82 -5.20
C GLN C 213 -69.58 9.38 -5.67
N ARG C 214 -69.23 9.12 -6.93
CA ARG C 214 -68.10 9.78 -7.55
C ARG C 214 -68.50 11.17 -8.02
N ASP C 215 -67.52 12.02 -8.28
CA ASP C 215 -67.78 13.34 -8.85
C ASP C 215 -68.47 13.12 -10.20
N GLU C 216 -69.49 13.92 -10.47
CA GLU C 216 -70.29 13.71 -11.68
C GLU C 216 -69.54 14.03 -12.98
N ILE C 217 -69.35 12.99 -13.80
CA ILE C 217 -68.75 13.13 -15.10
C ILE C 217 -69.67 12.47 -16.12
N LYS C 218 -69.96 13.19 -17.20
CA LYS C 218 -70.83 12.71 -18.27
C LYS C 218 -72.20 12.31 -17.72
N ALA C 219 -72.66 13.07 -16.73
CA ALA C 219 -73.92 12.80 -16.03
C ALA C 219 -73.93 11.45 -15.31
N HIS C 220 -72.75 10.99 -14.92
CA HIS C 220 -72.62 9.76 -14.15
C HIS C 220 -71.90 9.99 -12.84
N GLN C 221 -72.50 9.54 -11.75
CA GLN C 221 -71.83 9.54 -10.45
C GLN C 221 -71.37 8.13 -10.12
N ASP C 222 -71.72 7.18 -10.99
CA ASP C 222 -71.24 5.82 -10.86
C ASP C 222 -70.07 5.59 -11.82
N ARG C 223 -69.36 4.48 -11.65
CA ARG C 223 -68.19 4.19 -12.47
C ARG C 223 -68.17 2.73 -12.89
N ILE C 224 -67.26 2.42 -13.81
CA ILE C 224 -66.97 1.04 -14.18
C ILE C 224 -65.47 0.77 -14.10
N ASP C 225 -65.08 -0.22 -13.32
CA ASP C 225 -63.70 -0.70 -13.34
C ASP C 225 -63.57 -1.72 -14.46
N TYR C 226 -62.66 -1.48 -15.39
CA TYR C 226 -62.44 -2.40 -16.50
C TYR C 226 -61.28 -3.34 -16.23
N TYR C 227 -61.49 -4.63 -16.49
CA TYR C 227 -60.45 -5.62 -16.27
C TYR C 227 -60.12 -6.36 -17.55
N TRP C 228 -58.89 -6.85 -17.65
CA TRP C 228 -58.50 -7.74 -18.74
C TRP C 228 -57.84 -8.99 -18.17
N GLY C 229 -57.84 -10.07 -18.93
CA GLY C 229 -57.21 -11.31 -18.51
C GLY C 229 -56.92 -12.16 -19.72
N SER C 230 -56.18 -13.26 -19.50
CA SER C 230 -55.82 -14.16 -20.59
C SER C 230 -56.11 -15.61 -20.23
N LEU C 231 -57.04 -16.22 -20.96
CA LEU C 231 -57.40 -17.61 -20.72
C LEU C 231 -56.50 -18.52 -21.52
N PRO C 232 -55.68 -19.34 -20.84
CA PRO C 232 -54.70 -20.20 -21.50
C PRO C 232 -55.35 -21.21 -22.45
N ALA C 233 -54.53 -21.83 -23.29
CA ALA C 233 -55.02 -22.84 -24.22
C ALA C 233 -55.63 -24.02 -23.48
N GLN C 234 -56.66 -24.61 -24.07
CA GLN C 234 -57.33 -25.79 -23.50
C GLN C 234 -57.78 -25.51 -22.07
N SER C 235 -58.38 -24.34 -21.85
CA SER C 235 -58.78 -23.94 -20.51
C SER C 235 -60.20 -23.40 -20.47
N THR C 236 -60.85 -23.57 -19.32
CA THR C 236 -62.23 -23.14 -19.14
C THR C 236 -62.33 -22.11 -18.01
N LEU C 237 -63.06 -21.04 -18.28
CA LEU C 237 -63.37 -20.03 -17.27
C LEU C 237 -64.84 -20.09 -16.94
N ARG C 238 -65.17 -20.11 -15.65
CA ARG C 238 -66.57 -20.10 -15.23
C ARG C 238 -66.86 -18.91 -14.32
N ILE C 239 -67.87 -18.14 -14.68
CA ILE C 239 -68.24 -16.94 -13.94
C ILE C 239 -69.60 -17.11 -13.29
N GLU C 240 -69.70 -16.71 -12.02
CA GLU C 240 -70.99 -16.61 -11.35
C GLU C 240 -71.11 -15.21 -10.75
N SER C 241 -72.27 -14.60 -10.90
CA SER C 241 -72.47 -13.24 -10.41
C SER C 241 -73.90 -12.97 -9.95
N THR C 242 -74.03 -12.08 -8.97
CA THR C 242 -75.35 -11.65 -8.51
C THR C 242 -75.52 -10.16 -8.77
N GLY C 243 -74.81 -9.64 -9.77
CA GLY C 243 -74.91 -8.25 -10.16
C GLY C 243 -73.59 -7.56 -10.45
N ASN C 244 -73.68 -6.35 -11.01
CA ASN C 244 -72.54 -5.47 -11.26
C ASN C 244 -71.54 -5.96 -12.29
N LEU C 245 -71.88 -7.03 -12.99
CA LEU C 245 -70.96 -7.59 -13.98
C LEU C 245 -71.23 -7.06 -15.38
N ILE C 246 -70.22 -6.42 -15.98
CA ILE C 246 -70.29 -6.11 -17.40
C ILE C 246 -69.59 -7.26 -18.13
N ALA C 247 -70.40 -8.16 -18.67
CA ALA C 247 -69.92 -9.46 -19.15
C ALA C 247 -69.03 -9.36 -20.37
N PRO C 248 -68.05 -10.27 -20.48
CA PRO C 248 -67.18 -10.39 -21.65
C PRO C 248 -67.83 -11.19 -22.77
N GLU C 249 -68.34 -10.50 -23.79
CA GLU C 249 -69.06 -11.18 -24.86
C GLU C 249 -68.16 -11.54 -26.05
N TYR C 250 -67.20 -10.68 -26.36
CA TYR C 250 -66.27 -10.94 -27.43
C TYR C 250 -64.82 -10.87 -26.97
N GLY C 251 -64.04 -11.90 -27.29
CA GLY C 251 -62.64 -11.95 -26.93
C GLY C 251 -61.76 -12.11 -28.15
N PHE C 252 -60.48 -12.37 -27.94
CA PHE C 252 -59.54 -12.50 -29.06
C PHE C 252 -58.52 -13.61 -28.83
N TYR C 253 -58.56 -14.63 -29.69
CA TYR C 253 -57.47 -15.60 -29.77
C TYR C 253 -56.25 -14.83 -30.27
N TYR C 254 -55.08 -15.18 -29.73
CA TYR C 254 -53.85 -14.52 -30.14
C TYR C 254 -52.62 -15.36 -29.80
N LYS C 255 -51.59 -15.26 -30.64
CA LYS C 255 -50.30 -15.86 -30.35
C LYS C 255 -49.25 -14.76 -30.28
N ARG C 256 -48.59 -14.63 -29.15
CA ARG C 256 -47.63 -13.57 -28.95
C ARG C 256 -46.25 -13.98 -29.45
N LYS C 257 -45.60 -13.07 -30.19
CA LYS C 257 -44.24 -13.30 -30.67
C LYS C 257 -43.27 -13.16 -29.50
N GLU C 258 -42.77 -14.29 -29.01
CA GLU C 258 -41.93 -14.31 -27.81
C GLU C 258 -40.69 -13.44 -27.94
N GLY C 259 -40.49 -12.56 -26.96
CA GLY C 259 -39.35 -11.66 -26.92
C GLY C 259 -39.21 -10.85 -28.20
N LYS C 260 -40.34 -10.42 -28.75
CA LYS C 260 -40.33 -9.79 -30.06
C LYS C 260 -41.56 -8.90 -30.26
N GLY C 261 -41.77 -7.97 -29.34
CA GLY C 261 -42.83 -6.98 -29.48
C GLY C 261 -42.24 -5.59 -29.39
N GLY C 262 -43.09 -4.58 -29.21
CA GLY C 262 -42.60 -3.23 -29.07
C GLY C 262 -43.68 -2.19 -28.83
N LEU C 263 -43.33 -1.17 -28.05
CA LEU C 263 -44.20 -0.03 -27.82
C LEU C 263 -43.48 1.23 -28.30
N MET C 264 -44.14 1.98 -29.19
CA MET C 264 -43.51 3.12 -29.83
C MET C 264 -44.31 4.41 -29.64
N LYS C 265 -43.67 5.42 -29.06
CA LYS C 265 -44.26 6.73 -28.92
C LYS C 265 -43.60 7.69 -29.91
N SER C 266 -44.29 7.96 -31.02
CA SER C 266 -43.72 8.77 -32.09
C SER C 266 -44.76 9.63 -32.77
N LYS C 267 -44.34 10.82 -33.21
CA LYS C 267 -45.23 11.73 -33.90
C LYS C 267 -45.23 11.48 -35.41
N LEU C 268 -44.35 10.58 -35.84
CA LEU C 268 -44.30 10.18 -37.24
C LEU C 268 -45.51 9.31 -37.60
N PRO C 269 -45.94 9.34 -38.87
CA PRO C 269 -47.03 8.47 -39.34
C PRO C 269 -46.47 7.12 -39.77
N ILE C 270 -47.33 6.14 -40.04
CA ILE C 270 -46.86 4.81 -40.40
C ILE C 270 -46.74 4.64 -41.90
N SER C 271 -45.50 4.67 -42.39
CA SER C 271 -45.24 4.58 -43.82
C SER C 271 -45.28 3.17 -44.38
N ASP C 272 -45.31 3.09 -45.71
CA ASP C 272 -45.36 1.81 -46.40
C ASP C 272 -43.95 1.36 -46.78
N CYS C 273 -43.15 1.02 -45.77
CA CYS C 273 -41.79 0.57 -46.01
C CYS C 273 -41.45 -0.53 -45.02
N SER C 274 -40.25 -1.09 -45.16
CA SER C 274 -39.82 -2.18 -44.30
C SER C 274 -38.39 -1.96 -43.82
N THR C 275 -38.12 -2.41 -42.60
CA THR C 275 -36.81 -2.29 -42.00
C THR C 275 -36.57 -3.45 -41.03
N LYS C 276 -35.36 -3.53 -40.51
CA LYS C 276 -35.06 -4.52 -39.47
C LYS C 276 -34.71 -3.79 -38.18
N CYS C 277 -34.70 -2.47 -38.23
CA CYS C 277 -34.40 -1.66 -37.06
C CYS C 277 -35.18 -0.34 -37.08
N GLN C 278 -35.98 -0.12 -36.04
CA GLN C 278 -36.88 1.02 -36.01
C GLN C 278 -36.60 1.92 -34.81
N THR C 279 -36.50 3.22 -35.08
CA THR C 279 -36.33 4.23 -34.03
C THR C 279 -37.46 5.25 -34.13
N PRO C 280 -37.77 5.96 -33.03
CA PRO C 280 -38.83 6.97 -33.04
C PRO C 280 -38.58 8.08 -34.07
N LEU C 281 -37.32 8.29 -34.42
CA LEU C 281 -36.95 9.33 -35.37
C LEU C 281 -37.00 8.81 -36.80
N GLY C 282 -37.00 7.49 -36.95
CA GLY C 282 -36.98 6.87 -38.26
C GLY C 282 -36.29 5.53 -38.26
N ALA C 283 -36.25 4.88 -39.42
CA ALA C 283 -35.71 3.53 -39.52
C ALA C 283 -34.24 3.50 -39.89
N LEU C 284 -33.51 2.56 -39.31
CA LEU C 284 -32.08 2.41 -39.58
C LEU C 284 -31.85 1.29 -40.59
N ASN C 285 -31.60 1.66 -41.83
CA ASN C 285 -31.23 0.72 -42.87
C ASN C 285 -29.73 0.50 -42.83
N SER C 286 -29.24 -0.13 -41.77
CA SER C 286 -27.80 -0.20 -41.55
C SER C 286 -27.25 -1.62 -41.36
N THR C 287 -26.12 -1.87 -42.01
CA THR C 287 -25.37 -3.09 -41.82
C THR C 287 -24.15 -2.79 -40.96
N LEU C 288 -24.02 -1.52 -40.58
CA LEU C 288 -22.95 -1.07 -39.70
C LEU C 288 -23.18 -1.55 -38.27
N PRO C 289 -22.10 -1.75 -37.51
CA PRO C 289 -22.19 -2.27 -36.15
C PRO C 289 -22.56 -1.24 -35.09
N PHE C 290 -22.49 0.05 -35.41
CA PHE C 290 -22.80 1.08 -34.41
C PHE C 290 -23.62 2.23 -34.99
N GLN C 291 -24.48 2.80 -34.17
CA GLN C 291 -25.31 3.94 -34.57
C GLN C 291 -25.34 5.00 -33.47
N ASN C 292 -25.70 6.22 -33.83
CA ASN C 292 -25.83 7.29 -32.84
C ASN C 292 -27.14 8.06 -33.00
N VAL C 293 -28.09 7.45 -33.71
CA VAL C 293 -29.36 8.09 -34.00
C VAL C 293 -30.26 8.14 -32.76
N HIS C 294 -30.51 6.99 -32.15
CA HIS C 294 -31.44 6.92 -31.03
C HIS C 294 -31.15 5.72 -30.13
N GLN C 295 -31.38 5.90 -28.83
CA GLN C 295 -31.16 4.83 -27.87
C GLN C 295 -32.35 3.89 -27.82
N GLN C 296 -33.55 4.45 -27.95
CA GLN C 296 -34.78 3.66 -27.93
C GLN C 296 -35.01 3.00 -29.28
N THR C 297 -34.58 1.76 -29.40
CA THR C 297 -34.63 1.06 -30.68
C THR C 297 -35.50 -0.21 -30.62
N ILE C 298 -36.04 -0.60 -31.77
CA ILE C 298 -36.78 -1.85 -31.87
C ILE C 298 -36.27 -2.65 -33.06
N GLY C 299 -35.94 -3.92 -32.82
CA GLY C 299 -35.45 -4.79 -33.86
C GLY C 299 -34.01 -5.20 -33.68
N ASN C 300 -33.41 -5.74 -34.73
CA ASN C 300 -31.99 -6.08 -34.72
C ASN C 300 -31.15 -4.88 -35.13
N CYS C 301 -30.63 -4.17 -34.14
CA CYS C 301 -30.05 -2.85 -34.38
C CYS C 301 -28.57 -2.74 -34.04
N PRO C 302 -27.89 -1.78 -34.68
CA PRO C 302 -26.53 -1.39 -34.29
C PRO C 302 -26.52 -0.82 -32.88
N LYS C 303 -25.41 -0.97 -32.17
CA LYS C 303 -25.31 -0.52 -30.78
C LYS C 303 -25.26 1.00 -30.70
N TYR C 304 -25.97 1.56 -29.73
CA TYR C 304 -26.02 3.00 -29.54
C TYR C 304 -24.78 3.51 -28.82
N VAL C 305 -24.00 4.34 -29.50
CA VAL C 305 -22.82 4.91 -28.88
C VAL C 305 -22.90 6.43 -28.84
N LYS C 306 -22.21 7.03 -27.88
CA LYS C 306 -22.19 8.48 -27.74
C LYS C 306 -21.03 9.04 -28.53
N ALA C 307 -21.16 9.04 -29.85
CA ALA C 307 -20.08 9.47 -30.74
C ALA C 307 -20.62 10.13 -31.99
N THR C 308 -19.85 11.06 -32.55
CA THR C 308 -20.24 11.76 -33.77
C THR C 308 -19.66 11.07 -35.00
N SER C 309 -18.58 10.31 -34.81
CA SER C 309 -17.96 9.61 -35.92
C SER C 309 -17.03 8.50 -35.43
N LEU C 310 -16.88 7.47 -36.26
CA LEU C 310 -15.94 6.41 -36.01
C LEU C 310 -15.21 6.08 -37.31
N MET C 311 -14.22 6.90 -37.65
CA MET C 311 -13.46 6.73 -38.88
C MET C 311 -12.40 5.65 -38.75
N LEU C 312 -12.61 4.54 -39.44
CA LEU C 312 -11.67 3.43 -39.42
C LEU C 312 -10.71 3.58 -40.58
N ALA C 313 -9.43 3.78 -40.28
CA ALA C 313 -8.42 3.92 -41.31
C ALA C 313 -8.31 2.63 -42.10
N THR C 314 -8.13 2.76 -43.41
CA THR C 314 -7.92 1.62 -44.29
C THR C 314 -6.70 1.89 -45.16
N GLY C 315 -6.53 3.16 -45.53
CA GLY C 315 -5.45 3.57 -46.41
C GLY C 315 -4.16 3.84 -45.67
N LEU C 316 -3.26 4.56 -46.33
CA LEU C 316 -1.93 4.82 -45.79
C LEU C 316 -1.86 6.23 -45.23
N ARG C 317 -0.75 6.55 -44.59
CA ARG C 317 -0.49 7.90 -44.13
C ARG C 317 -0.33 8.80 -45.35
N ASN C 318 -1.10 9.88 -45.39
CA ASN C 318 -1.13 10.74 -46.57
C ASN C 318 -0.25 11.96 -46.40
N ASN C 319 1.05 11.71 -46.28
CA ASN C 319 2.03 12.78 -46.19
C ASN C 319 3.05 12.71 -47.31
N PRO C 320 2.81 13.49 -48.39
CA PRO C 320 3.72 13.57 -49.54
C PRO C 320 4.74 14.70 -49.40
N ALA D 1 15.33 12.67 -56.58
CA ALA D 1 13.88 12.67 -56.39
C ALA D 1 13.35 11.29 -56.04
N GLY D 2 13.53 10.89 -54.78
CA GLY D 2 13.10 9.57 -54.35
C GLY D 2 12.85 9.43 -52.86
N PHE D 3 11.71 8.84 -52.52
CA PHE D 3 11.33 8.55 -51.14
C PHE D 3 11.60 7.04 -50.95
N ILE D 4 11.24 6.33 -49.86
CA ILE D 4 10.36 6.72 -48.76
C ILE D 4 10.86 7.78 -47.79
N GLU D 5 10.28 7.74 -46.59
CA GLU D 5 10.37 8.85 -45.67
C GLU D 5 9.82 10.05 -46.45
N GLY D 6 8.53 9.92 -46.77
CA GLY D 6 7.85 10.79 -47.71
C GLY D 6 6.99 9.96 -48.64
N GLY D 7 5.83 10.49 -49.01
CA GLY D 7 4.91 9.76 -49.86
C GLY D 7 4.96 10.20 -51.32
N TRP D 8 4.66 9.27 -52.22
CA TRP D 8 4.73 9.54 -53.65
C TRP D 8 3.39 9.94 -54.24
N GLN D 9 3.13 11.24 -54.25
CA GLN D 9 1.98 11.78 -54.95
C GLN D 9 2.12 11.44 -56.41
N GLY D 10 1.30 10.53 -56.90
CA GLY D 10 1.39 10.08 -58.28
C GLY D 10 2.09 8.74 -58.40
N MET D 11 1.99 7.92 -57.37
CA MET D 11 2.45 6.55 -57.45
C MET D 11 1.42 5.77 -58.25
N ILE D 12 0.17 5.88 -57.80
CA ILE D 12 -0.99 5.20 -58.38
C ILE D 12 -0.82 3.69 -58.61
N ASP D 13 -1.87 3.05 -59.10
CA ASP D 13 -1.85 1.63 -59.45
C ASP D 13 -1.60 0.68 -58.28
N GLY D 14 -1.35 1.24 -57.09
CA GLY D 14 -1.09 0.43 -55.93
C GLY D 14 -0.69 1.23 -54.71
N TRP D 15 -0.66 0.55 -53.57
CA TRP D 15 -0.29 1.18 -52.30
C TRP D 15 1.22 1.28 -52.17
N TYR D 16 1.91 0.22 -52.55
CA TYR D 16 3.36 0.18 -52.43
C TYR D 16 3.99 -0.04 -53.80
N GLY D 17 5.11 0.61 -54.05
CA GLY D 17 5.74 0.50 -55.36
C GLY D 17 7.18 0.97 -55.48
N TYR D 18 7.65 1.05 -56.71
CA TYR D 18 9.02 1.43 -56.99
C TYR D 18 9.10 2.68 -57.85
N HIS D 19 10.28 3.30 -57.84
CA HIS D 19 10.61 4.36 -58.78
C HIS D 19 12.04 4.15 -59.20
N HIS D 20 12.29 4.11 -60.50
CA HIS D 20 13.64 3.85 -60.99
C HIS D 20 14.19 5.02 -61.81
N GLU D 21 15.51 5.07 -61.92
CA GLU D 21 16.19 6.09 -62.70
C GLU D 21 17.38 5.48 -63.41
N ASN D 22 17.36 5.48 -64.74
CA ASN D 22 18.51 5.04 -65.52
C ASN D 22 18.65 5.74 -66.87
N GLN D 23 19.32 5.08 -67.81
CA GLN D 23 19.62 5.65 -69.11
C GLN D 23 18.36 5.85 -69.96
N GLU D 24 17.40 4.94 -69.83
CA GLU D 24 16.19 4.98 -70.65
C GLU D 24 15.14 5.94 -70.12
N GLY D 25 15.22 6.27 -68.83
CA GLY D 25 14.31 7.22 -68.23
C GLY D 25 13.82 6.85 -66.85
N SER D 26 12.83 7.59 -66.35
CA SER D 26 12.28 7.36 -65.03
C SER D 26 10.93 6.64 -65.14
N GLY D 27 10.33 6.34 -63.99
CA GLY D 27 9.03 5.68 -63.98
C GLY D 27 8.68 5.03 -62.65
N TYR D 28 7.41 5.12 -62.29
CA TYR D 28 6.91 4.45 -61.11
C TYR D 28 6.28 3.12 -61.49
N ALA D 29 6.26 2.19 -60.54
CA ALA D 29 5.64 0.89 -60.77
C ALA D 29 5.23 0.29 -59.43
N ALA D 30 3.94 0.01 -59.29
CA ALA D 30 3.42 -0.55 -58.06
C ALA D 30 3.74 -2.03 -57.94
N ASP D 31 4.04 -2.47 -56.73
CA ASP D 31 4.17 -3.90 -56.44
C ASP D 31 2.76 -4.43 -56.23
N LYS D 32 2.19 -5.02 -57.28
CA LYS D 32 0.79 -5.43 -57.26
C LYS D 32 0.44 -6.51 -56.25
N GLU D 33 1.31 -7.52 -56.11
CA GLU D 33 1.04 -8.62 -55.19
C GLU D 33 1.14 -8.18 -53.73
N ALA D 34 2.11 -7.32 -53.44
CA ALA D 34 2.27 -6.80 -52.09
C ALA D 34 1.14 -5.84 -51.76
N THR D 35 0.67 -5.12 -52.78
CA THR D 35 -0.46 -4.21 -52.62
C THR D 35 -1.77 -4.98 -52.45
N GLN D 36 -1.94 -6.02 -53.26
CA GLN D 36 -3.16 -6.84 -53.20
C GLN D 36 -3.23 -7.67 -51.92
N LYS D 37 -2.08 -8.07 -51.41
CA LYS D 37 -2.01 -8.83 -50.17
C LYS D 37 -2.48 -7.96 -49.00
N ALA D 38 -2.03 -6.70 -49.01
CA ALA D 38 -2.38 -5.77 -47.94
C ALA D 38 -3.84 -5.35 -48.02
N VAL D 39 -4.36 -5.23 -49.24
CA VAL D 39 -5.76 -4.87 -49.44
C VAL D 39 -6.68 -5.95 -48.90
N ASP D 40 -6.35 -7.21 -49.18
CA ASP D 40 -7.10 -8.34 -48.67
C ASP D 40 -7.15 -8.35 -47.15
N ALA D 41 -6.00 -8.11 -46.53
CA ALA D 41 -5.90 -8.11 -45.07
C ALA D 41 -6.69 -6.96 -44.44
N ILE D 42 -6.56 -5.77 -45.01
CA ILE D 42 -7.25 -4.60 -44.50
C ILE D 42 -8.76 -4.75 -44.69
N THR D 43 -9.15 -5.31 -45.84
CA THR D 43 -10.55 -5.61 -46.09
C THR D 43 -11.07 -6.62 -45.08
N ASN D 44 -10.27 -7.63 -44.77
CA ASN D 44 -10.64 -8.63 -43.80
C ASN D 44 -10.86 -8.02 -42.41
N LYS D 45 -9.97 -7.09 -42.04
CA LYS D 45 -10.07 -6.43 -40.75
C LYS D 45 -11.33 -5.58 -40.65
N VAL D 46 -11.63 -4.85 -41.71
CA VAL D 46 -12.80 -4.00 -41.75
C VAL D 46 -14.08 -4.84 -41.66
N ASN D 47 -14.13 -5.91 -42.43
CA ASN D 47 -15.29 -6.81 -42.40
C ASN D 47 -15.46 -7.50 -41.06
N SER D 48 -14.35 -7.84 -40.40
CA SER D 48 -14.41 -8.44 -39.07
C SER D 48 -15.03 -7.49 -38.05
N ILE D 49 -14.60 -6.24 -38.08
CA ILE D 49 -15.14 -5.24 -37.17
C ILE D 49 -16.63 -4.98 -37.44
N ILE D 50 -17.04 -5.16 -38.68
CA ILE D 50 -18.42 -4.92 -39.08
C ILE D 50 -19.31 -6.16 -38.96
N ASP D 51 -18.87 -7.28 -39.53
CA ASP D 51 -19.71 -8.46 -39.64
C ASP D 51 -19.86 -9.26 -38.35
N LYS D 52 -18.93 -9.07 -37.41
CA LYS D 52 -18.98 -9.82 -36.15
C LYS D 52 -20.03 -9.29 -35.20
N MET D 53 -20.71 -8.22 -35.60
CA MET D 53 -21.82 -7.68 -34.81
C MET D 53 -23.14 -8.24 -35.32
N ASN D 54 -23.76 -9.10 -34.52
CA ASN D 54 -24.98 -9.79 -34.93
C ASN D 54 -26.13 -9.59 -33.95
N SER D 55 -26.23 -8.36 -33.45
CA SER D 55 -27.13 -7.99 -32.34
C SER D 55 -28.52 -8.65 -32.33
N GLN D 56 -29.01 -8.96 -31.13
CA GLN D 56 -30.27 -9.65 -30.95
C GLN D 56 -31.46 -8.75 -31.30
N PHE D 57 -32.64 -9.34 -31.44
CA PHE D 57 -33.86 -8.54 -31.53
C PHE D 57 -34.12 -8.04 -30.12
N GLU D 58 -34.23 -6.73 -29.97
CA GLU D 58 -34.55 -6.13 -28.68
C GLU D 58 -35.49 -4.95 -28.91
N SER D 59 -36.27 -4.60 -27.89
CA SER D 59 -37.13 -3.43 -27.97
C SER D 59 -36.94 -2.55 -26.75
N ASN D 60 -36.85 -1.24 -26.97
CA ASN D 60 -36.68 -0.29 -25.87
C ASN D 60 -37.94 0.51 -25.58
N ILE D 61 -38.27 0.61 -24.30
CA ILE D 61 -39.43 1.39 -23.85
C ILE D 61 -39.00 2.40 -22.79
N LYS D 62 -39.23 3.68 -23.05
CA LYS D 62 -39.05 4.70 -22.03
C LYS D 62 -40.34 5.44 -21.75
N GLU D 63 -41.27 5.35 -22.70
CA GLU D 63 -42.62 5.85 -22.49
C GLU D 63 -43.30 4.96 -21.43
N PHE D 64 -43.55 5.55 -20.26
CA PHE D 64 -44.11 4.82 -19.13
C PHE D 64 -44.59 5.79 -18.06
N ASN D 65 -45.50 5.32 -17.20
CA ASN D 65 -46.06 6.16 -16.14
C ASN D 65 -45.13 6.29 -14.94
N ARG D 66 -45.71 6.62 -13.78
CA ARG D 66 -44.94 6.79 -12.56
C ARG D 66 -44.84 5.50 -11.75
N LEU D 67 -45.99 4.95 -11.39
CA LEU D 67 -46.11 3.93 -10.33
C LEU D 67 -45.26 2.65 -10.42
N GLU D 68 -44.40 2.54 -11.42
CA GLU D 68 -43.46 1.43 -11.45
C GLU D 68 -42.02 1.94 -11.36
N LEU D 69 -41.92 3.26 -11.16
CA LEU D 69 -40.66 4.00 -10.92
C LEU D 69 -39.41 3.16 -10.67
N ARG D 70 -39.53 2.21 -9.75
CA ARG D 70 -38.43 1.33 -9.39
C ARG D 70 -37.89 0.55 -10.59
N ILE D 71 -38.78 0.10 -11.46
CA ILE D 71 -38.37 -0.64 -12.65
C ILE D 71 -37.76 0.31 -13.68
N GLN D 72 -38.36 1.48 -13.83
CA GLN D 72 -37.88 2.46 -14.80
C GLN D 72 -36.54 3.02 -14.38
N HIS D 73 -36.31 3.11 -13.07
CA HIS D 73 -35.02 3.54 -12.55
C HIS D 73 -33.95 2.52 -12.97
N LEU D 74 -34.26 1.24 -12.77
CA LEU D 74 -33.34 0.18 -13.12
C LEU D 74 -33.11 0.14 -14.63
N SER D 75 -34.18 0.31 -15.39
CA SER D 75 -34.12 0.25 -16.85
C SER D 75 -33.24 1.36 -17.42
N ASP D 76 -33.38 2.57 -16.85
CA ASP D 76 -32.58 3.71 -17.29
C ASP D 76 -31.11 3.50 -16.94
N ARG D 77 -30.87 2.85 -15.82
CA ARG D 77 -29.52 2.56 -15.36
C ARG D 77 -28.83 1.63 -16.35
N VAL D 78 -29.57 0.61 -16.79
CA VAL D 78 -29.05 -0.37 -17.74
C VAL D 78 -28.77 0.28 -19.09
N ASP D 79 -29.68 1.15 -19.52
CA ASP D 79 -29.53 1.90 -20.76
C ASP D 79 -28.23 2.70 -20.73
N ASP D 80 -28.03 3.40 -19.64
CA ASP D 80 -26.89 4.30 -19.50
C ASP D 80 -25.57 3.55 -19.30
N ALA D 81 -25.63 2.40 -18.65
CA ALA D 81 -24.44 1.57 -18.44
C ALA D 81 -24.01 0.92 -19.75
N LEU D 82 -25.00 0.45 -20.51
CA LEU D 82 -24.76 -0.12 -21.83
C LEU D 82 -24.13 0.91 -22.75
N LEU D 83 -24.58 2.15 -22.64
CA LEU D 83 -24.08 3.23 -23.46
C LEU D 83 -22.61 3.52 -23.13
N ASP D 84 -22.28 3.55 -21.85
CA ASP D 84 -20.92 3.84 -21.40
C ASP D 84 -19.95 2.75 -21.81
N ILE D 85 -20.42 1.51 -21.82
CA ILE D 85 -19.58 0.39 -22.23
C ILE D 85 -19.27 0.47 -23.72
N TRP D 86 -20.32 0.52 -24.54
CA TRP D 86 -20.16 0.53 -25.99
C TRP D 86 -19.44 1.77 -26.50
N SER D 87 -19.70 2.92 -25.87
CA SER D 87 -19.06 4.16 -26.27
C SER D 87 -17.56 4.13 -26.02
N TYR D 88 -17.16 3.81 -24.79
CA TYR D 88 -15.75 3.79 -24.43
C TYR D 88 -14.95 2.75 -25.22
N ASN D 89 -15.47 1.54 -25.28
CA ASN D 89 -14.79 0.45 -25.98
C ASN D 89 -14.60 0.70 -27.47
N THR D 90 -15.61 1.32 -28.10
CA THR D 90 -15.57 1.56 -29.53
C THR D 90 -14.62 2.70 -29.87
N GLU D 91 -14.53 3.68 -28.97
CA GLU D 91 -13.56 4.77 -29.13
C GLU D 91 -12.15 4.20 -29.14
N LEU D 92 -11.85 3.37 -28.15
CA LEU D 92 -10.53 2.77 -28.02
C LEU D 92 -10.24 1.79 -29.16
N LEU D 93 -11.23 0.97 -29.51
CA LEU D 93 -11.10 0.02 -30.60
C LEU D 93 -10.65 0.70 -31.88
N VAL D 94 -11.26 1.84 -32.19
CA VAL D 94 -10.93 2.58 -33.39
C VAL D 94 -9.54 3.20 -33.28
N LEU D 95 -9.23 3.80 -32.13
CA LEU D 95 -7.92 4.39 -31.91
C LEU D 95 -6.80 3.36 -32.02
N LEU D 96 -7.05 2.17 -31.49
CA LEU D 96 -6.04 1.10 -31.53
C LEU D 96 -5.85 0.56 -32.94
N GLU D 97 -6.96 0.26 -33.61
CA GLU D 97 -6.90 -0.31 -34.96
C GLU D 97 -6.32 0.66 -35.98
N ASN D 98 -6.45 1.95 -35.72
CA ASN D 98 -5.85 2.95 -36.59
C ASN D 98 -4.35 3.06 -36.38
N GLU D 99 -3.91 2.93 -35.14
CA GLU D 99 -2.49 2.95 -34.82
C GLU D 99 -1.81 1.75 -35.45
N ARG D 100 -2.50 0.60 -35.39
CA ARG D 100 -1.94 -0.65 -35.89
C ARG D 100 -2.00 -0.73 -37.41
N THR D 101 -3.03 -0.15 -38.01
CA THR D 101 -3.16 -0.13 -39.47
C THR D 101 -2.07 0.71 -40.12
N LEU D 102 -1.73 1.82 -39.48
CA LEU D 102 -0.62 2.66 -39.94
C LEU D 102 0.70 1.93 -39.77
N ASP D 103 0.83 1.20 -38.66
CA ASP D 103 2.02 0.38 -38.43
C ASP D 103 2.11 -0.74 -39.47
N PHE D 104 0.96 -1.30 -39.81
CA PHE D 104 0.88 -2.39 -40.79
C PHE D 104 1.42 -1.94 -42.15
N HIS D 105 0.96 -0.79 -42.62
CA HIS D 105 1.43 -0.26 -43.89
C HIS D 105 2.93 0.01 -43.86
N ASP D 106 3.41 0.56 -42.75
CA ASP D 106 4.83 0.83 -42.57
C ASP D 106 5.67 -0.44 -42.71
N ALA D 107 5.27 -1.49 -42.02
CA ALA D 107 5.99 -2.77 -42.05
C ALA D 107 6.01 -3.37 -43.44
N ASN D 108 4.95 -3.10 -44.22
CA ASN D 108 4.86 -3.63 -45.57
C ASN D 108 5.86 -2.99 -46.54
N VAL D 109 5.99 -1.66 -46.47
CA VAL D 109 6.95 -0.99 -47.34
C VAL D 109 8.39 -1.21 -46.88
N LYS D 110 8.58 -1.55 -45.61
CA LYS D 110 9.92 -1.79 -45.10
C LYS D 110 10.42 -3.14 -45.56
N ASN D 111 9.54 -4.14 -45.49
CA ASN D 111 9.84 -5.48 -46.00
C ASN D 111 10.13 -5.44 -47.49
N LEU D 112 9.41 -4.58 -48.19
CA LEU D 112 9.60 -4.40 -49.62
C LEU D 112 11.01 -3.87 -49.87
N PHE D 113 11.41 -2.89 -49.07
CA PHE D 113 12.74 -2.32 -49.13
C PHE D 113 13.80 -3.37 -48.78
N GLU D 114 13.51 -4.18 -47.77
CA GLU D 114 14.43 -5.23 -47.32
C GLU D 114 14.64 -6.30 -48.39
N LYS D 115 13.58 -6.64 -49.11
CA LYS D 115 13.66 -7.64 -50.18
C LYS D 115 14.65 -7.19 -51.26
N VAL D 116 14.55 -5.92 -51.65
CA VAL D 116 15.46 -5.36 -52.63
C VAL D 116 16.89 -5.34 -52.09
N LYS D 117 17.02 -4.94 -50.82
CA LYS D 117 18.31 -4.89 -50.15
C LYS D 117 19.00 -6.25 -50.16
N ALA D 118 18.24 -7.30 -49.85
CA ALA D 118 18.78 -8.65 -49.79
C ALA D 118 19.16 -9.19 -51.16
N GLN D 119 18.68 -8.53 -52.21
CA GLN D 119 19.04 -8.93 -53.58
C GLN D 119 20.32 -8.24 -54.03
N LEU D 120 20.38 -6.93 -53.83
CA LEU D 120 21.48 -6.13 -54.35
C LEU D 120 22.77 -6.32 -53.56
N LYS D 121 22.65 -6.37 -52.24
CA LYS D 121 23.80 -6.49 -51.35
C LYS D 121 24.80 -5.37 -51.61
N ASP D 122 26.08 -5.70 -51.74
CA ASP D 122 27.10 -4.68 -51.96
C ASP D 122 27.21 -4.19 -53.40
N ASN D 123 26.35 -4.70 -54.28
CA ASN D 123 26.26 -4.19 -55.64
C ASN D 123 25.57 -2.83 -55.68
N ALA D 124 25.15 -2.35 -54.51
CA ALA D 124 24.46 -1.07 -54.40
C ALA D 124 24.82 -0.33 -53.12
N ILE D 125 24.53 0.97 -53.10
CA ILE D 125 24.77 1.79 -51.91
C ILE D 125 23.45 2.27 -51.31
N ASP D 126 23.24 1.95 -50.05
CA ASP D 126 22.05 2.40 -49.32
C ASP D 126 22.12 3.91 -49.08
N GLU D 127 21.31 4.66 -49.81
CA GLU D 127 21.31 6.12 -49.66
C GLU D 127 20.65 6.54 -48.35
N GLY D 128 20.04 5.59 -47.66
CA GLY D 128 19.42 5.85 -46.37
C GLY D 128 18.14 6.67 -46.48
N ASN D 129 17.62 6.79 -47.70
CA ASN D 129 16.38 7.51 -47.91
C ASN D 129 15.33 6.65 -48.59
N GLY D 130 15.59 5.34 -48.61
CA GLY D 130 14.70 4.40 -49.27
C GLY D 130 15.13 4.07 -50.68
N CYS D 131 16.27 4.63 -51.09
CA CYS D 131 16.79 4.41 -52.44
C CYS D 131 18.10 3.64 -52.43
N PHE D 132 18.36 2.92 -53.52
CA PHE D 132 19.62 2.21 -53.69
C PHE D 132 20.37 2.76 -54.90
N LEU D 133 21.58 3.27 -54.66
CA LEU D 133 22.44 3.71 -55.75
C LEU D 133 23.20 2.50 -56.29
N LEU D 134 22.85 2.08 -57.49
CA LEU D 134 23.46 0.90 -58.09
C LEU D 134 24.90 1.16 -58.55
N LEU D 135 25.80 0.26 -58.19
CA LEU D 135 27.22 0.40 -58.52
C LEU D 135 27.54 -0.15 -59.89
N HIS D 136 26.51 -0.36 -60.69
CA HIS D 136 26.69 -0.88 -62.04
C HIS D 136 25.61 -0.33 -62.96
N LYS D 137 25.56 -0.83 -64.19
CA LYS D 137 24.55 -0.41 -65.14
C LYS D 137 23.31 -1.27 -65.03
N CYS D 138 22.15 -0.62 -64.91
CA CYS D 138 20.89 -1.32 -64.76
C CYS D 138 19.86 -0.80 -65.75
N ASN D 139 19.80 -1.40 -66.92
CA ASN D 139 18.81 -1.05 -67.93
C ASN D 139 17.43 -1.52 -67.48
N ASN D 140 16.41 -1.24 -68.29
CA ASN D 140 15.04 -1.59 -67.94
C ASN D 140 14.83 -3.07 -67.69
N SER D 141 15.64 -3.91 -68.33
CA SER D 141 15.58 -5.34 -68.11
C SER D 141 16.10 -5.69 -66.72
N CYS D 142 17.08 -4.92 -66.26
CA CYS D 142 17.67 -5.14 -64.94
C CYS D 142 16.73 -4.65 -63.84
N MET D 143 16.11 -3.50 -64.06
CA MET D 143 15.16 -2.95 -63.11
C MET D 143 13.99 -3.89 -62.89
N ASP D 144 13.60 -4.58 -63.96
CA ASP D 144 12.50 -5.55 -63.90
C ASP D 144 12.89 -6.77 -63.08
N ASP D 145 14.14 -7.19 -63.19
CA ASP D 145 14.60 -8.36 -62.45
C ASP D 145 14.64 -8.07 -60.95
N ILE D 146 14.88 -6.81 -60.61
CA ILE D 146 14.86 -6.39 -59.22
C ILE D 146 13.44 -6.40 -58.67
N LYS D 147 12.51 -5.84 -59.44
CA LYS D 147 11.11 -5.75 -59.01
C LYS D 147 10.44 -7.11 -58.94
N ASN D 148 11.05 -8.11 -59.56
CA ASN D 148 10.46 -9.44 -59.62
C ASN D 148 11.20 -10.44 -58.74
N GLY D 149 12.21 -9.97 -58.03
CA GLY D 149 12.97 -10.83 -57.15
C GLY D 149 13.81 -11.86 -57.90
N THR D 150 14.27 -11.48 -59.09
CA THR D 150 15.05 -12.38 -59.93
C THR D 150 16.39 -11.77 -60.32
N TYR D 151 16.73 -10.63 -59.73
CA TYR D 151 18.03 -9.99 -59.94
C TYR D 151 19.14 -10.90 -59.44
N LYS D 152 20.07 -11.25 -60.31
CA LYS D 152 21.18 -12.10 -59.92
C LYS D 152 22.41 -11.32 -59.47
N TYR D 153 22.84 -11.61 -58.26
CA TYR D 153 23.93 -10.91 -57.59
C TYR D 153 25.26 -11.00 -58.34
N MET D 154 25.63 -12.22 -58.72
CA MET D 154 26.92 -12.47 -59.35
C MET D 154 27.06 -11.92 -60.77
N ASP D 155 25.93 -11.73 -61.45
CA ASP D 155 25.94 -11.22 -62.81
C ASP D 155 26.44 -9.78 -62.90
N TYR D 156 26.51 -9.11 -61.75
CA TYR D 156 26.90 -7.71 -61.70
C TYR D 156 27.93 -7.46 -60.59
N ARG D 157 28.58 -8.52 -60.12
CA ARG D 157 29.49 -8.40 -58.99
C ARG D 157 30.79 -7.69 -59.34
N GLU D 158 31.45 -8.14 -60.40
CA GLU D 158 32.73 -7.57 -60.84
C GLU D 158 32.60 -6.08 -61.15
N GLU D 159 31.56 -5.74 -61.92
CA GLU D 159 31.34 -4.36 -62.33
C GLU D 159 31.14 -3.44 -61.12
N SER D 160 30.49 -3.99 -60.09
CA SER D 160 30.19 -3.21 -58.90
C SER D 160 31.44 -3.04 -58.03
N HIS D 161 32.24 -4.09 -57.90
CA HIS D 161 33.49 -4.01 -57.15
C HIS D 161 34.43 -3.02 -57.83
N ILE D 162 34.45 -3.05 -59.15
CA ILE D 162 35.31 -2.16 -59.93
C ILE D 162 34.89 -0.71 -59.74
N GLU D 163 33.59 -0.47 -59.75
CA GLU D 163 33.08 0.89 -59.54
C GLU D 163 33.35 1.37 -58.12
N LYS D 164 33.30 0.45 -57.16
CA LYS D 164 33.60 0.79 -55.79
C LYS D 164 35.07 1.16 -55.62
N GLN D 165 35.94 0.49 -56.37
CA GLN D 165 37.37 0.79 -56.33
C GLN D 165 37.66 2.17 -56.95
N LYS D 166 36.80 2.61 -57.85
CA LYS D 166 36.93 3.93 -58.47
C LYS D 166 36.70 5.00 -57.41
N ILE D 167 35.82 4.68 -56.46
CA ILE D 167 35.52 5.55 -55.34
C ILE D 167 36.73 5.64 -54.41
N ASP D 168 37.68 4.73 -54.60
CA ASP D 168 38.97 4.80 -53.92
C ASP D 168 40.13 4.83 -54.93
N GLY D 169 40.73 3.66 -55.17
CA GLY D 169 41.84 3.53 -56.10
C GLY D 169 42.61 2.25 -55.78
N VAL D 170 43.70 1.95 -56.48
CA VAL D 170 44.24 2.71 -57.60
C VAL D 170 45.16 1.77 -58.39
N GLU D 171 44.87 1.57 -59.66
CA GLU D 171 45.71 0.72 -60.50
C GLU D 171 45.59 1.08 -61.98
N GLN E 1 29.30 -25.79 -50.38
CA GLN E 1 30.04 -24.83 -49.56
C GLN E 1 29.73 -24.99 -48.08
N ASP E 2 29.83 -23.89 -47.34
CA ASP E 2 29.54 -23.86 -45.92
C ASP E 2 28.50 -22.79 -45.60
N ARG E 3 27.27 -23.21 -45.33
CA ARG E 3 26.24 -22.24 -45.00
C ARG E 3 25.42 -22.60 -43.76
N ILE E 4 25.02 -21.58 -43.03
CA ILE E 4 24.14 -21.74 -41.87
C ILE E 4 22.85 -20.94 -42.08
N CYS E 5 21.73 -21.54 -41.71
CA CYS E 5 20.43 -20.92 -41.97
C CYS E 5 19.67 -20.65 -40.68
N ILE E 6 18.84 -19.61 -40.70
CA ILE E 6 17.92 -19.36 -39.61
C ILE E 6 16.53 -19.76 -40.08
N GLY E 7 15.80 -20.48 -39.24
CA GLY E 7 14.48 -20.95 -39.60
C GLY E 7 13.62 -21.30 -38.40
N TYR E 8 12.39 -21.74 -38.66
CA TYR E 8 11.45 -22.04 -37.60
C TYR E 8 10.74 -23.38 -37.80
N GLN E 9 10.06 -23.82 -36.75
CA GLN E 9 9.43 -25.14 -36.71
C GLN E 9 8.15 -25.24 -37.55
N ALA E 10 7.93 -26.42 -38.13
CA ALA E 10 6.67 -26.76 -38.78
C ALA E 10 6.34 -28.20 -38.38
N ASN E 11 5.05 -28.52 -38.27
CA ASN E 11 4.65 -29.88 -37.90
C ASN E 11 3.41 -30.39 -38.62
N GLN E 12 2.84 -31.48 -38.12
CA GLN E 12 1.68 -32.10 -38.73
C GLN E 12 0.38 -31.74 -38.02
N ASN E 13 0.28 -30.49 -37.57
CA ASN E 13 -0.91 -30.02 -36.88
C ASN E 13 -1.91 -29.43 -37.86
N ASN E 14 -3.17 -29.85 -37.76
CA ASN E 14 -4.20 -29.39 -38.68
C ASN E 14 -5.07 -28.28 -38.09
N GLN E 15 -4.63 -27.73 -36.97
CA GLN E 15 -5.35 -26.63 -36.33
C GLN E 15 -5.18 -25.35 -37.11
N THR E 16 -6.29 -24.64 -37.29
CA THR E 16 -6.26 -23.32 -37.90
C THR E 16 -6.76 -22.27 -36.91
N VAL E 17 -6.40 -21.02 -37.15
CA VAL E 17 -6.94 -19.91 -36.40
C VAL E 17 -7.30 -18.78 -37.35
N ASN E 18 -8.11 -17.85 -36.87
CA ASN E 18 -8.42 -16.64 -37.61
C ASN E 18 -7.78 -15.45 -36.93
N THR E 19 -7.31 -14.49 -37.72
CA THR E 19 -6.77 -13.26 -37.16
C THR E 19 -7.57 -12.11 -37.75
N LEU E 20 -7.32 -10.91 -37.25
CA LEU E 20 -7.97 -9.71 -37.76
C LEU E 20 -7.63 -9.51 -39.24
N LEU E 21 -6.49 -10.06 -39.65
CA LEU E 21 -5.98 -9.85 -41.01
C LEU E 21 -6.24 -11.02 -41.97
N GLU E 22 -6.08 -12.24 -41.48
CA GLU E 22 -6.28 -13.42 -42.31
C GLU E 22 -7.18 -14.42 -41.61
N GLN E 23 -7.79 -15.31 -42.39
CA GLN E 23 -8.61 -16.37 -41.80
C GLN E 23 -8.13 -17.76 -42.18
N ASN E 24 -8.37 -18.71 -41.27
CA ASN E 24 -7.99 -20.10 -41.45
C ASN E 24 -6.49 -20.31 -41.62
N VAL E 25 -5.70 -19.53 -40.87
CA VAL E 25 -4.24 -19.67 -40.91
C VAL E 25 -3.80 -20.90 -40.10
N PRO E 26 -3.17 -21.87 -40.78
CA PRO E 26 -2.66 -23.09 -40.15
C PRO E 26 -1.59 -22.77 -39.12
N VAL E 27 -1.67 -23.38 -37.95
CA VAL E 27 -0.70 -23.13 -36.88
C VAL E 27 -0.14 -24.42 -36.28
N THR E 28 1.02 -24.31 -35.65
CA THR E 28 1.67 -25.47 -35.04
C THR E 28 1.05 -25.80 -33.68
N GLY E 29 0.30 -24.85 -33.15
CA GLY E 29 -0.35 -25.03 -31.85
C GLY E 29 -1.37 -23.95 -31.56
N ALA E 30 -2.54 -24.37 -31.06
CA ALA E 30 -3.58 -23.43 -30.68
C ALA E 30 -4.33 -23.88 -29.43
N GLN E 31 -4.87 -22.91 -28.69
CA GLN E 31 -5.65 -23.19 -27.49
C GLN E 31 -7.11 -22.79 -27.66
N GLU E 32 -8.00 -23.63 -27.14
CA GLU E 32 -9.42 -23.30 -27.08
C GLU E 32 -9.69 -22.59 -25.75
N ILE E 33 -10.29 -21.40 -25.81
CA ILE E 33 -10.67 -20.72 -24.57
C ILE E 33 -12.19 -20.69 -24.40
N LEU E 34 -12.88 -21.48 -25.22
CA LEU E 34 -14.33 -21.59 -25.13
C LEU E 34 -14.74 -22.98 -24.67
N GLU E 35 -15.29 -23.06 -23.46
CA GLU E 35 -15.81 -24.33 -22.98
C GLU E 35 -17.08 -24.70 -23.74
N THR E 36 -17.17 -25.95 -24.17
CA THR E 36 -18.30 -26.40 -24.97
C THR E 36 -18.87 -27.71 -24.45
N ASN E 37 -18.24 -28.25 -23.41
CA ASN E 37 -18.65 -29.51 -22.81
C ASN E 37 -19.31 -29.36 -21.43
N HIS E 38 -20.27 -30.24 -21.17
CA HIS E 38 -20.89 -30.33 -19.86
C HIS E 38 -21.11 -31.80 -19.54
N ASN E 39 -21.45 -32.10 -18.28
CA ASN E 39 -21.57 -33.48 -17.85
C ASN E 39 -23.00 -33.99 -17.90
N GLY E 40 -23.91 -33.18 -18.43
CA GLY E 40 -25.29 -33.55 -18.62
C GLY E 40 -26.04 -33.92 -17.35
N LYS E 41 -25.62 -33.35 -16.23
CA LYS E 41 -26.20 -33.69 -14.95
C LYS E 41 -26.60 -32.45 -14.16
N LEU E 42 -27.61 -32.60 -13.29
CA LEU E 42 -27.92 -31.62 -12.28
C LEU E 42 -27.15 -31.99 -11.02
N CYS E 43 -26.33 -31.09 -10.52
CA CYS E 43 -25.40 -31.43 -9.44
C CYS E 43 -25.52 -30.53 -8.22
N SER E 44 -24.72 -30.83 -7.21
CA SER E 44 -24.60 -29.96 -6.04
C SER E 44 -23.68 -28.81 -6.38
N LEU E 45 -23.86 -27.69 -5.69
CA LEU E 45 -23.02 -26.53 -5.89
C LEU E 45 -22.00 -26.43 -4.77
N ASN E 46 -20.74 -26.71 -5.11
CA ASN E 46 -19.65 -26.68 -4.14
C ASN E 46 -19.94 -27.59 -2.95
N GLY E 47 -20.51 -28.76 -3.24
CA GLY E 47 -20.84 -29.72 -2.21
C GLY E 47 -22.25 -29.60 -1.65
N VAL E 48 -22.87 -28.44 -1.85
CA VAL E 48 -24.22 -28.20 -1.33
C VAL E 48 -25.29 -28.62 -2.34
N PRO E 49 -26.07 -29.64 -1.99
CA PRO E 49 -27.10 -30.20 -2.89
C PRO E 49 -28.24 -29.23 -3.12
N PRO E 50 -28.93 -29.36 -4.26
CA PRO E 50 -30.11 -28.53 -4.50
C PRO E 50 -31.30 -29.06 -3.72
N LEU E 51 -32.41 -28.34 -3.74
CA LEU E 51 -33.61 -28.79 -3.04
C LEU E 51 -34.46 -29.64 -3.99
N ASP E 52 -34.70 -30.89 -3.61
CA ASP E 52 -35.57 -31.77 -4.40
C ASP E 52 -36.92 -31.89 -3.74
N LEU E 53 -37.87 -31.16 -4.34
CA LEU E 53 -39.29 -31.24 -4.08
C LEU E 53 -39.79 -32.14 -5.19
N GLN E 54 -39.99 -33.40 -4.80
CA GLN E 54 -40.19 -34.48 -5.75
C GLN E 54 -41.57 -34.36 -6.37
N SER E 55 -42.55 -34.97 -5.72
CA SER E 55 -43.91 -34.83 -6.23
C SER E 55 -44.60 -33.55 -5.75
N CYS E 56 -43.89 -32.78 -4.93
CA CYS E 56 -44.48 -31.59 -4.33
C CYS E 56 -43.96 -30.29 -4.94
N THR E 57 -44.76 -29.24 -4.81
CA THR E 57 -44.31 -27.89 -5.12
C THR E 57 -43.72 -27.31 -3.85
N LEU E 58 -43.09 -26.15 -3.94
CA LEU E 58 -42.55 -25.51 -2.75
C LEU E 58 -43.68 -25.16 -1.79
N ALA E 59 -44.79 -24.70 -2.34
CA ALA E 59 -45.97 -24.36 -1.56
C ALA E 59 -46.47 -25.58 -0.79
N GLY E 60 -46.62 -26.70 -1.49
CA GLY E 60 -47.08 -27.92 -0.89
C GLY E 60 -46.20 -28.40 0.25
N TRP E 61 -44.89 -28.32 0.03
CA TRP E 61 -43.92 -28.79 1.01
C TRP E 61 -43.92 -27.91 2.26
N LEU E 62 -43.89 -26.60 2.06
CA LEU E 62 -43.81 -25.65 3.16
C LEU E 62 -45.10 -25.59 3.99
N LEU E 63 -46.24 -25.70 3.34
CA LEU E 63 -47.53 -25.72 4.02
C LEU E 63 -47.69 -27.01 4.83
N GLY E 64 -47.10 -28.09 4.31
CA GLY E 64 -47.17 -29.37 4.99
C GLY E 64 -48.29 -30.23 4.44
N ASN E 65 -48.45 -30.22 3.11
CA ASN E 65 -49.37 -31.14 2.45
C ASN E 65 -48.99 -32.56 2.85
N PRO E 66 -49.96 -33.32 3.38
CA PRO E 66 -49.74 -34.69 3.86
C PRO E 66 -49.01 -35.59 2.86
N ASN E 67 -49.12 -35.27 1.57
CA ASN E 67 -48.43 -36.04 0.54
C ASN E 67 -46.97 -35.60 0.35
N CYS E 68 -46.48 -34.77 1.26
CA CYS E 68 -45.09 -34.29 1.21
C CYS E 68 -44.30 -34.70 2.45
N ASP E 69 -44.92 -35.54 3.29
CA ASP E 69 -44.34 -35.93 4.57
C ASP E 69 -43.10 -36.82 4.45
N ASN E 70 -42.65 -37.07 3.22
CA ASN E 70 -41.56 -38.02 2.99
C ASN E 70 -40.26 -37.39 2.52
N LEU E 71 -40.27 -36.08 2.25
CA LEU E 71 -39.20 -35.46 1.46
C LEU E 71 -37.72 -35.72 1.85
N LEU E 72 -37.21 -35.28 3.00
CA LEU E 72 -37.80 -34.34 3.96
C LEU E 72 -36.61 -33.77 4.74
N GLU E 73 -36.88 -32.89 5.70
CA GLU E 73 -35.87 -32.35 6.61
C GLU E 73 -34.54 -31.95 5.98
N ALA E 74 -34.59 -31.17 4.91
CA ALA E 74 -33.37 -30.65 4.31
C ALA E 74 -32.94 -29.39 5.06
N GLU E 75 -31.73 -29.40 5.61
CA GLU E 75 -31.25 -28.25 6.38
C GLU E 75 -30.76 -27.11 5.49
N GLU E 76 -30.13 -27.44 4.37
CA GLU E 76 -29.64 -26.42 3.46
C GLU E 76 -29.68 -26.87 2.01
N TRP E 77 -29.72 -25.89 1.11
CA TRP E 77 -29.65 -26.15 -0.31
C TRP E 77 -29.06 -24.96 -1.06
N SER E 78 -28.43 -25.23 -2.20
CA SER E 78 -27.77 -24.18 -2.98
C SER E 78 -28.69 -23.57 -4.02
N TYR E 79 -29.65 -24.35 -4.50
CA TYR E 79 -30.66 -23.86 -5.43
C TYR E 79 -31.85 -24.83 -5.45
N ILE E 80 -32.92 -24.44 -6.11
CA ILE E 80 -34.15 -25.25 -6.13
C ILE E 80 -34.48 -25.78 -7.53
N LYS E 81 -34.74 -27.06 -7.62
CA LYS E 81 -35.20 -27.65 -8.87
C LYS E 81 -36.73 -27.65 -8.90
N ILE E 82 -37.30 -26.76 -9.69
CA ILE E 82 -38.74 -26.68 -9.85
C ILE E 82 -39.26 -27.86 -10.67
N ASN E 83 -40.28 -28.53 -10.14
CA ASN E 83 -40.76 -29.78 -10.72
C ASN E 83 -41.77 -29.59 -11.85
N GLU E 84 -41.60 -30.39 -12.88
CA GLU E 84 -42.46 -30.37 -14.06
C GLU E 84 -43.87 -30.85 -13.71
N ASN E 85 -44.77 -29.91 -13.45
CA ASN E 85 -46.15 -30.21 -13.02
C ASN E 85 -46.26 -31.15 -11.83
N ALA E 86 -45.78 -30.68 -10.68
CA ALA E 86 -45.89 -31.43 -9.43
C ALA E 86 -47.35 -31.62 -9.04
N PRO E 87 -47.77 -32.88 -8.86
CA PRO E 87 -49.16 -33.18 -8.49
C PRO E 87 -49.54 -32.69 -7.10
N ASP E 88 -48.60 -32.78 -6.15
CA ASP E 88 -48.91 -32.43 -4.77
C ASP E 88 -48.60 -30.97 -4.48
N ASP E 89 -49.65 -30.15 -4.53
CA ASP E 89 -49.54 -28.72 -4.37
C ASP E 89 -50.52 -28.26 -3.28
N LEU E 90 -51.63 -27.67 -3.70
CA LEU E 90 -52.66 -27.22 -2.78
C LEU E 90 -53.81 -28.23 -2.70
N CYS E 91 -53.79 -29.06 -1.66
CA CYS E 91 -54.81 -30.08 -1.49
C CYS E 91 -56.19 -29.47 -1.23
N PHE E 92 -56.25 -28.40 -0.45
CA PHE E 92 -57.46 -27.60 -0.28
C PHE E 92 -57.43 -26.47 -1.31
N PRO E 93 -58.42 -26.45 -2.21
CA PRO E 93 -58.48 -25.50 -3.33
C PRO E 93 -58.35 -24.04 -2.90
N GLY E 94 -57.59 -23.25 -3.65
CA GLY E 94 -57.43 -21.84 -3.33
C GLY E 94 -56.29 -21.14 -4.03
N ASN E 95 -55.98 -19.94 -3.54
CA ASN E 95 -54.94 -19.10 -4.12
C ASN E 95 -53.74 -18.95 -3.21
N PHE E 96 -52.54 -19.02 -3.78
CA PHE E 96 -51.33 -18.71 -3.01
C PHE E 96 -50.85 -17.30 -3.33
N GLU E 97 -50.88 -16.44 -2.32
CA GLU E 97 -50.51 -15.05 -2.50
C GLU E 97 -49.00 -14.84 -2.47
N ASN E 98 -48.51 -14.10 -3.46
CA ASN E 98 -47.09 -13.74 -3.56
C ASN E 98 -46.14 -14.96 -3.57
N LEU E 99 -46.43 -15.93 -4.42
CA LEU E 99 -45.61 -17.13 -4.51
C LEU E 99 -44.19 -16.85 -5.00
N GLN E 100 -44.08 -15.96 -5.98
CA GLN E 100 -42.79 -15.70 -6.63
C GLN E 100 -41.73 -15.17 -5.67
N ASP E 101 -42.10 -14.21 -4.84
CA ASP E 101 -41.18 -13.68 -3.84
C ASP E 101 -40.75 -14.77 -2.86
N LEU E 102 -41.64 -15.70 -2.55
CA LEU E 102 -41.32 -16.81 -1.67
C LEU E 102 -40.32 -17.76 -2.34
N LEU E 103 -40.48 -17.94 -3.64
CA LEU E 103 -39.53 -18.70 -4.44
C LEU E 103 -38.14 -18.07 -4.34
N LEU E 104 -38.10 -16.75 -4.46
CA LEU E 104 -36.85 -16.00 -4.36
C LEU E 104 -36.22 -16.09 -2.97
N GLU E 105 -37.03 -15.80 -1.95
CA GLU E 105 -36.56 -15.79 -0.57
C GLU E 105 -35.96 -17.13 -0.15
N MET E 106 -36.48 -18.21 -0.73
CA MET E 106 -36.05 -19.57 -0.36
C MET E 106 -35.08 -20.20 -1.36
N SER E 107 -34.63 -19.43 -2.35
CA SER E 107 -33.82 -19.99 -3.44
C SER E 107 -32.46 -20.50 -2.97
N GLY E 108 -32.03 -20.07 -1.79
CA GLY E 108 -30.80 -20.56 -1.19
C GLY E 108 -30.77 -20.22 0.30
N VAL E 109 -30.76 -21.25 1.15
CA VAL E 109 -30.78 -21.03 2.60
C VAL E 109 -29.78 -21.94 3.31
N GLN E 110 -29.48 -21.62 4.57
CA GLN E 110 -28.44 -22.31 5.31
C GLN E 110 -28.93 -23.14 6.50
N ASN E 111 -29.48 -22.47 7.50
CA ASN E 111 -29.89 -23.16 8.71
C ASN E 111 -31.40 -23.32 8.81
N PHE E 112 -31.94 -24.11 7.88
CA PHE E 112 -33.39 -24.30 7.75
C PHE E 112 -33.94 -25.33 8.76
N THR E 113 -34.55 -24.84 9.83
CA THR E 113 -35.09 -25.72 10.86
C THR E 113 -36.53 -25.38 11.31
N LYS E 114 -37.38 -26.40 11.37
CA LYS E 114 -38.78 -26.25 11.74
C LYS E 114 -38.98 -25.95 13.23
N VAL E 115 -39.96 -25.09 13.53
CA VAL E 115 -40.29 -24.77 14.92
C VAL E 115 -41.79 -24.85 15.12
N LYS E 116 -42.22 -25.31 16.28
CA LYS E 116 -43.62 -25.19 16.63
C LYS E 116 -43.87 -23.76 17.08
N LEU E 117 -44.93 -23.16 16.57
CA LEU E 117 -45.19 -21.74 16.79
C LEU E 117 -46.06 -21.47 18.02
N PHE E 118 -47.09 -22.27 18.20
CA PHE E 118 -47.93 -22.18 19.38
C PHE E 118 -48.54 -23.54 19.71
N ASN E 119 -49.11 -23.66 20.89
CA ASN E 119 -49.75 -24.91 21.30
C ASN E 119 -51.26 -24.83 21.27
N PRO E 120 -51.90 -25.52 20.32
CA PRO E 120 -53.35 -25.50 20.11
C PRO E 120 -54.15 -25.97 21.33
N GLN E 121 -53.59 -26.89 22.11
CA GLN E 121 -54.30 -27.45 23.27
C GLN E 121 -54.44 -26.43 24.39
N SER E 122 -53.64 -25.38 24.35
CA SER E 122 -53.67 -24.34 25.38
C SER E 122 -54.83 -23.38 25.14
N MET E 123 -55.41 -23.46 23.94
CA MET E 123 -56.52 -22.61 23.57
C MET E 123 -57.85 -23.17 24.08
N THR E 124 -58.80 -22.28 24.37
CA THR E 124 -60.11 -22.66 24.86
C THR E 124 -61.22 -21.96 24.07
N GLY E 125 -62.45 -22.42 24.26
CA GLY E 125 -63.61 -21.86 23.58
C GLY E 125 -63.50 -21.98 22.07
N VAL E 126 -62.79 -23.00 21.62
CA VAL E 126 -62.45 -23.15 20.22
C VAL E 126 -62.15 -24.61 19.85
N THR E 127 -62.32 -24.96 18.58
CA THR E 127 -61.95 -26.27 18.06
C THR E 127 -60.70 -26.22 17.18
N THR E 128 -59.70 -27.02 17.51
CA THR E 128 -58.45 -27.01 16.76
C THR E 128 -58.24 -28.29 15.96
N ASN E 129 -57.20 -28.30 15.14
CA ASN E 129 -56.80 -29.48 14.37
C ASN E 129 -57.89 -30.09 13.50
N ASN E 130 -58.69 -29.25 12.85
CA ASN E 130 -59.75 -29.75 11.97
C ASN E 130 -59.19 -30.30 10.67
N VAL E 131 -59.88 -31.30 10.12
CA VAL E 131 -59.42 -31.97 8.93
C VAL E 131 -60.49 -31.93 7.84
N ASP E 132 -60.11 -32.31 6.63
CA ASP E 132 -61.04 -32.34 5.51
C ASP E 132 -60.63 -33.44 4.55
N GLN E 133 -61.59 -33.97 3.81
CA GLN E 133 -61.32 -35.06 2.87
C GLN E 133 -60.42 -34.64 1.71
N THR E 134 -60.43 -33.36 1.37
CA THR E 134 -59.63 -32.84 0.25
C THR E 134 -58.13 -32.84 0.55
N CYS E 135 -57.76 -32.99 1.81
CA CYS E 135 -56.37 -33.12 2.21
C CYS E 135 -56.15 -34.48 2.88
N PRO E 136 -56.20 -35.56 2.08
CA PRO E 136 -56.12 -36.91 2.64
C PRO E 136 -54.70 -37.31 3.04
N PHE E 137 -54.60 -38.15 4.06
CA PHE E 137 -53.34 -38.80 4.42
C PHE E 137 -53.65 -40.29 4.48
N GLU E 138 -53.39 -40.97 3.37
CA GLU E 138 -53.63 -42.40 3.24
C GLU E 138 -55.11 -42.75 3.43
N GLY E 139 -55.94 -42.20 2.57
CA GLY E 139 -57.37 -42.51 2.58
C GLY E 139 -58.13 -42.03 3.79
N LYS E 140 -57.52 -41.16 4.58
CA LYS E 140 -58.17 -40.58 5.74
C LYS E 140 -58.18 -39.06 5.64
N PRO E 141 -59.28 -38.43 6.06
CA PRO E 141 -59.33 -36.96 6.07
C PRO E 141 -58.27 -36.40 7.02
N SER E 142 -57.42 -35.54 6.48
CA SER E 142 -56.38 -34.90 7.28
C SER E 142 -56.31 -33.43 6.93
N PHE E 143 -55.14 -32.82 7.17
CA PHE E 143 -54.96 -31.41 6.85
C PHE E 143 -53.47 -31.12 6.74
N TYR E 144 -53.13 -29.90 6.35
CA TYR E 144 -51.74 -29.46 6.29
C TYR E 144 -51.03 -29.72 7.62
N ARG E 145 -49.79 -30.17 7.55
CA ARG E 145 -49.03 -30.51 8.75
C ARG E 145 -48.60 -29.30 9.55
N ASN E 146 -48.41 -28.18 8.86
CA ASN E 146 -47.86 -26.98 9.49
C ASN E 146 -48.90 -25.89 9.76
N LEU E 147 -50.15 -26.15 9.37
CA LEU E 147 -51.22 -25.20 9.63
C LEU E 147 -52.28 -25.84 10.53
N ASN E 148 -52.99 -25.01 11.28
CA ASN E 148 -54.04 -25.49 12.17
C ASN E 148 -55.37 -24.84 11.86
N TRP E 149 -56.34 -25.63 11.41
CA TRP E 149 -57.66 -25.11 11.11
C TRP E 149 -58.47 -24.96 12.39
N ILE E 150 -58.67 -23.71 12.80
CA ILE E 150 -59.41 -23.40 14.02
C ILE E 150 -60.86 -23.05 13.71
N GLN E 151 -61.78 -23.60 14.49
CA GLN E 151 -63.20 -23.38 14.29
C GLN E 151 -63.92 -23.19 15.63
N GLY E 152 -65.24 -22.98 15.56
CA GLY E 152 -66.11 -22.99 16.72
C GLY E 152 -65.86 -21.93 17.78
N ASN E 153 -65.36 -20.77 17.36
CA ASN E 153 -65.09 -19.68 18.28
C ASN E 153 -66.36 -18.92 18.68
N SER E 154 -67.47 -19.25 18.06
CA SER E 154 -68.78 -18.64 18.36
C SER E 154 -68.78 -17.13 18.23
N GLY E 155 -68.05 -16.62 17.25
CA GLY E 155 -67.99 -15.18 16.99
C GLY E 155 -67.06 -14.43 17.93
N LEU E 156 -66.56 -15.13 18.93
CA LEU E 156 -65.62 -14.55 19.89
C LEU E 156 -64.19 -14.54 19.34
N PRO E 157 -63.40 -13.54 19.74
CA PRO E 157 -62.01 -13.43 19.28
C PRO E 157 -61.12 -14.44 19.98
N PHE E 158 -60.10 -14.91 19.28
CA PHE E 158 -59.06 -15.75 19.86
C PHE E 158 -57.68 -15.20 19.50
N ASN E 159 -56.68 -15.50 20.32
CA ASN E 159 -55.39 -14.85 20.18
C ASN E 159 -54.22 -15.82 20.08
N ILE E 160 -53.21 -15.43 19.29
CA ILE E 160 -52.01 -16.23 19.10
C ILE E 160 -50.78 -15.34 19.11
N GLU E 161 -49.81 -15.68 19.96
CA GLU E 161 -48.57 -14.91 20.02
C GLU E 161 -47.40 -15.74 19.51
N ILE E 162 -46.75 -15.24 18.46
CA ILE E 162 -45.57 -15.90 17.90
C ILE E 162 -44.33 -15.08 18.22
N LYS E 163 -43.33 -15.72 18.79
CA LYS E 163 -42.09 -15.04 19.13
C LYS E 163 -40.92 -15.68 18.40
N ASN E 164 -40.08 -14.84 17.81
CA ASN E 164 -38.83 -15.28 17.20
C ASN E 164 -37.66 -14.76 18.02
N PRO E 165 -37.12 -15.62 18.91
CA PRO E 165 -36.04 -15.24 19.81
C PRO E 165 -34.64 -15.39 19.20
N THR E 166 -34.55 -15.98 18.00
CA THR E 166 -33.25 -16.20 17.39
C THR E 166 -32.75 -14.99 16.62
N SER E 167 -31.56 -15.11 16.03
CA SER E 167 -30.94 -14.02 15.28
C SER E 167 -31.20 -14.19 13.79
N ASN E 168 -31.97 -15.20 13.43
CA ASN E 168 -32.35 -15.44 12.03
C ASN E 168 -33.84 -15.25 11.82
N PRO E 169 -34.26 -14.88 10.60
CA PRO E 169 -35.69 -14.69 10.32
C PRO E 169 -36.48 -16.00 10.44
N LEU E 170 -37.77 -15.87 10.73
CA LEU E 170 -38.66 -17.01 10.88
C LEU E 170 -39.72 -17.01 9.79
N LEU E 171 -39.77 -18.08 9.00
CA LEU E 171 -40.71 -18.17 7.88
C LEU E 171 -42.07 -18.64 8.37
N LEU E 172 -43.11 -17.86 8.10
CA LEU E 172 -44.46 -18.20 8.52
C LEU E 172 -45.40 -18.38 7.33
N LEU E 173 -46.25 -19.40 7.40
CA LEU E 173 -47.30 -19.56 6.40
C LEU E 173 -48.63 -19.72 7.11
N TRP E 174 -49.67 -19.13 6.54
CA TRP E 174 -51.03 -19.27 7.07
C TRP E 174 -52.03 -19.16 5.94
N GLY E 175 -53.31 -19.26 6.29
CA GLY E 175 -54.36 -19.18 5.29
C GLY E 175 -55.57 -18.42 5.80
N ILE E 176 -56.37 -17.93 4.87
CA ILE E 176 -57.65 -17.32 5.20
C ILE E 176 -58.77 -18.09 4.50
N HIS E 177 -59.72 -18.59 5.28
CA HIS E 177 -60.80 -19.40 4.73
C HIS E 177 -61.89 -18.55 4.11
N ASN E 178 -62.03 -18.64 2.79
CA ASN E 178 -63.12 -17.96 2.10
C ASN E 178 -64.34 -18.87 2.00
N THR E 179 -65.29 -18.64 2.90
CA THR E 179 -66.47 -19.50 3.00
C THR E 179 -67.41 -19.31 1.81
N LYS E 180 -68.19 -20.35 1.49
CA LYS E 180 -69.02 -20.33 0.31
C LYS E 180 -70.31 -19.50 0.46
N ASP E 181 -70.85 -19.48 1.67
CA ASP E 181 -72.01 -18.63 1.96
C ASP E 181 -72.13 -18.29 3.44
N ALA E 182 -73.05 -17.39 3.76
CA ALA E 182 -73.24 -16.91 5.13
C ALA E 182 -73.58 -18.02 6.10
N ALA E 183 -74.29 -19.04 5.61
CA ALA E 183 -74.64 -20.19 6.42
C ALA E 183 -73.40 -20.92 6.93
N GLN E 184 -72.47 -21.19 6.02
CA GLN E 184 -71.21 -21.84 6.38
C GLN E 184 -70.40 -20.96 7.31
N GLN E 185 -70.42 -19.65 7.04
CA GLN E 185 -69.70 -18.69 7.86
C GLN E 185 -70.20 -18.74 9.30
N ARG E 186 -71.52 -18.69 9.48
CA ARG E 186 -72.14 -18.81 10.79
C ARG E 186 -71.86 -20.16 11.43
N ASN E 187 -72.03 -21.23 10.66
CA ASN E 187 -71.91 -22.60 11.18
C ASN E 187 -70.50 -22.93 11.67
N LEU E 188 -69.50 -22.29 11.08
CA LEU E 188 -68.11 -22.56 11.43
C LEU E 188 -67.55 -21.56 12.44
N TYR E 189 -67.95 -20.29 12.31
CA TYR E 189 -67.33 -19.24 13.10
C TYR E 189 -68.30 -18.38 13.91
N GLY E 190 -69.59 -18.65 13.76
CA GLY E 190 -70.58 -18.00 14.60
C GLY E 190 -70.78 -16.52 14.35
N ASN E 191 -70.57 -16.11 13.10
CA ASN E 191 -70.84 -14.73 12.69
C ASN E 191 -71.14 -14.68 11.20
N ASP E 192 -71.38 -13.47 10.68
CA ASP E 192 -71.61 -13.31 9.24
C ASP E 192 -70.33 -12.87 8.55
N TYR E 193 -69.39 -12.37 9.33
CA TYR E 193 -68.20 -11.71 8.82
C TYR E 193 -67.20 -11.61 9.94
N SER E 194 -65.98 -12.04 9.69
CA SER E 194 -64.94 -12.01 10.70
C SER E 194 -63.80 -11.08 10.32
N TYR E 195 -62.91 -10.83 11.28
CA TYR E 195 -61.67 -10.16 11.01
C TYR E 195 -60.52 -11.00 11.55
N THR E 196 -59.38 -10.95 10.86
CA THR E 196 -58.15 -11.53 11.39
C THR E 196 -57.06 -10.47 11.23
N ILE E 197 -56.44 -10.09 12.33
CA ILE E 197 -55.45 -9.03 12.30
C ILE E 197 -54.08 -9.49 12.77
N PHE E 198 -53.09 -9.29 11.91
CA PHE E 198 -51.70 -9.61 12.21
C PHE E 198 -51.00 -8.35 12.71
N ASN E 199 -50.41 -8.42 13.90
CA ASN E 199 -49.69 -7.28 14.45
C ASN E 199 -48.18 -7.48 14.46
N PHE E 200 -47.47 -6.59 13.78
CA PHE E 200 -46.02 -6.52 13.88
C PHE E 200 -45.66 -5.10 14.27
N GLY E 201 -45.49 -4.89 15.58
CA GLY E 201 -45.32 -3.55 16.10
C GLY E 201 -46.56 -2.75 15.79
N GLU E 202 -46.37 -1.51 15.33
CA GLU E 202 -47.50 -0.67 14.96
C GLU E 202 -48.09 -1.08 13.62
N LYS E 203 -47.33 -1.84 12.84
CA LYS E 203 -47.79 -2.28 11.53
C LYS E 203 -48.81 -3.39 11.69
N SER E 204 -49.84 -3.39 10.84
CA SER E 204 -50.87 -4.41 10.90
C SER E 204 -51.50 -4.67 9.54
N GLU E 205 -51.94 -5.91 9.33
CA GLU E 205 -52.73 -6.26 8.15
C GLU E 205 -54.03 -6.87 8.63
N GLU E 206 -55.13 -6.48 8.02
CA GLU E 206 -56.43 -7.03 8.37
C GLU E 206 -56.97 -7.94 7.28
N PHE E 207 -57.30 -9.17 7.66
CA PHE E 207 -57.83 -10.16 6.71
C PHE E 207 -59.32 -10.38 6.92
N ARG E 208 -60.06 -10.38 5.81
CA ARG E 208 -61.48 -10.62 5.84
C ARG E 208 -61.79 -11.75 4.86
N PRO E 209 -62.75 -12.61 5.22
CA PRO E 209 -63.15 -13.66 4.28
C PRO E 209 -63.86 -13.07 3.07
N ASP E 210 -63.53 -13.58 1.89
CA ASP E 210 -64.25 -13.22 0.67
C ASP E 210 -65.34 -14.24 0.42
N ILE E 211 -66.49 -14.04 1.08
CA ILE E 211 -67.58 -15.02 1.04
C ILE E 211 -68.26 -15.06 -0.32
N GLY E 212 -68.47 -16.27 -0.84
CA GLY E 212 -69.14 -16.48 -2.11
C GLY E 212 -68.91 -17.89 -2.62
N GLN E 213 -69.83 -18.37 -3.44
CA GLN E 213 -69.70 -19.71 -4.01
C GLN E 213 -68.74 -19.74 -5.18
N ARG E 214 -67.67 -20.52 -5.05
CA ARG E 214 -66.80 -20.81 -6.18
C ARG E 214 -67.31 -22.04 -6.92
N ASP E 215 -66.76 -22.29 -8.11
CA ASP E 215 -67.04 -23.52 -8.83
C ASP E 215 -66.62 -24.72 -7.97
N GLU E 216 -67.36 -25.82 -8.05
CA GLU E 216 -67.11 -26.98 -7.20
C GLU E 216 -65.90 -27.81 -7.64
N ILE E 217 -64.84 -27.76 -6.85
CA ILE E 217 -63.65 -28.55 -7.08
C ILE E 217 -63.36 -29.38 -5.83
N LYS E 218 -63.18 -30.68 -6.00
CA LYS E 218 -62.92 -31.60 -4.89
C LYS E 218 -64.00 -31.51 -3.81
N ALA E 219 -65.26 -31.38 -4.26
CA ALA E 219 -66.42 -31.24 -3.37
C ALA E 219 -66.38 -29.96 -2.55
N HIS E 220 -65.65 -28.96 -3.04
CA HIS E 220 -65.55 -27.69 -2.34
C HIS E 220 -65.96 -26.51 -3.21
N GLN E 221 -66.92 -25.73 -2.72
CA GLN E 221 -67.29 -24.48 -3.36
C GLN E 221 -66.64 -23.31 -2.63
N ASP E 222 -66.02 -23.62 -1.50
CA ASP E 222 -65.26 -22.63 -0.75
C ASP E 222 -63.77 -22.78 -1.08
N ARG E 223 -62.99 -21.78 -0.68
CA ARG E 223 -61.57 -21.77 -1.01
C ARG E 223 -60.76 -21.35 0.20
N ILE E 224 -59.44 -21.39 0.04
CA ILE E 224 -58.52 -20.85 1.04
C ILE E 224 -57.44 -20.03 0.36
N ASP E 225 -57.26 -18.79 0.80
CA ASP E 225 -56.14 -17.98 0.35
C ASP E 225 -54.95 -18.21 1.27
N TYR E 226 -53.84 -18.66 0.70
CA TYR E 226 -52.63 -18.94 1.47
C TYR E 226 -51.67 -17.76 1.44
N TYR E 227 -51.11 -17.44 2.60
CA TYR E 227 -50.19 -16.31 2.72
C TYR E 227 -48.87 -16.75 3.33
N TRP E 228 -47.84 -15.95 3.11
CA TRP E 228 -46.54 -16.21 3.74
C TRP E 228 -45.94 -14.93 4.26
N GLY E 229 -45.04 -15.06 5.23
CA GLY E 229 -44.40 -13.91 5.84
C GLY E 229 -43.08 -14.28 6.48
N SER E 230 -42.25 -13.26 6.71
CA SER E 230 -40.95 -13.46 7.34
C SER E 230 -40.87 -12.61 8.62
N LEU E 231 -40.91 -13.27 9.77
CA LEU E 231 -40.80 -12.56 11.04
C LEU E 231 -39.34 -12.39 11.38
N PRO E 232 -38.85 -11.15 11.34
CA PRO E 232 -37.42 -10.84 11.52
C PRO E 232 -36.87 -11.25 12.88
N ALA E 233 -35.55 -11.25 13.02
CA ALA E 233 -34.90 -11.65 14.25
C ALA E 233 -35.32 -10.79 15.43
N GLN E 234 -35.39 -11.40 16.60
CA GLN E 234 -35.73 -10.71 17.85
C GLN E 234 -37.06 -9.97 17.73
N SER E 235 -38.03 -10.59 17.07
CA SER E 235 -39.32 -9.95 16.86
C SER E 235 -40.48 -10.75 17.45
N THR E 236 -41.66 -10.14 17.42
CA THR E 236 -42.86 -10.77 17.94
C THR E 236 -44.05 -10.47 17.03
N LEU E 237 -44.79 -11.52 16.69
CA LEU E 237 -46.02 -11.36 15.93
C LEU E 237 -47.20 -11.71 16.83
N ARG E 238 -48.21 -10.85 16.86
CA ARG E 238 -49.43 -11.14 17.60
C ARG E 238 -50.66 -11.15 16.70
N ILE E 239 -51.46 -12.21 16.78
CA ILE E 239 -52.61 -12.38 15.92
C ILE E 239 -53.90 -12.41 16.72
N GLU E 240 -54.91 -11.68 16.26
CA GLU E 240 -56.26 -11.79 16.80
C GLU E 240 -57.25 -12.10 15.67
N SER E 241 -58.20 -12.98 15.95
CA SER E 241 -59.15 -13.39 14.92
C SER E 241 -60.52 -13.75 15.49
N THR E 242 -61.57 -13.47 14.74
CA THR E 242 -62.91 -13.90 15.11
C THR E 242 -63.40 -14.98 14.14
N GLY E 243 -62.47 -15.58 13.41
CA GLY E 243 -62.81 -16.66 12.50
C GLY E 243 -62.01 -16.68 11.21
N ASN E 244 -62.24 -17.71 10.40
CA ASN E 244 -61.66 -17.85 9.06
C ASN E 244 -60.15 -17.97 8.99
N LEU E 245 -59.51 -18.13 10.14
CA LEU E 245 -58.06 -18.22 10.20
C LEU E 245 -57.53 -19.65 10.21
N ILE E 246 -56.72 -19.98 9.20
CA ILE E 246 -55.99 -21.24 9.22
C ILE E 246 -54.62 -20.94 9.79
N ALA E 247 -54.49 -21.19 11.09
CA ALA E 247 -53.39 -20.69 11.89
C ALA E 247 -52.02 -21.31 11.57
N PRO E 248 -50.96 -20.52 11.71
CA PRO E 248 -49.59 -21.02 11.56
C PRO E 248 -49.12 -21.76 12.79
N GLU E 249 -48.98 -23.08 12.70
CA GLU E 249 -48.57 -23.88 13.84
C GLU E 249 -47.07 -24.19 13.82
N TYR E 250 -46.53 -24.42 12.63
CA TYR E 250 -45.10 -24.69 12.50
C TYR E 250 -44.46 -23.75 11.49
N GLY E 251 -43.35 -23.13 11.88
CA GLY E 251 -42.60 -22.23 11.02
C GLY E 251 -41.20 -22.73 10.77
N PHE E 252 -40.38 -21.94 10.09
CA PHE E 252 -39.01 -22.35 9.79
C PHE E 252 -37.99 -21.23 10.03
N TYR E 253 -37.13 -21.43 11.03
CA TYR E 253 -35.94 -20.58 11.16
C TYR E 253 -35.08 -20.82 9.93
N TYR E 254 -34.53 -19.77 9.36
CA TYR E 254 -33.69 -19.90 8.18
C TYR E 254 -32.72 -18.73 8.05
N LYS E 255 -31.57 -18.99 7.45
CA LYS E 255 -30.60 -17.94 7.16
C LYS E 255 -30.30 -17.96 5.66
N ARG E 256 -30.67 -16.90 4.97
CA ARG E 256 -30.52 -16.85 3.52
C ARG E 256 -29.08 -16.54 3.10
N LYS E 257 -28.57 -17.32 2.15
CA LYS E 257 -27.26 -17.08 1.57
C LYS E 257 -27.35 -15.89 0.62
N GLU E 258 -26.89 -14.72 1.08
CA GLU E 258 -27.07 -13.48 0.34
C GLU E 258 -26.52 -13.49 -1.08
N GLY E 259 -27.38 -13.12 -2.03
CA GLY E 259 -27.02 -13.06 -3.44
C GLY E 259 -26.42 -14.36 -3.95
N LYS E 260 -26.94 -15.48 -3.46
CA LYS E 260 -26.33 -16.77 -3.73
C LYS E 260 -27.35 -17.90 -3.65
N GLY E 261 -28.45 -17.75 -4.39
CA GLY E 261 -29.46 -18.79 -4.48
C GLY E 261 -29.63 -19.25 -5.91
N GLY E 262 -30.82 -19.75 -6.25
CA GLY E 262 -31.10 -20.15 -7.62
C GLY E 262 -32.38 -20.93 -7.81
N LEU E 263 -33.03 -20.70 -8.95
CA LEU E 263 -34.24 -21.45 -9.33
C LEU E 263 -34.00 -22.18 -10.65
N MET E 264 -34.07 -23.50 -10.61
CA MET E 264 -33.71 -24.31 -11.78
C MET E 264 -34.88 -25.06 -12.38
N LYS E 265 -35.24 -24.72 -13.61
CA LYS E 265 -36.24 -25.49 -14.35
C LYS E 265 -35.57 -26.42 -15.34
N SER E 266 -35.60 -27.72 -15.06
CA SER E 266 -34.96 -28.70 -15.91
C SER E 266 -35.65 -30.05 -15.78
N LYS E 267 -35.55 -30.88 -16.81
CA LYS E 267 -36.15 -32.20 -16.80
C LYS E 267 -35.19 -33.22 -16.24
N LEU E 268 -33.91 -32.85 -16.19
CA LEU E 268 -32.89 -33.71 -15.60
C LEU E 268 -33.19 -33.91 -14.13
N PRO E 269 -32.97 -35.14 -13.63
CA PRO E 269 -33.07 -35.39 -12.19
C PRO E 269 -31.78 -34.94 -11.49
N ILE E 270 -31.77 -35.01 -10.17
CA ILE E 270 -30.60 -34.63 -9.40
C ILE E 270 -29.65 -35.81 -9.24
N SER E 271 -28.38 -35.58 -9.54
CA SER E 271 -27.37 -36.62 -9.44
C SER E 271 -26.47 -36.40 -8.23
N ASP E 272 -25.67 -37.41 -7.90
CA ASP E 272 -24.73 -37.30 -6.79
C ASP E 272 -23.39 -36.78 -7.29
N CYS E 273 -23.39 -35.53 -7.76
CA CYS E 273 -22.17 -34.90 -8.23
C CYS E 273 -22.08 -33.47 -7.71
N SER E 274 -20.91 -32.85 -7.88
CA SER E 274 -20.72 -31.48 -7.45
C SER E 274 -20.06 -30.65 -8.55
N THR E 275 -20.26 -29.35 -8.50
CA THR E 275 -19.73 -28.44 -9.50
C THR E 275 -19.72 -27.03 -8.94
N LYS E 276 -19.09 -26.11 -9.66
CA LYS E 276 -19.13 -24.70 -9.26
C LYS E 276 -19.99 -23.89 -10.22
N CYS E 277 -20.44 -24.53 -11.30
CA CYS E 277 -21.29 -23.89 -12.29
C CYS E 277 -22.33 -24.85 -12.84
N GLN E 278 -23.59 -24.44 -12.84
CA GLN E 278 -24.69 -25.33 -13.21
C GLN E 278 -25.58 -24.72 -14.29
N THR E 279 -25.90 -25.51 -15.31
CA THR E 279 -26.82 -25.10 -16.37
C THR E 279 -27.97 -26.10 -16.46
N PRO E 280 -29.10 -25.70 -17.07
CA PRO E 280 -30.23 -26.61 -17.28
C PRO E 280 -29.90 -27.85 -18.10
N LEU E 281 -28.77 -27.82 -18.81
CA LEU E 281 -28.35 -28.94 -19.64
C LEU E 281 -27.31 -29.81 -18.97
N GLY E 282 -26.55 -29.22 -18.05
CA GLY E 282 -25.52 -29.95 -17.32
C GLY E 282 -24.53 -29.05 -16.62
N ALA E 283 -23.66 -29.64 -15.82
CA ALA E 283 -22.69 -28.87 -15.05
C ALA E 283 -21.43 -28.56 -15.87
N LEU E 284 -20.90 -27.35 -15.68
CA LEU E 284 -19.70 -26.91 -16.38
C LEU E 284 -18.48 -27.04 -15.48
N ASN E 285 -17.60 -27.97 -15.82
CA ASN E 285 -16.35 -28.15 -15.09
C ASN E 285 -15.21 -27.45 -15.83
N SER E 286 -15.18 -26.12 -15.76
CA SER E 286 -14.21 -25.39 -16.56
C SER E 286 -13.44 -24.29 -15.82
N THR E 287 -12.23 -24.03 -16.29
CA THR E 287 -11.42 -22.92 -15.80
C THR E 287 -11.33 -21.89 -16.90
N LEU E 288 -11.91 -22.21 -18.05
CA LEU E 288 -11.95 -21.33 -19.21
C LEU E 288 -12.85 -20.12 -18.98
N PRO E 289 -12.50 -18.98 -19.59
CA PRO E 289 -13.21 -17.72 -19.36
C PRO E 289 -14.57 -17.61 -20.04
N PHE E 290 -14.85 -18.46 -21.04
CA PHE E 290 -16.09 -18.36 -21.80
C PHE E 290 -16.73 -19.72 -22.04
N GLN E 291 -18.04 -19.71 -22.28
CA GLN E 291 -18.78 -20.94 -22.57
C GLN E 291 -19.95 -20.66 -23.51
N ASN E 292 -20.38 -21.68 -24.23
CA ASN E 292 -21.53 -21.56 -25.13
C ASN E 292 -22.56 -22.64 -24.86
N VAL E 293 -22.50 -23.22 -23.67
CA VAL E 293 -23.42 -24.28 -23.29
C VAL E 293 -24.83 -23.73 -23.06
N HIS E 294 -24.96 -22.77 -22.17
CA HIS E 294 -26.27 -22.21 -21.85
C HIS E 294 -26.16 -20.80 -21.27
N GLN E 295 -27.20 -19.99 -21.50
CA GLN E 295 -27.21 -18.63 -20.98
C GLN E 295 -27.64 -18.64 -19.52
N GLN E 296 -28.70 -19.41 -19.23
CA GLN E 296 -29.16 -19.58 -17.85
C GLN E 296 -28.15 -20.40 -17.06
N THR E 297 -27.52 -19.76 -16.07
CA THR E 297 -26.46 -20.42 -15.32
C THR E 297 -26.56 -20.07 -13.84
N ILE E 298 -25.94 -20.91 -13.00
CA ILE E 298 -25.96 -20.69 -11.56
C ILE E 298 -24.60 -21.00 -10.94
N GLY E 299 -24.04 -20.02 -10.23
CA GLY E 299 -22.76 -20.17 -9.59
C GLY E 299 -21.68 -19.37 -10.27
N ASN E 300 -20.43 -19.77 -10.06
CA ASN E 300 -19.29 -19.10 -10.69
C ASN E 300 -19.01 -19.70 -12.06
N CYS E 301 -19.43 -18.99 -13.10
CA CYS E 301 -19.47 -19.57 -14.44
C CYS E 301 -18.79 -18.68 -15.47
N PRO E 302 -18.29 -19.31 -16.56
CA PRO E 302 -17.73 -18.56 -17.67
C PRO E 302 -18.83 -17.77 -18.37
N LYS E 303 -18.49 -16.62 -18.94
CA LYS E 303 -19.48 -15.80 -19.65
C LYS E 303 -20.03 -16.55 -20.86
N TYR E 304 -21.32 -16.39 -21.10
CA TYR E 304 -21.95 -17.02 -22.25
C TYR E 304 -21.65 -16.19 -23.48
N VAL E 305 -21.21 -16.85 -24.55
CA VAL E 305 -21.00 -16.16 -25.82
C VAL E 305 -21.68 -16.89 -26.97
N LYS E 306 -22.00 -16.14 -28.02
CA LYS E 306 -22.66 -16.71 -29.18
C LYS E 306 -21.63 -17.11 -30.22
N ALA E 307 -20.75 -18.04 -29.85
CA ALA E 307 -19.68 -18.48 -30.74
C ALA E 307 -19.46 -19.99 -30.67
N THR E 308 -19.03 -20.56 -31.79
CA THR E 308 -18.85 -22.01 -31.91
C THR E 308 -17.48 -22.46 -31.44
N SER E 309 -16.52 -21.54 -31.45
CA SER E 309 -15.14 -21.83 -31.05
C SER E 309 -14.37 -20.54 -30.81
N LEU E 310 -13.36 -20.62 -29.96
CA LEU E 310 -12.47 -19.49 -29.72
C LEU E 310 -11.03 -19.95 -29.70
N MET E 311 -10.49 -20.25 -30.88
CA MET E 311 -9.14 -20.79 -30.99
C MET E 311 -8.07 -19.70 -30.87
N LEU E 312 -7.28 -19.79 -29.81
CA LEU E 312 -6.23 -18.83 -29.54
C LEU E 312 -4.90 -19.42 -30.00
N ALA E 313 -4.32 -18.81 -31.03
CA ALA E 313 -3.04 -19.28 -31.56
C ALA E 313 -1.94 -19.18 -30.52
N THR E 314 -1.24 -20.29 -30.29
CA THR E 314 -0.07 -20.28 -29.42
C THR E 314 1.17 -20.54 -30.26
N GLY E 315 1.03 -21.44 -31.23
CA GLY E 315 2.15 -21.86 -32.04
C GLY E 315 2.50 -20.91 -33.17
N LEU E 316 3.26 -21.41 -34.12
CA LEU E 316 3.75 -20.59 -35.23
C LEU E 316 2.89 -20.81 -36.46
N ARG E 317 3.02 -19.92 -37.44
CA ARG E 317 2.40 -20.13 -38.74
C ARG E 317 2.97 -21.42 -39.31
N ASN E 318 2.08 -22.32 -39.71
CA ASN E 318 2.50 -23.65 -40.11
C ASN E 318 2.54 -23.85 -41.62
N ASN E 319 3.42 -23.11 -42.29
CA ASN E 319 3.64 -23.31 -43.71
C ASN E 319 5.01 -23.91 -44.00
N PRO E 320 5.08 -25.24 -44.14
CA PRO E 320 6.33 -25.96 -44.39
C PRO E 320 6.93 -25.62 -45.75
N ALA F 1 16.65 -27.10 -45.29
CA ALA F 1 17.42 -26.96 -46.52
C ALA F 1 17.59 -25.49 -46.88
N GLY F 2 17.16 -24.61 -45.97
CA GLY F 2 17.32 -23.19 -46.16
C GLY F 2 16.03 -22.41 -46.25
N PHE F 3 15.42 -22.10 -45.11
CA PHE F 3 14.11 -21.44 -45.12
C PHE F 3 14.00 -20.00 -44.63
N ILE F 4 13.53 -19.84 -43.38
CA ILE F 4 12.92 -18.58 -42.89
C ILE F 4 11.81 -18.01 -43.78
N GLU F 5 11.85 -18.34 -45.06
CA GLU F 5 10.74 -18.13 -45.95
C GLU F 5 10.12 -19.52 -46.16
N GLY F 6 9.52 -20.03 -45.10
CA GLY F 6 9.03 -21.40 -45.07
C GLY F 6 9.36 -22.03 -43.73
N GLY F 7 8.60 -23.05 -43.36
CA GLY F 7 8.80 -23.73 -42.08
C GLY F 7 9.54 -25.04 -42.22
N TRP F 8 10.31 -25.38 -41.19
CA TRP F 8 11.13 -26.60 -41.22
C TRP F 8 10.42 -27.80 -40.62
N GLN F 9 9.82 -28.62 -41.48
CA GLN F 9 9.29 -29.89 -41.06
C GLN F 9 10.46 -30.78 -40.67
N GLY F 10 10.60 -31.02 -39.37
CA GLY F 10 11.72 -31.80 -38.88
C GLY F 10 12.74 -30.93 -38.16
N MET F 11 12.28 -29.79 -37.66
CA MET F 11 13.09 -28.94 -36.80
C MET F 11 13.17 -29.63 -35.46
N ILE F 12 12.00 -29.81 -34.85
CA ILE F 12 11.83 -30.43 -33.52
C ILE F 12 12.66 -29.76 -32.42
N ASP F 13 12.39 -30.15 -31.18
CA ASP F 13 13.14 -29.67 -30.01
C ASP F 13 13.02 -28.17 -29.74
N GLY F 14 12.30 -27.45 -30.60
CA GLY F 14 12.14 -26.02 -30.43
C GLY F 14 11.38 -25.33 -31.54
N TRP F 15 11.00 -24.08 -31.27
CA TRP F 15 10.25 -23.26 -32.21
C TRP F 15 11.19 -22.61 -33.22
N TYR F 16 12.25 -22.00 -32.72
CA TYR F 16 13.21 -21.29 -33.55
C TYR F 16 14.56 -21.99 -33.51
N GLY F 17 15.13 -22.28 -34.68
CA GLY F 17 16.38 -23.03 -34.72
C GLY F 17 17.31 -22.72 -35.87
N TYR F 18 18.34 -23.55 -36.01
CA TYR F 18 19.33 -23.39 -37.07
C TYR F 18 19.43 -24.66 -37.91
N HIS F 19 19.93 -24.50 -39.13
CA HIS F 19 20.28 -25.64 -39.97
C HIS F 19 21.60 -25.34 -40.64
N HIS F 20 22.60 -26.18 -40.38
CA HIS F 20 23.94 -25.93 -40.92
C HIS F 20 24.32 -26.94 -42.00
N GLU F 21 25.30 -26.56 -42.82
CA GLU F 21 25.84 -27.43 -43.84
C GLU F 21 27.35 -27.21 -43.95
N ASN F 22 28.12 -28.24 -43.65
CA ASN F 22 29.57 -28.17 -43.81
C ASN F 22 30.19 -29.51 -44.17
N GLN F 23 31.51 -29.61 -43.97
CA GLN F 23 32.28 -30.78 -44.35
C GLN F 23 31.91 -32.04 -43.56
N GLU F 24 31.53 -31.87 -42.30
CA GLU F 24 31.21 -33.01 -41.44
C GLU F 24 29.77 -33.51 -41.63
N GLY F 25 28.90 -32.64 -42.11
CA GLY F 25 27.52 -33.02 -42.39
C GLY F 25 26.50 -31.92 -42.16
N SER F 26 25.22 -32.31 -42.18
CA SER F 26 24.12 -31.38 -41.99
C SER F 26 23.40 -31.68 -40.67
N GLY F 27 22.49 -30.79 -40.27
CA GLY F 27 21.72 -31.00 -39.06
C GLY F 27 20.97 -29.78 -38.55
N TYR F 28 19.86 -30.04 -37.87
CA TYR F 28 19.07 -28.98 -37.25
C TYR F 28 19.40 -28.85 -35.77
N ALA F 29 19.30 -27.64 -35.25
CA ALA F 29 19.51 -27.41 -33.84
C ALA F 29 18.65 -26.24 -33.38
N ALA F 30 17.82 -26.47 -32.37
CA ALA F 30 16.92 -25.45 -31.86
C ALA F 30 17.64 -24.50 -30.91
N ASP F 31 17.34 -23.21 -31.02
CA ASP F 31 17.82 -22.24 -30.06
C ASP F 31 16.92 -22.32 -28.83
N LYS F 32 17.35 -23.12 -27.86
CA LYS F 32 16.52 -23.44 -26.69
C LYS F 32 16.12 -22.24 -25.82
N GLU F 33 17.05 -21.31 -25.56
CA GLU F 33 16.77 -20.20 -24.66
C GLU F 33 15.88 -19.13 -25.29
N ALA F 34 15.91 -19.04 -26.61
CA ALA F 34 15.03 -18.12 -27.33
C ALA F 34 13.65 -18.75 -27.49
N THR F 35 13.63 -20.07 -27.64
CA THR F 35 12.37 -20.80 -27.69
C THR F 35 11.68 -20.75 -26.34
N GLN F 36 12.44 -20.95 -25.28
CA GLN F 36 11.89 -20.96 -23.93
C GLN F 36 11.41 -19.57 -23.50
N LYS F 37 12.02 -18.53 -24.06
CA LYS F 37 11.60 -17.16 -23.77
C LYS F 37 10.25 -16.86 -24.40
N ALA F 38 10.02 -17.42 -25.59
CA ALA F 38 8.75 -17.25 -26.29
C ALA F 38 7.68 -18.14 -25.68
N VAL F 39 8.07 -19.35 -25.28
CA VAL F 39 7.16 -20.29 -24.64
C VAL F 39 6.64 -19.69 -23.33
N ASP F 40 7.54 -19.06 -22.58
CA ASP F 40 7.16 -18.38 -21.35
C ASP F 40 6.18 -17.24 -21.64
N ALA F 41 6.53 -16.40 -22.61
CA ALA F 41 5.72 -15.23 -22.94
C ALA F 41 4.33 -15.59 -23.47
N ILE F 42 4.25 -16.61 -24.31
CA ILE F 42 2.98 -17.08 -24.83
C ILE F 42 2.13 -17.71 -23.73
N THR F 43 2.77 -18.55 -22.92
CA THR F 43 2.12 -19.15 -21.75
C THR F 43 1.48 -18.08 -20.85
N ASN F 44 2.21 -16.99 -20.63
CA ASN F 44 1.72 -15.89 -19.83
C ASN F 44 0.54 -15.19 -20.49
N LYS F 45 0.56 -15.09 -21.81
CA LYS F 45 -0.53 -14.44 -22.53
C LYS F 45 -1.82 -15.26 -22.45
N VAL F 46 -1.70 -16.57 -22.68
CA VAL F 46 -2.85 -17.45 -22.62
C VAL F 46 -3.41 -17.46 -21.21
N ASN F 47 -2.52 -17.52 -20.22
CA ASN F 47 -2.93 -17.49 -18.83
C ASN F 47 -3.62 -16.18 -18.42
N SER F 48 -3.14 -15.06 -18.96
CA SER F 48 -3.74 -13.76 -18.68
C SER F 48 -5.18 -13.71 -19.19
N ILE F 49 -5.39 -14.14 -20.43
CA ILE F 49 -6.70 -14.15 -21.04
C ILE F 49 -7.66 -15.07 -20.27
N ILE F 50 -7.11 -16.15 -19.72
CA ILE F 50 -7.91 -17.13 -18.99
C ILE F 50 -8.08 -16.81 -17.50
N ASP F 51 -6.98 -16.53 -16.81
CA ASP F 51 -7.01 -16.36 -15.35
C ASP F 51 -7.61 -15.04 -14.87
N LYS F 52 -7.67 -14.04 -15.74
CA LYS F 52 -8.16 -12.73 -15.34
C LYS F 52 -9.68 -12.64 -15.30
N MET F 53 -10.36 -13.73 -15.67
CA MET F 53 -11.81 -13.81 -15.55
C MET F 53 -12.15 -14.49 -14.23
N ASN F 54 -12.80 -13.76 -13.33
CA ASN F 54 -13.01 -14.22 -11.96
C ASN F 54 -14.48 -14.18 -11.54
N SER F 55 -15.36 -14.30 -12.52
CA SER F 55 -16.82 -14.09 -12.38
C SER F 55 -17.48 -14.38 -11.02
N GLN F 56 -18.39 -13.48 -10.63
CA GLN F 56 -19.11 -13.56 -9.37
C GLN F 56 -20.01 -14.80 -9.31
N PHE F 57 -20.58 -15.06 -8.14
CA PHE F 57 -21.68 -16.03 -8.03
C PHE F 57 -22.92 -15.30 -8.54
N GLU F 58 -23.58 -15.91 -9.52
CA GLU F 58 -24.71 -15.31 -10.21
C GLU F 58 -25.69 -16.42 -10.52
N SER F 59 -26.98 -16.12 -10.39
CA SER F 59 -28.03 -17.09 -10.73
C SER F 59 -28.99 -16.48 -11.74
N ASN F 60 -29.35 -17.22 -12.77
CA ASN F 60 -30.26 -16.74 -13.80
C ASN F 60 -31.65 -17.39 -13.76
N ILE F 61 -32.69 -16.55 -13.87
CA ILE F 61 -34.07 -17.02 -13.88
C ILE F 61 -34.80 -16.53 -15.13
N LYS F 62 -35.41 -17.45 -15.88
CA LYS F 62 -36.31 -17.06 -16.95
C LYS F 62 -37.67 -17.71 -16.78
N GLU F 63 -37.70 -18.79 -16.02
CA GLU F 63 -38.97 -19.40 -15.62
C GLU F 63 -39.72 -18.43 -14.73
N PHE F 64 -40.83 -17.90 -15.25
CA PHE F 64 -41.62 -16.90 -14.54
C PHE F 64 -42.99 -16.74 -15.20
N ASN F 65 -43.95 -16.24 -14.43
CA ASN F 65 -45.31 -16.04 -14.94
C ASN F 65 -45.46 -14.82 -15.83
N ARG F 66 -46.69 -14.33 -15.94
CA ARG F 66 -46.99 -13.16 -16.77
C ARG F 66 -46.88 -11.86 -15.98
N LEU F 67 -47.70 -11.75 -14.93
CA LEU F 67 -48.02 -10.46 -14.30
C LEU F 67 -46.87 -9.56 -13.84
N GLU F 68 -45.63 -9.97 -14.02
CA GLU F 68 -44.50 -9.07 -13.81
C GLU F 68 -43.80 -8.79 -15.13
N LEU F 69 -44.49 -9.13 -16.21
CA LEU F 69 -44.07 -8.93 -17.61
C LEU F 69 -43.02 -7.84 -17.83
N ARG F 70 -43.24 -6.69 -17.19
CA ARG F 70 -42.31 -5.58 -17.25
C ARG F 70 -40.92 -6.00 -16.80
N ILE F 71 -40.86 -6.68 -15.65
CA ILE F 71 -39.59 -7.13 -15.10
C ILE F 71 -38.94 -8.16 -16.02
N GLN F 72 -39.74 -9.04 -16.59
CA GLN F 72 -39.22 -10.10 -17.46
C GLN F 72 -38.70 -9.55 -18.78
N HIS F 73 -39.27 -8.42 -19.20
CA HIS F 73 -38.82 -7.73 -20.40
C HIS F 73 -37.42 -7.17 -20.19
N LEU F 74 -37.23 -6.48 -19.06
CA LEU F 74 -35.95 -5.87 -18.74
C LEU F 74 -34.88 -6.95 -18.53
N SER F 75 -35.26 -8.03 -17.85
CA SER F 75 -34.35 -9.14 -17.58
C SER F 75 -33.86 -9.78 -18.87
N ASP F 76 -34.75 -9.87 -19.86
CA ASP F 76 -34.40 -10.46 -21.15
C ASP F 76 -33.57 -9.48 -21.96
N ARG F 77 -33.87 -8.19 -21.82
CA ARG F 77 -33.09 -7.15 -22.47
C ARG F 77 -31.66 -7.20 -21.96
N VAL F 78 -31.51 -7.28 -20.64
CA VAL F 78 -30.21 -7.36 -20.00
C VAL F 78 -29.41 -8.58 -20.47
N ASP F 79 -30.05 -9.74 -20.48
CA ASP F 79 -29.43 -10.97 -20.95
C ASP F 79 -28.86 -10.80 -22.35
N ASP F 80 -29.67 -10.28 -23.26
CA ASP F 80 -29.27 -10.12 -24.64
C ASP F 80 -28.21 -9.04 -24.83
N ALA F 81 -28.27 -7.99 -24.01
CA ALA F 81 -27.28 -6.93 -24.06
C ALA F 81 -25.93 -7.49 -23.63
N LEU F 82 -25.93 -8.22 -22.52
CA LEU F 82 -24.75 -8.90 -22.02
C LEU F 82 -24.18 -9.88 -23.06
N LEU F 83 -25.07 -10.57 -23.76
CA LEU F 83 -24.66 -11.55 -24.74
C LEU F 83 -23.91 -10.90 -25.90
N ASP F 84 -24.46 -9.79 -26.40
CA ASP F 84 -23.85 -9.06 -27.50
C ASP F 84 -22.48 -8.50 -27.11
N ILE F 85 -22.38 -8.02 -25.87
CA ILE F 85 -21.13 -7.44 -25.39
C ILE F 85 -20.01 -8.47 -25.32
N TRP F 86 -20.28 -9.61 -24.68
CA TRP F 86 -19.27 -10.64 -24.51
C TRP F 86 -18.93 -11.37 -25.81
N SER F 87 -19.94 -11.58 -26.66
CA SER F 87 -19.71 -12.23 -27.93
C SER F 87 -18.82 -11.40 -28.84
N TYR F 88 -19.15 -10.12 -28.99
CA TYR F 88 -18.45 -9.23 -29.90
C TYR F 88 -17.03 -8.95 -29.42
N ASN F 89 -16.89 -8.71 -28.11
CA ASN F 89 -15.59 -8.41 -27.52
C ASN F 89 -14.63 -9.60 -27.56
N THR F 90 -15.17 -10.80 -27.36
CA THR F 90 -14.33 -11.98 -27.34
C THR F 90 -13.85 -12.36 -28.74
N GLU F 91 -14.76 -12.25 -29.71
CA GLU F 91 -14.42 -12.48 -31.11
C GLU F 91 -13.25 -11.59 -31.51
N LEU F 92 -13.42 -10.28 -31.33
CA LEU F 92 -12.38 -9.32 -31.66
C LEU F 92 -11.09 -9.54 -30.89
N LEU F 93 -11.21 -9.88 -29.61
CA LEU F 93 -10.05 -10.17 -28.79
C LEU F 93 -9.22 -11.33 -29.37
N VAL F 94 -9.92 -12.40 -29.75
CA VAL F 94 -9.24 -13.59 -30.26
C VAL F 94 -8.62 -13.33 -31.63
N LEU F 95 -9.32 -12.57 -32.46
CA LEU F 95 -8.80 -12.20 -33.77
C LEU F 95 -7.55 -11.34 -33.63
N LEU F 96 -7.60 -10.39 -32.69
CA LEU F 96 -6.48 -9.48 -32.48
C LEU F 96 -5.24 -10.18 -31.93
N GLU F 97 -5.43 -10.98 -30.89
CA GLU F 97 -4.31 -11.67 -30.24
C GLU F 97 -3.65 -12.70 -31.16
N ASN F 98 -4.43 -13.31 -32.04
CA ASN F 98 -3.87 -14.24 -33.01
C ASN F 98 -2.95 -13.54 -34.01
N GLU F 99 -3.35 -12.36 -34.47
CA GLU F 99 -2.57 -11.57 -35.39
C GLU F 99 -1.24 -11.14 -34.76
N ARG F 100 -1.30 -10.80 -33.48
CA ARG F 100 -0.12 -10.33 -32.76
C ARG F 100 0.79 -11.47 -32.35
N THR F 101 0.20 -12.62 -32.03
CA THR F 101 0.98 -13.81 -31.70
C THR F 101 1.81 -14.25 -32.91
N LEU F 102 1.19 -14.21 -34.08
CA LEU F 102 1.88 -14.56 -35.32
C LEU F 102 3.00 -13.57 -35.62
N ASP F 103 2.76 -12.30 -35.32
CA ASP F 103 3.78 -11.27 -35.48
C ASP F 103 4.88 -11.41 -34.45
N PHE F 104 4.51 -11.97 -33.29
CA PHE F 104 5.45 -12.20 -32.21
C PHE F 104 6.48 -13.27 -32.57
N HIS F 105 6.01 -14.33 -33.22
CA HIS F 105 6.90 -15.41 -33.66
C HIS F 105 7.81 -14.95 -34.79
N ASP F 106 7.26 -14.13 -35.69
CA ASP F 106 8.03 -13.58 -36.81
C ASP F 106 9.19 -12.73 -36.32
N ALA F 107 8.89 -11.85 -35.36
CA ALA F 107 9.89 -10.96 -34.80
C ALA F 107 10.99 -11.74 -34.11
N ASN F 108 10.64 -12.90 -33.58
CA ASN F 108 11.59 -13.74 -32.87
C ASN F 108 12.60 -14.44 -33.80
N VAL F 109 12.12 -15.00 -34.90
CA VAL F 109 13.03 -15.61 -35.87
C VAL F 109 13.81 -14.54 -36.62
N LYS F 110 13.29 -13.32 -36.64
CA LYS F 110 13.95 -12.24 -37.35
C LYS F 110 15.10 -11.67 -36.53
N ASN F 111 14.91 -11.63 -35.22
CA ASN F 111 15.97 -11.16 -34.33
C ASN F 111 17.07 -12.20 -34.18
N LEU F 112 16.70 -13.47 -34.33
CA LEU F 112 17.65 -14.55 -34.28
C LEU F 112 18.56 -14.43 -35.50
N PHE F 113 17.94 -14.07 -36.63
CA PHE F 113 18.65 -13.88 -37.89
C PHE F 113 19.59 -12.68 -37.82
N GLU F 114 19.13 -11.60 -37.17
CA GLU F 114 19.92 -10.39 -37.05
C GLU F 114 21.10 -10.53 -36.11
N LYS F 115 20.96 -11.41 -35.11
CA LYS F 115 22.05 -11.69 -34.20
C LYS F 115 23.18 -12.42 -34.92
N VAL F 116 22.81 -13.41 -35.74
CA VAL F 116 23.80 -14.16 -36.50
C VAL F 116 24.50 -13.26 -37.51
N LYS F 117 23.73 -12.38 -38.13
CA LYS F 117 24.25 -11.46 -39.13
C LYS F 117 25.31 -10.52 -38.53
N ALA F 118 25.04 -10.02 -37.34
CA ALA F 118 25.92 -9.06 -36.67
C ALA F 118 27.24 -9.68 -36.22
N GLN F 119 27.29 -11.01 -36.15
CA GLN F 119 28.52 -11.70 -35.83
C GLN F 119 29.37 -11.89 -37.09
N LEU F 120 28.74 -12.45 -38.11
CA LEU F 120 29.44 -12.84 -39.33
C LEU F 120 29.92 -11.63 -40.12
N LYS F 121 29.08 -10.61 -40.21
CA LYS F 121 29.39 -9.41 -40.99
C LYS F 121 29.78 -9.78 -42.43
N ASP F 122 30.86 -9.18 -42.93
CA ASP F 122 31.28 -9.42 -44.30
C ASP F 122 32.03 -10.73 -44.51
N ASN F 123 32.10 -11.56 -43.46
CA ASN F 123 32.71 -12.88 -43.57
C ASN F 123 31.74 -13.90 -44.15
N ALA F 124 30.56 -13.42 -44.54
CA ALA F 124 29.51 -14.28 -45.08
C ALA F 124 28.59 -13.52 -46.04
N ILE F 125 27.94 -14.25 -46.93
CA ILE F 125 27.02 -13.64 -47.89
C ILE F 125 25.57 -13.97 -47.56
N ASP F 126 24.78 -12.92 -47.34
CA ASP F 126 23.35 -13.05 -47.13
C ASP F 126 22.71 -13.55 -48.42
N GLU F 127 22.20 -14.78 -48.39
CA GLU F 127 21.54 -15.35 -49.57
C GLU F 127 20.11 -14.83 -49.72
N GLY F 128 19.68 -14.00 -48.78
CA GLY F 128 18.37 -13.39 -48.84
C GLY F 128 17.24 -14.33 -48.46
N ASN F 129 17.58 -15.57 -48.14
CA ASN F 129 16.58 -16.56 -47.75
C ASN F 129 16.84 -17.07 -46.33
N GLY F 130 17.28 -16.17 -45.46
CA GLY F 130 17.55 -16.53 -44.08
C GLY F 130 18.73 -17.45 -43.92
N CYS F 131 19.58 -17.49 -44.94
CA CYS F 131 20.79 -18.30 -44.91
C CYS F 131 22.02 -17.44 -45.09
N PHE F 132 23.12 -17.87 -44.49
CA PHE F 132 24.40 -17.19 -44.63
C PHE F 132 25.42 -18.09 -45.30
N LEU F 133 25.86 -17.70 -46.49
CA LEU F 133 26.91 -18.41 -47.18
C LEU F 133 28.24 -17.93 -46.62
N LEU F 134 28.90 -18.78 -45.84
CA LEU F 134 30.16 -18.40 -45.20
C LEU F 134 31.33 -18.36 -46.18
N LEU F 135 32.11 -17.30 -46.11
CA LEU F 135 33.22 -17.07 -47.03
C LEU F 135 34.50 -17.72 -46.55
N HIS F 136 34.37 -18.71 -45.66
CA HIS F 136 35.52 -19.44 -45.15
C HIS F 136 35.11 -20.86 -44.79
N LYS F 137 35.98 -21.56 -44.07
CA LYS F 137 35.67 -22.90 -43.61
C LYS F 137 35.10 -22.86 -42.20
N CYS F 138 34.02 -23.60 -42.00
CA CYS F 138 33.31 -23.60 -40.72
C CYS F 138 33.01 -25.02 -40.28
N ASN F 139 33.92 -25.61 -39.52
CA ASN F 139 33.68 -26.94 -38.95
C ASN F 139 32.60 -26.89 -37.88
N ASN F 140 32.27 -28.04 -37.31
CA ASN F 140 31.21 -28.11 -36.30
C ASN F 140 31.51 -27.26 -35.08
N SER F 141 32.79 -27.05 -34.80
CA SER F 141 33.23 -26.21 -33.70
C SER F 141 32.97 -24.74 -34.03
N CYS F 142 33.04 -24.42 -35.32
CA CYS F 142 32.77 -23.06 -35.79
C CYS F 142 31.27 -22.78 -35.75
N MET F 143 30.49 -23.78 -36.16
CA MET F 143 29.04 -23.66 -36.18
C MET F 143 28.48 -23.43 -34.78
N ASP F 144 29.04 -24.15 -33.81
CA ASP F 144 28.60 -24.05 -32.43
C ASP F 144 29.00 -22.71 -31.82
N ASP F 145 30.05 -22.10 -32.36
CA ASP F 145 30.47 -20.78 -31.90
C ASP F 145 29.47 -19.72 -32.35
N ILE F 146 28.89 -19.96 -33.52
CA ILE F 146 27.89 -19.06 -34.08
C ILE F 146 26.57 -19.21 -33.34
N LYS F 147 26.17 -20.46 -33.11
CA LYS F 147 24.93 -20.75 -32.39
C LYS F 147 24.98 -20.28 -30.94
N ASN F 148 26.19 -20.06 -30.44
CA ASN F 148 26.39 -19.63 -29.07
C ASN F 148 26.74 -18.15 -28.96
N GLY F 149 26.66 -17.44 -30.09
CA GLY F 149 26.99 -16.02 -30.10
C GLY F 149 28.40 -15.72 -29.62
N THR F 150 29.33 -16.60 -29.98
CA THR F 150 30.72 -16.47 -29.54
C THR F 150 31.68 -16.43 -30.74
N TYR F 151 31.11 -16.49 -31.94
CA TYR F 151 31.88 -16.43 -33.18
C TYR F 151 32.75 -15.16 -33.25
N LYS F 152 34.05 -15.35 -33.41
CA LYS F 152 34.96 -14.21 -33.50
C LYS F 152 35.27 -13.79 -34.94
N TYR F 153 34.96 -12.53 -35.23
CA TYR F 153 35.05 -11.96 -36.56
C TYR F 153 36.46 -12.00 -37.16
N MET F 154 37.43 -11.50 -36.39
CA MET F 154 38.81 -11.40 -36.87
C MET F 154 39.48 -12.75 -37.14
N ASP F 155 39.04 -13.78 -36.44
CA ASP F 155 39.63 -15.11 -36.57
C ASP F 155 39.40 -15.74 -37.95
N TYR F 156 38.56 -15.11 -38.76
CA TYR F 156 38.27 -15.63 -40.09
C TYR F 156 38.27 -14.51 -41.15
N ARG F 157 38.65 -13.31 -40.74
CA ARG F 157 38.61 -12.13 -41.61
C ARG F 157 39.44 -12.29 -42.87
N GLU F 158 40.72 -12.60 -42.70
CA GLU F 158 41.65 -12.73 -43.82
C GLU F 158 41.21 -13.80 -44.83
N GLU F 159 40.89 -14.99 -44.33
CA GLU F 159 40.44 -16.09 -45.19
C GLU F 159 39.18 -15.72 -45.98
N SER F 160 38.32 -14.92 -45.37
CA SER F 160 37.10 -14.47 -46.03
C SER F 160 37.40 -13.42 -47.10
N HIS F 161 38.25 -12.45 -46.77
CA HIS F 161 38.64 -11.42 -47.72
C HIS F 161 39.28 -12.04 -48.96
N ILE F 162 40.06 -13.09 -48.76
CA ILE F 162 40.68 -13.79 -49.87
C ILE F 162 39.61 -14.42 -50.75
N GLU F 163 38.69 -15.14 -50.12
CA GLU F 163 37.64 -15.86 -50.83
C GLU F 163 36.73 -14.93 -51.64
N LYS F 164 36.52 -13.72 -51.15
CA LYS F 164 35.64 -12.78 -51.84
C LYS F 164 36.33 -12.20 -53.08
N GLN F 165 37.62 -11.91 -52.97
CA GLN F 165 38.38 -11.41 -54.12
C GLN F 165 38.33 -12.40 -55.26
N LYS F 166 38.32 -13.69 -54.92
CA LYS F 166 38.21 -14.76 -55.89
C LYS F 166 36.89 -14.64 -56.63
N ILE F 167 35.86 -14.27 -55.88
CA ILE F 167 34.51 -14.12 -56.40
C ILE F 167 34.38 -12.88 -57.27
N ASP F 168 35.15 -11.85 -56.93
CA ASP F 168 35.10 -10.57 -57.64
C ASP F 168 35.94 -10.52 -58.91
N GLY F 169 36.41 -11.69 -59.36
CA GLY F 169 37.21 -11.77 -60.57
C GLY F 169 38.67 -11.46 -60.31
N VAL F 170 39.55 -12.35 -60.77
CA VAL F 170 40.98 -12.20 -60.56
C VAL F 170 41.78 -12.08 -61.85
N GLU F 171 41.10 -11.75 -62.94
CA GLU F 171 41.76 -11.64 -64.24
C GLU F 171 41.39 -10.34 -64.97
N GLN G 1 71.13 -9.31 -26.36
CA GLN G 1 71.33 -8.63 -25.08
C GLN G 1 70.56 -9.31 -23.94
N ASP G 2 71.11 -9.22 -22.73
CA ASP G 2 70.52 -9.89 -21.57
C ASP G 2 69.86 -8.93 -20.59
N ARG G 3 68.57 -9.14 -20.34
CA ARG G 3 67.84 -8.29 -19.40
C ARG G 3 67.08 -9.07 -18.35
N ILE G 4 67.13 -8.59 -17.12
CA ILE G 4 66.25 -9.10 -16.07
C ILE G 4 65.26 -7.99 -15.71
N CYS G 5 64.02 -8.37 -15.41
CA CYS G 5 62.97 -7.41 -15.10
C CYS G 5 62.26 -7.74 -13.80
N ILE G 6 61.98 -6.71 -13.00
CA ILE G 6 61.17 -6.86 -11.79
C ILE G 6 59.75 -6.44 -12.12
N GLY G 7 58.79 -7.33 -11.85
CA GLY G 7 57.40 -7.04 -12.18
C GLY G 7 56.39 -7.72 -11.29
N TYR G 8 55.12 -7.62 -11.67
CA TYR G 8 54.04 -8.14 -10.84
C TYR G 8 52.86 -8.69 -11.64
N GLN G 9 52.05 -9.51 -10.97
CA GLN G 9 51.00 -10.30 -11.63
C GLN G 9 49.80 -9.49 -12.15
N ALA G 10 49.33 -9.87 -13.33
CA ALA G 10 48.07 -9.39 -13.88
C ALA G 10 47.27 -10.59 -14.36
N ASN G 11 45.94 -10.49 -14.33
CA ASN G 11 45.09 -11.60 -14.74
C ASN G 11 43.80 -11.17 -15.45
N GLN G 12 42.91 -12.13 -15.67
CA GLN G 12 41.64 -11.86 -16.35
C GLN G 12 40.49 -11.66 -15.36
N ASN G 13 40.77 -10.96 -14.26
CA ASN G 13 39.75 -10.70 -13.26
C ASN G 13 39.04 -9.37 -13.54
N ASN G 14 37.72 -9.39 -13.53
CA ASN G 14 36.94 -8.19 -13.85
C ASN G 14 36.47 -7.40 -12.64
N GLN G 15 37.00 -7.75 -11.46
CA GLN G 15 36.66 -7.06 -10.23
C GLN G 15 37.29 -5.68 -10.16
N THR G 16 36.52 -4.72 -9.68
CA THR G 16 37.03 -3.38 -9.43
C THR G 16 36.72 -2.96 -7.99
N VAL G 17 37.61 -2.18 -7.41
CA VAL G 17 37.36 -1.63 -6.08
C VAL G 17 37.49 -0.12 -6.11
N ASN G 18 36.95 0.53 -5.08
CA ASN G 18 37.13 1.95 -4.91
C ASN G 18 38.12 2.21 -3.77
N THR G 19 38.86 3.31 -3.87
CA THR G 19 39.73 3.73 -2.79
C THR G 19 39.47 5.18 -2.48
N LEU G 20 40.13 5.66 -1.43
CA LEU G 20 39.99 7.04 -1.00
C LEU G 20 40.57 7.99 -2.05
N LEU G 21 41.34 7.46 -2.99
CA LEU G 21 42.02 8.27 -3.99
C LEU G 21 41.47 8.06 -5.40
N GLU G 22 41.14 6.82 -5.73
CA GLU G 22 40.63 6.50 -7.05
C GLU G 22 39.39 5.62 -6.96
N GLN G 23 38.57 5.65 -8.00
CA GLN G 23 37.39 4.80 -8.04
C GLN G 23 37.40 3.87 -9.25
N ASN G 24 36.80 2.70 -9.07
CA ASN G 24 36.77 1.66 -10.10
C ASN G 24 38.15 1.26 -10.58
N VAL G 25 39.02 0.93 -9.64
CA VAL G 25 40.35 0.42 -9.97
C VAL G 25 40.28 -1.10 -10.11
N PRO G 26 40.60 -1.61 -11.31
CA PRO G 26 40.62 -3.06 -11.55
C PRO G 26 41.66 -3.75 -10.67
N VAL G 27 41.33 -4.91 -10.15
CA VAL G 27 42.23 -5.66 -9.28
C VAL G 27 42.25 -7.15 -9.60
N THR G 28 43.31 -7.83 -9.20
CA THR G 28 43.48 -9.25 -9.47
C THR G 28 42.70 -10.09 -8.45
N GLY G 29 42.52 -9.54 -7.26
CA GLY G 29 41.79 -10.23 -6.22
C GLY G 29 41.06 -9.26 -5.30
N ALA G 30 39.81 -9.58 -4.98
CA ALA G 30 39.01 -8.72 -4.11
C ALA G 30 37.98 -9.51 -3.30
N GLN G 31 37.87 -9.17 -2.02
CA GLN G 31 36.91 -9.82 -1.12
C GLN G 31 35.69 -8.95 -0.87
N GLU G 32 34.54 -9.58 -0.72
CA GLU G 32 33.31 -8.90 -0.33
C GLU G 32 33.08 -9.14 1.16
N ILE G 33 32.96 -8.07 1.93
CA ILE G 33 32.67 -8.20 3.36
C ILE G 33 31.24 -7.79 3.70
N LEU G 34 30.40 -7.69 2.68
CA LEU G 34 29.00 -7.34 2.88
C LEU G 34 28.10 -8.52 2.50
N GLU G 35 27.37 -9.05 3.47
CA GLU G 35 26.43 -10.12 3.20
C GLU G 35 25.18 -9.56 2.53
N THR G 36 24.80 -10.14 1.40
CA THR G 36 23.64 -9.66 0.66
C THR G 36 22.66 -10.78 0.32
N ASN G 37 22.90 -11.95 0.88
CA ASN G 37 22.04 -13.11 0.62
C ASN G 37 21.40 -13.69 1.88
N HIS G 38 20.19 -14.21 1.70
CA HIS G 38 19.44 -14.83 2.78
C HIS G 38 18.69 -16.03 2.21
N ASN G 39 18.40 -17.02 3.06
CA ASN G 39 17.79 -18.26 2.59
C ASN G 39 16.27 -18.16 2.38
N GLY G 40 15.70 -17.02 2.71
CA GLY G 40 14.28 -16.78 2.52
C GLY G 40 13.40 -17.68 3.38
N LYS G 41 13.89 -18.06 4.55
CA LYS G 41 13.13 -18.91 5.45
C LYS G 41 13.06 -18.32 6.86
N LEU G 42 12.07 -18.76 7.62
CA LEU G 42 12.06 -18.52 9.06
C LEU G 42 12.66 -19.77 9.69
N CYS G 43 13.77 -19.60 10.40
CA CYS G 43 14.51 -20.75 10.91
C CYS G 43 14.59 -20.78 12.42
N SER G 44 15.12 -21.87 12.95
CA SER G 44 15.39 -21.98 14.38
C SER G 44 16.64 -21.16 14.71
N LEU G 45 16.77 -20.75 15.96
CA LEU G 45 17.95 -20.05 16.41
C LEU G 45 18.81 -20.97 17.25
N ASN G 46 19.93 -21.41 16.68
CA ASN G 46 20.88 -22.28 17.38
C ASN G 46 20.23 -23.54 17.95
N GLY G 47 19.35 -24.16 17.15
CA GLY G 47 18.63 -25.34 17.57
C GLY G 47 17.22 -25.04 18.04
N VAL G 48 17.10 -24.03 18.90
CA VAL G 48 15.81 -23.65 19.45
C VAL G 48 14.91 -23.04 18.38
N PRO G 49 13.75 -23.68 18.13
CA PRO G 49 12.80 -23.21 17.13
C PRO G 49 11.95 -22.05 17.65
N PRO G 50 11.34 -21.27 16.76
CA PRO G 50 10.45 -20.20 17.21
C PRO G 50 9.13 -20.75 17.72
N LEU G 51 8.22 -19.86 18.11
CA LEU G 51 6.90 -20.27 18.55
C LEU G 51 5.88 -20.00 17.45
N ASP G 52 5.25 -21.06 16.97
CA ASP G 52 4.23 -20.94 15.95
C ASP G 52 2.83 -21.00 16.55
N LEU G 53 2.20 -19.83 16.58
CA LEU G 53 0.82 -19.61 16.94
C LEU G 53 0.17 -19.36 15.59
N GLN G 54 -0.43 -20.43 15.08
CA GLN G 54 -0.86 -20.49 13.69
C GLN G 54 -2.09 -19.66 13.49
N SER G 55 -3.22 -20.16 13.99
CA SER G 55 -4.45 -19.38 13.87
C SER G 55 -4.78 -18.63 15.16
N CYS G 56 -3.94 -18.80 16.18
CA CYS G 56 -4.21 -18.18 17.47
C CYS G 56 -3.28 -17.00 17.74
N THR G 57 -3.74 -16.10 18.60
CA THR G 57 -2.88 -15.04 19.11
C THR G 57 -2.22 -15.58 20.37
N LEU G 58 -1.20 -14.88 20.86
CA LEU G 58 -0.55 -15.28 22.10
C LEU G 58 -1.55 -15.27 23.24
N ALA G 59 -2.47 -14.30 23.19
CA ALA G 59 -3.52 -14.16 24.19
C ALA G 59 -4.39 -15.41 24.24
N GLY G 60 -5.06 -15.70 23.13
CA GLY G 60 -5.96 -16.84 23.03
C GLY G 60 -5.31 -18.15 23.44
N TRP G 61 -4.05 -18.32 23.06
CA TRP G 61 -3.31 -19.53 23.38
C TRP G 61 -3.06 -19.64 24.88
N LEU G 62 -2.64 -18.54 25.51
CA LEU G 62 -2.29 -18.54 26.92
C LEU G 62 -3.54 -18.55 27.80
N LEU G 63 -4.60 -17.93 27.31
CA LEU G 63 -5.87 -17.92 28.02
C LEU G 63 -6.51 -19.31 27.97
N GLY G 64 -6.28 -20.01 26.86
CA GLY G 64 -6.85 -21.33 26.67
C GLY G 64 -8.14 -21.23 25.86
N ASN G 65 -8.12 -20.41 24.82
CA ASN G 65 -9.21 -20.36 23.85
C ASN G 65 -9.38 -21.76 23.26
N PRO G 66 -10.60 -22.31 23.36
CA PRO G 66 -10.95 -23.66 22.87
C PRO G 66 -10.40 -23.97 21.48
N ASN G 67 -10.40 -22.97 20.59
CA ASN G 67 -9.90 -23.18 19.23
C ASN G 67 -8.37 -23.24 19.15
N CYS G 68 -7.70 -23.16 20.30
CA CYS G 68 -6.25 -23.20 20.36
C CYS G 68 -5.79 -24.43 21.14
N ASP G 69 -6.69 -25.40 21.27
CA ASP G 69 -6.39 -26.63 22.01
C ASP G 69 -5.50 -27.58 21.23
N ASN G 70 -5.04 -27.14 20.06
CA ASN G 70 -4.32 -28.03 19.15
C ASN G 70 -2.85 -27.70 18.94
N LEU G 71 -2.38 -26.57 19.49
CA LEU G 71 -1.10 -26.00 19.06
C LEU G 71 0.15 -26.92 19.05
N LEU G 72 0.68 -27.41 20.17
CA LEU G 72 0.37 -27.06 21.55
C LEU G 72 1.63 -27.47 22.32
N GLU G 73 1.62 -27.25 23.63
CA GLU G 73 2.68 -27.73 24.54
C GLU G 73 4.12 -27.56 24.04
N ALA G 74 4.48 -26.33 23.67
CA ALA G 74 5.86 -26.02 23.30
C ALA G 74 6.65 -25.70 24.55
N GLU G 75 7.76 -26.40 24.76
CA GLU G 75 8.53 -26.23 25.99
C GLU G 75 9.39 -24.95 25.97
N GLU G 76 9.95 -24.63 24.81
CA GLU G 76 10.77 -23.42 24.69
C GLU G 76 10.71 -22.86 23.27
N TRP G 77 11.03 -21.57 23.13
CA TRP G 77 11.10 -20.95 21.83
C TRP G 77 12.12 -19.82 21.80
N SER G 78 12.83 -19.71 20.67
CA SER G 78 13.88 -18.71 20.52
C SER G 78 13.28 -17.32 20.29
N TYR G 79 12.19 -17.28 19.53
CA TYR G 79 11.44 -16.05 19.30
C TYR G 79 10.01 -16.42 18.93
N ILE G 80 9.16 -15.42 18.78
CA ILE G 80 7.76 -15.69 18.47
C ILE G 80 7.41 -15.14 17.10
N LYS G 81 6.87 -15.99 16.23
CA LYS G 81 6.34 -15.53 14.96
C LYS G 81 4.93 -14.99 15.17
N ILE G 82 4.75 -13.70 14.90
CA ILE G 82 3.46 -13.07 15.13
C ILE G 82 2.58 -13.18 13.89
N ASN G 83 1.38 -13.70 14.08
CA ASN G 83 0.35 -13.63 13.05
C ASN G 83 -0.62 -12.50 13.36
N GLU G 84 -0.57 -11.45 12.54
CA GLU G 84 -1.27 -10.21 12.84
C GLU G 84 -2.78 -10.35 12.72
N ASN G 85 -3.22 -11.21 11.81
CA ASN G 85 -4.65 -11.40 11.56
C ASN G 85 -5.13 -12.79 11.96
N ALA G 86 -4.59 -13.32 13.05
CA ALA G 86 -5.04 -14.60 13.58
C ALA G 86 -6.46 -14.41 14.10
N PRO G 87 -7.39 -15.27 13.64
CA PRO G 87 -8.82 -15.17 13.98
C PRO G 87 -9.13 -15.53 15.43
N ASP G 88 -8.42 -16.51 15.97
CA ASP G 88 -8.70 -16.99 17.31
C ASP G 88 -7.96 -16.19 18.37
N ASP G 89 -8.63 -15.16 18.89
CA ASP G 89 -8.05 -14.29 19.89
C ASP G 89 -8.89 -14.34 21.17
N LEU G 90 -9.74 -13.35 21.35
CA LEU G 90 -10.60 -13.27 22.52
C LEU G 90 -12.02 -13.71 22.18
N CYS G 91 -12.37 -14.93 22.56
CA CYS G 91 -13.68 -15.48 22.23
C CYS G 91 -14.82 -14.75 22.98
N PHE G 92 -14.61 -14.48 24.26
CA PHE G 92 -15.53 -13.60 24.99
C PHE G 92 -15.02 -12.18 24.82
N PRO G 93 -15.84 -11.30 24.23
CA PRO G 93 -15.44 -9.94 23.87
C PRO G 93 -14.89 -9.18 25.08
N GLY G 94 -13.81 -8.42 24.87
CA GLY G 94 -13.26 -7.63 25.95
C GLY G 94 -11.92 -6.99 25.64
N ASN G 95 -11.31 -6.43 26.69
CA ASN G 95 -10.00 -5.81 26.59
C ASN G 95 -8.91 -6.70 27.18
N PHE G 96 -7.75 -6.73 26.53
CA PHE G 96 -6.60 -7.37 27.15
C PHE G 96 -5.63 -6.29 27.60
N GLU G 97 -5.42 -6.20 28.91
CA GLU G 97 -4.61 -5.14 29.50
C GLU G 97 -3.12 -5.46 29.46
N ASN G 98 -2.34 -4.48 29.01
CA ASN G 98 -0.88 -4.58 28.99
C ASN G 98 -0.35 -5.75 28.15
N LEU G 99 -0.87 -5.90 26.94
CA LEU G 99 -0.48 -7.00 26.05
C LEU G 99 1.00 -6.95 25.67
N GLN G 100 1.49 -5.76 25.36
CA GLN G 100 2.86 -5.59 24.84
C GLN G 100 3.94 -6.09 25.79
N ASP G 101 3.80 -5.78 27.08
CA ASP G 101 4.74 -6.28 28.08
C ASP G 101 4.70 -7.80 28.17
N LEU G 102 3.52 -8.38 27.95
CA LEU G 102 3.37 -9.84 27.93
C LEU G 102 4.10 -10.43 26.72
N LEU G 103 3.96 -9.76 25.58
CA LEU G 103 4.73 -10.12 24.38
C LEU G 103 6.22 -10.12 24.70
N LEU G 104 6.69 -9.05 25.33
CA LEU G 104 8.09 -8.92 25.73
C LEU G 104 8.53 -10.04 26.66
N GLU G 105 7.74 -10.25 27.73
CA GLU G 105 8.07 -11.25 28.74
C GLU G 105 8.17 -12.66 28.16
N MET G 106 7.28 -12.98 27.21
CA MET G 106 7.23 -14.31 26.61
C MET G 106 8.05 -14.45 25.32
N SER G 107 8.79 -13.40 24.96
CA SER G 107 9.50 -13.36 23.69
C SER G 107 10.53 -14.49 23.52
N GLY G 108 10.97 -15.06 24.63
CA GLY G 108 11.88 -16.19 24.62
C GLY G 108 12.02 -16.82 25.99
N VAL G 109 11.55 -18.06 26.13
CA VAL G 109 11.53 -18.74 27.42
C VAL G 109 12.14 -20.14 27.34
N GLN G 110 12.43 -20.72 28.50
CA GLN G 110 13.12 -22.01 28.56
C GLN G 110 12.26 -23.17 29.06
N ASN G 111 11.95 -23.16 30.36
CA ASN G 111 11.19 -24.26 30.97
C ASN G 111 9.72 -23.93 31.14
N PHE G 112 9.00 -23.89 30.03
CA PHE G 112 7.58 -23.52 30.00
C PHE G 112 6.68 -24.71 30.30
N THR G 113 6.17 -24.79 31.53
CA THR G 113 5.33 -25.90 31.95
C THR G 113 4.00 -25.46 32.58
N LYS G 114 2.89 -26.01 32.10
CA LYS G 114 1.56 -25.64 32.59
C LYS G 114 1.26 -26.26 33.96
N VAL G 115 0.63 -25.49 34.84
CA VAL G 115 0.29 -25.95 36.18
C VAL G 115 -1.16 -25.66 36.53
N LYS G 116 -1.76 -26.54 37.33
CA LYS G 116 -3.07 -26.27 37.88
C LYS G 116 -2.92 -25.41 39.13
N LEU G 117 -3.64 -24.28 39.17
CA LEU G 117 -3.42 -23.28 40.21
C LEU G 117 -4.24 -23.55 41.47
N PHE G 118 -5.48 -24.00 41.28
CA PHE G 118 -6.36 -24.29 42.40
C PHE G 118 -7.46 -25.24 41.96
N ASN G 119 -8.09 -25.91 42.93
CA ASN G 119 -9.18 -26.83 42.64
C ASN G 119 -10.54 -26.20 42.90
N PRO G 120 -11.30 -25.96 41.82
CA PRO G 120 -12.62 -25.29 41.89
C PRO G 120 -13.67 -26.12 42.63
N GLN G 121 -13.48 -27.43 42.68
CA GLN G 121 -14.44 -28.31 43.35
C GLN G 121 -14.31 -28.19 44.86
N SER G 122 -13.19 -27.66 45.33
CA SER G 122 -12.94 -27.50 46.76
C SER G 122 -13.74 -26.34 47.35
N MET G 123 -14.27 -25.49 46.48
CA MET G 123 -14.99 -24.29 46.90
C MET G 123 -16.48 -24.55 47.11
N THR G 124 -17.09 -23.82 48.04
CA THR G 124 -18.50 -23.95 48.33
C THR G 124 -19.21 -22.60 48.30
N GLY G 125 -20.53 -22.62 48.14
CA GLY G 125 -21.33 -21.42 48.09
C GLY G 125 -21.08 -20.61 46.83
N VAL G 126 -20.82 -21.32 45.73
CA VAL G 126 -20.38 -20.70 44.50
C VAL G 126 -20.52 -21.66 43.31
N THR G 127 -20.83 -21.11 42.14
CA THR G 127 -20.86 -21.90 40.91
C THR G 127 -19.55 -21.74 40.15
N THR G 128 -18.94 -22.86 39.78
CA THR G 128 -17.67 -22.83 39.05
C THR G 128 -17.81 -23.38 37.63
N ASN G 129 -16.77 -23.16 36.83
CA ASN G 129 -16.71 -23.65 35.45
C ASN G 129 -17.88 -23.23 34.57
N ASN G 130 -18.32 -21.99 34.73
CA ASN G 130 -19.39 -21.46 33.90
C ASN G 130 -18.96 -21.27 32.45
N VAL G 131 -19.91 -21.41 31.53
CA VAL G 131 -19.61 -21.37 30.11
C VAL G 131 -20.51 -20.38 29.37
N ASP G 132 -20.28 -20.23 28.07
CA ASP G 132 -21.05 -19.30 27.27
C ASP G 132 -20.94 -19.62 25.78
N GLN G 133 -21.99 -19.29 25.03
CA GLN G 133 -22.06 -19.59 23.60
C GLN G 133 -20.96 -18.90 22.79
N THR G 134 -20.34 -17.88 23.37
CA THR G 134 -19.35 -17.08 22.65
C THR G 134 -17.95 -17.70 22.67
N CYS G 135 -17.76 -18.70 23.53
CA CYS G 135 -16.51 -19.46 23.54
C CYS G 135 -16.83 -20.93 23.31
N PRO G 136 -17.37 -21.26 22.12
CA PRO G 136 -17.90 -22.61 21.90
C PRO G 136 -16.82 -23.65 21.72
N PHE G 137 -17.12 -24.89 22.10
CA PHE G 137 -16.26 -26.03 21.79
C PHE G 137 -17.07 -27.16 21.18
N GLU G 138 -16.95 -27.31 19.87
CA GLU G 138 -17.69 -28.32 19.12
C GLU G 138 -19.21 -28.15 19.30
N GLY G 139 -19.74 -27.04 18.78
CA GLY G 139 -21.17 -26.78 18.78
C GLY G 139 -21.80 -26.54 20.15
N LYS G 140 -20.97 -26.51 21.19
CA LYS G 140 -21.46 -26.35 22.56
C LYS G 140 -20.76 -25.21 23.30
N PRO G 141 -21.54 -24.45 24.10
CA PRO G 141 -21.00 -23.37 24.93
C PRO G 141 -19.91 -23.86 25.88
N SER G 142 -18.75 -23.23 25.83
CA SER G 142 -17.63 -23.60 26.68
C SER G 142 -16.99 -22.33 27.25
N PHE G 143 -15.70 -22.39 27.54
CA PHE G 143 -14.97 -21.25 28.10
C PHE G 143 -13.47 -21.55 28.12
N TYR G 144 -12.68 -20.49 28.31
CA TYR G 144 -11.22 -20.59 28.32
C TYR G 144 -10.74 -21.73 29.22
N ARG G 145 -9.81 -22.53 28.71
CA ARG G 145 -9.33 -23.72 29.42
C ARG G 145 -8.59 -23.38 30.70
N ASN G 146 -7.92 -22.22 30.69
CA ASN G 146 -7.05 -21.84 31.80
C ASN G 146 -7.72 -20.89 32.80
N LEU G 147 -8.97 -20.51 32.51
CA LEU G 147 -9.71 -19.61 33.38
C LEU G 147 -10.99 -20.26 33.90
N ASN G 148 -11.38 -19.90 35.11
CA ASN G 148 -12.61 -20.42 35.70
C ASN G 148 -13.61 -19.32 36.01
N TRP G 149 -14.78 -19.37 35.37
CA TRP G 149 -15.80 -18.35 35.61
C TRP G 149 -16.61 -18.71 36.86
N ILE G 150 -16.41 -17.91 37.90
CA ILE G 150 -17.10 -18.12 39.17
C ILE G 150 -18.33 -17.22 39.30
N GLN G 151 -19.44 -17.82 39.74
CA GLN G 151 -20.71 -17.09 39.88
C GLN G 151 -21.45 -17.54 41.13
N GLY G 152 -22.63 -16.95 41.35
CA GLY G 152 -23.53 -17.39 42.41
C GLY G 152 -22.97 -17.38 43.82
N ASN G 153 -22.21 -16.34 44.16
CA ASN G 153 -21.64 -16.22 45.50
C ASN G 153 -22.58 -15.50 46.44
N SER G 154 -23.64 -14.93 45.88
CA SER G 154 -24.68 -14.24 46.65
C SER G 154 -24.12 -13.11 47.50
N GLY G 155 -23.26 -12.30 46.90
CA GLY G 155 -22.71 -11.13 47.55
C GLY G 155 -21.66 -11.46 48.60
N LEU G 156 -21.36 -12.74 48.73
CA LEU G 156 -20.41 -13.21 49.74
C LEU G 156 -19.00 -13.39 49.18
N PRO G 157 -17.98 -13.10 49.99
CA PRO G 157 -16.61 -13.26 49.53
C PRO G 157 -16.22 -14.73 49.42
N PHE G 158 -15.38 -15.03 48.42
CA PHE G 158 -14.78 -16.35 48.29
C PHE G 158 -13.28 -16.17 48.11
N ASN G 159 -12.51 -17.21 48.46
CA ASN G 159 -11.07 -17.09 48.51
C ASN G 159 -10.29 -18.09 47.66
N ILE G 160 -9.24 -17.60 47.03
CA ILE G 160 -8.36 -18.43 46.21
C ILE G 160 -6.91 -18.17 46.56
N GLU G 161 -6.16 -19.22 46.91
CA GLU G 161 -4.74 -19.07 47.18
C GLU G 161 -3.90 -19.76 46.11
N ILE G 162 -2.94 -19.02 45.57
CA ILE G 162 -2.03 -19.53 44.56
C ILE G 162 -0.62 -19.50 45.13
N LYS G 163 0.13 -20.58 44.93
CA LYS G 163 1.47 -20.69 45.49
C LYS G 163 2.48 -21.07 44.41
N ASN G 164 3.62 -20.39 44.41
CA ASN G 164 4.73 -20.70 43.52
C ASN G 164 5.95 -21.17 44.31
N PRO G 165 6.08 -22.50 44.47
CA PRO G 165 7.14 -23.12 45.27
C PRO G 165 8.44 -23.34 44.50
N THR G 166 8.41 -23.18 43.17
CA THR G 166 9.61 -23.39 42.36
C THR G 166 10.57 -22.21 42.45
N SER G 167 11.68 -22.31 41.73
CA SER G 167 12.66 -21.24 41.69
C SER G 167 12.52 -20.42 40.42
N ASN G 168 11.44 -20.67 39.68
CA ASN G 168 11.14 -19.93 38.46
C ASN G 168 9.79 -19.22 38.59
N PRO G 169 9.67 -18.02 37.99
CA PRO G 169 8.43 -17.23 38.09
C PRO G 169 7.24 -17.97 37.47
N LEU G 170 6.04 -17.62 37.93
CA LEU G 170 4.83 -18.27 37.46
C LEU G 170 3.93 -17.27 36.74
N LEU G 171 3.53 -17.61 35.52
CA LEU G 171 2.70 -16.72 34.71
C LEU G 171 1.23 -16.93 35.02
N LEU G 172 0.53 -15.85 35.32
CA LEU G 172 -0.89 -15.92 35.65
C LEU G 172 -1.71 -15.09 34.68
N LEU G 173 -2.88 -15.59 34.32
CA LEU G 173 -3.83 -14.81 33.52
C LEU G 173 -5.21 -14.91 34.15
N TRP G 174 -5.95 -13.81 34.12
CA TRP G 174 -7.29 -13.78 34.69
C TRP G 174 -8.13 -12.67 34.07
N GLY G 175 -9.39 -12.61 34.48
CA GLY G 175 -10.30 -11.62 33.95
C GLY G 175 -11.16 -10.97 35.00
N ILE G 176 -11.74 -9.84 34.64
CA ILE G 176 -12.69 -9.12 35.48
C ILE G 176 -13.93 -8.86 34.64
N HIS G 177 -15.07 -9.37 35.11
CA HIS G 177 -16.31 -9.29 34.34
C HIS G 177 -16.98 -7.93 34.46
N ASN G 178 -16.96 -7.17 33.38
CA ASN G 178 -17.70 -5.93 33.30
C ASN G 178 -19.15 -6.23 32.90
N THR G 179 -20.05 -6.20 33.88
CA THR G 179 -21.45 -6.47 33.62
C THR G 179 -22.12 -5.31 32.90
N LYS G 180 -23.18 -5.62 32.16
CA LYS G 180 -23.86 -4.61 31.35
C LYS G 180 -24.78 -3.69 32.16
N ASP G 181 -25.33 -4.20 33.25
CA ASP G 181 -26.21 -3.42 34.10
C ASP G 181 -26.27 -4.02 35.51
N ALA G 182 -26.96 -3.32 36.40
CA ALA G 182 -27.06 -3.75 37.79
C ALA G 182 -27.85 -5.05 37.92
N ALA G 183 -28.83 -5.23 37.04
CA ALA G 183 -29.63 -6.45 37.03
C ALA G 183 -28.76 -7.69 36.78
N GLN G 184 -27.87 -7.61 35.79
CA GLN G 184 -26.96 -8.72 35.51
C GLN G 184 -25.98 -8.90 36.66
N GLN G 185 -25.52 -7.79 37.20
CA GLN G 185 -24.57 -7.80 38.31
C GLN G 185 -25.14 -8.49 39.54
N ARG G 186 -26.42 -8.21 39.84
CA ARG G 186 -27.11 -8.84 40.95
C ARG G 186 -27.43 -10.30 40.66
N ASN G 187 -27.86 -10.55 39.42
CA ASN G 187 -28.27 -11.90 39.00
C ASN G 187 -27.12 -12.89 39.12
N LEU G 188 -25.90 -12.41 38.87
CA LEU G 188 -24.73 -13.28 38.84
C LEU G 188 -23.97 -13.33 40.16
N TYR G 189 -23.81 -12.19 40.81
CA TYR G 189 -22.94 -12.12 41.99
C TYR G 189 -23.65 -11.62 43.24
N GLY G 190 -24.96 -11.40 43.15
CA GLY G 190 -25.78 -11.09 44.31
C GLY G 190 -25.48 -9.76 44.98
N ASN G 191 -24.93 -8.83 44.23
CA ASN G 191 -24.67 -7.49 44.75
C ASN G 191 -24.78 -6.45 43.64
N ASP G 192 -24.69 -5.17 44.01
CA ASP G 192 -24.74 -4.10 43.03
C ASP G 192 -23.33 -3.78 42.58
N TYR G 193 -22.36 -4.08 43.43
CA TYR G 193 -20.98 -3.68 43.20
C TYR G 193 -20.04 -4.57 44.00
N SER G 194 -19.08 -5.17 43.33
CA SER G 194 -18.18 -6.11 43.98
C SER G 194 -16.75 -5.59 44.06
N TYR G 195 -15.93 -6.27 44.86
CA TYR G 195 -14.51 -5.99 44.85
C TYR G 195 -13.75 -7.29 44.62
N THR G 196 -12.54 -7.16 44.08
CA THR G 196 -11.68 -8.30 43.86
C THR G 196 -10.26 -7.87 44.17
N ILE G 197 -9.68 -8.44 45.23
CA ILE G 197 -8.39 -8.00 45.71
C ILE G 197 -7.33 -9.09 45.62
N PHE G 198 -6.29 -8.83 44.83
CA PHE G 198 -5.13 -9.70 44.75
C PHE G 198 -4.13 -9.28 45.80
N ASN G 199 -3.57 -10.23 46.52
CA ASN G 199 -2.56 -9.91 47.54
C ASN G 199 -1.19 -10.51 47.26
N PHE G 200 -0.22 -9.65 46.96
N PHE G 200 -0.23 -9.65 46.93
CA PHE G 200 1.19 -10.03 46.88
CA PHE G 200 1.16 -10.09 46.89
C PHE G 200 1.90 -9.46 48.10
C PHE G 200 1.91 -9.49 48.09
N GLY G 201 1.80 -10.16 49.23
CA GLY G 201 2.38 -9.66 50.45
C GLY G 201 1.59 -8.47 50.93
N GLU G 202 2.26 -7.36 51.20
CA GLU G 202 1.56 -6.14 51.60
C GLU G 202 0.99 -5.41 50.39
N LYS G 203 1.49 -5.75 49.20
CA LYS G 203 1.03 -5.13 47.96
C LYS G 203 -0.32 -5.70 47.56
N SER G 204 -1.20 -4.85 47.05
CA SER G 204 -2.53 -5.28 46.65
C SER G 204 -3.17 -4.40 45.57
N GLU G 205 -3.82 -5.05 44.61
CA GLU G 205 -4.60 -4.35 43.60
C GLU G 205 -6.05 -4.71 43.81
N GLU G 206 -6.93 -3.70 43.77
CA GLU G 206 -8.36 -3.95 43.87
C GLU G 206 -9.02 -3.74 42.51
N PHE G 207 -9.83 -4.72 42.10
CA PHE G 207 -10.53 -4.63 40.84
C PHE G 207 -12.02 -4.43 41.07
N ARG G 208 -12.59 -3.47 40.35
CA ARG G 208 -14.02 -3.20 40.41
C ARG G 208 -14.59 -3.40 39.01
N PRO G 209 -15.78 -4.00 38.90
CA PRO G 209 -16.38 -4.14 37.57
C PRO G 209 -16.76 -2.77 37.02
N ASP G 210 -16.48 -2.55 35.75
CA ASP G 210 -16.94 -1.35 35.06
C ASP G 210 -18.30 -1.63 34.43
N ILE G 211 -19.36 -1.31 35.15
CA ILE G 211 -20.72 -1.67 34.72
C ILE G 211 -21.30 -0.68 33.73
N GLY G 212 -21.76 -1.21 32.61
CA GLY G 212 -22.37 -0.39 31.57
C GLY G 212 -22.63 -1.17 30.29
N GLN G 213 -23.63 -0.73 29.53
CA GLN G 213 -23.97 -1.38 28.28
C GLN G 213 -22.99 -1.03 27.16
N ARG G 214 -22.23 -2.02 26.72
CA ARG G 214 -21.37 -1.86 25.55
C ARG G 214 -22.18 -2.21 24.31
N ASP G 215 -21.67 -1.81 23.15
CA ASP G 215 -22.30 -2.16 21.88
C ASP G 215 -22.33 -3.67 21.75
N GLU G 216 -23.42 -4.20 21.20
CA GLU G 216 -23.62 -5.65 21.14
C GLU G 216 -22.68 -6.34 20.14
N ILE G 217 -21.79 -7.18 20.66
CA ILE G 217 -20.92 -8.02 19.84
C ILE G 217 -21.09 -9.46 20.28
N LYS G 218 -21.39 -10.34 19.33
CA LYS G 218 -21.64 -11.75 19.61
C LYS G 218 -22.76 -11.93 20.62
N ALA G 219 -23.82 -11.13 20.47
CA ALA G 219 -24.96 -11.13 21.37
C ALA G 219 -24.58 -10.84 22.82
N HIS G 220 -23.50 -10.10 23.00
CA HIS G 220 -23.05 -9.71 24.33
C HIS G 220 -22.96 -8.19 24.45
N GLN G 221 -23.56 -7.65 25.50
CA GLN G 221 -23.42 -6.24 25.82
C GLN G 221 -22.49 -6.06 27.01
N ASP G 222 -22.00 -7.17 27.55
CA ASP G 222 -21.02 -7.14 28.62
C ASP G 222 -19.62 -7.44 28.08
N ARG G 223 -18.61 -7.21 28.90
CA ARG G 223 -17.23 -7.41 28.48
C ARG G 223 -16.40 -8.06 29.58
N ILE G 224 -15.24 -8.58 29.21
CA ILE G 224 -14.24 -9.02 30.19
C ILE G 224 -12.93 -8.29 29.95
N ASP G 225 -12.36 -7.74 31.02
CA ASP G 225 -11.01 -7.20 30.95
C ASP G 225 -10.03 -8.29 31.35
N TYR G 226 -9.15 -8.67 30.43
CA TYR G 226 -8.20 -9.73 30.72
C TYR G 226 -6.89 -9.17 31.27
N TYR G 227 -6.32 -9.89 32.22
CA TYR G 227 -5.12 -9.43 32.92
C TYR G 227 -4.07 -10.52 32.97
N TRP G 228 -2.82 -10.13 33.11
CA TRP G 228 -1.75 -11.10 33.34
C TRP G 228 -0.81 -10.65 34.45
N GLY G 229 -0.05 -11.59 34.98
CA GLY G 229 0.90 -11.31 36.03
C GLY G 229 1.98 -12.37 36.12
N SER G 230 3.04 -12.05 36.87
CA SER G 230 4.14 -12.99 37.04
C SER G 230 4.47 -13.15 38.51
N LEU G 231 3.99 -14.23 39.11
CA LEU G 231 4.27 -14.52 40.50
C LEU G 231 5.71 -14.99 40.62
N PRO G 232 6.55 -14.23 41.35
CA PRO G 232 7.98 -14.55 41.48
C PRO G 232 8.20 -15.87 42.21
N ALA G 233 9.45 -16.33 42.23
CA ALA G 233 9.79 -17.59 42.89
C ALA G 233 9.54 -17.50 44.39
N GLN G 234 9.17 -18.63 44.98
CA GLN G 234 8.93 -18.74 46.42
C GLN G 234 7.95 -17.66 46.90
N SER G 235 6.91 -17.43 46.11
CA SER G 235 5.94 -16.38 46.44
C SER G 235 4.52 -16.91 46.50
N THR G 236 3.64 -16.14 47.13
CA THR G 236 2.25 -16.53 47.34
C THR G 236 1.28 -15.41 46.97
N LEU G 237 0.25 -15.76 46.22
CA LEU G 237 -0.80 -14.81 45.85
C LEU G 237 -2.14 -15.22 46.45
N ARG G 238 -2.73 -14.34 47.26
CA ARG G 238 -4.03 -14.61 47.87
C ARG G 238 -5.12 -13.69 47.32
N ILE G 239 -6.18 -14.31 46.80
CA ILE G 239 -7.27 -13.56 46.17
C ILE G 239 -8.56 -13.64 46.98
N GLU G 240 -9.22 -12.50 47.13
CA GLU G 240 -10.55 -12.44 47.73
C GLU G 240 -11.48 -11.60 46.86
N SER G 241 -12.60 -12.20 46.47
CA SER G 241 -13.56 -11.54 45.59
C SER G 241 -15.01 -11.75 46.02
N THR G 242 -15.84 -10.74 45.76
CA THR G 242 -17.27 -10.86 46.02
C THR G 242 -18.04 -10.81 44.71
N GLY G 243 -17.41 -11.30 43.65
CA GLY G 243 -18.03 -11.33 42.33
C GLY G 243 -17.16 -10.77 41.23
N ASN G 244 -17.50 -11.12 39.99
CA ASN G 244 -16.87 -10.59 38.77
C ASN G 244 -15.46 -11.09 38.47
N LEU G 245 -15.02 -12.11 39.21
CA LEU G 245 -13.69 -12.68 38.98
C LEU G 245 -13.72 -13.87 38.03
N ILE G 246 -13.02 -13.74 36.91
CA ILE G 246 -12.74 -14.90 36.07
C ILE G 246 -11.38 -15.42 36.50
N ALA G 247 -11.42 -16.44 37.36
CA ALA G 247 -10.26 -16.87 38.11
C ALA G 247 -9.21 -17.61 37.27
N PRO G 248 -7.94 -17.53 37.67
CA PRO G 248 -6.87 -18.29 37.03
C PRO G 248 -6.82 -19.73 37.55
N GLU G 249 -7.20 -20.68 36.72
CA GLU G 249 -7.17 -22.08 37.11
C GLU G 249 -5.86 -22.75 36.69
N TYR G 250 -5.31 -22.32 35.55
CA TYR G 250 -4.05 -22.85 35.07
C TYR G 250 -3.05 -21.76 34.70
N GLY G 251 -1.84 -21.87 35.23
CA GLY G 251 -0.76 -20.94 34.91
C GLY G 251 0.41 -21.65 34.24
N PHE G 252 1.54 -20.96 34.12
CA PHE G 252 2.72 -21.55 33.49
C PHE G 252 4.02 -21.18 34.21
N TYR G 253 4.74 -22.19 34.68
CA TYR G 253 6.11 -21.98 35.15
C TYR G 253 6.98 -21.70 33.93
N TYR G 254 7.85 -20.70 34.04
CA TYR G 254 8.69 -20.34 32.90
C TYR G 254 10.01 -19.72 33.34
N LYS G 255 11.03 -19.91 32.51
CA LYS G 255 12.30 -19.24 32.69
C LYS G 255 12.65 -18.49 31.41
N ARG G 256 12.76 -17.17 31.54
CA ARG G 256 13.04 -16.31 30.38
C ARG G 256 14.54 -16.23 30.11
N LYS G 257 14.94 -16.47 28.85
CA LYS G 257 16.33 -16.30 28.46
C LYS G 257 16.68 -14.82 28.50
N GLU G 258 17.41 -14.40 29.52
CA GLU G 258 17.72 -12.98 29.72
C GLU G 258 18.38 -12.32 28.52
N GLY G 259 17.74 -11.25 28.02
CA GLY G 259 18.24 -10.51 26.88
C GLY G 259 18.45 -11.42 25.68
N LYS G 260 17.44 -12.23 25.38
CA LYS G 260 17.59 -13.24 24.35
C LYS G 260 16.23 -13.71 23.81
N GLY G 261 15.33 -12.76 23.57
CA GLY G 261 14.03 -13.08 23.01
C GLY G 261 13.89 -12.48 21.62
N GLY G 262 12.65 -12.25 21.19
CA GLY G 262 12.40 -11.64 19.90
C GLY G 262 10.96 -11.78 19.43
N LEU G 263 10.48 -10.77 18.71
CA LEU G 263 9.12 -10.79 18.16
C LEU G 263 9.18 -10.54 16.65
N MET G 264 8.70 -11.52 15.88
CA MET G 264 8.86 -11.49 14.43
C MET G 264 7.55 -11.36 13.67
N LYS G 265 7.39 -10.26 12.94
CA LYS G 265 6.24 -10.09 12.06
C LYS G 265 6.63 -10.46 10.64
N SER G 266 6.32 -11.68 10.24
CA SER G 266 6.70 -12.16 8.92
C SER G 266 5.65 -13.06 8.28
N LYS G 267 5.53 -12.97 6.97
CA LYS G 267 4.53 -13.76 6.25
C LYS G 267 5.07 -15.12 5.80
N LEU G 268 6.38 -15.30 5.93
CA LEU G 268 7.00 -16.60 5.64
C LEU G 268 6.57 -17.63 6.66
N PRO G 269 6.49 -18.91 6.24
CA PRO G 269 6.23 -20.00 7.18
C PRO G 269 7.51 -20.47 7.84
N ILE G 270 7.39 -21.11 9.00
CA ILE G 270 8.57 -21.61 9.72
C ILE G 270 9.09 -22.89 9.07
N SER G 271 10.39 -22.89 8.75
CA SER G 271 11.01 -24.02 8.08
C SER G 271 11.84 -24.86 9.06
N ASP G 272 12.33 -25.98 8.56
CA ASP G 272 13.14 -26.89 9.36
C ASP G 272 14.62 -26.63 9.14
N CYS G 273 15.07 -25.42 9.50
CA CYS G 273 16.46 -25.04 9.35
C CYS G 273 16.94 -24.29 10.58
N SER G 274 18.27 -24.14 10.70
CA SER G 274 18.84 -23.42 11.83
C SER G 274 19.81 -22.32 11.39
N THR G 275 19.86 -21.26 12.18
CA THR G 275 20.70 -20.11 11.89
C THR G 275 21.11 -19.44 13.19
N LYS G 276 22.00 -18.45 13.09
CA LYS G 276 22.38 -17.68 14.26
C LYS G 276 21.86 -16.24 14.14
N CYS G 277 21.34 -15.91 12.97
CA CYS G 277 20.78 -14.57 12.72
C CYS G 277 19.54 -14.68 11.84
N GLN G 278 18.45 -14.05 12.28
CA GLN G 278 17.17 -14.12 11.58
C GLN G 278 16.63 -12.75 11.19
N THR G 279 16.14 -12.64 9.96
CA THR G 279 15.51 -11.41 9.49
C THR G 279 14.10 -11.74 9.00
N PRO G 280 13.23 -10.72 8.88
CA PRO G 280 11.88 -10.92 8.34
C PRO G 280 11.87 -11.34 6.86
N LEU G 281 13.04 -11.41 6.24
CA LEU G 281 13.12 -11.75 4.82
C LEU G 281 13.78 -13.11 4.62
N GLY G 282 14.39 -13.62 5.70
CA GLY G 282 15.06 -14.90 5.65
C GLY G 282 16.22 -14.95 6.63
N ALA G 283 16.79 -16.13 6.81
CA ALA G 283 17.92 -16.29 7.72
C ALA G 283 19.20 -15.77 7.09
N LEU G 284 20.14 -15.34 7.93
CA LEU G 284 21.46 -14.92 7.46
C LEU G 284 22.52 -15.91 7.90
N ASN G 285 23.08 -16.63 6.93
CA ASN G 285 24.18 -17.54 7.20
C ASN G 285 25.50 -16.84 6.90
N SER G 286 25.87 -15.88 7.75
CA SER G 286 27.03 -15.06 7.44
C SER G 286 28.09 -14.97 8.54
N THR G 287 29.34 -15.14 8.14
CA THR G 287 30.49 -14.91 9.02
C THR G 287 31.04 -13.53 8.74
N LEU G 288 30.53 -12.90 7.67
CA LEU G 288 30.89 -11.54 7.32
C LEU G 288 30.37 -10.56 8.37
N PRO G 289 31.09 -9.46 8.58
CA PRO G 289 30.76 -8.49 9.64
C PRO G 289 29.66 -7.48 9.28
N PHE G 290 29.21 -7.45 8.03
CA PHE G 290 28.20 -6.48 7.62
C PHE G 290 27.16 -7.10 6.68
N GLN G 291 25.93 -6.60 6.78
CA GLN G 291 24.85 -7.06 5.92
C GLN G 291 23.94 -5.91 5.52
N ASN G 292 23.23 -6.08 4.42
CA ASN G 292 22.27 -5.05 3.98
C ASN G 292 20.89 -5.65 3.75
N VAL G 293 20.69 -6.85 4.27
CA VAL G 293 19.44 -7.57 4.08
C VAL G 293 18.28 -6.86 4.77
N HIS G 294 18.39 -6.72 6.09
CA HIS G 294 17.31 -6.12 6.87
C HIS G 294 17.83 -5.50 8.16
N GLN G 295 17.17 -4.43 8.59
CA GLN G 295 17.57 -3.73 9.81
C GLN G 295 17.01 -4.44 11.04
N GLN G 296 15.76 -4.87 10.96
CA GLN G 296 15.16 -5.68 12.00
C GLN G 296 15.78 -7.06 12.00
N THR G 297 16.54 -7.38 13.05
CA THR G 297 17.25 -8.64 13.10
C THR G 297 17.18 -9.28 14.48
N ILE G 298 17.25 -10.61 14.53
CA ILE G 298 17.24 -11.33 15.79
C ILE G 298 18.43 -12.28 15.88
N GLY G 299 19.17 -12.19 16.97
CA GLY G 299 20.31 -13.04 17.19
C GLY G 299 21.62 -12.35 16.86
N ASN G 300 22.71 -13.12 16.87
CA ASN G 300 24.04 -12.59 16.61
C ASN G 300 24.24 -12.33 15.11
N CYS G 301 24.10 -11.07 14.73
CA CYS G 301 24.05 -10.71 13.31
C CYS G 301 25.13 -9.73 12.91
N PRO G 302 25.44 -9.70 11.60
CA PRO G 302 26.27 -8.63 11.04
C PRO G 302 25.55 -7.30 11.16
N LYS G 303 26.30 -6.20 11.26
CA LYS G 303 25.70 -4.88 11.38
C LYS G 303 25.05 -4.45 10.07
N TYR G 304 23.86 -3.88 10.16
CA TYR G 304 23.15 -3.42 8.99
C TYR G 304 23.76 -2.12 8.47
N VAL G 305 24.08 -2.08 7.17
CA VAL G 305 24.58 -0.87 6.55
C VAL G 305 23.84 -0.55 5.25
N LYS G 306 23.89 0.71 4.85
CA LYS G 306 23.17 1.17 3.67
C LYS G 306 24.08 1.19 2.45
N ALA G 307 24.59 0.01 2.08
CA ALA G 307 25.50 -0.10 0.95
C ALA G 307 25.19 -1.32 0.07
N THR G 308 25.47 -1.18 -1.22
CA THR G 308 25.22 -2.27 -2.17
C THR G 308 26.39 -3.24 -2.23
N SER G 309 27.57 -2.77 -1.86
CA SER G 309 28.77 -3.60 -1.88
C SER G 309 29.86 -3.02 -0.97
N LEU G 310 30.73 -3.89 -0.48
CA LEU G 310 31.87 -3.47 0.33
C LEU G 310 33.12 -4.24 -0.10
N MET G 311 33.53 -4.03 -1.35
CA MET G 311 34.64 -4.77 -1.93
C MET G 311 35.96 -4.38 -1.29
N LEU G 312 36.57 -5.36 -0.62
CA LEU G 312 37.88 -5.17 -0.03
C LEU G 312 38.93 -5.72 -0.97
N ALA G 313 39.87 -4.88 -1.37
CA ALA G 313 40.92 -5.32 -2.28
C ALA G 313 41.91 -6.23 -1.55
N THR G 314 42.32 -7.30 -2.23
CA THR G 314 43.34 -8.20 -1.69
C THR G 314 44.49 -8.32 -2.69
N GLY G 315 44.12 -8.45 -3.97
CA GLY G 315 45.08 -8.60 -5.03
C GLY G 315 45.73 -7.29 -5.42
N LEU G 316 46.33 -7.27 -6.61
CA LEU G 316 47.10 -6.12 -7.07
C LEU G 316 46.30 -5.32 -8.07
N ARG G 317 46.78 -4.12 -8.37
CA ARG G 317 46.19 -3.31 -9.43
C ARG G 317 46.32 -4.09 -10.72
N ASN G 318 45.25 -4.12 -11.51
CA ASN G 318 45.23 -4.97 -12.69
C ASN G 318 45.35 -4.20 -14.01
N ASN G 319 46.53 -3.63 -14.26
CA ASN G 319 46.80 -2.95 -15.52
C ASN G 319 47.91 -3.64 -16.31
N PRO G 320 47.54 -4.41 -17.34
CA PRO G 320 48.51 -5.11 -18.19
C PRO G 320 49.42 -4.13 -18.94
N ALA H 1 57.72 -5.10 -21.29
CA ALA H 1 58.60 -5.56 -20.23
C ALA H 1 58.79 -4.50 -19.15
N GLY H 2 58.74 -4.92 -17.89
CA GLY H 2 59.00 -4.02 -16.76
C GLY H 2 58.00 -4.18 -15.64
N PHE H 3 57.60 -3.04 -15.05
CA PHE H 3 56.55 -3.01 -14.04
C PHE H 3 56.05 -1.58 -13.92
N ILE H 4 56.92 -0.64 -14.27
CA ILE H 4 56.55 0.75 -14.39
C ILE H 4 55.48 0.87 -15.47
N GLU H 5 55.60 0.02 -16.50
CA GLU H 5 54.72 0.06 -17.66
C GLU H 5 53.41 -0.68 -17.42
N GLY H 6 53.35 -1.50 -16.38
CA GLY H 6 52.12 -2.20 -16.05
C GLY H 6 52.33 -3.59 -15.45
N GLY H 7 51.28 -4.40 -15.47
CA GLY H 7 51.33 -5.73 -14.90
C GLY H 7 51.53 -6.81 -15.94
N TRP H 8 52.04 -7.96 -15.52
CA TRP H 8 52.36 -9.06 -16.45
C TRP H 8 51.25 -10.09 -16.59
N GLN H 9 50.50 -9.99 -17.68
CA GLN H 9 49.58 -11.03 -18.07
C GLN H 9 50.39 -12.27 -18.42
N GLY H 10 50.28 -13.31 -17.59
CA GLY H 10 51.04 -14.52 -17.82
C GLY H 10 52.19 -14.67 -16.85
N MET H 11 52.20 -13.86 -15.80
CA MET H 11 53.17 -14.01 -14.73
C MET H 11 52.91 -15.33 -14.02
N ILE H 12 51.70 -15.44 -13.47
CA ILE H 12 51.23 -16.62 -12.73
C ILE H 12 52.17 -17.08 -11.61
N ASP H 13 51.74 -18.10 -10.86
CA ASP H 13 52.56 -18.72 -9.81
C ASP H 13 52.90 -17.80 -8.64
N GLY H 14 52.56 -16.52 -8.75
CA GLY H 14 52.86 -15.57 -7.70
C GLY H 14 52.44 -14.15 -8.02
N TRP H 15 52.51 -13.30 -6.99
CA TRP H 15 52.14 -11.90 -7.12
C TRP H 15 53.28 -11.08 -7.70
N TYR H 16 54.45 -11.20 -7.09
CA TYR H 16 55.63 -10.47 -7.52
C TYR H 16 56.66 -11.43 -8.10
N GLY H 17 57.31 -11.06 -9.20
CA GLY H 17 58.26 -11.96 -9.82
C GLY H 17 59.23 -11.31 -10.78
N TYR H 18 59.76 -12.11 -11.70
CA TYR H 18 60.77 -11.65 -12.64
C TYR H 18 60.50 -12.11 -14.07
N HIS H 19 61.01 -11.35 -15.03
CA HIS H 19 61.03 -11.78 -16.43
C HIS H 19 62.44 -11.57 -16.95
N HIS H 20 63.07 -12.65 -17.40
CA HIS H 20 64.45 -12.58 -17.85
C HIS H 20 64.56 -12.83 -19.34
N GLU H 21 65.63 -12.34 -19.95
CA GLU H 21 65.93 -12.60 -21.35
C GLU H 21 67.44 -12.78 -21.50
N ASN H 22 67.85 -13.87 -22.14
CA ASN H 22 69.27 -14.10 -22.43
C ASN H 22 69.50 -14.99 -23.64
N GLN H 23 70.69 -15.58 -23.71
CA GLN H 23 71.07 -16.45 -24.82
C GLN H 23 70.20 -17.70 -24.84
N GLU H 24 69.87 -18.23 -23.67
CA GLU H 24 69.12 -19.48 -23.56
C GLU H 24 67.63 -19.31 -23.78
N GLY H 25 67.11 -18.11 -23.57
CA GLY H 25 65.70 -17.85 -23.81
C GLY H 25 65.06 -16.89 -22.82
N SER H 26 63.73 -16.89 -22.78
CA SER H 26 62.98 -15.97 -21.92
C SER H 26 62.06 -16.75 -20.97
N GLY H 27 61.43 -16.04 -20.04
CA GLY H 27 60.52 -16.69 -19.11
C GLY H 27 60.15 -15.88 -17.87
N TYR H 28 59.08 -16.30 -17.20
CA TYR H 28 58.63 -15.65 -15.98
C TYR H 28 58.91 -16.53 -14.75
N ALA H 29 59.24 -15.89 -13.64
CA ALA H 29 59.48 -16.61 -12.40
C ALA H 29 59.02 -15.80 -11.19
N ALA H 30 58.12 -16.38 -10.41
CA ALA H 30 57.58 -15.71 -9.24
C ALA H 30 58.57 -15.71 -8.09
N ASP H 31 58.64 -14.60 -7.36
CA ASP H 31 59.38 -14.55 -6.11
C ASP H 31 58.49 -15.10 -5.01
N LYS H 32 58.51 -16.41 -4.84
CA LYS H 32 57.57 -17.10 -3.96
C LYS H 32 57.56 -16.62 -2.50
N GLU H 33 58.73 -16.33 -1.93
CA GLU H 33 58.80 -15.91 -0.54
C GLU H 33 58.22 -14.51 -0.29
N ALA H 34 58.47 -13.60 -1.23
CA ALA H 34 57.94 -12.24 -1.12
C ALA H 34 56.45 -12.25 -1.41
N THR H 35 56.02 -13.13 -2.30
CA THR H 35 54.61 -13.30 -2.60
C THR H 35 53.91 -13.88 -1.36
N GLN H 36 54.55 -14.87 -0.75
CA GLN H 36 53.99 -15.56 0.41
C GLN H 36 53.92 -14.63 1.62
N LYS H 37 54.88 -13.72 1.73
CA LYS H 37 54.91 -12.78 2.84
C LYS H 37 53.80 -11.73 2.71
N ALA H 38 53.51 -11.33 1.48
CA ALA H 38 52.44 -10.39 1.20
C ALA H 38 51.08 -11.10 1.31
N VAL H 39 51.04 -12.36 0.90
CA VAL H 39 49.84 -13.16 1.03
C VAL H 39 49.48 -13.37 2.50
N ASP H 40 50.49 -13.55 3.34
CA ASP H 40 50.27 -13.70 4.77
C ASP H 40 49.74 -12.42 5.42
N ALA H 41 50.22 -11.26 4.96
CA ALA H 41 49.85 -9.99 5.55
C ALA H 41 48.45 -9.52 5.14
N ILE H 42 48.08 -9.76 3.89
CA ILE H 42 46.75 -9.38 3.40
C ILE H 42 45.69 -10.30 4.01
N THR H 43 45.99 -11.59 4.06
CA THR H 43 45.13 -12.56 4.72
C THR H 43 44.87 -12.15 6.16
N ASN H 44 45.91 -11.66 6.84
CA ASN H 44 45.76 -11.19 8.20
C ASN H 44 44.94 -9.91 8.28
N LYS H 45 45.12 -9.02 7.31
CA LYS H 45 44.34 -7.79 7.26
C LYS H 45 42.85 -8.10 7.10
N VAL H 46 42.53 -8.90 6.11
CA VAL H 46 41.15 -9.25 5.81
C VAL H 46 40.49 -9.95 7.00
N ASN H 47 41.21 -10.88 7.61
CA ASN H 47 40.69 -11.58 8.79
C ASN H 47 40.41 -10.64 9.95
N SER H 48 41.25 -9.63 10.12
CA SER H 48 41.06 -8.64 11.19
C SER H 48 39.78 -7.84 10.99
N ILE H 49 39.54 -7.39 9.76
CA ILE H 49 38.34 -6.62 9.46
C ILE H 49 37.09 -7.49 9.60
N ILE H 50 37.27 -8.80 9.54
CA ILE H 50 36.15 -9.74 9.64
C ILE H 50 36.01 -10.35 11.04
N ASP H 51 37.12 -10.85 11.59
CA ASP H 51 37.07 -11.58 12.86
C ASP H 51 36.99 -10.68 14.10
N LYS H 52 37.21 -9.39 13.92
CA LYS H 52 37.15 -8.48 15.06
C LYS H 52 35.72 -8.02 15.33
N MET H 53 34.78 -8.45 14.49
CA MET H 53 33.37 -8.17 14.75
C MET H 53 32.74 -9.35 15.47
N ASN H 54 32.37 -9.14 16.73
CA ASN H 54 31.88 -10.20 17.59
C ASN H 54 30.52 -9.86 18.20
N SER H 55 29.66 -9.24 17.38
CA SER H 55 28.39 -8.65 17.81
C SER H 55 27.60 -9.42 18.87
N GLN H 56 26.99 -8.68 19.80
CA GLN H 56 26.23 -9.26 20.90
C GLN H 56 24.93 -9.90 20.40
N PHE H 57 24.32 -10.74 21.23
CA PHE H 57 22.95 -11.20 20.93
C PHE H 57 22.02 -10.02 21.20
N GLU H 58 21.26 -9.64 20.17
CA GLU H 58 20.38 -8.48 20.26
C GLU H 58 19.14 -8.72 19.42
N SER H 59 17.99 -8.25 19.90
CA SER H 59 16.72 -8.42 19.20
C SER H 59 16.11 -7.07 18.84
N ASN H 60 15.61 -6.96 17.62
CA ASN H 60 14.96 -5.72 17.16
C ASN H 60 13.45 -5.82 17.08
N ILE H 61 12.78 -4.81 17.61
CA ILE H 61 11.32 -4.75 17.59
C ILE H 61 10.82 -3.41 17.05
N LYS H 62 10.04 -3.46 15.98
CA LYS H 62 9.39 -2.25 15.48
C LYS H 62 7.87 -2.40 15.48
N GLU H 63 7.41 -3.65 15.48
CA GLU H 63 5.99 -3.92 15.64
C GLU H 63 5.57 -3.52 17.05
N PHE H 64 4.71 -2.51 17.13
CA PHE H 64 4.27 -1.94 18.40
C PHE H 64 3.10 -0.99 18.20
N ASN H 65 2.31 -0.75 19.24
CA ASN H 65 1.15 0.12 19.13
C ASN H 65 1.49 1.61 19.10
N ARG H 66 0.54 2.42 19.56
CA ARG H 66 0.74 3.87 19.61
C ARG H 66 1.18 4.34 20.99
N LEU H 67 0.35 4.05 21.99
CA LEU H 67 0.41 4.70 23.31
C LEU H 67 1.76 4.78 24.04
N GLU H 68 2.80 4.18 23.49
CA GLU H 68 4.14 4.36 24.05
C GLU H 68 5.01 5.19 23.10
N LEU H 69 4.38 5.66 22.03
CA LEU H 69 4.96 6.55 21.02
C LEU H 69 6.31 7.19 21.33
N ARG H 70 6.44 7.71 22.54
CA ARG H 70 7.68 8.32 23.00
C ARG H 70 8.84 7.31 22.96
N ILE H 71 8.56 6.07 23.32
CA ILE H 71 9.58 5.03 23.32
C ILE H 71 9.97 4.61 21.90
N GLN H 72 8.96 4.49 21.03
CA GLN H 72 9.21 4.07 19.65
C GLN H 72 9.98 5.14 18.88
N HIS H 73 9.74 6.41 19.22
CA HIS H 73 10.47 7.51 18.60
C HIS H 73 11.95 7.40 18.96
N LEU H 74 12.22 7.10 20.23
CA LEU H 74 13.59 6.97 20.69
C LEU H 74 14.27 5.78 20.03
N SER H 75 13.58 4.65 20.02
CA SER H 75 14.09 3.41 19.44
C SER H 75 14.40 3.55 17.96
N ASP H 76 13.57 4.30 17.24
CA ASP H 76 13.79 4.56 15.82
C ASP H 76 14.99 5.48 15.64
N ARG H 77 15.09 6.48 16.51
CA ARG H 77 16.21 7.41 16.49
C ARG H 77 17.52 6.66 16.67
N VAL H 78 17.55 5.79 17.68
CA VAL H 78 18.70 4.95 17.96
C VAL H 78 19.04 4.07 16.75
N ASP H 79 17.99 3.54 16.13
CA ASP H 79 18.15 2.70 14.94
C ASP H 79 18.89 3.43 13.83
N ASP H 80 18.39 4.61 13.48
CA ASP H 80 18.95 5.39 12.38
C ASP H 80 20.34 5.94 12.71
N ALA H 81 20.56 6.26 13.98
CA ALA H 81 21.84 6.79 14.40
C ALA H 81 22.92 5.72 14.23
N LEU H 82 22.57 4.49 14.60
CA LEU H 82 23.47 3.34 14.46
C LEU H 82 23.66 2.99 12.99
N LEU H 83 22.64 3.22 12.18
CA LEU H 83 22.74 3.01 10.75
C LEU H 83 23.73 3.98 10.15
N ASP H 84 23.57 5.26 10.49
CA ASP H 84 24.47 6.30 10.00
C ASP H 84 25.91 6.07 10.42
N ILE H 85 26.11 5.62 11.65
CA ILE H 85 27.45 5.39 12.19
C ILE H 85 28.15 4.25 11.46
N TRP H 86 27.47 3.13 11.32
CA TRP H 86 28.06 1.95 10.68
C TRP H 86 28.19 2.10 9.15
N SER H 87 27.23 2.79 8.54
CA SER H 87 27.27 3.04 7.10
C SER H 87 28.47 3.92 6.73
N TYR H 88 28.64 5.02 7.46
CA TYR H 88 29.70 5.96 7.17
C TYR H 88 31.09 5.38 7.45
N ASN H 89 31.26 4.82 8.64
CA ASN H 89 32.53 4.28 9.07
C ASN H 89 33.04 3.11 8.22
N THR H 90 32.11 2.30 7.70
CA THR H 90 32.49 1.13 6.93
C THR H 90 32.80 1.52 5.48
N GLU H 91 32.08 2.51 4.97
CA GLU H 91 32.37 3.05 3.65
C GLU H 91 33.79 3.59 3.61
N LEU H 92 34.14 4.41 4.59
CA LEU H 92 35.46 5.02 4.66
C LEU H 92 36.56 4.01 4.97
N LEU H 93 36.24 3.03 5.81
CA LEU H 93 37.20 1.97 6.15
C LEU H 93 37.62 1.19 4.92
N VAL H 94 36.64 0.82 4.09
CA VAL H 94 36.92 0.09 2.86
C VAL H 94 37.72 0.96 1.88
N LEU H 95 37.31 2.22 1.74
CA LEU H 95 38.01 3.15 0.86
C LEU H 95 39.47 3.35 1.27
N LEU H 96 39.69 3.53 2.56
CA LEU H 96 41.04 3.77 3.07
C LEU H 96 41.91 2.52 2.95
N GLU H 97 41.38 1.38 3.39
CA GLU H 97 42.15 0.15 3.35
C GLU H 97 42.46 -0.33 1.94
N ASN H 98 41.59 0.01 0.99
CA ASN H 98 41.85 -0.30 -0.41
C ASN H 98 42.99 0.54 -0.96
N GLU H 99 43.03 1.81 -0.56
CA GLU H 99 44.10 2.72 -0.98
C GLU H 99 45.45 2.24 -0.50
N ARG H 100 45.46 1.67 0.71
CA ARG H 100 46.69 1.25 1.36
C ARG H 100 47.14 -0.14 0.89
N THR H 101 46.18 -0.96 0.47
CA THR H 101 46.49 -2.27 -0.06
C THR H 101 47.22 -2.13 -1.39
N LEU H 102 46.79 -1.16 -2.20
CA LEU H 102 47.44 -0.91 -3.48
C LEU H 102 48.83 -0.32 -3.29
N ASP H 103 48.98 0.54 -2.28
CA ASP H 103 50.27 1.11 -1.94
C ASP H 103 51.20 0.06 -1.34
N PHE H 104 50.59 -0.95 -0.72
CA PHE H 104 51.34 -2.04 -0.10
C PHE H 104 51.99 -2.93 -1.15
N HIS H 105 51.24 -3.22 -2.22
CA HIS H 105 51.76 -4.01 -3.32
C HIS H 105 52.84 -3.26 -4.10
N ASP H 106 52.57 -1.98 -4.37
CA ASP H 106 53.53 -1.12 -5.04
C ASP H 106 54.88 -1.11 -4.33
N ALA H 107 54.84 -0.94 -3.01
CA ALA H 107 56.06 -0.91 -2.21
C ALA H 107 56.79 -2.23 -2.23
N ASN H 108 56.04 -3.32 -2.31
CA ASN H 108 56.62 -4.66 -2.35
C ASN H 108 57.40 -4.94 -3.63
N VAL H 109 56.86 -4.50 -4.76
CA VAL H 109 57.54 -4.70 -6.04
C VAL H 109 58.70 -3.73 -6.19
N LYS H 110 58.61 -2.57 -5.53
CA LYS H 110 59.66 -1.56 -5.60
C LYS H 110 60.88 -2.00 -4.79
N ASN H 111 60.63 -2.56 -3.62
CA ASN H 111 61.70 -3.11 -2.78
C ASN H 111 62.34 -4.32 -3.43
N LEU H 112 61.54 -5.05 -4.21
CA LEU H 112 62.06 -6.20 -4.95
C LEU H 112 63.02 -5.68 -6.01
N PHE H 113 62.59 -4.62 -6.70
CA PHE H 113 63.42 -3.96 -7.71
C PHE H 113 64.67 -3.35 -7.10
N GLU H 114 64.57 -2.87 -5.87
CA GLU H 114 65.69 -2.23 -5.20
C GLU H 114 66.71 -3.24 -4.64
N LYS H 115 66.24 -4.44 -4.34
CA LYS H 115 67.13 -5.51 -3.91
C LYS H 115 68.06 -5.92 -5.04
N VAL H 116 67.52 -6.03 -6.24
CA VAL H 116 68.29 -6.43 -7.40
C VAL H 116 69.29 -5.33 -7.78
N LYS H 117 68.82 -4.09 -7.76
CA LYS H 117 69.65 -2.94 -8.08
C LYS H 117 70.91 -2.89 -7.21
N ALA H 118 70.76 -3.21 -5.93
CA ALA H 118 71.86 -3.16 -4.97
C ALA H 118 72.87 -4.29 -5.17
N GLN H 119 72.50 -5.30 -5.94
CA GLN H 119 73.42 -6.38 -6.26
C GLN H 119 74.24 -6.03 -7.50
N LEU H 120 73.55 -5.66 -8.57
CA LEU H 120 74.17 -5.44 -9.86
C LEU H 120 75.06 -4.20 -9.86
N LYS H 121 74.58 -3.14 -9.21
CA LYS H 121 75.27 -1.85 -9.18
C LYS H 121 75.57 -1.35 -10.59
N ASP H 122 76.82 -1.02 -10.87
CA ASP H 122 77.20 -0.52 -12.19
C ASP H 122 77.49 -1.62 -13.22
N ASN H 123 77.16 -2.87 -12.88
CA ASN H 123 77.29 -3.98 -13.83
C ASN H 123 76.07 -4.06 -14.75
N ALA H 124 75.13 -3.15 -14.55
CA ALA H 124 73.90 -3.14 -15.32
C ALA H 124 73.42 -1.71 -15.57
N ILE H 125 72.50 -1.56 -16.50
CA ILE H 125 71.92 -0.25 -16.81
C ILE H 125 70.42 -0.22 -16.48
N ASP H 126 70.04 0.70 -15.60
CA ASP H 126 68.63 0.90 -15.26
C ASP H 126 67.91 1.49 -16.45
N GLU H 127 67.05 0.69 -17.08
CA GLU H 127 66.30 1.15 -18.23
C GLU H 127 65.19 2.14 -17.84
N GLY H 128 64.93 2.23 -16.54
CA GLY H 128 63.94 3.15 -16.01
C GLY H 128 62.51 2.69 -16.16
N ASN H 129 62.36 1.45 -16.64
CA ASN H 129 61.04 0.87 -16.83
C ASN H 129 60.83 -0.35 -15.95
N GLY H 130 61.76 -0.58 -15.03
CA GLY H 130 61.69 -1.74 -14.16
C GLY H 130 62.62 -2.86 -14.60
N CYS H 131 63.27 -2.66 -15.75
CA CYS H 131 64.18 -3.65 -16.30
C CYS H 131 65.63 -3.21 -16.19
N PHE H 132 66.53 -4.15 -15.95
CA PHE H 132 67.96 -3.88 -15.94
C PHE H 132 68.60 -4.44 -17.20
N LEU H 133 69.40 -3.63 -17.88
CA LEU H 133 70.19 -4.09 -19.00
C LEU H 133 71.57 -4.50 -18.49
N LEU H 134 71.84 -5.81 -18.49
CA LEU H 134 73.10 -6.32 -17.98
C LEU H 134 74.27 -6.04 -18.93
N LEU H 135 75.35 -5.53 -18.36
CA LEU H 135 76.53 -5.16 -19.14
C LEU H 135 77.47 -6.33 -19.38
N HIS H 136 77.00 -7.53 -19.10
CA HIS H 136 77.80 -8.73 -19.30
C HIS H 136 76.92 -9.89 -19.74
N LYS H 137 77.51 -11.09 -19.80
CA LYS H 137 76.77 -12.29 -20.14
C LYS H 137 76.16 -12.92 -18.90
N CYS H 138 74.88 -13.23 -18.98
CA CYS H 138 74.17 -13.79 -17.83
C CYS H 138 73.38 -15.03 -18.25
N ASN H 139 73.98 -16.20 -18.09
CA ASN H 139 73.28 -17.45 -18.37
C ASN H 139 72.22 -17.74 -17.30
N ASN H 140 71.43 -18.79 -17.51
CA ASN H 140 70.36 -19.12 -16.57
C ASN H 140 70.85 -19.33 -15.14
N SER H 141 72.10 -19.76 -15.01
CA SER H 141 72.73 -19.91 -13.72
C SER H 141 72.94 -18.55 -13.07
N CYS H 142 73.20 -17.54 -13.89
CA CYS H 142 73.42 -16.19 -13.40
C CYS H 142 72.12 -15.52 -12.99
N MET H 143 71.09 -15.68 -13.84
CA MET H 143 69.78 -15.13 -13.55
C MET H 143 69.26 -15.67 -12.23
N ASP H 144 69.47 -16.95 -12.01
CA ASP H 144 69.05 -17.62 -10.80
C ASP H 144 69.72 -17.03 -9.56
N ASP H 145 71.01 -16.69 -9.70
CA ASP H 145 71.77 -16.11 -8.59
C ASP H 145 71.22 -14.74 -8.21
N ILE H 146 70.76 -14.00 -9.21
CA ILE H 146 70.18 -12.69 -8.98
C ILE H 146 68.87 -12.83 -8.25
N LYS H 147 68.00 -13.71 -8.77
CA LYS H 147 66.70 -13.96 -8.16
C LYS H 147 66.83 -14.53 -6.74
N ASN H 148 67.98 -15.10 -6.45
CA ASN H 148 68.22 -15.68 -5.13
C ASN H 148 69.04 -14.74 -4.25
N GLY H 149 69.42 -13.60 -4.80
CA GLY H 149 70.18 -12.61 -4.06
C GLY H 149 71.61 -13.02 -3.78
N THR H 150 72.15 -13.92 -4.60
CA THR H 150 73.51 -14.43 -4.41
C THR H 150 74.45 -13.98 -5.52
N TYR H 151 73.97 -13.09 -6.39
CA TYR H 151 74.78 -12.53 -7.48
C TYR H 151 76.02 -11.85 -6.93
N LYS H 152 77.19 -12.27 -7.41
CA LYS H 152 78.44 -11.66 -6.97
C LYS H 152 78.95 -10.60 -7.94
N TYR H 153 79.02 -9.38 -7.42
CA TYR H 153 79.39 -8.18 -8.17
C TYR H 153 80.75 -8.29 -8.86
N MET H 154 81.77 -8.68 -8.11
CA MET H 154 83.14 -8.71 -8.62
C MET H 154 83.38 -9.73 -9.74
N ASP H 155 82.61 -10.81 -9.73
CA ASP H 155 82.81 -11.88 -10.71
C ASP H 155 82.47 -11.47 -12.14
N TYR H 156 81.83 -10.31 -12.29
CA TYR H 156 81.43 -9.81 -13.59
C TYR H 156 81.88 -8.37 -13.79
N ARG H 157 82.68 -7.87 -12.86
CA ARG H 157 83.07 -6.45 -12.86
C ARG H 157 83.85 -6.05 -14.11
N GLU H 158 84.96 -6.74 -14.35
CA GLU H 158 85.83 -6.43 -15.47
C GLU H 158 85.09 -6.43 -16.81
N GLU H 159 84.32 -7.48 -17.05
CA GLU H 159 83.55 -7.61 -18.29
C GLU H 159 82.57 -6.45 -18.45
N SER H 160 82.00 -6.01 -17.33
CA SER H 160 81.03 -4.91 -17.34
C SER H 160 81.72 -3.59 -17.67
N HIS H 161 82.86 -3.34 -17.04
CA HIS H 161 83.62 -2.12 -17.27
C HIS H 161 84.02 -2.00 -18.73
N ILE H 162 84.49 -3.11 -19.30
CA ILE H 162 84.89 -3.15 -20.70
C ILE H 162 83.71 -2.85 -21.61
N GLU H 163 82.57 -3.48 -21.34
CA GLU H 163 81.38 -3.30 -22.15
C GLU H 163 80.82 -1.88 -22.07
N LYS H 164 80.98 -1.23 -20.92
CA LYS H 164 80.52 0.14 -20.78
C LYS H 164 81.42 1.12 -21.52
N GLN H 165 82.73 0.89 -21.47
CA GLN H 165 83.68 1.71 -22.23
C GLN H 165 83.35 1.67 -23.72
N LYS H 166 82.85 0.52 -24.17
CA LYS H 166 82.40 0.35 -25.56
C LYS H 166 81.20 1.24 -25.83
N ILE H 167 80.34 1.37 -24.82
CA ILE H 167 79.10 2.13 -24.91
C ILE H 167 79.35 3.63 -24.80
N ASP H 168 80.11 4.02 -23.78
CA ASP H 168 80.61 5.38 -23.64
C ASP H 168 81.37 5.74 -24.91
N GLY H 169 82.24 4.82 -25.33
CA GLY H 169 82.92 4.85 -26.61
C GLY H 169 83.66 6.11 -27.01
N VAL H 170 84.30 6.06 -28.18
CA VAL H 170 84.41 4.84 -28.98
C VAL H 170 85.75 4.78 -29.72
N GLU H 171 86.14 5.92 -30.28
CA GLU H 171 87.39 6.04 -31.03
C GLU H 171 87.80 7.50 -31.16
N GLN I 1 89.69 -1.51 5.88
CA GLN I 1 88.69 -0.72 5.18
C GLN I 1 87.80 0.09 6.12
N ASP I 2 87.35 1.25 5.64
CA ASP I 2 86.53 2.16 6.44
C ASP I 2 85.05 2.14 6.02
N ARG I 3 84.19 1.81 6.98
CA ARG I 3 82.76 1.73 6.74
C ARG I 3 81.97 2.63 7.69
N ILE I 4 80.83 3.12 7.21
CA ILE I 4 79.87 3.77 8.09
C ILE I 4 78.47 3.19 7.86
N CYS I 5 77.88 2.66 8.91
CA CYS I 5 76.60 1.96 8.81
C CYS I 5 75.42 2.77 9.33
N ILE I 6 74.23 2.42 8.87
CA ILE I 6 73.00 3.06 9.32
C ILE I 6 72.08 2.00 9.93
N GLY I 7 71.66 2.21 11.17
CA GLY I 7 70.81 1.25 11.84
C GLY I 7 69.97 1.83 12.96
N TYR I 8 69.34 0.95 13.73
CA TYR I 8 68.39 1.37 14.74
C TYR I 8 68.49 0.58 16.04
N GLN I 9 67.73 1.03 17.05
CA GLN I 9 67.85 0.50 18.41
C GLN I 9 67.10 -0.82 18.62
N ALA I 10 67.69 -1.66 19.48
CA ALA I 10 67.02 -2.85 19.99
C ALA I 10 67.30 -2.91 21.49
N ASN I 11 66.48 -3.66 22.23
CA ASN I 11 66.72 -3.86 23.65
C ASN I 11 66.14 -5.17 24.17
N GLN I 12 66.04 -5.28 25.49
CA GLN I 12 65.56 -6.50 26.14
C GLN I 12 64.12 -6.37 26.58
N ASN I 13 63.30 -5.75 25.74
CA ASN I 13 61.89 -5.55 26.04
C ASN I 13 61.05 -6.69 25.47
N ASN I 14 60.31 -7.37 26.34
CA ASN I 14 59.48 -8.50 25.92
C ASN I 14 58.12 -8.08 25.35
N GLN I 15 57.89 -6.78 25.23
CA GLN I 15 56.62 -6.28 24.73
C GLN I 15 56.38 -6.62 23.28
N THR I 16 55.16 -7.08 22.99
CA THR I 16 54.74 -7.37 21.63
C THR I 16 53.45 -6.62 21.31
N VAL I 17 53.27 -6.28 20.05
CA VAL I 17 52.02 -5.68 19.60
C VAL I 17 51.50 -6.38 18.35
N ASN I 18 50.22 -6.18 18.07
CA ASN I 18 49.63 -6.69 16.86
C ASN I 18 49.36 -5.53 15.91
N THR I 19 49.40 -5.82 14.61
CA THR I 19 49.07 -4.81 13.61
C THR I 19 48.02 -5.37 12.68
N LEU I 20 47.63 -4.55 11.71
CA LEU I 20 46.68 -4.98 10.69
C LEU I 20 47.31 -6.05 9.81
N LEU I 21 48.65 -6.08 9.81
CA LEU I 21 49.41 -6.97 8.94
C LEU I 21 50.07 -8.14 9.66
N GLU I 22 50.66 -7.86 10.82
CA GLU I 22 51.37 -8.89 11.57
C GLU I 22 50.84 -8.97 12.99
N GLN I 23 51.08 -10.11 13.65
CA GLN I 23 50.71 -10.26 15.05
C GLN I 23 51.88 -10.67 15.94
N ASN I 24 51.84 -10.21 17.19
CA ASN I 24 52.89 -10.47 18.17
C ASN I 24 54.25 -9.97 17.72
N VAL I 25 54.29 -8.74 17.20
CA VAL I 25 55.52 -8.12 16.77
C VAL I 25 56.28 -7.49 17.93
N PRO I 26 57.50 -7.99 18.19
CA PRO I 26 58.33 -7.49 19.30
C PRO I 26 58.63 -6.02 19.11
N VAL I 27 58.59 -5.26 20.19
CA VAL I 27 58.84 -3.83 20.12
C VAL I 27 59.65 -3.33 21.31
N THR I 28 60.39 -2.26 21.10
CA THR I 28 61.24 -1.68 22.14
C THR I 28 60.43 -0.85 23.12
N GLY I 29 59.23 -0.45 22.70
CA GLY I 29 58.35 0.36 23.54
C GLY I 29 56.90 0.33 23.10
N ALA I 30 56.00 0.12 24.04
CA ALA I 30 54.58 0.07 23.75
C ALA I 30 53.72 0.62 24.88
N GLN I 31 52.65 1.32 24.52
CA GLN I 31 51.73 1.89 25.50
C GLN I 31 50.42 1.11 25.61
N GLU I 32 49.94 0.94 26.84
CA GLU I 32 48.62 0.39 27.08
C GLU I 32 47.62 1.54 27.19
N ILE I 33 46.63 1.56 26.31
CA ILE I 33 45.58 2.58 26.38
C ILE I 33 44.27 2.02 26.90
N LEU I 34 44.33 0.85 27.54
CA LEU I 34 43.15 0.25 28.12
C LEU I 34 43.27 0.17 29.63
N GLU I 35 42.40 0.89 30.33
CA GLU I 35 42.39 0.80 31.79
C GLU I 35 41.76 -0.52 32.23
N THR I 36 42.44 -1.22 33.13
CA THR I 36 41.99 -2.53 33.56
C THR I 36 41.94 -2.62 35.08
N ASN I 37 42.38 -1.55 35.74
CA ASN I 37 42.46 -1.52 37.19
C ASN I 37 41.45 -0.58 37.86
N HIS I 38 41.10 -0.91 39.10
CA HIS I 38 40.19 -0.11 39.89
C HIS I 38 40.59 -0.21 41.36
N ASN I 39 40.03 0.65 42.20
CA ASN I 39 40.42 0.66 43.61
C ASN I 39 39.53 -0.22 44.49
N GLY I 40 38.55 -0.89 43.87
CA GLY I 40 37.63 -1.75 44.58
C GLY I 40 36.84 -1.05 45.67
N LYS I 41 36.54 0.22 45.47
CA LYS I 41 35.86 1.02 46.48
C LYS I 41 34.66 1.79 45.90
N LEU I 42 33.69 2.08 46.77
CA LEU I 42 32.64 3.03 46.44
C LEU I 42 33.08 4.39 46.96
N CYS I 43 33.21 5.37 46.07
CA CYS I 43 33.81 6.65 46.44
C CYS I 43 32.89 7.81 46.16
N SER I 44 33.37 9.01 46.46
CA SER I 44 32.66 10.24 46.14
C SER I 44 33.00 10.67 44.72
N LEU I 45 32.03 11.29 44.05
CA LEU I 45 32.26 11.80 42.71
C LEU I 45 32.63 13.27 42.78
N ASN I 46 33.90 13.57 42.54
CA ASN I 46 34.41 14.95 42.56
C ASN I 46 34.12 15.64 43.89
N GLY I 47 34.34 14.90 44.97
CA GLY I 47 34.14 15.42 46.31
C GLY I 47 32.75 15.15 46.86
N VAL I 48 31.77 15.08 45.95
CA VAL I 48 30.37 14.84 46.32
C VAL I 48 30.11 13.37 46.66
N PRO I 49 29.91 13.07 47.96
CA PRO I 49 29.73 11.69 48.40
C PRO I 49 28.37 11.13 47.98
N PRO I 50 28.27 9.80 47.85
CA PRO I 50 26.99 9.20 47.48
C PRO I 50 26.05 9.13 48.67
N LEU I 51 24.77 8.84 48.42
CA LEU I 51 23.80 8.73 49.49
C LEU I 51 23.80 7.31 50.04
N ASP I 52 23.98 7.20 51.35
CA ASP I 52 23.93 5.90 52.02
C ASP I 52 22.70 5.83 52.93
N LEU I 53 21.70 5.13 52.39
CA LEU I 53 20.50 4.71 53.09
C LEU I 53 20.82 3.29 53.49
N GLN I 54 21.23 3.16 54.74
CA GLN I 54 21.87 1.96 55.25
C GLN I 54 20.85 0.87 55.39
N SER I 55 20.07 0.92 56.46
CA SER I 55 19.01 -0.07 56.62
C SER I 55 17.68 0.39 56.05
N CYS I 56 17.64 1.61 55.51
CA CYS I 56 16.39 2.16 55.00
C CYS I 56 16.32 2.17 53.48
N THR I 57 15.11 2.19 52.96
CA THR I 57 14.89 2.41 51.54
C THR I 57 14.70 3.90 51.33
N LEU I 58 14.74 4.35 50.07
CA LEU I 58 14.53 5.76 49.77
C LEU I 58 13.12 6.16 50.20
N ALA I 59 12.17 5.26 50.01
CA ALA I 59 10.79 5.48 50.43
C ALA I 59 10.72 5.64 51.95
N GLY I 60 11.26 4.67 52.67
CA GLY I 60 11.23 4.67 54.12
C GLY I 60 11.89 5.91 54.72
N TRP I 61 12.93 6.40 54.06
CA TRP I 61 13.65 7.58 54.53
C TRP I 61 12.89 8.88 54.28
N LEU I 62 12.35 9.03 53.07
CA LEU I 62 11.66 10.25 52.67
C LEU I 62 10.31 10.40 53.38
N LEU I 63 9.61 9.30 53.54
CA LEU I 63 8.33 9.31 54.26
C LEU I 63 8.58 9.62 55.73
N GLY I 64 9.71 9.15 56.23
CA GLY I 64 10.08 9.39 57.62
C GLY I 64 9.69 8.25 58.54
N ASN I 65 9.97 7.04 58.10
CA ASN I 65 9.84 5.86 58.96
C ASN I 65 10.63 6.09 60.24
N PRO I 66 10.00 5.83 61.39
CA PRO I 66 10.63 6.06 62.71
C PRO I 66 11.96 5.35 62.90
N ASN I 67 12.20 4.28 62.14
CA ASN I 67 13.49 3.58 62.23
C ASN I 67 14.54 4.14 61.28
N CYS I 68 14.29 5.32 60.73
CA CYS I 68 15.20 5.97 59.79
C CYS I 68 15.62 7.35 60.28
N ASP I 69 15.30 7.62 61.55
CA ASP I 69 15.57 8.93 62.15
C ASP I 69 17.05 9.14 62.45
N ASN I 70 17.90 8.23 62.00
CA ASN I 70 19.31 8.26 62.35
C ASN I 70 20.26 8.46 61.18
N LEU I 71 19.73 8.69 59.97
CA LEU I 71 20.59 8.64 58.78
C LEU I 71 21.78 9.61 58.73
N LEU I 72 21.60 10.93 58.61
CA LEU I 72 20.38 11.66 58.28
C LEU I 72 20.88 12.96 57.63
N GLU I 73 20.03 13.98 57.58
CA GLU I 73 20.35 15.31 57.06
C GLU I 73 21.47 15.41 56.02
N ALA I 74 21.39 14.60 54.97
CA ALA I 74 22.35 14.67 53.87
C ALA I 74 21.92 15.77 52.91
N GLU I 75 22.74 16.81 52.80
CA GLU I 75 22.42 17.97 51.97
C GLU I 75 22.57 17.69 50.48
N GLU I 76 23.64 17.00 50.09
CA GLU I 76 23.84 16.64 48.69
C GLU I 76 24.43 15.26 48.50
N TRP I 77 24.18 14.67 47.33
CA TRP I 77 24.80 13.39 46.98
C TRP I 77 24.97 13.24 45.47
N SER I 78 25.99 12.48 45.08
CA SER I 78 26.36 12.34 43.67
C SER I 78 25.65 11.18 42.99
N TYR I 79 25.26 10.19 43.80
CA TYR I 79 24.49 9.04 43.32
C TYR I 79 24.00 8.25 44.52
N ILE I 80 22.97 7.43 44.32
CA ILE I 80 22.40 6.66 45.42
C ILE I 80 22.89 5.23 45.41
N LYS I 81 23.47 4.80 46.53
CA LYS I 81 23.83 3.40 46.67
C LYS I 81 22.58 2.63 47.08
N ILE I 82 22.10 1.78 46.19
CA ILE I 82 20.87 1.04 46.45
C ILE I 82 21.10 -0.22 47.28
N ASN I 83 20.42 -0.31 48.42
CA ASN I 83 20.41 -1.53 49.21
C ASN I 83 19.10 -2.27 48.96
N GLU I 84 19.16 -3.33 48.15
CA GLU I 84 17.94 -3.99 47.69
C GLU I 84 17.17 -4.75 48.78
N ASN I 85 17.85 -5.06 49.87
CA ASN I 85 17.24 -5.82 50.96
C ASN I 85 17.20 -5.04 52.28
N ALA I 86 16.83 -3.77 52.20
CA ALA I 86 16.72 -2.93 53.38
C ALA I 86 15.41 -3.25 54.10
N PRO I 87 15.50 -3.51 55.42
CA PRO I 87 14.34 -3.92 56.22
C PRO I 87 13.35 -2.78 56.49
N ASP I 88 13.84 -1.56 56.62
CA ASP I 88 12.98 -0.43 56.99
C ASP I 88 12.41 0.29 55.78
N ASP I 89 11.26 -0.21 55.31
CA ASP I 89 10.59 0.33 54.14
C ASP I 89 9.28 0.99 54.55
N LEU I 90 8.16 0.35 54.19
CA LEU I 90 6.83 0.87 54.52
C LEU I 90 6.31 0.22 55.81
N CYS I 91 6.44 0.92 56.92
CA CYS I 91 6.03 0.39 58.22
C CYS I 91 4.51 0.15 58.30
N PHE I 92 3.72 1.01 57.67
CA PHE I 92 2.30 0.78 57.49
C PHE I 92 2.11 0.17 56.10
N PRO I 93 1.50 -1.03 56.04
CA PRO I 93 1.42 -1.79 54.79
C PRO I 93 0.70 -1.05 53.67
N GLY I 94 1.27 -1.09 52.47
CA GLY I 94 0.66 -0.45 51.32
C GLY I 94 1.55 -0.41 50.09
N ASN I 95 1.05 0.25 49.04
CA ASN I 95 1.77 0.38 47.78
C ASN I 95 2.44 1.74 47.66
N PHE I 96 3.60 1.77 47.03
CA PHE I 96 4.22 3.05 46.67
C PHE I 96 4.09 3.30 45.18
N GLU I 97 3.39 4.37 44.83
CA GLU I 97 3.12 4.68 43.43
C GLU I 97 4.27 5.45 42.79
N ASN I 98 4.69 4.98 41.62
CA ASN I 98 5.70 5.65 40.80
C ASN I 98 7.07 5.77 41.49
N LEU I 99 7.51 4.68 42.12
CA LEU I 99 8.76 4.68 42.87
C LEU I 99 9.99 4.86 41.97
N GLN I 100 9.93 4.35 40.75
CA GLN I 100 11.07 4.41 39.84
C GLN I 100 11.42 5.85 39.45
N ASP I 101 10.41 6.62 39.06
CA ASP I 101 10.61 8.02 38.71
C ASP I 101 11.09 8.82 39.91
N LEU I 102 10.74 8.37 41.12
CA LEU I 102 11.22 9.03 42.33
C LEU I 102 12.69 8.68 42.53
N LEU I 103 13.05 7.44 42.20
CA LEU I 103 14.45 7.01 42.24
C LEU I 103 15.27 7.88 41.32
N LEU I 104 14.77 8.09 40.10
CA LEU I 104 15.44 8.92 39.11
C LEU I 104 15.58 10.36 39.58
N GLU I 105 14.46 10.96 39.99
CA GLU I 105 14.43 12.35 40.42
C GLU I 105 15.40 12.61 41.58
N MET I 106 15.59 11.60 42.44
CA MET I 106 16.44 11.74 43.61
C MET I 106 17.84 11.18 43.43
N SER I 107 18.16 10.73 42.22
CA SER I 107 19.44 10.08 41.95
C SER I 107 20.64 11.01 42.19
N GLY I 108 20.45 12.30 41.98
CA GLY I 108 21.49 13.29 42.23
C GLY I 108 20.92 14.68 42.49
N VAL I 109 20.99 15.13 43.74
CA VAL I 109 20.46 16.43 44.12
C VAL I 109 21.52 17.30 44.79
N GLN I 110 21.20 18.58 44.93
CA GLN I 110 22.19 19.54 45.39
C GLN I 110 21.87 20.16 46.74
N ASN I 111 20.87 21.04 46.77
CA ASN I 111 20.57 21.74 48.01
C ASN I 111 19.30 21.17 48.66
N PHE I 112 19.48 20.01 49.28
CA PHE I 112 18.40 19.20 49.83
C PHE I 112 18.13 19.51 51.31
N THR I 113 17.14 20.35 51.57
CA THR I 113 16.75 20.67 52.95
C THR I 113 15.25 20.46 53.19
N LYS I 114 14.91 19.91 54.36
CA LYS I 114 13.54 19.60 54.74
C LYS I 114 12.76 20.86 55.16
N VAL I 115 11.48 20.92 54.80
CA VAL I 115 10.63 22.06 55.14
C VAL I 115 9.30 21.64 55.76
N LYS I 116 8.86 22.36 56.78
CA LYS I 116 7.52 22.15 57.30
C LYS I 116 6.55 22.69 56.26
N LEU I 117 5.47 21.95 56.01
CA LEU I 117 4.53 22.28 54.95
C LEU I 117 3.30 23.02 55.45
N PHE I 118 2.77 22.56 56.58
CA PHE I 118 1.64 23.21 57.22
C PHE I 118 1.67 22.91 58.71
N ASN I 119 0.79 23.56 59.46
CA ASN I 119 0.71 23.34 60.90
C ASN I 119 -0.61 22.66 61.26
N PRO I 120 -0.55 21.38 61.67
CA PRO I 120 -1.73 20.58 62.00
C PRO I 120 -2.55 21.19 63.14
N GLN I 121 -1.89 21.94 64.00
CA GLN I 121 -2.57 22.55 65.14
C GLN I 121 -3.48 23.71 64.70
N SER I 122 -3.26 24.21 63.49
CA SER I 122 -4.04 25.33 62.98
C SER I 122 -5.39 24.89 62.42
N MET I 123 -5.61 23.59 62.35
CA MET I 123 -6.87 23.04 61.84
C MET I 123 -7.86 22.80 62.97
N THR I 124 -9.15 22.75 62.63
CA THR I 124 -10.21 22.47 63.59
C THR I 124 -11.14 21.38 63.07
N GLY I 125 -11.96 20.84 63.97
CA GLY I 125 -12.94 19.82 63.61
C GLY I 125 -12.28 18.59 63.04
N VAL I 126 -11.12 18.24 63.60
CA VAL I 126 -10.32 17.17 63.06
C VAL I 126 -9.28 16.67 64.08
N THR I 127 -8.95 15.40 64.00
CA THR I 127 -7.86 14.83 64.80
C THR I 127 -6.59 14.74 63.94
N THR I 128 -5.47 15.18 64.50
CA THR I 128 -4.19 15.11 63.80
C THR I 128 -3.18 14.26 64.56
N ASN I 129 -2.03 14.01 63.94
CA ASN I 129 -0.95 13.24 64.54
C ASN I 129 -1.35 11.86 65.05
N ASN I 130 -2.31 11.22 64.38
CA ASN I 130 -2.73 9.88 64.75
C ASN I 130 -1.62 8.86 64.54
N VAL I 131 -1.58 7.84 65.40
CA VAL I 131 -0.50 6.87 65.37
C VAL I 131 -1.01 5.43 65.30
N ASP I 132 -0.09 4.49 65.09
CA ASP I 132 -0.46 3.08 65.01
C ASP I 132 0.68 2.17 65.46
N GLN I 133 0.32 0.96 65.88
CA GLN I 133 1.30 0.00 66.38
C GLN I 133 2.25 -0.50 65.30
N THR I 134 1.82 -0.43 64.05
CA THR I 134 2.61 -0.95 62.94
C THR I 134 3.77 -0.04 62.56
N CYS I 135 3.78 1.17 63.11
CA CYS I 135 4.89 2.09 62.92
C CYS I 135 5.40 2.51 64.29
N PRO I 136 6.02 1.58 65.02
CA PRO I 136 6.41 1.84 66.41
C PRO I 136 7.65 2.72 66.48
N PHE I 137 7.77 3.46 67.57
CA PHE I 137 9.01 4.15 67.90
C PHE I 137 9.37 3.89 69.36
N GLU I 138 10.42 3.10 69.55
CA GLU I 138 10.86 2.70 70.89
C GLU I 138 9.74 2.00 71.68
N GLY I 139 9.11 1.02 71.05
CA GLY I 139 8.10 0.19 71.68
C GLY I 139 6.71 0.79 71.72
N LYS I 140 6.58 2.01 71.19
CA LYS I 140 5.33 2.74 71.23
C LYS I 140 4.79 3.09 69.83
N PRO I 141 3.47 2.95 69.65
CA PRO I 141 2.79 3.29 68.39
C PRO I 141 3.03 4.74 67.95
N SER I 142 3.71 4.91 66.82
CA SER I 142 4.01 6.22 66.28
C SER I 142 3.46 6.31 64.87
N PHE I 143 4.10 7.12 64.03
CA PHE I 143 3.75 7.21 62.62
C PHE I 143 4.89 7.90 61.88
N TYR I 144 4.82 7.93 60.55
CA TYR I 144 5.83 8.61 59.74
C TYR I 144 6.07 10.04 60.20
N ARG I 145 7.33 10.47 60.19
CA ARG I 145 7.70 11.79 60.69
C ARG I 145 7.22 12.90 59.76
N ASN I 146 7.23 12.61 58.47
CA ASN I 146 6.93 13.62 57.46
C ASN I 146 5.48 13.60 56.99
N LEU I 147 4.72 12.61 57.46
CA LEU I 147 3.31 12.50 57.11
C LEU I 147 2.42 12.66 58.35
N ASN I 148 1.30 13.36 58.19
CA ASN I 148 0.36 13.52 59.29
C ASN I 148 -0.97 12.86 58.99
N TRP I 149 -1.33 11.86 59.81
CA TRP I 149 -2.58 11.14 59.63
C TRP I 149 -3.72 11.95 60.22
N ILE I 150 -4.64 12.40 59.37
CA ILE I 150 -5.77 13.21 59.80
C ILE I 150 -7.04 12.37 59.87
N GLN I 151 -7.78 12.51 60.97
CA GLN I 151 -9.02 11.76 61.18
C GLN I 151 -10.09 12.64 61.83
N GLY I 152 -11.24 12.03 62.08
CA GLY I 152 -12.33 12.65 62.84
C GLY I 152 -12.94 13.91 62.27
N ASN I 153 -13.05 13.97 60.95
CA ASN I 153 -13.57 15.17 60.29
C ASN I 153 -15.10 15.17 60.20
N SER I 154 -15.72 14.05 60.54
CA SER I 154 -17.18 13.92 60.53
C SER I 154 -17.76 14.19 59.15
N GLY I 155 -17.12 13.65 58.13
CA GLY I 155 -17.58 13.81 56.75
C GLY I 155 -17.40 15.21 56.21
N LEU I 156 -16.84 16.10 57.02
CA LEU I 156 -16.65 17.49 56.62
C LEU I 156 -15.30 17.69 55.95
N PRO I 157 -15.25 18.58 54.95
CA PRO I 157 -14.01 18.89 54.23
C PRO I 157 -13.03 19.69 55.07
N PHE I 158 -11.74 19.38 54.93
CA PHE I 158 -10.68 20.19 55.53
C PHE I 158 -9.71 20.63 54.45
N ASN I 159 -8.97 21.69 54.72
CA ASN I 159 -8.10 22.29 53.70
C ASN I 159 -6.65 22.50 54.14
N ILE I 160 -5.75 22.31 53.18
CA ILE I 160 -4.32 22.49 53.41
C ILE I 160 -3.72 23.24 52.23
N GLU I 161 -3.00 24.33 52.50
CA GLU I 161 -2.32 25.07 51.44
C GLU I 161 -0.80 25.00 51.60
N ILE I 162 -0.14 24.56 50.54
CA ILE I 162 1.31 24.42 50.55
C ILE I 162 1.92 25.30 49.47
N LYS I 163 2.91 26.11 49.85
CA LYS I 163 3.53 27.01 48.89
C LYS I 163 5.04 26.79 48.83
N ASN I 164 5.55 26.74 47.60
CA ASN I 164 6.99 26.70 47.36
C ASN I 164 7.41 28.06 46.87
N PRO I 165 7.87 28.93 47.79
CA PRO I 165 8.25 30.31 47.49
C PRO I 165 9.68 30.41 46.98
N THR I 166 10.37 29.28 46.88
CA THR I 166 11.75 29.29 46.41
C THR I 166 11.87 29.11 44.90
N SER I 167 13.09 29.18 44.40
CA SER I 167 13.36 29.06 42.98
C SER I 167 13.69 27.62 42.59
N ASN I 168 13.67 26.73 43.58
CA ASN I 168 13.88 25.30 43.34
C ASN I 168 12.60 24.51 43.57
N PRO I 169 12.50 23.31 42.96
CA PRO I 169 11.34 22.45 43.17
C PRO I 169 11.22 21.93 44.60
N LEU I 170 10.02 21.51 44.98
CA LEU I 170 9.74 21.04 46.33
C LEU I 170 9.16 19.61 46.30
N LEU I 171 9.89 18.67 46.90
CA LEU I 171 9.45 17.28 46.92
C LEU I 171 8.35 17.05 47.94
N LEU I 172 7.25 16.44 47.52
CA LEU I 172 6.12 16.18 48.41
C LEU I 172 5.79 14.70 48.44
N LEU I 173 5.52 14.17 49.63
CA LEU I 173 5.04 12.80 49.76
C LEU I 173 3.76 12.77 50.58
N TRP I 174 2.82 11.92 50.18
CA TRP I 174 1.57 11.77 50.90
C TRP I 174 0.99 10.38 50.69
N GLY I 175 -0.12 10.10 51.36
CA GLY I 175 -0.76 8.81 51.26
C GLY I 175 -2.28 8.89 51.19
N ILE I 176 -2.88 7.83 50.67
CA ILE I 176 -4.33 7.69 50.67
C ILE I 176 -4.70 6.44 51.46
N HIS I 177 -5.55 6.60 52.47
CA HIS I 177 -5.93 5.49 53.32
C HIS I 177 -7.02 4.66 52.66
N ASN I 178 -6.66 3.43 52.28
CA ASN I 178 -7.65 2.48 51.76
C ASN I 178 -8.23 1.64 52.90
N THR I 179 -9.39 2.08 53.39
CA THR I 179 -10.06 1.43 54.50
C THR I 179 -10.56 0.02 54.12
N LYS I 180 -10.61 -0.86 55.11
CA LYS I 180 -10.94 -2.27 54.90
C LYS I 180 -12.43 -2.52 54.68
N ASP I 181 -13.26 -1.73 55.35
CA ASP I 181 -14.71 -1.82 55.19
C ASP I 181 -15.42 -0.51 55.47
N ALA I 182 -16.70 -0.46 55.12
CA ALA I 182 -17.53 0.74 55.28
C ALA I 182 -17.55 1.22 56.73
N ALA I 183 -17.58 0.26 57.65
CA ALA I 183 -17.61 0.58 59.08
C ALA I 183 -16.38 1.38 59.52
N GLN I 184 -15.20 0.91 59.13
CA GLN I 184 -13.96 1.64 59.44
C GLN I 184 -13.96 3.01 58.77
N GLN I 185 -14.38 3.03 57.50
CA GLN I 185 -14.44 4.27 56.74
C GLN I 185 -15.25 5.34 57.48
N ARG I 186 -16.33 4.90 58.11
CA ARG I 186 -17.21 5.83 58.79
C ARG I 186 -16.75 6.09 60.22
N ASN I 187 -16.19 5.07 60.86
CA ASN I 187 -15.68 5.21 62.20
C ASN I 187 -14.60 6.28 62.26
N LEU I 188 -13.83 6.38 61.18
CA LEU I 188 -12.67 7.28 61.12
C LEU I 188 -12.98 8.63 60.47
N TYR I 189 -13.69 8.61 59.35
CA TYR I 189 -13.86 9.84 58.56
C TYR I 189 -15.31 10.30 58.43
N GLY I 190 -16.22 9.57 59.07
CA GLY I 190 -17.62 9.98 59.15
C GLY I 190 -18.41 9.97 57.85
N ASN I 191 -18.07 9.03 56.96
CA ASN I 191 -18.80 8.88 55.70
C ASN I 191 -18.60 7.49 55.09
N ASP I 192 -19.29 7.23 53.99
CA ASP I 192 -19.15 5.95 53.28
C ASP I 192 -18.07 6.05 52.21
N TYR I 193 -17.79 7.28 51.80
CA TYR I 193 -16.92 7.55 50.68
C TYR I 193 -16.41 8.97 50.83
N SER I 194 -15.15 9.18 50.51
CA SER I 194 -14.57 10.52 50.59
C SER I 194 -13.91 10.90 49.28
N TYR I 195 -13.58 12.18 49.15
CA TYR I 195 -12.76 12.64 48.05
C TYR I 195 -11.55 13.39 48.59
N THR I 196 -10.47 13.40 47.81
CA THR I 196 -9.30 14.18 48.14
C THR I 196 -8.76 14.79 46.86
N ILE I 197 -8.94 16.09 46.71
CA ILE I 197 -8.56 16.78 45.49
C ILE I 197 -7.37 17.70 45.67
N PHE I 198 -6.31 17.44 44.90
CA PHE I 198 -5.14 18.29 44.86
C PHE I 198 -5.32 19.34 43.77
N ASN I 199 -5.08 20.61 44.07
CA ASN I 199 -5.18 21.65 43.06
C ASN I 199 -3.83 22.27 42.68
N PHE I 200 -3.43 22.07 41.42
N PHE I 200 -3.42 22.08 41.44
CA PHE I 200 -2.26 22.74 40.85
CA PHE I 200 -2.24 22.78 40.94
C PHE I 200 -2.72 23.70 39.78
C PHE I 200 -2.64 23.72 39.81
N GLY I 201 -3.12 24.90 40.18
CA GLY I 201 -3.66 25.85 39.23
C GLY I 201 -5.00 25.33 38.75
N GLU I 202 -5.15 25.11 37.45
CA GLU I 202 -6.39 24.56 36.93
C GLU I 202 -6.31 23.05 36.87
N LYS I 203 -5.11 22.51 37.11
CA LYS I 203 -4.91 21.07 37.09
C LYS I 203 -5.33 20.45 38.42
N SER I 204 -5.91 19.26 38.36
CA SER I 204 -6.40 18.61 39.56
C SER I 204 -6.41 17.08 39.49
N GLU I 205 -6.07 16.45 40.61
CA GLU I 205 -6.19 15.02 40.78
C GLU I 205 -7.20 14.77 41.89
N GLU I 206 -8.06 13.77 41.70
CA GLU I 206 -9.03 13.40 42.72
C GLU I 206 -8.74 11.99 43.22
N PHE I 207 -8.47 11.86 44.52
CA PHE I 207 -8.18 10.56 45.11
C PHE I 207 -9.38 10.02 45.89
N ARG I 208 -9.70 8.77 45.65
CA ARG I 208 -10.77 8.09 46.37
C ARG I 208 -10.18 6.89 47.10
N PRO I 209 -10.73 6.55 48.27
CA PRO I 209 -10.29 5.31 48.93
C PRO I 209 -10.77 4.07 48.17
N ASP I 210 -9.91 3.05 48.09
CA ASP I 210 -10.27 1.77 47.52
C ASP I 210 -10.65 0.82 48.65
N ILE I 211 -11.94 0.78 49.00
CA ILE I 211 -12.38 0.05 50.17
C ILE I 211 -12.53 -1.45 49.93
N GLY I 212 -11.98 -2.23 50.85
CA GLY I 212 -12.02 -3.68 50.74
C GLY I 212 -11.01 -4.35 51.66
N GLN I 213 -11.32 -5.58 52.07
CA GLN I 213 -10.46 -6.33 52.97
C GLN I 213 -9.25 -6.93 52.25
N ARG I 214 -8.06 -6.42 52.57
CA ARG I 214 -6.83 -7.04 52.09
C ARG I 214 -6.49 -8.21 53.00
N ASP I 215 -5.51 -9.01 52.58
CA ASP I 215 -4.93 -10.04 53.43
C ASP I 215 -4.37 -9.33 54.67
N GLU I 216 -4.46 -9.97 55.83
CA GLU I 216 -3.99 -9.34 57.07
C GLU I 216 -2.47 -9.40 57.23
N ILE I 217 -1.84 -8.23 57.19
CA ILE I 217 -0.41 -8.11 57.44
C ILE I 217 -0.20 -7.10 58.57
N LYS I 218 0.66 -7.47 59.53
CA LYS I 218 0.92 -6.64 60.70
C LYS I 218 -0.38 -6.20 61.37
N ALA I 219 -1.30 -7.13 61.53
CA ALA I 219 -2.61 -6.89 62.13
C ALA I 219 -3.43 -5.85 61.36
N HIS I 220 -3.16 -5.71 60.06
CA HIS I 220 -3.90 -4.75 59.24
C HIS I 220 -4.54 -5.37 58.00
N GLN I 221 -5.83 -5.09 57.81
CA GLN I 221 -6.52 -5.49 56.59
C GLN I 221 -6.77 -4.26 55.71
N ASP I 222 -6.38 -3.10 56.21
CA ASP I 222 -6.44 -1.87 55.44
C ASP I 222 -5.05 -1.52 54.93
N ARG I 223 -5.00 -0.66 53.92
CA ARG I 223 -3.72 -0.29 53.32
C ARG I 223 -3.60 1.22 53.14
N ILE I 224 -2.41 1.65 52.77
CA ILE I 224 -2.17 3.05 52.41
C ILE I 224 -1.41 3.09 51.09
N ASP I 225 -1.98 3.80 50.12
CA ASP I 225 -1.28 4.05 48.87
C ASP I 225 -0.45 5.32 49.02
N TYR I 226 0.87 5.17 48.91
CA TYR I 226 1.77 6.31 49.05
C TYR I 226 2.03 6.97 47.69
N TYR I 227 2.08 8.29 47.69
CA TYR I 227 2.30 9.04 46.46
C TYR I 227 3.42 10.06 46.65
N TRP I 228 3.94 10.58 45.54
CA TRP I 228 4.95 11.62 45.61
C TRP I 228 4.74 12.64 44.49
N GLY I 229 5.13 13.88 44.75
CA GLY I 229 5.04 14.93 43.75
C GLY I 229 6.22 15.89 43.85
N SER I 230 6.40 16.71 42.82
CA SER I 230 7.41 17.75 42.85
C SER I 230 6.74 19.08 42.55
N LEU I 231 6.70 19.97 43.54
CA LEU I 231 6.04 21.25 43.38
C LEU I 231 7.03 22.27 42.83
N PRO I 232 6.83 22.70 41.58
CA PRO I 232 7.72 23.63 40.88
C PRO I 232 7.94 24.93 41.65
N ALA I 233 8.99 25.64 41.30
CA ALA I 233 9.31 26.93 41.91
C ALA I 233 8.12 27.88 41.82
N GLN I 234 7.98 28.73 42.83
CA GLN I 234 6.95 29.75 42.87
C GLN I 234 5.55 29.19 42.62
N SER I 235 5.30 27.98 43.10
CA SER I 235 4.00 27.35 42.91
C SER I 235 3.24 27.10 44.19
N THR I 236 1.93 27.00 44.07
CA THR I 236 1.05 26.74 45.20
C THR I 236 0.26 25.45 44.96
N LEU I 237 0.17 24.61 45.99
CA LEU I 237 -0.69 23.45 45.95
C LEU I 237 -1.79 23.60 46.99
N ARG I 238 -3.04 23.43 46.54
CA ARG I 238 -4.19 23.51 47.44
C ARG I 238 -4.91 22.16 47.50
N ILE I 239 -5.13 21.65 48.71
CA ILE I 239 -5.75 20.35 48.91
C ILE I 239 -7.04 20.48 49.71
N GLU I 240 -8.10 19.86 49.21
CA GLU I 240 -9.33 19.72 49.99
C GLU I 240 -9.67 18.23 50.10
N SER I 241 -10.07 17.80 51.28
CA SER I 241 -10.36 16.40 51.52
C SER I 241 -11.46 16.18 52.54
N THR I 242 -12.27 15.16 52.33
CA THR I 242 -13.29 14.76 53.30
C THR I 242 -12.91 13.43 53.94
N GLY I 243 -11.63 13.09 53.91
CA GLY I 243 -11.14 11.88 54.55
C GLY I 243 -10.06 11.12 53.82
N ASN I 244 -9.50 10.12 54.49
CA ASN I 244 -8.55 9.17 53.91
C ASN I 244 -7.20 9.76 53.50
N LEU I 245 -6.98 11.04 53.80
CA LEU I 245 -5.74 11.69 53.44
C LEU I 245 -4.67 11.58 54.53
N ILE I 246 -3.57 10.92 54.21
CA ILE I 246 -2.39 10.98 55.05
C ILE I 246 -1.59 12.16 54.52
N ALA I 247 -1.72 13.29 55.21
CA ALA I 247 -1.27 14.58 54.69
C ALA I 247 0.23 14.75 54.68
N PRO I 248 0.73 15.59 53.76
CA PRO I 248 2.16 15.95 53.74
C PRO I 248 2.47 17.06 54.74
N GLU I 249 3.21 16.75 55.79
CA GLU I 249 3.55 17.75 56.78
C GLU I 249 4.94 18.30 56.56
N TYR I 250 5.85 17.42 56.13
CA TYR I 250 7.22 17.83 55.84
C TYR I 250 7.64 17.40 54.44
N GLY I 251 8.23 18.34 53.71
CA GLY I 251 8.73 18.06 52.37
C GLY I 251 10.19 18.41 52.27
N PHE I 252 10.70 18.47 51.04
CA PHE I 252 12.12 18.76 50.82
C PHE I 252 12.36 19.73 49.67
N TYR I 253 13.00 20.87 49.98
CA TYR I 253 13.52 21.74 48.95
C TYR I 253 14.71 21.02 48.33
N TYR I 254 14.81 21.05 47.00
CA TYR I 254 15.93 20.38 46.33
C TYR I 254 16.20 20.96 44.95
N LYS I 255 17.48 20.98 44.59
CA LYS I 255 17.87 21.30 43.22
C LYS I 255 18.50 20.06 42.59
N ARG I 256 17.97 19.63 41.46
CA ARG I 256 18.48 18.45 40.79
C ARG I 256 19.63 18.79 39.85
N LYS I 257 20.74 18.08 40.00
CA LYS I 257 21.88 18.26 39.13
C LYS I 257 21.56 17.66 37.76
N GLU I 258 21.19 18.53 36.81
CA GLU I 258 20.73 18.11 35.49
C GLU I 258 21.71 17.20 34.76
N GLY I 259 21.20 16.07 34.27
CA GLY I 259 21.99 15.10 33.53
C GLY I 259 23.23 14.68 34.31
N LYS I 260 23.07 14.46 35.60
CA LYS I 260 24.22 14.22 36.46
C LYS I 260 23.83 13.41 37.70
N GLY I 261 22.93 12.45 37.53
CA GLY I 261 22.51 11.59 38.63
C GLY I 261 23.17 10.23 38.62
N GLY I 262 22.53 9.24 39.26
CA GLY I 262 23.06 7.89 39.31
C GLY I 262 22.42 6.99 40.35
N LEU I 263 22.12 5.76 39.95
CA LEU I 263 21.62 4.73 40.86
C LEU I 263 22.55 3.51 40.84
N MET I 264 23.15 3.21 41.99
CA MET I 264 24.19 2.19 42.08
C MET I 264 23.78 1.00 42.95
N LYS I 265 23.69 -0.18 42.34
CA LYS I 265 23.44 -1.40 43.09
C LYS I 265 24.75 -2.14 43.33
N SER I 266 25.31 -1.98 44.52
CA SER I 266 26.61 -2.54 44.84
C SER I 266 26.67 -3.12 46.26
N LYS I 267 27.53 -4.12 46.43
CA LYS I 267 27.71 -4.77 47.71
C LYS I 267 28.93 -4.22 48.44
N LEU I 268 29.70 -3.38 47.75
CA LEU I 268 30.82 -2.67 48.37
C LEU I 268 30.33 -1.57 49.30
N PRO I 269 31.08 -1.33 50.39
CA PRO I 269 30.72 -0.23 51.30
C PRO I 269 31.25 1.11 50.77
N ILE I 270 30.69 2.20 51.26
CA ILE I 270 31.14 3.52 50.87
C ILE I 270 32.38 3.92 51.66
N SER I 271 33.43 4.31 50.95
CA SER I 271 34.70 4.70 51.57
C SER I 271 34.91 6.21 51.51
N ASP I 272 35.97 6.67 52.16
CA ASP I 272 36.32 8.09 52.15
C ASP I 272 37.31 8.38 51.04
N CYS I 273 36.97 7.97 49.82
CA CYS I 273 37.80 8.23 48.67
C CYS I 273 37.03 9.07 47.66
N SER I 274 37.75 9.57 46.65
CA SER I 274 37.12 10.37 45.62
C SER I 274 37.65 9.93 44.26
N THR I 275 36.82 10.14 43.24
CA THR I 275 37.16 9.72 41.88
C THR I 275 36.42 10.62 40.91
N LYS I 276 36.57 10.34 39.62
CA LYS I 276 35.77 11.01 38.61
C LYS I 276 34.98 9.98 37.82
N CYS I 277 35.26 8.71 38.10
CA CYS I 277 34.61 7.59 37.43
C CYS I 277 34.36 6.44 38.40
N GLN I 278 33.10 6.03 38.52
CA GLN I 278 32.72 4.99 39.48
C GLN I 278 32.04 3.80 38.81
N THR I 279 32.41 2.60 39.23
CA THR I 279 31.80 1.36 38.74
C THR I 279 31.33 0.54 39.93
N PRO I 280 30.43 -0.45 39.70
CA PRO I 280 29.99 -1.32 40.81
C PRO I 280 31.12 -2.17 41.40
N LEU I 281 32.24 -2.28 40.69
CA LEU I 281 33.37 -3.08 41.13
C LEU I 281 34.46 -2.23 41.75
N GLY I 282 34.38 -0.93 41.54
CA GLY I 282 35.37 -0.01 42.09
C GLY I 282 35.51 1.25 41.26
N ALA I 283 36.27 2.21 41.76
CA ALA I 283 36.48 3.47 41.07
C ALA I 283 37.62 3.37 40.05
N LEU I 284 37.50 4.12 38.96
CA LEU I 284 38.54 4.16 37.94
C LEU I 284 39.32 5.48 38.01
N ASN I 285 40.59 5.38 38.38
CA ASN I 285 41.47 6.55 38.39
C ASN I 285 42.26 6.58 37.10
N SER I 286 41.60 6.86 35.98
CA SER I 286 42.24 6.73 34.68
C SER I 286 42.18 8.00 33.83
N THR I 287 43.29 8.26 33.15
CA THR I 287 43.35 9.33 32.15
C THR I 287 43.33 8.69 30.78
N LEU I 288 43.33 7.36 30.77
CA LEU I 288 43.23 6.57 29.55
C LEU I 288 41.85 6.73 28.92
N PRO I 289 41.78 6.59 27.58
CA PRO I 289 40.51 6.78 26.87
C PRO I 289 39.56 5.57 26.93
N PHE I 290 40.07 4.40 27.31
CA PHE I 290 39.25 3.19 27.29
C PHE I 290 39.41 2.34 28.55
N GLN I 291 38.39 1.53 28.85
CA GLN I 291 38.42 0.67 30.03
C GLN I 291 37.64 -0.62 29.79
N ASN I 292 37.97 -1.66 30.53
CA ASN I 292 37.27 -2.94 30.43
C ASN I 292 36.85 -3.45 31.79
N VAL I 293 36.77 -2.55 32.77
CA VAL I 293 36.39 -2.92 34.11
C VAL I 293 34.90 -3.25 34.18
N HIS I 294 34.07 -2.39 33.61
CA HIS I 294 32.62 -2.56 33.71
C HIS I 294 31.88 -1.70 32.68
N GLN I 295 30.71 -2.17 32.25
CA GLN I 295 29.90 -1.41 31.31
C GLN I 295 29.02 -0.38 32.04
N GLN I 296 28.63 -0.71 33.27
CA GLN I 296 27.83 0.18 34.09
C GLN I 296 28.71 1.18 34.80
N THR I 297 28.78 2.40 34.27
CA THR I 297 29.67 3.41 34.83
C THR I 297 28.94 4.70 35.19
N ILE I 298 29.49 5.46 36.12
CA ILE I 298 28.91 6.74 36.52
C ILE I 298 29.99 7.81 36.59
N GLY I 299 29.78 8.91 35.87
CA GLY I 299 30.72 10.01 35.85
C GLY I 299 31.46 10.11 34.53
N ASN I 300 32.55 10.88 34.54
CA ASN I 300 33.39 11.04 33.34
C ASN I 300 34.32 9.85 33.18
N CYS I 301 33.90 8.90 32.34
CA CYS I 301 34.58 7.62 32.25
C CYS I 301 35.14 7.30 30.87
N PRO I 302 36.16 6.42 30.82
CA PRO I 302 36.64 5.86 29.56
C PRO I 302 35.59 4.95 28.93
N LYS I 303 35.60 4.86 27.61
CA LYS I 303 34.63 4.01 26.91
C LYS I 303 34.89 2.54 27.16
N TYR I 304 33.83 1.83 27.56
CA TYR I 304 33.94 0.40 27.81
C TYR I 304 34.09 -0.38 26.51
N VAL I 305 35.11 -1.23 26.44
CA VAL I 305 35.31 -2.07 25.27
C VAL I 305 35.49 -3.53 25.69
N LYS I 306 35.19 -4.43 24.75
CA LYS I 306 35.33 -5.85 25.01
C LYS I 306 36.72 -6.30 24.59
N ALA I 307 37.73 -5.88 25.35
CA ALA I 307 39.12 -6.21 25.03
C ALA I 307 39.95 -6.43 26.29
N THR I 308 40.98 -7.28 26.17
CA THR I 308 41.84 -7.59 27.30
C THR I 308 43.04 -6.63 27.39
N SER I 309 43.46 -6.11 26.24
CA SER I 309 44.54 -5.12 26.20
C SER I 309 44.52 -4.35 24.88
N LEU I 310 45.03 -3.13 24.92
CA LEU I 310 45.15 -2.33 23.70
C LEU I 310 46.55 -1.75 23.60
N MET I 311 47.51 -2.61 23.32
CA MET I 311 48.92 -2.19 23.24
C MET I 311 49.18 -1.31 22.03
N LEU I 312 49.59 -0.08 22.30
CA LEU I 312 49.89 0.88 21.25
C LEU I 312 51.40 0.99 21.08
N ALA I 313 51.90 0.59 19.91
CA ALA I 313 53.33 0.59 19.67
C ALA I 313 53.89 2.01 19.60
N THR I 314 54.96 2.26 20.35
CA THR I 314 55.63 3.55 20.31
C THR I 314 57.03 3.39 19.75
N GLY I 315 57.74 2.38 20.25
CA GLY I 315 59.10 2.12 19.86
C GLY I 315 59.24 1.48 18.49
N LEU I 316 60.28 0.67 18.34
CA LEU I 316 60.66 0.11 17.05
C LEU I 316 60.49 -1.40 17.05
N ARG I 317 60.57 -2.01 15.88
CA ARG I 317 60.57 -3.45 15.77
C ARG I 317 61.82 -3.98 16.47
N ASN I 318 61.65 -4.93 17.38
CA ASN I 318 62.75 -5.37 18.23
C ASN I 318 63.37 -6.69 17.80
N ASN I 319 64.02 -6.67 16.64
CA ASN I 319 64.77 -7.83 16.15
C ASN I 319 66.26 -7.53 15.97
N PRO I 320 67.05 -7.81 17.01
CA PRO I 320 68.50 -7.60 17.00
C PRO I 320 69.20 -8.41 15.92
N ALA J 1 78.88 -6.84 11.46
CA ALA J 1 78.72 -5.80 12.46
C ALA J 1 77.96 -4.61 11.90
N GLY J 2 77.28 -4.82 10.78
CA GLY J 2 76.60 -3.72 10.09
C GLY J 2 75.18 -4.00 9.68
N PHE J 3 74.25 -3.31 10.32
CA PHE J 3 72.84 -3.34 9.94
C PHE J 3 72.57 -1.98 9.25
N ILE J 4 71.38 -1.67 8.72
CA ILE J 4 70.08 -2.33 8.91
C ILE J 4 69.87 -3.73 8.33
N GLU J 5 68.61 -4.03 8.03
CA GLU J 5 68.15 -5.42 7.91
C GLU J 5 68.48 -6.14 9.22
N GLY J 6 68.15 -5.48 10.33
CA GLY J 6 68.49 -5.98 11.65
C GLY J 6 68.61 -4.82 12.62
N GLY J 7 68.51 -5.14 13.91
CA GLY J 7 68.54 -4.13 14.96
C GLY J 7 69.85 -4.12 15.73
N TRP J 8 70.24 -2.94 16.20
CA TRP J 8 71.52 -2.76 16.89
C TRP J 8 71.40 -2.81 18.40
N GLN J 9 71.49 -4.00 18.96
CA GLN J 9 71.58 -4.14 20.41
C GLN J 9 72.82 -3.39 20.85
N GLY J 10 72.61 -2.28 21.56
CA GLY J 10 73.71 -1.44 21.97
C GLY J 10 73.84 -0.22 21.09
N MET J 11 72.73 0.20 20.49
CA MET J 11 72.69 1.48 19.79
C MET J 11 72.69 2.56 20.83
N ILE J 12 71.62 2.58 21.63
CA ILE J 12 71.38 3.53 22.72
C ILE J 12 71.48 4.99 22.31
N ASP J 13 71.14 5.87 23.25
CA ASP J 13 71.16 7.32 23.02
C ASP J 13 70.13 7.81 22.00
N GLY J 14 69.60 6.90 21.17
CA GLY J 14 68.64 7.28 20.16
C GLY J 14 67.99 6.13 19.43
N TRP J 15 66.98 6.45 18.63
CA TRP J 15 66.26 5.48 17.82
C TRP J 15 67.02 5.13 16.55
N TYR J 16 67.38 6.16 15.79
CA TYR J 16 68.12 5.99 14.54
C TYR J 16 69.53 6.56 14.69
N GLY J 17 70.52 5.84 14.16
CA GLY J 17 71.89 6.28 14.32
C GLY J 17 72.88 5.65 13.37
N TYR J 18 74.16 5.74 13.72
CA TYR J 18 75.24 5.28 12.87
C TYR J 18 76.22 4.36 13.60
N HIS J 19 76.94 3.56 12.82
CA HIS J 19 78.06 2.80 13.33
C HIS J 19 79.20 2.93 12.33
N HIS J 20 80.33 3.45 12.77
CA HIS J 20 81.47 3.65 11.89
C HIS J 20 82.65 2.75 12.26
N GLU J 21 83.49 2.44 11.28
CA GLU J 21 84.69 1.66 11.49
C GLU J 21 85.84 2.31 10.73
N ASN J 22 86.89 2.72 11.44
CA ASN J 22 88.07 3.26 10.78
C ASN J 22 89.39 2.92 11.47
N GLN J 23 90.43 3.66 11.14
CA GLN J 23 91.76 3.42 11.71
C GLN J 23 91.80 3.71 13.20
N GLU J 24 91.02 4.69 13.64
CA GLU J 24 91.03 5.10 15.04
C GLU J 24 90.10 4.28 15.95
N GLY J 25 89.18 3.53 15.36
CA GLY J 25 88.31 2.66 16.12
C GLY J 25 86.87 2.60 15.63
N SER J 26 86.02 1.92 16.40
CA SER J 26 84.61 1.77 16.06
C SER J 26 83.74 2.56 17.04
N GLY J 27 82.42 2.53 16.84
CA GLY J 27 81.51 3.21 17.73
C GLY J 27 80.15 3.54 17.16
N TYR J 28 79.16 3.60 18.04
CA TYR J 28 77.79 3.95 17.66
C TYR J 28 77.50 5.41 17.94
N ALA J 29 76.72 6.05 17.08
CA ALA J 29 76.32 7.44 17.28
C ALA J 29 74.90 7.68 16.80
N ALA J 30 74.06 8.19 17.68
CA ALA J 30 72.65 8.41 17.36
C ALA J 30 72.44 9.76 16.69
N ASP J 31 71.67 9.75 15.61
CA ASP J 31 71.24 10.99 14.97
C ASP J 31 70.21 11.66 15.89
N LYS J 32 70.69 12.56 16.75
CA LYS J 32 69.86 13.16 17.78
C LYS J 32 68.67 13.98 17.28
N GLU J 33 68.85 14.69 16.17
CA GLU J 33 67.78 15.56 15.66
C GLU J 33 66.70 14.76 14.93
N ALA J 34 67.12 13.70 14.22
CA ALA J 34 66.18 12.83 13.54
C ALA J 34 65.37 12.02 14.55
N THR J 35 66.06 11.54 15.59
CA THR J 35 65.42 10.82 16.67
C THR J 35 64.39 11.70 17.36
N GLN J 36 64.80 12.93 17.69
CA GLN J 36 63.94 13.86 18.41
C GLN J 36 62.72 14.26 17.59
N LYS J 37 62.88 14.34 16.28
CA LYS J 37 61.77 14.65 15.38
C LYS J 37 60.74 13.51 15.40
N ALA J 38 61.24 12.28 15.51
CA ALA J 38 60.37 11.11 15.54
C ALA J 38 59.67 10.98 16.89
N VAL J 39 60.42 11.18 17.97
CA VAL J 39 59.87 11.13 19.32
C VAL J 39 58.73 12.12 19.49
N ASP J 40 58.95 13.35 19.01
CA ASP J 40 57.93 14.39 19.07
C ASP J 40 56.68 13.95 18.30
N ALA J 41 56.91 13.32 17.15
CA ALA J 41 55.83 12.90 16.28
C ALA J 41 55.00 11.76 16.89
N ILE J 42 55.68 10.77 17.45
CA ILE J 42 55.03 9.62 18.06
C ILE J 42 54.30 10.02 19.33
N THR J 43 54.96 10.86 20.14
CA THR J 43 54.35 11.40 21.35
C THR J 43 53.06 12.16 21.02
N ASN J 44 53.08 12.92 19.92
CA ASN J 44 51.89 13.63 19.48
C ASN J 44 50.80 12.69 18.99
N LYS J 45 51.20 11.54 18.46
CA LYS J 45 50.24 10.53 18.02
C LYS J 45 49.52 9.93 19.20
N VAL J 46 50.30 9.46 20.17
CA VAL J 46 49.76 8.82 21.36
C VAL J 46 48.88 9.78 22.15
N ASN J 47 49.35 11.01 22.30
CA ASN J 47 48.57 12.04 22.98
C ASN J 47 47.25 12.34 22.27
N SER J 48 47.25 12.27 20.95
CA SER J 48 46.04 12.51 20.17
C SER J 48 45.01 11.41 20.41
N ILE J 49 45.46 10.16 20.41
CA ILE J 49 44.56 9.03 20.62
C ILE J 49 44.05 9.01 22.07
N ILE J 50 44.75 9.70 22.96
CA ILE J 50 44.36 9.76 24.36
C ILE J 50 43.56 11.03 24.71
N ASP J 51 44.07 12.19 24.30
CA ASP J 51 43.51 13.47 24.72
C ASP J 51 42.24 13.86 23.96
N LYS J 52 42.02 13.27 22.79
CA LYS J 52 40.84 13.61 21.99
C LYS J 52 39.57 12.93 22.50
N MET J 53 39.71 12.10 23.53
CA MET J 53 38.56 11.46 24.16
C MET J 53 38.13 12.28 25.37
N ASN J 54 37.05 13.04 25.20
CA ASN J 54 36.56 13.95 26.22
C ASN J 54 35.17 13.60 26.72
N SER J 55 34.95 12.32 26.98
CA SER J 55 33.62 11.77 27.30
C SER J 55 32.80 12.60 28.28
N GLN J 56 31.51 12.72 28.00
CA GLN J 56 30.59 13.49 28.80
C GLN J 56 30.40 12.84 30.17
N PHE J 57 29.81 13.57 31.11
CA PHE J 57 29.35 12.97 32.36
C PHE J 57 28.04 12.26 32.02
N GLU J 58 28.03 10.94 32.19
CA GLU J 58 26.81 10.16 32.02
C GLU J 58 26.64 9.26 33.23
N SER J 59 25.57 8.47 33.22
CA SER J 59 25.32 7.49 34.27
C SER J 59 24.55 6.30 33.71
N ASN J 60 24.89 5.11 34.22
CA ASN J 60 24.26 3.88 33.77
C ASN J 60 23.41 3.24 34.84
N ILE J 61 22.20 2.83 34.46
CA ILE J 61 21.26 2.18 35.37
C ILE J 61 20.73 0.89 34.77
N LYS J 62 21.07 -0.23 35.40
CA LYS J 62 20.50 -1.51 34.98
C LYS J 62 19.64 -2.10 36.09
N GLU J 63 19.90 -1.69 37.33
CA GLU J 63 19.04 -2.05 38.44
C GLU J 63 17.66 -1.40 38.22
N PHE J 64 16.67 -2.24 37.97
CA PHE J 64 15.33 -1.78 37.63
C PHE J 64 14.35 -2.96 37.67
N ASN J 65 13.08 -2.68 37.90
CA ASN J 65 12.09 -3.74 38.00
C ASN J 65 11.66 -4.32 36.66
N ARG J 66 10.43 -4.81 36.61
CA ARG J 66 9.88 -5.41 35.40
C ARG J 66 9.08 -4.40 34.57
N LEU J 67 8.03 -3.86 35.19
CA LEU J 67 6.94 -3.19 34.48
C LEU J 67 7.29 -2.04 33.50
N GLU J 68 8.56 -1.83 33.23
CA GLU J 68 8.94 -0.94 32.13
C GLU J 68 9.80 -1.69 31.12
N LEU J 69 9.86 -3.01 31.30
CA LEU J 69 10.49 -3.98 30.39
C LEU J 69 10.92 -3.46 29.02
N ARG J 70 10.00 -2.81 28.33
CA ARG J 70 10.27 -2.21 27.04
C ARG J 70 11.47 -1.28 27.10
N ILE J 71 11.46 -0.36 28.06
CA ILE J 71 12.55 0.59 28.23
C ILE J 71 13.86 -0.13 28.53
N GLN J 72 13.80 -1.14 29.39
CA GLN J 72 14.99 -1.90 29.75
C GLN J 72 15.52 -2.67 28.55
N HIS J 73 14.61 -3.13 27.69
CA HIS J 73 15.00 -3.79 26.46
C HIS J 73 15.76 -2.83 25.57
N LEU J 74 15.21 -1.62 25.40
CA LEU J 74 15.86 -0.63 24.56
C LEU J 74 17.19 -0.16 25.16
N SER J 75 17.21 0.05 26.48
CA SER J 75 18.42 0.49 27.16
C SER J 75 19.55 -0.52 27.02
N ASP J 76 19.21 -1.81 27.14
CA ASP J 76 20.19 -2.87 27.02
C ASP J 76 20.67 -2.99 25.57
N ARG J 77 19.78 -2.70 24.64
CA ARG J 77 20.13 -2.70 23.22
C ARG J 77 21.16 -1.63 22.95
N VAL J 78 20.90 -0.43 23.48
CA VAL J 78 21.79 0.71 23.34
C VAL J 78 23.16 0.43 23.97
N ASP J 79 23.14 -0.17 25.15
CA ASP J 79 24.36 -0.57 25.84
C ASP J 79 25.25 -1.45 24.96
N ASP J 80 24.64 -2.48 24.40
CA ASP J 80 25.37 -3.46 23.60
C ASP J 80 25.78 -2.91 22.24
N ALA J 81 24.96 -2.02 21.68
CA ALA J 81 25.29 -1.42 20.39
C ALA J 81 26.51 -0.52 20.53
N LEU J 82 26.57 0.21 21.64
CA LEU J 82 27.70 1.08 21.93
C LEU J 82 28.97 0.27 22.17
N LEU J 83 28.81 -0.89 22.83
CA LEU J 83 29.92 -1.79 23.08
C LEU J 83 30.53 -2.26 21.77
N ASP J 84 29.68 -2.79 20.89
CA ASP J 84 30.12 -3.26 19.57
C ASP J 84 30.80 -2.16 18.75
N ILE J 85 30.33 -0.93 18.87
CA ILE J 85 30.92 0.17 18.12
C ILE J 85 32.32 0.51 18.64
N TRP J 86 32.43 0.75 19.94
CA TRP J 86 33.71 1.09 20.54
C TRP J 86 34.72 -0.04 20.49
N SER J 87 34.28 -1.27 20.79
CA SER J 87 35.16 -2.43 20.76
C SER J 87 35.77 -2.66 19.38
N TYR J 88 34.94 -2.60 18.35
CA TYR J 88 35.37 -2.85 16.98
C TYR J 88 36.32 -1.75 16.50
N ASN J 89 35.84 -0.52 16.57
CA ASN J 89 36.62 0.64 16.12
C ASN J 89 37.99 0.77 16.77
N THR J 90 38.05 0.53 18.08
CA THR J 90 39.31 0.68 18.81
C THR J 90 40.28 -0.46 18.49
N GLU J 91 39.74 -1.65 18.26
CA GLU J 91 40.56 -2.79 17.88
C GLU J 91 41.26 -2.48 16.56
N LEU J 92 40.48 -2.01 15.58
CA LEU J 92 41.03 -1.68 14.28
C LEU J 92 41.98 -0.50 14.35
N LEU J 93 41.60 0.52 15.11
CA LEU J 93 42.43 1.71 15.30
C LEU J 93 43.83 1.35 15.77
N VAL J 94 43.91 0.54 16.83
CA VAL J 94 45.19 0.13 17.37
C VAL J 94 45.99 -0.69 16.35
N LEU J 95 45.30 -1.59 15.64
CA LEU J 95 45.95 -2.40 14.62
C LEU J 95 46.50 -1.53 13.48
N LEU J 96 45.70 -0.57 13.04
CA LEU J 96 46.11 0.33 11.96
C LEU J 96 47.27 1.21 12.39
N GLU J 97 47.14 1.85 13.54
CA GLU J 97 48.16 2.78 14.01
C GLU J 97 49.50 2.11 14.35
N ASN J 98 49.46 0.83 14.70
CA ASN J 98 50.69 0.08 14.91
C ASN J 98 51.40 -0.22 13.60
N GLU J 99 50.64 -0.64 12.59
CA GLU J 99 51.18 -0.94 11.26
C GLU J 99 51.90 0.27 10.67
N ARG J 100 51.34 1.45 10.92
CA ARG J 100 51.87 2.68 10.37
C ARG J 100 53.00 3.25 11.23
N THR J 101 52.91 3.05 12.55
CA THR J 101 53.99 3.45 13.45
C THR J 101 55.28 2.71 13.11
N LEU J 102 55.14 1.42 12.80
CA LEU J 102 56.28 0.62 12.37
C LEU J 102 56.81 1.14 11.03
N ASP J 103 55.90 1.36 10.08
CA ASP J 103 56.25 1.86 8.77
C ASP J 103 56.92 3.23 8.85
N PHE J 104 56.47 4.02 9.82
CA PHE J 104 57.00 5.36 10.06
C PHE J 104 58.48 5.30 10.43
N HIS J 105 58.81 4.39 11.35
CA HIS J 105 60.20 4.19 11.76
C HIS J 105 61.07 3.68 10.62
N ASP J 106 60.51 2.76 9.81
CA ASP J 106 61.18 2.24 8.63
C ASP J 106 61.57 3.36 7.68
N ALA J 107 60.60 4.22 7.39
CA ALA J 107 60.81 5.33 6.47
C ALA J 107 61.84 6.32 6.99
N ASN J 108 61.97 6.40 8.32
CA ASN J 108 62.91 7.30 8.95
C ASN J 108 64.37 6.89 8.73
N VAL J 109 64.68 5.62 9.01
CA VAL J 109 66.05 5.15 8.82
C VAL J 109 66.43 5.11 7.35
N LYS J 110 65.43 4.93 6.48
CA LYS J 110 65.69 4.83 5.05
C LYS J 110 66.12 6.16 4.48
N ASN J 111 65.48 7.24 4.94
CA ASN J 111 65.85 8.59 4.54
C ASN J 111 67.21 8.97 5.11
N LEU J 112 67.51 8.44 6.28
CA LEU J 112 68.80 8.66 6.92
C LEU J 112 69.89 8.03 6.06
N PHE J 113 69.57 6.86 5.50
CA PHE J 113 70.47 6.12 4.64
C PHE J 113 70.65 6.85 3.30
N GLU J 114 69.55 7.35 2.75
CA GLU J 114 69.59 8.04 1.47
C GLU J 114 70.33 9.37 1.54
N LYS J 115 70.27 10.03 2.69
CA LYS J 115 71.02 11.25 2.92
C LYS J 115 72.52 11.02 2.81
N VAL J 116 73.00 9.95 3.43
CA VAL J 116 74.42 9.61 3.37
C VAL J 116 74.83 9.26 1.95
N LYS J 117 74.06 8.38 1.33
CA LYS J 117 74.32 7.94 -0.04
C LYS J 117 74.42 9.11 -1.02
N ALA J 118 73.55 10.10 -0.84
CA ALA J 118 73.53 11.27 -1.70
C ALA J 118 74.82 12.07 -1.58
N GLN J 119 75.41 12.04 -0.39
CA GLN J 119 76.68 12.75 -0.17
C GLN J 119 77.85 12.00 -0.77
N LEU J 120 77.97 10.72 -0.42
CA LEU J 120 79.14 9.92 -0.80
C LEU J 120 79.22 9.70 -2.30
N LYS J 121 78.09 9.39 -2.92
CA LYS J 121 78.03 9.09 -4.34
C LYS J 121 78.96 7.93 -4.70
N ASP J 122 79.77 8.11 -5.73
CA ASP J 122 80.66 7.04 -6.17
C ASP J 122 81.98 6.98 -5.41
N ASN J 123 82.09 7.77 -4.34
CA ASN J 123 83.24 7.71 -3.45
C ASN J 123 83.15 6.52 -2.50
N ALA J 124 82.07 5.75 -2.62
CA ALA J 124 81.84 4.61 -1.75
C ALA J 124 81.06 3.53 -2.48
N ILE J 125 80.92 2.37 -1.85
CA ILE J 125 80.20 1.25 -2.42
C ILE J 125 79.05 0.80 -1.52
N ASP J 126 77.85 0.71 -2.08
CA ASP J 126 76.69 0.24 -1.35
C ASP J 126 76.77 -1.27 -1.13
N GLU J 127 76.91 -1.69 0.12
CA GLU J 127 77.03 -3.11 0.42
C GLU J 127 75.67 -3.79 0.48
N GLY J 128 74.61 -3.04 0.22
CA GLY J 128 73.26 -3.57 0.18
C GLY J 128 72.76 -4.09 1.52
N ASN J 129 73.40 -3.66 2.59
CA ASN J 129 73.03 -4.08 3.93
C ASN J 129 72.87 -2.90 4.87
N GLY J 130 72.87 -1.69 4.30
CA GLY J 130 72.76 -0.48 5.09
C GLY J 130 74.09 0.15 5.42
N CYS J 131 75.17 -0.45 4.92
CA CYS J 131 76.51 0.07 5.16
C CYS J 131 77.16 0.58 3.88
N PHE J 132 78.10 1.50 4.05
CA PHE J 132 78.87 2.03 2.93
C PHE J 132 80.34 1.72 3.08
N LEU J 133 80.92 1.12 2.05
CA LEU J 133 82.36 0.90 2.03
C LEU J 133 83.02 2.08 1.33
N LEU J 134 83.74 2.88 2.09
CA LEU J 134 84.38 4.09 1.56
C LEU J 134 85.62 3.74 0.73
N LEU J 135 85.70 4.33 -0.45
CA LEU J 135 86.81 4.07 -1.36
C LEU J 135 88.02 4.94 -1.05
N HIS J 136 88.05 5.50 0.14
CA HIS J 136 89.15 6.35 0.58
C HIS J 136 89.33 6.25 2.09
N LYS J 137 90.21 7.07 2.65
CA LYS J 137 90.45 7.09 4.08
C LYS J 137 89.55 8.08 4.79
N CYS J 138 88.89 7.62 5.85
CA CYS J 138 87.91 8.44 6.55
C CYS J 138 88.16 8.43 8.05
N ASN J 139 88.88 9.44 8.54
CA ASN J 139 89.12 9.58 9.97
C ASN J 139 87.86 10.00 10.71
N ASN J 140 87.97 10.23 12.01
CA ASN J 140 86.83 10.64 12.82
C ASN J 140 86.29 12.00 12.37
N SER J 141 87.18 12.83 11.85
CA SER J 141 86.80 14.14 11.34
C SER J 141 85.99 14.00 10.07
N CYS J 142 86.29 12.96 9.29
CA CYS J 142 85.55 12.67 8.07
C CYS J 142 84.18 12.10 8.42
N MET J 143 84.18 11.16 9.37
CA MET J 143 82.94 10.50 9.78
C MET J 143 81.94 11.52 10.33
N ASP J 144 82.43 12.45 11.14
CA ASP J 144 81.57 13.47 11.72
C ASP J 144 81.00 14.39 10.65
N ASP J 145 81.77 14.63 9.59
CA ASP J 145 81.30 15.44 8.48
C ASP J 145 80.17 14.75 7.74
N ILE J 146 80.23 13.43 7.69
CA ILE J 146 79.18 12.63 7.06
C ILE J 146 77.92 12.65 7.93
N LYS J 147 78.10 12.45 9.24
CA LYS J 147 76.97 12.43 10.16
C LYS J 147 76.32 13.81 10.30
N ASN J 148 77.06 14.85 9.91
CA ASN J 148 76.56 16.21 10.00
C ASN J 148 76.07 16.73 8.66
N GLY J 149 76.24 15.91 7.63
CA GLY J 149 75.83 16.29 6.29
C GLY J 149 76.70 17.38 5.67
N THR J 150 77.99 17.37 6.02
CA THR J 150 78.91 18.38 5.53
C THR J 150 80.05 17.76 4.73
N TYR J 151 79.99 16.43 4.57
CA TYR J 151 80.98 15.70 3.78
C TYR J 151 81.09 16.27 2.37
N LYS J 152 82.31 16.68 2.00
CA LYS J 152 82.53 17.25 0.67
C LYS J 152 83.04 16.23 -0.34
N TYR J 153 82.23 16.01 -1.36
CA TYR J 153 82.45 15.00 -2.39
C TYR J 153 83.80 15.11 -3.08
N MET J 154 84.12 16.29 -3.58
CA MET J 154 85.32 16.50 -4.38
C MET J 154 86.64 16.44 -3.59
N ASP J 155 86.55 16.58 -2.27
CA ASP J 155 87.75 16.54 -1.43
C ASP J 155 88.37 15.15 -1.34
N TYR J 156 87.64 14.15 -1.80
CA TYR J 156 88.12 12.76 -1.75
C TYR J 156 87.95 12.06 -3.09
N ARG J 157 87.54 12.81 -4.11
CA ARG J 157 87.21 12.23 -5.41
C ARG J 157 88.38 11.47 -6.05
N GLU J 158 89.53 12.14 -6.15
CA GLU J 158 90.70 11.58 -6.81
C GLU J 158 91.17 10.29 -6.12
N GLU J 159 91.27 10.33 -4.79
CA GLU J 159 91.70 9.16 -4.02
C GLU J 159 90.76 7.98 -4.24
N SER J 160 89.47 8.28 -4.37
CA SER J 160 88.45 7.24 -4.57
C SER J 160 88.55 6.63 -5.96
N HIS J 161 88.68 7.48 -6.98
CA HIS J 161 88.77 7.03 -8.37
C HIS J 161 89.92 6.07 -8.57
N ILE J 162 91.08 6.43 -8.04
CA ILE J 162 92.26 5.60 -8.11
C ILE J 162 92.00 4.25 -7.48
N GLU J 163 91.40 4.26 -6.29
CA GLU J 163 91.11 3.03 -5.57
C GLU J 163 90.10 2.15 -6.30
N LYS J 164 89.15 2.76 -7.01
CA LYS J 164 88.20 1.98 -7.78
C LYS J 164 88.87 1.42 -9.04
N GLN J 165 89.84 2.15 -9.58
CA GLN J 165 90.57 1.69 -10.76
C GLN J 165 91.40 0.46 -10.42
N LYS J 166 91.82 0.37 -9.15
CA LYS J 166 92.50 -0.81 -8.63
C LYS J 166 91.58 -2.05 -8.69
N ILE J 167 90.28 -1.81 -8.83
CA ILE J 167 89.28 -2.87 -8.74
C ILE J 167 88.89 -3.43 -10.11
N ASP J 168 89.52 -2.92 -11.16
CA ASP J 168 89.24 -3.43 -12.50
C ASP J 168 90.41 -3.32 -13.47
N GLY J 169 90.10 -3.28 -14.76
CA GLY J 169 91.12 -3.28 -15.80
C GLY J 169 91.21 -1.97 -16.57
N VAL J 170 92.31 -1.80 -17.29
CA VAL J 170 92.59 -0.55 -17.97
C VAL J 170 92.81 -0.74 -19.48
N GLU J 171 92.47 0.30 -20.24
CA GLU J 171 92.72 0.30 -21.68
C GLU J 171 92.92 1.70 -22.23
N GLN K 1 77.37 25.87 -15.66
CA GLN K 1 76.89 24.49 -15.69
C GLN K 1 75.37 24.43 -15.83
N ASP K 2 74.89 23.46 -16.60
CA ASP K 2 73.45 23.30 -16.80
C ASP K 2 72.83 22.41 -15.74
N ARG K 3 71.82 22.95 -15.06
CA ARG K 3 71.17 22.26 -13.95
C ARG K 3 69.67 22.13 -14.13
N ILE K 4 69.10 21.05 -13.62
CA ILE K 4 67.65 20.97 -13.49
C ILE K 4 67.26 20.43 -12.12
N CYS K 5 66.43 21.19 -11.41
CA CYS K 5 66.08 20.84 -10.05
C CYS K 5 64.63 20.40 -9.95
N ILE K 6 64.33 19.59 -8.93
CA ILE K 6 62.96 19.21 -8.65
C ILE K 6 62.56 19.93 -7.37
N GLY K 7 61.28 20.28 -7.28
CA GLY K 7 60.79 21.01 -6.13
C GLY K 7 59.27 21.11 -6.10
N TYR K 8 58.75 21.67 -5.02
CA TYR K 8 57.31 21.82 -4.88
C TYR K 8 56.89 23.26 -4.61
N GLN K 9 55.60 23.52 -4.69
CA GLN K 9 55.06 24.87 -4.54
C GLN K 9 54.91 25.35 -3.09
N ALA K 10 55.22 26.62 -2.87
CA ALA K 10 54.89 27.31 -1.63
C ALA K 10 54.13 28.57 -2.00
N ASN K 11 53.27 29.04 -1.11
CA ASN K 11 52.56 30.30 -1.33
C ASN K 11 52.36 31.13 -0.06
N GLN K 12 51.62 32.22 -0.18
CA GLN K 12 51.39 33.11 0.95
C GLN K 12 50.13 32.78 1.74
N ASN K 13 49.88 31.49 1.94
CA ASN K 13 48.70 31.05 2.67
C ASN K 13 49.00 30.90 4.16
N ASN K 14 48.09 31.40 5.00
CA ASN K 14 48.29 31.35 6.45
C ASN K 14 47.55 30.19 7.11
N GLN K 15 47.00 29.30 6.30
CA GLN K 15 46.26 28.15 6.83
C GLN K 15 47.19 27.11 7.43
N THR K 16 46.82 26.63 8.62
CA THR K 16 47.56 25.54 9.26
C THR K 16 46.62 24.38 9.55
N VAL K 17 47.19 23.18 9.64
CA VAL K 17 46.42 22.00 10.00
C VAL K 17 47.15 21.20 11.07
N ASN K 18 46.41 20.34 11.76
CA ASN K 18 47.02 19.43 12.71
C ASN K 18 47.00 18.03 12.14
N THR K 19 48.03 17.25 12.46
CA THR K 19 48.08 15.86 12.04
C THR K 19 48.29 15.01 13.28
N LEU K 20 48.29 13.70 13.10
CA LEU K 20 48.55 12.78 14.19
C LEU K 20 49.97 13.00 14.72
N LEU K 21 50.84 13.52 13.84
CA LEU K 21 52.27 13.63 14.15
C LEU K 21 52.71 15.04 14.52
N GLU K 22 52.12 16.04 13.88
CA GLU K 22 52.49 17.43 14.13
C GLU K 22 51.25 18.30 14.30
N GLN K 23 51.40 19.41 14.99
CA GLN K 23 50.30 20.35 15.14
C GLN K 23 50.66 21.73 14.59
N ASN K 24 49.65 22.42 14.07
CA ASN K 24 49.82 23.74 13.45
C ASN K 24 50.78 23.74 12.25
N VAL K 25 50.68 22.71 11.42
CA VAL K 25 51.47 22.63 10.19
C VAL K 25 50.93 23.57 9.12
N PRO K 26 51.73 24.58 8.74
CA PRO K 26 51.32 25.50 7.68
C PRO K 26 51.20 24.75 6.36
N VAL K 27 50.18 25.06 5.58
CA VAL K 27 49.94 24.39 4.31
C VAL K 27 49.54 25.38 3.22
N THR K 28 49.64 24.96 1.97
CA THR K 28 49.29 25.80 0.84
C THR K 28 47.79 25.77 0.58
N GLY K 29 47.12 24.79 1.17
CA GLY K 29 45.69 24.64 0.99
C GLY K 29 45.07 23.70 2.00
N ALA K 30 43.89 24.07 2.49
CA ALA K 30 43.18 23.23 3.46
C ALA K 30 41.67 23.41 3.33
N GLN K 31 40.92 22.39 3.76
CA GLN K 31 39.46 22.40 3.65
C GLN K 31 38.79 22.31 5.02
N GLU K 32 37.74 23.11 5.21
CA GLU K 32 36.93 23.06 6.42
C GLU K 32 35.73 22.16 6.17
N ILE K 33 35.64 21.06 6.91
CA ILE K 33 34.51 20.15 6.78
C ILE K 33 33.56 20.24 7.96
N LEU K 34 33.69 21.32 8.73
CA LEU K 34 32.83 21.56 9.87
C LEU K 34 31.96 22.80 9.64
N GLU K 35 30.64 22.61 9.55
CA GLU K 35 29.74 23.74 9.39
C GLU K 35 29.53 24.47 10.71
N THR K 36 29.79 25.78 10.69
CA THR K 36 29.78 26.57 11.91
C THR K 36 28.85 27.76 11.77
N ASN K 37 28.25 27.89 10.59
CA ASN K 37 27.33 29.00 10.31
C ASN K 37 25.90 28.55 10.13
N HIS K 38 24.97 29.41 10.56
CA HIS K 38 23.55 29.18 10.41
C HIS K 38 22.85 30.48 10.05
N ASN K 39 21.76 30.40 9.27
CA ASN K 39 21.14 31.62 8.76
C ASN K 39 20.29 32.35 9.79
N GLY K 40 20.13 31.76 10.98
CA GLY K 40 19.39 32.39 12.06
C GLY K 40 17.92 32.63 11.75
N LYS K 41 17.28 31.69 11.09
CA LYS K 41 15.85 31.76 10.85
C LYS K 41 15.22 30.40 11.11
N LEU K 42 13.90 30.39 11.35
CA LEU K 42 13.14 29.15 11.35
C LEU K 42 12.57 28.99 9.95
N CYS K 43 12.95 27.92 9.26
CA CYS K 43 12.60 27.79 7.85
C CYS K 43 11.71 26.60 7.55
N SER K 44 11.35 26.45 6.29
CA SER K 44 10.60 25.29 5.82
C SER K 44 11.58 24.14 5.65
N LEU K 45 11.08 22.93 5.73
CA LEU K 45 11.90 21.75 5.46
C LEU K 45 11.51 21.19 4.10
N ASN K 46 12.37 21.45 3.11
CA ASN K 46 12.16 20.99 1.75
C ASN K 46 10.85 21.51 1.18
N GLY K 47 10.57 22.79 1.45
CA GLY K 47 9.38 23.45 0.94
C GLY K 47 8.16 23.26 1.81
N VAL K 48 8.25 22.33 2.76
CA VAL K 48 7.17 22.12 3.72
C VAL K 48 7.40 22.99 4.96
N PRO K 49 6.58 24.03 5.11
CA PRO K 49 6.70 24.96 6.25
C PRO K 49 6.33 24.30 7.57
N PRO K 50 6.77 24.89 8.69
CA PRO K 50 6.37 24.39 10.01
C PRO K 50 5.01 24.93 10.42
N LEU K 51 4.44 24.37 11.48
CA LEU K 51 3.14 24.81 11.96
C LEU K 51 3.31 25.97 12.92
N ASP K 52 2.66 27.09 12.60
CA ASP K 52 2.69 28.27 13.46
C ASP K 52 1.36 28.46 14.18
N LEU K 53 1.36 28.23 15.48
CA LEU K 53 0.15 28.30 16.27
C LEU K 53 -0.09 29.71 16.81
N GLN K 54 0.94 30.55 16.73
CA GLN K 54 0.89 31.92 17.23
C GLN K 54 0.47 31.84 18.69
N SER K 55 -0.59 32.57 19.06
CA SER K 55 -0.95 32.75 20.46
C SER K 55 -1.61 31.50 21.06
N CYS K 56 -1.72 30.44 20.27
CA CYS K 56 -2.41 29.23 20.71
C CYS K 56 -1.45 28.09 21.02
N THR K 57 -1.92 27.16 21.85
CA THR K 57 -1.23 25.89 22.02
C THR K 57 -1.79 24.93 20.96
N LEU K 58 -1.18 23.77 20.83
CA LEU K 58 -1.71 22.76 19.92
C LEU K 58 -3.09 22.30 20.41
N ALA K 59 -3.20 22.11 21.72
CA ALA K 59 -4.47 21.72 22.33
C ALA K 59 -5.55 22.77 22.07
N GLY K 60 -5.20 24.04 22.32
CA GLY K 60 -6.12 25.14 22.07
C GLY K 60 -6.61 25.13 20.63
N TRP K 61 -5.68 25.01 19.69
CA TRP K 61 -6.01 25.00 18.27
C TRP K 61 -6.88 23.82 17.88
N LEU K 62 -6.46 22.62 18.27
CA LEU K 62 -7.14 21.39 17.89
C LEU K 62 -8.53 21.23 18.51
N LEU K 63 -8.71 21.79 19.70
CA LEU K 63 -10.00 21.72 20.39
C LEU K 63 -10.98 22.72 19.81
N GLY K 64 -10.44 23.80 19.24
CA GLY K 64 -11.26 24.82 18.63
C GLY K 64 -11.55 25.97 19.57
N ASN K 65 -10.53 26.37 20.34
CA ASN K 65 -10.62 27.56 21.18
C ASN K 65 -10.99 28.75 20.30
N PRO K 66 -12.09 29.44 20.64
CA PRO K 66 -12.62 30.58 19.88
C PRO K 66 -11.57 31.65 19.59
N ASN K 67 -10.51 31.70 20.39
CA ASN K 67 -9.41 32.64 20.14
C ASN K 67 -8.41 32.12 19.11
N CYS K 68 -8.58 30.88 18.68
CA CYS K 68 -7.69 30.27 17.70
C CYS K 68 -8.33 30.21 16.32
N ASP K 69 -9.43 30.94 16.16
CA ASP K 69 -10.22 30.90 14.93
C ASP K 69 -9.51 31.48 13.71
N ASN K 70 -8.36 32.10 13.92
CA ASN K 70 -7.70 32.86 12.86
C ASN K 70 -6.40 32.27 12.33
N LEU K 71 -6.09 31.02 12.68
CA LEU K 71 -4.74 30.50 12.42
C LEU K 71 -4.29 30.45 10.92
N LEU K 72 -4.83 29.60 10.06
CA LEU K 72 -5.72 28.47 10.33
C LEU K 72 -5.43 27.40 9.28
N GLU K 73 -6.48 26.69 8.87
CA GLU K 73 -6.46 25.62 7.85
C GLU K 73 -5.11 25.31 7.19
N ALA K 74 -4.23 24.66 7.94
CA ALA K 74 -2.95 24.23 7.39
C ALA K 74 -3.04 22.76 6.98
N GLU K 75 -2.83 22.50 5.69
CA GLU K 75 -2.95 21.14 5.18
C GLU K 75 -1.80 20.24 5.64
N GLU K 76 -0.61 20.79 5.73
CA GLU K 76 0.56 20.01 6.15
C GLU K 76 1.62 20.85 6.85
N TRP K 77 2.53 20.17 7.54
CA TRP K 77 3.69 20.82 8.15
C TRP K 77 4.84 19.84 8.39
N SER K 78 6.06 20.37 8.43
CA SER K 78 7.26 19.54 8.55
C SER K 78 7.65 19.35 10.01
N TYR K 79 7.31 20.34 10.83
CA TYR K 79 7.50 20.28 12.27
C TYR K 79 6.65 21.35 12.93
N ILE K 80 6.56 21.32 14.26
CA ILE K 80 5.77 22.33 14.97
C ILE K 80 6.63 23.28 15.79
N LYS K 81 6.33 24.57 15.68
CA LYS K 81 6.99 25.55 16.53
C LYS K 81 6.16 25.76 17.79
N ILE K 82 6.69 25.28 18.91
CA ILE K 82 6.01 25.42 20.19
C ILE K 82 6.28 26.81 20.76
N ASN K 83 5.20 27.50 21.12
CA ASN K 83 5.31 28.88 21.58
C ASN K 83 5.54 29.00 23.08
N GLU K 84 6.49 29.84 23.45
CA GLU K 84 6.80 30.07 24.84
C GLU K 84 5.63 30.83 25.49
N ASN K 85 4.86 30.10 26.30
CA ASN K 85 3.70 30.65 27.01
C ASN K 85 2.61 31.22 26.08
N ALA K 86 2.03 30.35 25.26
CA ALA K 86 0.87 30.72 24.47
C ALA K 86 -0.34 30.87 25.39
N PRO K 87 -0.92 32.08 25.45
CA PRO K 87 -2.02 32.38 26.36
C PRO K 87 -3.27 31.55 26.10
N ASP K 88 -3.61 31.34 24.83
CA ASP K 88 -4.85 30.66 24.47
C ASP K 88 -4.69 29.15 24.46
N ASP K 89 -5.15 28.51 25.53
CA ASP K 89 -4.96 27.09 25.72
C ASP K 89 -6.32 26.42 26.00
N LEU K 90 -6.55 26.06 27.25
CA LEU K 90 -7.82 25.49 27.66
C LEU K 90 -8.67 26.58 28.30
N CYS K 91 -9.59 27.15 27.52
CA CYS K 91 -10.42 28.25 28.01
C CYS K 91 -11.37 27.82 29.14
N PHE K 92 -11.79 26.56 29.11
CA PHE K 92 -12.52 25.96 30.23
C PHE K 92 -11.51 25.18 31.06
N PRO K 93 -11.41 25.53 32.36
CA PRO K 93 -10.37 24.98 33.25
C PRO K 93 -10.40 23.45 33.29
N GLY K 94 -9.22 22.82 33.20
CA GLY K 94 -9.17 21.37 33.26
C GLY K 94 -7.83 20.73 32.97
N ASN K 95 -7.88 19.42 32.74
CA ASN K 95 -6.68 18.63 32.44
C ASN K 95 -6.72 18.16 31.00
N PHE K 96 -5.55 18.04 30.37
CA PHE K 96 -5.47 17.42 29.04
C PHE K 96 -4.70 16.11 29.17
N GLU K 97 -5.35 15.02 28.79
CA GLU K 97 -4.82 13.69 29.03
C GLU K 97 -3.93 13.21 27.87
N ASN K 98 -2.74 12.74 28.23
CA ASN K 98 -1.79 12.20 27.27
C ASN K 98 -1.33 13.20 26.20
N LEU K 99 -0.98 14.41 26.65
CA LEU K 99 -0.62 15.49 25.73
C LEU K 99 0.66 15.21 24.94
N GLN K 100 1.64 14.63 25.60
CA GLN K 100 2.95 14.41 24.98
C GLN K 100 2.89 13.56 23.73
N ASP K 101 2.14 12.45 23.80
CA ASP K 101 1.95 11.59 22.64
C ASP K 101 1.25 12.31 21.50
N LEU K 102 0.30 13.17 21.84
CA LEU K 102 -0.40 13.97 20.83
C LEU K 102 0.58 14.88 20.11
N LEU K 103 1.46 15.50 20.87
CA LEU K 103 2.55 16.31 20.33
C LEU K 103 3.38 15.47 19.37
N LEU K 104 3.71 14.25 19.78
CA LEU K 104 4.46 13.33 18.94
C LEU K 104 3.70 12.94 17.68
N GLU K 105 2.43 12.57 17.86
CA GLU K 105 1.58 12.13 16.76
C GLU K 105 1.38 13.21 15.69
N MET K 106 1.32 14.47 16.13
CA MET K 106 1.04 15.59 15.23
C MET K 106 2.30 16.35 14.80
N SER K 107 3.46 15.83 15.17
CA SER K 107 4.72 16.54 14.93
C SER K 107 5.04 16.73 13.44
N GLY K 108 4.42 15.91 12.60
CA GLY K 108 4.57 16.03 11.15
C GLY K 108 3.48 15.28 10.43
N VAL K 109 2.55 16.01 9.80
CA VAL K 109 1.44 15.37 9.10
C VAL K 109 1.33 15.85 7.65
N GLN K 110 0.54 15.12 6.86
CA GLN K 110 0.48 15.34 5.43
C GLN K 110 -0.87 15.86 4.93
N ASN K 111 -1.89 15.00 4.97
CA ASN K 111 -3.19 15.36 4.44
C ASN K 111 -4.18 15.66 5.56
N PHE K 112 -4.01 16.83 6.15
CA PHE K 112 -4.71 17.22 7.38
C PHE K 112 -5.95 18.05 7.07
N THR K 113 -7.13 17.43 7.16
CA THR K 113 -8.38 18.14 6.92
C THR K 113 -9.44 17.91 8.01
N LYS K 114 -10.21 18.96 8.30
CA LYS K 114 -11.27 18.89 9.30
C LYS K 114 -12.52 18.21 8.74
N VAL K 115 -13.11 17.33 9.55
CA VAL K 115 -14.34 16.62 9.18
C VAL K 115 -15.39 16.74 10.26
N LYS K 116 -16.63 17.03 9.85
CA LYS K 116 -17.73 16.93 10.77
C LYS K 116 -17.87 15.45 11.14
N LEU K 117 -18.05 15.19 12.42
CA LEU K 117 -18.12 13.81 12.92
C LEU K 117 -19.57 13.35 13.08
N PHE K 118 -20.44 14.26 13.48
CA PHE K 118 -21.86 13.97 13.63
C PHE K 118 -22.67 15.26 13.64
N ASN K 119 -23.96 15.14 13.34
CA ASN K 119 -24.85 16.28 13.35
C ASN K 119 -25.70 16.32 14.62
N PRO K 120 -25.44 17.30 15.50
CA PRO K 120 -26.12 17.47 16.78
C PRO K 120 -27.64 17.61 16.63
N GLN K 121 -28.09 18.23 15.55
CA GLN K 121 -29.52 18.44 15.34
C GLN K 121 -30.28 17.15 15.05
N SER K 122 -29.54 16.06 14.81
CA SER K 122 -30.14 14.75 14.58
C SER K 122 -30.51 14.07 15.89
N MET K 123 -30.05 14.63 17.00
CA MET K 123 -30.29 14.06 18.32
C MET K 123 -31.60 14.55 18.95
N THR K 124 -32.14 13.75 19.87
CA THR K 124 -33.38 14.10 20.56
C THR K 124 -33.28 13.87 22.06
N GLY K 125 -34.19 14.48 22.82
CA GLY K 125 -34.20 14.34 24.26
C GLY K 125 -32.91 14.81 24.87
N VAL K 126 -32.41 15.94 24.36
CA VAL K 126 -31.07 16.39 24.69
C VAL K 126 -30.86 17.84 24.23
N THR K 127 -30.01 18.57 24.94
CA THR K 127 -29.60 19.92 24.53
C THR K 127 -28.17 19.92 24.01
N THR K 128 -27.96 20.56 22.86
CA THR K 128 -26.63 20.58 22.25
C THR K 128 -26.10 22.01 22.11
N ASN K 129 -24.83 22.11 21.72
CA ASN K 129 -24.18 23.40 21.49
C ASN K 129 -24.22 24.34 22.69
N ASN K 130 -24.06 23.79 23.89
CA ASN K 130 -24.02 24.61 25.11
C ASN K 130 -22.73 25.42 25.22
N VAL K 131 -22.87 26.63 25.74
CA VAL K 131 -21.77 27.59 25.81
C VAL K 131 -21.48 27.98 27.25
N ASP K 132 -20.50 28.86 27.44
CA ASP K 132 -20.12 29.30 28.77
C ASP K 132 -19.21 30.52 28.69
N GLN K 133 -19.33 31.40 29.69
CA GLN K 133 -18.58 32.65 29.72
C GLN K 133 -17.07 32.45 29.66
N THR K 134 -16.59 31.33 30.16
CA THR K 134 -15.15 31.07 30.23
C THR K 134 -14.55 30.73 28.86
N CYS K 135 -15.40 30.48 27.87
CA CYS K 135 -14.94 30.30 26.50
C CYS K 135 -15.59 31.33 25.60
N PRO K 136 -15.23 32.61 25.78
CA PRO K 136 -15.95 33.69 25.11
C PRO K 136 -15.57 33.83 23.64
N PHE K 137 -16.51 34.36 22.85
CA PHE K 137 -16.24 34.75 21.48
C PHE K 137 -16.90 36.10 21.23
N GLU K 138 -16.08 37.14 21.16
CA GLU K 138 -16.55 38.51 20.98
C GLU K 138 -17.47 38.96 22.13
N GLY K 139 -17.01 38.75 23.36
CA GLY K 139 -17.73 39.22 24.55
C GLY K 139 -18.88 38.35 24.99
N LYS K 140 -19.30 37.43 24.12
CA LYS K 140 -20.43 36.56 24.41
C LYS K 140 -19.94 35.14 24.72
N PRO K 141 -20.64 34.44 25.63
CA PRO K 141 -20.31 33.06 25.97
C PRO K 141 -20.37 32.13 24.76
N SER K 142 -19.31 31.36 24.54
CA SER K 142 -19.27 30.39 23.45
C SER K 142 -18.66 29.10 23.96
N PHE K 143 -18.10 28.32 23.04
CA PHE K 143 -17.47 27.05 23.41
C PHE K 143 -16.52 26.62 22.31
N TYR K 144 -15.76 25.55 22.56
CA TYR K 144 -14.79 25.03 21.59
C TYR K 144 -15.50 24.73 20.27
N ARG K 145 -14.88 25.13 19.18
CA ARG K 145 -15.46 24.95 17.85
C ARG K 145 -15.66 23.49 17.49
N ASN K 146 -14.72 22.65 17.93
CA ASN K 146 -14.70 21.24 17.54
C ASN K 146 -15.36 20.28 18.52
N LEU K 147 -15.89 20.81 19.61
CA LEU K 147 -16.58 19.98 20.60
C LEU K 147 -18.01 20.47 20.77
N ASN K 148 -18.91 19.58 21.16
CA ASN K 148 -20.31 19.96 21.37
C ASN K 148 -20.78 19.57 22.76
N TRP K 149 -21.03 20.58 23.61
CA TRP K 149 -21.44 20.31 24.98
C TRP K 149 -22.90 19.88 25.01
N ILE K 150 -23.12 18.62 25.38
CA ILE K 150 -24.45 18.03 25.43
C ILE K 150 -24.99 17.95 26.86
N GLN K 151 -26.17 18.52 27.07
CA GLN K 151 -26.84 18.48 28.36
C GLN K 151 -28.31 18.11 28.21
N GLY K 152 -29.03 18.14 29.33
CA GLY K 152 -30.48 17.98 29.34
C GLY K 152 -31.00 16.65 28.82
N ASN K 153 -30.38 15.56 29.26
CA ASN K 153 -30.75 14.23 28.78
C ASN K 153 -31.65 13.47 29.73
N SER K 154 -31.93 14.07 30.89
CA SER K 154 -32.83 13.51 31.89
C SER K 154 -32.42 12.12 32.37
N GLY K 155 -31.11 11.91 32.46
CA GLY K 155 -30.57 10.64 32.92
C GLY K 155 -30.67 9.52 31.90
N LEU K 156 -31.16 9.87 30.72
CA LEU K 156 -31.35 8.89 29.64
C LEU K 156 -30.12 8.84 28.73
N PRO K 157 -29.78 7.63 28.25
CA PRO K 157 -28.62 7.46 27.37
C PRO K 157 -28.82 8.15 26.03
N PHE K 158 -27.76 8.77 25.51
CA PHE K 158 -27.77 9.25 24.14
C PHE K 158 -26.64 8.61 23.34
N ASN K 159 -26.78 8.55 22.02
CA ASN K 159 -25.85 7.81 21.19
C ASN K 159 -25.26 8.60 20.02
N ILE K 160 -24.01 8.31 19.71
CA ILE K 160 -23.30 8.94 18.60
C ILE K 160 -22.49 7.89 17.84
N GLU K 161 -22.54 7.93 16.51
CA GLU K 161 -21.76 7.00 15.72
C GLU K 161 -20.77 7.74 14.81
N ILE K 162 -19.48 7.49 15.04
CA ILE K 162 -18.42 8.11 14.27
C ILE K 162 -17.77 7.05 13.38
N LYS K 163 -17.61 7.37 12.10
CA LYS K 163 -17.05 6.42 11.13
C LYS K 163 -15.86 7.03 10.39
N ASN K 164 -14.77 6.27 10.30
CA ASN K 164 -13.63 6.66 9.49
C ASN K 164 -13.59 5.81 8.23
N PRO K 165 -14.07 6.37 7.12
CA PRO K 165 -14.17 5.64 5.85
C PRO K 165 -12.90 5.74 5.01
N THR K 166 -11.98 6.61 5.38
CA THR K 166 -10.75 6.79 4.59
C THR K 166 -9.74 5.71 4.90
N SER K 167 -8.61 5.75 4.19
CA SER K 167 -7.54 4.79 4.39
C SER K 167 -6.43 5.37 5.27
N ASN K 168 -6.73 6.50 5.88
CA ASN K 168 -5.81 7.17 6.79
C ASN K 168 -6.43 7.27 8.18
N PRO K 169 -5.62 7.50 9.22
CA PRO K 169 -6.16 7.65 10.57
C PRO K 169 -6.99 8.93 10.74
N LEU K 170 -7.88 8.92 11.73
CA LEU K 170 -8.72 10.08 12.05
C LEU K 170 -8.48 10.53 13.50
N LEU K 171 -8.19 11.80 13.67
CA LEU K 171 -7.92 12.35 15.00
C LEU K 171 -9.22 12.83 15.67
N LEU K 172 -9.49 12.33 16.87
CA LEU K 172 -10.67 12.74 17.63
C LEU K 172 -10.26 13.42 18.92
N LEU K 173 -11.04 14.42 19.33
CA LEU K 173 -10.87 15.02 20.65
C LEU K 173 -12.22 15.15 21.36
N TRP K 174 -12.25 14.85 22.64
CA TRP K 174 -13.46 15.03 23.44
C TRP K 174 -13.12 15.39 24.87
N GLY K 175 -14.15 15.63 25.67
CA GLY K 175 -13.97 15.97 27.06
C GLY K 175 -14.91 15.21 27.96
N ILE K 176 -14.57 15.16 29.24
CA ILE K 176 -15.46 14.60 30.26
C ILE K 176 -15.67 15.65 31.34
N HIS K 177 -16.92 16.04 31.53
CA HIS K 177 -17.25 17.09 32.50
C HIS K 177 -17.22 16.56 33.93
N ASN K 178 -16.26 17.05 34.71
CA ASN K 178 -16.20 16.74 36.13
C ASN K 178 -16.98 17.78 36.92
N THR K 179 -18.23 17.45 37.24
CA THR K 179 -19.10 18.35 37.98
C THR K 179 -18.59 18.64 39.37
N LYS K 180 -19.01 19.77 39.93
CA LYS K 180 -18.52 20.22 41.24
C LYS K 180 -19.28 19.55 42.39
N ASP K 181 -20.56 19.24 42.17
CA ASP K 181 -21.37 18.59 43.19
C ASP K 181 -22.56 17.87 42.59
N ALA K 182 -23.28 17.15 43.44
CA ALA K 182 -24.44 16.38 43.04
C ALA K 182 -25.53 17.28 42.45
N ALA K 183 -25.65 18.49 43.00
CA ALA K 183 -26.66 19.43 42.55
C ALA K 183 -26.45 19.85 41.11
N GLN K 184 -25.20 20.10 40.73
CA GLN K 184 -24.86 20.47 39.37
C GLN K 184 -25.08 19.29 38.43
N GLN K 185 -24.64 18.12 38.87
CA GLN K 185 -24.76 16.88 38.11
C GLN K 185 -26.21 16.59 37.76
N ARG K 186 -27.08 16.68 38.76
CA ARG K 186 -28.52 16.51 38.56
C ARG K 186 -29.07 17.59 37.64
N ASN K 187 -28.62 18.83 37.87
CA ASN K 187 -29.14 19.98 37.14
C ASN K 187 -28.86 19.91 35.65
N LEU K 188 -27.74 19.27 35.29
CA LEU K 188 -27.30 19.26 33.91
C LEU K 188 -27.64 17.97 33.16
N TYR K 189 -27.64 16.84 33.87
CA TYR K 189 -27.83 15.55 33.21
C TYR K 189 -28.88 14.66 33.87
N GLY K 190 -29.56 15.19 34.88
CA GLY K 190 -30.69 14.49 35.49
C GLY K 190 -30.35 13.21 36.21
N ASN K 191 -29.16 13.15 36.79
CA ASN K 191 -28.74 12.00 37.59
C ASN K 191 -27.68 12.41 38.59
N ASP K 192 -27.06 11.45 39.26
CA ASP K 192 -26.02 11.75 40.24
C ASP K 192 -24.70 11.16 39.78
N TYR K 193 -24.79 10.19 38.88
CA TYR K 193 -23.63 9.52 38.35
C TYR K 193 -23.96 9.08 36.94
N SER K 194 -23.03 9.26 36.02
CA SER K 194 -23.26 8.87 34.64
C SER K 194 -22.12 7.98 34.17
N TYR K 195 -22.33 7.37 33.01
CA TYR K 195 -21.26 6.64 32.35
C TYR K 195 -21.18 7.07 30.90
N THR K 196 -19.97 7.07 30.36
CA THR K 196 -19.74 7.36 28.95
C THR K 196 -18.86 6.27 28.38
N ILE K 197 -19.42 5.46 27.50
CA ILE K 197 -18.70 4.31 26.96
C ILE K 197 -18.35 4.44 25.48
N PHE K 198 -17.06 4.39 25.21
CA PHE K 198 -16.53 4.42 23.85
C PHE K 198 -16.33 3.00 23.33
N ASN K 199 -17.00 2.66 22.23
CA ASN K 199 -16.83 1.34 21.63
C ASN K 199 -15.96 1.35 20.38
N PHE K 200 -14.86 0.62 20.42
CA PHE K 200 -14.04 0.36 19.23
C PHE K 200 -13.96 -1.14 19.01
N GLY K 201 -14.89 -1.67 18.23
CA GLY K 201 -15.02 -3.11 18.08
C GLY K 201 -15.41 -3.71 19.41
N GLU K 202 -14.64 -4.70 19.86
CA GLU K 202 -14.88 -5.33 21.15
C GLU K 202 -14.18 -4.54 22.25
N LYS K 203 -13.32 -3.61 21.86
CA LYS K 203 -12.61 -2.79 22.84
C LYS K 203 -13.49 -1.65 23.32
N SER K 204 -13.44 -1.35 24.61
CA SER K 204 -14.23 -0.26 25.17
C SER K 204 -13.55 0.45 26.34
N GLU K 205 -13.78 1.75 26.42
CA GLU K 205 -13.32 2.56 27.54
C GLU K 205 -14.54 3.13 28.22
N GLU K 206 -14.57 3.08 29.54
CA GLU K 206 -15.66 3.69 30.30
C GLU K 206 -15.20 4.94 31.05
N PHE K 207 -15.93 6.03 30.86
CA PHE K 207 -15.60 7.28 31.54
C PHE K 207 -16.65 7.64 32.59
N ARG K 208 -16.17 8.06 33.75
CA ARG K 208 -17.03 8.48 34.85
C ARG K 208 -16.62 9.88 35.27
N PRO K 209 -17.60 10.76 35.54
CA PRO K 209 -17.25 12.07 36.09
C PRO K 209 -16.62 11.94 37.48
N ASP K 210 -15.55 12.70 37.70
CA ASP K 210 -14.96 12.81 39.03
C ASP K 210 -15.58 14.01 39.72
N ILE K 211 -16.61 13.77 40.51
CA ILE K 211 -17.39 14.84 41.13
C ILE K 211 -16.73 15.42 42.39
N GLY K 212 -16.66 16.75 42.46
CA GLY K 212 -16.06 17.42 43.60
C GLY K 212 -15.65 18.86 43.33
N GLN K 213 -15.61 19.67 44.37
CA GLN K 213 -15.26 21.09 44.26
C GLN K 213 -13.77 21.32 44.08
N ARG K 214 -13.36 21.77 42.90
CA ARG K 214 -12.00 22.21 42.69
C ARG K 214 -11.84 23.65 43.18
N ASP K 215 -10.60 24.14 43.21
CA ASP K 215 -10.34 25.52 43.55
C ASP K 215 -10.94 26.40 42.46
N GLU K 216 -11.60 27.49 42.85
CA GLU K 216 -12.30 28.34 41.89
C GLU K 216 -11.35 29.05 40.92
N ILE K 217 -11.51 28.77 39.63
CA ILE K 217 -10.76 29.47 38.58
C ILE K 217 -11.72 29.88 37.48
N LYS K 218 -11.67 31.15 37.09
CA LYS K 218 -12.57 31.72 36.09
C LYS K 218 -14.03 31.48 36.48
N ALA K 219 -14.31 31.66 37.77
CA ALA K 219 -15.64 31.42 38.34
C ALA K 219 -16.12 29.99 38.13
N HIS K 220 -15.19 29.05 38.03
CA HIS K 220 -15.54 27.63 37.88
C HIS K 220 -14.91 26.75 38.96
N GLN K 221 -15.74 25.98 39.64
CA GLN K 221 -15.26 24.98 40.59
C GLN K 221 -15.29 23.60 39.95
N ASP K 222 -15.92 23.51 38.79
CA ASP K 222 -15.91 22.28 38.01
C ASP K 222 -14.76 22.29 37.01
N ARG K 223 -14.53 21.17 36.35
CA ARG K 223 -13.42 21.04 35.42
C ARG K 223 -13.83 20.17 34.24
N ILE K 224 -12.93 20.04 33.27
CA ILE K 224 -13.11 19.12 32.17
C ILE K 224 -11.82 18.38 31.89
N ASP K 225 -11.90 17.07 31.82
CA ASP K 225 -10.77 16.27 31.37
C ASP K 225 -10.87 16.09 29.87
N TYR K 226 -9.88 16.61 29.15
CA TYR K 226 -9.87 16.54 27.70
C TYR K 226 -9.09 15.30 27.24
N TYR K 227 -9.65 14.61 26.26
CA TYR K 227 -9.03 13.40 25.74
C TYR K 227 -8.82 13.51 24.23
N TRP K 228 -7.86 12.74 23.71
CA TRP K 228 -7.68 12.65 22.27
C TRP K 228 -7.53 11.18 21.87
N GLY K 229 -7.81 10.88 20.61
CA GLY K 229 -7.69 9.52 20.12
C GLY K 229 -7.45 9.46 18.63
N SER K 230 -7.03 8.29 18.16
CA SER K 230 -6.82 8.10 16.72
C SER K 230 -7.64 6.92 16.23
N LEU K 231 -8.69 7.23 15.49
CA LEU K 231 -9.51 6.19 14.89
C LEU K 231 -8.82 5.74 13.61
N PRO K 232 -8.42 4.46 13.57
CA PRO K 232 -7.71 3.92 12.41
C PRO K 232 -8.57 3.91 11.14
N ALA K 233 -7.92 3.64 10.01
CA ALA K 233 -8.60 3.54 8.74
C ALA K 233 -9.70 2.46 8.78
N GLN K 234 -10.79 2.73 8.06
CA GLN K 234 -11.91 1.80 7.94
C GLN K 234 -12.41 1.29 9.30
N SER K 235 -12.58 2.20 10.24
CA SER K 235 -13.02 1.83 11.58
C SER K 235 -14.23 2.64 12.01
N THR K 236 -15.00 2.08 12.93
CA THR K 236 -16.16 2.74 13.51
C THR K 236 -15.98 2.93 15.01
N LEU K 237 -16.35 4.11 15.50
CA LEU K 237 -16.43 4.37 16.92
C LEU K 237 -17.89 4.59 17.32
N ARG K 238 -18.37 3.82 18.30
CA ARG K 238 -19.72 4.03 18.82
C ARG K 238 -19.70 4.47 20.28
N ILE K 239 -20.34 5.60 20.55
CA ILE K 239 -20.35 6.19 21.88
C ILE K 239 -21.74 6.13 22.51
N GLU K 240 -21.80 5.69 23.76
CA GLU K 240 -23.03 5.84 24.54
C GLU K 240 -22.76 6.59 25.83
N SER K 241 -23.69 7.45 26.22
CA SER K 241 -23.51 8.25 27.42
C SER K 241 -24.83 8.64 28.07
N THR K 242 -24.82 8.71 29.41
CA THR K 242 -25.96 9.21 30.16
C THR K 242 -25.61 10.56 30.78
N GLY K 243 -24.57 11.21 30.24
CA GLY K 243 -24.19 12.54 30.66
C GLY K 243 -22.69 12.79 30.74
N ASN K 244 -22.33 14.05 30.99
CA ASN K 244 -20.95 14.48 31.22
C ASN K 244 -20.00 14.42 30.02
N LEU K 245 -20.55 14.17 28.83
CA LEU K 245 -19.72 14.03 27.63
C LEU K 245 -19.63 15.31 26.81
N ILE K 246 -18.42 15.85 26.71
CA ILE K 246 -18.19 16.93 25.76
C ILE K 246 -17.81 16.27 24.43
N ALA K 247 -18.80 16.13 23.56
CA ALA K 247 -18.72 15.24 22.40
C ALA K 247 -17.87 15.78 21.25
N PRO K 248 -17.16 14.87 20.57
CA PRO K 248 -16.33 15.24 19.41
C PRO K 248 -17.20 15.55 18.18
N GLU K 249 -17.32 16.83 17.86
CA GLU K 249 -18.13 17.21 16.70
C GLU K 249 -17.29 17.32 15.43
N TYR K 250 -16.09 17.89 15.55
CA TYR K 250 -15.19 17.95 14.41
C TYR K 250 -13.88 17.24 14.71
N GLY K 251 -13.43 16.44 13.75
CA GLY K 251 -12.18 15.72 13.87
C GLY K 251 -11.24 16.05 12.73
N PHE K 252 -10.18 15.27 12.58
CA PHE K 252 -9.17 15.55 11.55
C PHE K 252 -8.64 14.29 10.89
N TYR K 253 -8.94 14.13 9.60
CA TYR K 253 -8.27 13.14 8.78
C TYR K 253 -6.82 13.57 8.63
N TYR K 254 -5.89 12.64 8.75
CA TYR K 254 -4.49 13.00 8.62
C TYR K 254 -3.61 11.83 8.19
N LYS K 255 -2.49 12.16 7.56
CA LYS K 255 -1.45 11.19 7.26
C LYS K 255 -0.16 11.61 7.95
N ARG K 256 0.36 10.75 8.82
CA ARG K 256 1.55 11.08 9.59
C ARG K 256 2.82 10.70 8.83
N LYS K 257 3.68 11.68 8.58
CA LYS K 257 4.95 11.45 7.89
C LYS K 257 5.85 10.54 8.73
N GLU K 258 5.82 9.24 8.42
CA GLU K 258 6.52 8.22 9.19
C GLU K 258 8.01 8.53 9.41
N GLY K 259 8.40 8.58 10.68
CA GLY K 259 9.77 8.89 11.05
C GLY K 259 10.25 10.19 10.45
N LYS K 260 9.39 11.20 10.48
CA LYS K 260 9.68 12.45 9.80
C LYS K 260 8.87 13.63 10.36
N GLY K 261 8.79 13.72 11.68
CA GLY K 261 8.15 14.84 12.33
C GLY K 261 9.15 15.64 13.14
N GLY K 262 8.67 16.54 13.99
CA GLY K 262 9.55 17.31 14.83
C GLY K 262 8.89 18.36 15.70
N LEU K 263 9.42 18.52 16.92
CA LEU K 263 8.92 19.54 17.84
C LEU K 263 10.04 20.54 18.16
N MET K 264 9.80 21.80 17.84
CA MET K 264 10.83 22.84 17.94
C MET K 264 10.45 23.93 18.94
N LYS K 265 11.25 24.07 19.99
CA LYS K 265 11.07 25.17 20.93
C LYS K 265 12.05 26.28 20.61
N SER K 266 11.56 27.33 19.97
CA SER K 266 12.43 28.44 19.56
C SER K 266 11.74 29.79 19.70
N LYS K 267 12.54 30.81 20.01
CA LYS K 267 12.05 32.17 20.16
C LYS K 267 12.03 32.88 18.81
N LEU K 268 12.83 32.38 17.88
CA LEU K 268 12.88 32.91 16.52
C LEU K 268 11.52 32.84 15.84
N PRO K 269 11.26 33.77 14.91
CA PRO K 269 10.02 33.69 14.14
C PRO K 269 10.18 32.75 12.95
N ILE K 270 9.08 32.47 12.27
CA ILE K 270 9.13 31.63 11.08
C ILE K 270 9.38 32.50 9.86
N SER K 271 10.38 32.13 9.07
CA SER K 271 10.77 32.91 7.90
C SER K 271 10.37 32.21 6.60
N ASP K 272 10.44 32.94 5.51
CA ASP K 272 10.03 32.41 4.21
C ASP K 272 11.25 31.86 3.47
N CYS K 273 11.89 30.87 4.06
CA CYS K 273 13.07 30.26 3.48
C CYS K 273 12.99 28.74 3.58
N SER K 274 13.91 28.05 2.92
CA SER K 274 13.90 26.59 2.91
C SER K 274 15.27 26.02 3.26
N THR K 275 15.25 24.87 3.92
CA THR K 275 16.47 24.18 4.35
C THR K 275 16.21 22.69 4.41
N LYS K 276 17.27 21.91 4.55
CA LYS K 276 17.11 20.47 4.74
C LYS K 276 17.45 20.09 6.17
N CYS K 277 17.91 21.07 6.93
CA CYS K 277 18.31 20.87 8.32
C CYS K 277 18.00 22.12 9.14
N GLN K 278 17.31 21.94 10.27
CA GLN K 278 16.87 23.06 11.09
C GLN K 278 17.31 22.91 12.55
N THR K 279 17.84 23.98 13.11
CA THR K 279 18.25 24.01 14.52
C THR K 279 17.49 25.14 15.22
N PRO K 280 17.39 25.10 16.56
CA PRO K 280 16.74 26.18 17.31
C PRO K 280 17.44 27.53 17.18
N LEU K 281 18.66 27.54 16.66
CA LEU K 281 19.43 28.78 16.49
C LEU K 281 19.28 29.31 15.08
N GLY K 282 18.86 28.45 14.16
CA GLY K 282 18.73 28.81 12.77
C GLY K 282 18.98 27.62 11.87
N ALA K 283 18.74 27.80 10.57
CA ALA K 283 18.85 26.71 9.61
C ALA K 283 20.30 26.42 9.25
N LEU K 284 20.56 25.21 8.77
CA LEU K 284 21.90 24.83 8.32
C LEU K 284 21.91 24.54 6.81
N ASN K 285 22.52 25.43 6.05
CA ASN K 285 22.66 25.25 4.62
C ASN K 285 23.97 24.55 4.31
N SER K 286 24.08 23.28 4.71
CA SER K 286 25.38 22.61 4.64
C SER K 286 25.42 21.30 3.85
N THR K 287 26.43 21.19 3.00
CA THR K 287 26.74 19.95 2.30
C THR K 287 27.82 19.24 3.10
N LEU K 288 28.42 19.97 4.03
CA LEU K 288 29.46 19.45 4.90
C LEU K 288 28.92 18.36 5.83
N PRO K 289 29.73 17.32 6.09
CA PRO K 289 29.31 16.15 6.89
C PRO K 289 29.14 16.41 8.38
N PHE K 290 29.76 17.46 8.91
CA PHE K 290 29.72 17.71 10.35
C PHE K 290 29.35 19.16 10.68
N GLN K 291 28.80 19.37 11.88
CA GLN K 291 28.42 20.70 12.33
C GLN K 291 28.55 20.83 13.84
N ASN K 292 28.77 22.06 14.31
CA ASN K 292 28.93 22.32 15.74
C ASN K 292 27.91 23.35 16.24
N VAL K 293 26.94 23.66 15.39
CA VAL K 293 25.94 24.65 15.71
C VAL K 293 25.06 24.20 16.88
N HIS K 294 24.45 23.04 16.74
CA HIS K 294 23.53 22.54 17.77
C HIS K 294 23.30 21.04 17.68
N GLN K 295 23.03 20.42 18.82
CA GLN K 295 22.77 19.00 18.87
C GLN K 295 21.30 18.71 18.53
N GLN K 296 20.40 19.54 19.06
CA GLN K 296 18.98 19.41 18.77
C GLN K 296 18.69 19.82 17.33
N THR K 297 18.55 18.84 16.45
CA THR K 297 18.43 19.13 15.03
C THR K 297 17.22 18.41 14.42
N ILE K 298 16.68 18.98 13.35
CA ILE K 298 15.54 18.38 12.66
C ILE K 298 15.80 18.28 11.16
N GLY K 299 15.68 17.07 10.63
CA GLY K 299 15.86 16.83 9.20
C GLY K 299 17.14 16.11 8.89
N ASN K 300 17.56 16.19 7.62
CA ASN K 300 18.82 15.61 7.19
C ASN K 300 19.98 16.56 7.48
N CYS K 301 20.74 16.24 8.52
CA CYS K 301 21.73 17.17 9.05
C CYS K 301 23.13 16.57 9.15
N PRO K 302 24.15 17.45 9.19
CA PRO K 302 25.51 17.02 9.52
C PRO K 302 25.55 16.55 10.97
N LYS K 303 26.39 15.56 11.26
CA LYS K 303 26.53 15.07 12.63
C LYS K 303 27.11 16.16 13.52
N TYR K 304 26.65 16.19 14.77
CA TYR K 304 27.10 17.19 15.73
C TYR K 304 28.35 16.73 16.46
N VAL K 305 29.39 17.54 16.43
CA VAL K 305 30.63 17.20 17.13
C VAL K 305 31.07 18.32 18.07
N LYS K 306 31.88 17.95 19.06
CA LYS K 306 32.42 18.92 19.98
C LYS K 306 33.75 19.42 19.45
N ALA K 307 33.68 20.32 18.46
CA ALA K 307 34.88 20.84 17.82
C ALA K 307 34.68 22.27 17.31
N THR K 308 35.74 23.07 17.38
CA THR K 308 35.69 24.44 16.88
C THR K 308 36.15 24.51 15.42
N SER K 309 36.92 23.53 14.99
CA SER K 309 37.37 23.48 13.60
C SER K 309 37.72 22.06 13.19
N LEU K 310 37.50 21.75 11.92
CA LEU K 310 37.94 20.49 11.33
C LEU K 310 38.65 20.76 10.01
N MET K 311 39.83 21.36 10.09
CA MET K 311 40.59 21.69 8.89
C MET K 311 41.20 20.43 8.28
N LEU K 312 40.77 20.13 7.06
CA LEU K 312 41.30 19.01 6.30
C LEU K 312 42.29 19.54 5.27
N ALA K 313 43.54 19.08 5.35
CA ALA K 313 44.58 19.57 4.44
C ALA K 313 44.32 19.10 3.03
N THR K 314 44.68 19.93 2.05
CA THR K 314 44.56 19.56 0.65
C THR K 314 45.86 19.86 -0.10
N GLY K 315 46.58 20.87 0.36
CA GLY K 315 47.79 21.30 -0.29
C GLY K 315 49.04 20.66 0.29
N LEU K 316 50.16 21.36 0.16
CA LEU K 316 51.44 20.81 0.57
C LEU K 316 51.95 21.53 1.81
N ARG K 317 52.99 20.99 2.43
CA ARG K 317 53.64 21.69 3.54
C ARG K 317 54.19 23.01 3.02
N ASN K 318 53.98 24.08 3.80
CA ASN K 318 54.31 25.42 3.33
C ASN K 318 55.50 26.04 4.06
N ASN K 319 56.65 25.37 3.98
CA ASN K 319 57.92 25.95 4.45
C ASN K 319 58.83 26.25 3.28
N PRO K 320 58.73 27.48 2.74
CA PRO K 320 59.51 27.91 1.58
C PRO K 320 61.01 27.92 1.88
N ALA L 1 67.26 28.49 -7.01
CA ALA L 1 68.42 27.61 -6.98
C ALA L 1 68.05 26.19 -6.58
N GLY L 2 66.78 25.83 -6.80
CA GLY L 2 66.32 24.47 -6.54
C GLY L 2 66.04 24.17 -5.09
N PHE L 3 65.23 23.15 -4.83
CA PHE L 3 64.87 22.79 -3.47
C PHE L 3 63.95 21.61 -3.76
N ILE L 4 63.94 20.64 -2.85
CA ILE L 4 62.90 19.64 -2.68
C ILE L 4 62.90 19.59 -1.20
N GLU L 5 64.09 19.87 -0.70
CA GLU L 5 64.29 20.32 0.67
C GLU L 5 64.04 21.82 0.69
N GLY L 6 62.76 22.20 0.66
CA GLY L 6 62.38 23.59 0.53
C GLY L 6 61.27 23.74 -0.49
N GLY L 7 60.49 24.80 -0.35
CA GLY L 7 59.36 25.05 -1.23
C GLY L 7 59.61 26.22 -2.16
N TRP L 8 59.09 26.11 -3.39
CA TRP L 8 59.32 27.14 -4.39
C TRP L 8 58.24 28.20 -4.38
N GLN L 9 58.45 29.23 -3.57
CA GLN L 9 57.65 30.43 -3.64
C GLN L 9 57.81 31.02 -5.04
N GLY L 10 56.78 30.87 -5.86
CA GLY L 10 56.87 31.31 -7.24
C GLY L 10 56.99 30.15 -8.21
N MET L 11 56.51 28.99 -7.79
CA MET L 11 56.39 27.84 -8.68
C MET L 11 55.22 28.10 -9.61
N ILE L 12 54.03 28.25 -9.01
CA ILE L 12 52.76 28.48 -9.69
C ILE L 12 52.44 27.47 -10.80
N ASP L 13 51.24 27.58 -11.35
CA ASP L 13 50.79 26.72 -12.46
C ASP L 13 50.65 25.24 -12.11
N GLY L 14 50.94 24.87 -10.86
CA GLY L 14 50.83 23.49 -10.43
C GLY L 14 51.44 23.22 -9.07
N TRP L 15 51.18 22.04 -8.54
CA TRP L 15 51.75 21.63 -7.26
C TRP L 15 53.21 21.19 -7.41
N TYR L 16 53.46 20.35 -8.41
CA TYR L 16 54.77 19.76 -8.62
C TYR L 16 55.36 20.27 -9.94
N GLY L 17 56.66 20.57 -9.93
CA GLY L 17 57.30 21.11 -11.11
C GLY L 17 58.81 21.05 -11.14
N TYR L 18 59.39 21.78 -12.09
CA TYR L 18 60.84 21.79 -12.29
C TYR L 18 61.41 23.21 -12.27
N HIS L 19 62.71 23.30 -12.02
CA HIS L 19 63.43 24.55 -12.21
C HIS L 19 64.70 24.22 -12.96
N HIS L 20 64.95 24.94 -14.06
CA HIS L 20 66.13 24.67 -14.87
C HIS L 20 67.04 25.89 -15.00
N GLU L 21 68.33 25.62 -15.19
CA GLU L 21 69.32 26.66 -15.43
C GLU L 21 70.26 26.21 -16.54
N ASN L 22 70.26 26.93 -17.64
CA ASN L 22 71.22 26.68 -18.70
C ASN L 22 71.79 27.95 -19.33
N GLN L 23 72.21 27.85 -20.59
CA GLN L 23 72.82 28.98 -21.29
C GLN L 23 71.80 30.03 -21.70
N GLU L 24 70.58 29.59 -21.98
CA GLU L 24 69.53 30.50 -22.42
C GLU L 24 68.85 31.21 -21.25
N GLY L 25 68.93 30.62 -20.06
CA GLY L 25 68.39 31.23 -18.86
C GLY L 25 67.76 30.26 -17.88
N SER L 26 67.02 30.82 -16.93
CA SER L 26 66.36 30.01 -15.89
C SER L 26 64.86 29.99 -16.10
N GLY L 27 64.14 29.36 -15.19
CA GLY L 27 62.69 29.32 -15.29
C GLY L 27 62.03 28.19 -14.51
N TYR L 28 60.74 28.37 -14.22
CA TYR L 28 59.95 27.36 -13.54
C TYR L 28 58.94 26.75 -14.50
N ALA L 29 58.57 25.50 -14.25
CA ALA L 29 57.59 24.81 -15.08
C ALA L 29 56.98 23.63 -14.33
N ALA L 30 55.67 23.67 -14.17
CA ALA L 30 54.98 22.60 -13.49
C ALA L 30 54.80 21.39 -14.39
N ASP L 31 54.83 20.21 -13.78
CA ASP L 31 54.44 18.99 -14.48
C ASP L 31 52.93 18.89 -14.37
N LYS L 32 52.23 19.43 -15.36
CA LYS L 32 50.77 19.55 -15.34
C LYS L 32 50.03 18.23 -15.11
N GLU L 33 50.46 17.18 -15.81
CA GLU L 33 49.76 15.89 -15.73
C GLU L 33 49.97 15.22 -14.37
N ALA L 34 51.11 15.48 -13.74
CA ALA L 34 51.38 14.95 -12.41
C ALA L 34 50.58 15.72 -11.37
N THR L 35 50.49 17.03 -11.58
CA THR L 35 49.68 17.88 -10.72
C THR L 35 48.20 17.53 -10.85
N GLN L 36 47.75 17.38 -12.09
CA GLN L 36 46.35 17.08 -12.37
C GLN L 36 45.95 15.71 -11.80
N LYS L 37 46.90 14.79 -11.78
CA LYS L 37 46.65 13.46 -11.21
C LYS L 37 46.45 13.57 -9.70
N ALA L 38 47.29 14.39 -9.06
CA ALA L 38 47.21 14.57 -7.62
C ALA L 38 45.96 15.34 -7.24
N VAL L 39 45.61 16.33 -8.06
CA VAL L 39 44.40 17.11 -7.85
C VAL L 39 43.17 16.21 -7.87
N ASP L 40 43.08 15.37 -8.89
CA ASP L 40 41.95 14.45 -9.04
C ASP L 40 41.82 13.48 -7.87
N ALA L 41 42.96 13.01 -7.35
CA ALA L 41 42.95 12.09 -6.23
C ALA L 41 42.60 12.77 -4.92
N ILE L 42 43.09 13.99 -4.72
CA ILE L 42 42.79 14.75 -3.52
C ILE L 42 41.33 15.22 -3.54
N THR L 43 40.86 15.66 -4.71
CA THR L 43 39.46 16.02 -4.88
C THR L 43 38.56 14.82 -4.56
N ASN L 44 38.97 13.65 -5.02
CA ASN L 44 38.23 12.42 -4.76
C ASN L 44 38.16 12.09 -3.27
N LYS L 45 39.27 12.31 -2.56
CA LYS L 45 39.32 12.05 -1.13
C LYS L 45 38.39 12.96 -0.33
N VAL L 46 38.48 14.26 -0.60
CA VAL L 46 37.65 15.24 0.08
C VAL L 46 36.16 14.95 -0.17
N ASN L 47 35.83 14.66 -1.42
CA ASN L 47 34.46 14.32 -1.80
C ASN L 47 33.96 13.05 -1.12
N SER L 48 34.85 12.10 -0.90
CA SER L 48 34.50 10.85 -0.23
C SER L 48 34.16 11.09 1.24
N ILE L 49 34.93 11.95 1.89
CA ILE L 49 34.70 12.30 3.28
C ILE L 49 33.40 13.10 3.45
N ILE L 50 33.00 13.79 2.39
CA ILE L 50 31.83 14.65 2.42
C ILE L 50 30.55 13.96 1.93
N ASP L 51 30.64 13.30 0.77
CA ASP L 51 29.46 12.74 0.12
C ASP L 51 28.98 11.41 0.72
N LYS L 52 29.87 10.69 1.39
CA LYS L 52 29.51 9.40 1.98
C LYS L 52 28.65 9.58 3.24
N MET L 53 28.43 10.83 3.64
CA MET L 53 27.54 11.14 4.75
C MET L 53 26.16 11.43 4.19
N ASN L 54 25.20 10.55 4.49
CA ASN L 54 23.86 10.67 3.96
C ASN L 54 22.79 10.60 5.05
N SER L 55 23.14 11.18 6.21
CA SER L 55 22.35 11.12 7.44
C SER L 55 20.82 11.10 7.29
N GLN L 56 20.16 10.29 8.11
CA GLN L 56 18.72 10.11 8.04
C GLN L 56 17.97 11.36 8.52
N PHE L 57 16.69 11.45 8.18
CA PHE L 57 15.82 12.47 8.74
C PHE L 57 15.53 12.05 10.18
N GLU L 58 15.98 12.84 11.13
CA GLU L 58 15.79 12.55 12.54
C GLU L 58 15.36 13.84 13.26
N SER L 59 14.56 13.69 14.32
CA SER L 59 14.14 14.84 15.12
C SER L 59 14.56 14.67 16.56
N ASN L 60 15.08 15.73 17.17
CA ASN L 60 15.52 15.70 18.55
C ASN L 60 14.60 16.47 19.49
N ILE L 61 14.28 15.86 20.63
CA ILE L 61 13.41 16.47 21.62
C ILE L 61 14.07 16.43 23.01
N LYS L 62 14.25 17.60 23.61
CA LYS L 62 14.70 17.66 25.01
C LYS L 62 13.69 18.38 25.86
N GLU L 63 12.91 19.26 25.25
CA GLU L 63 11.76 19.86 25.91
C GLU L 63 10.77 18.76 26.32
N PHE L 64 10.65 18.55 27.62
CA PHE L 64 9.81 17.48 28.16
C PHE L 64 9.62 17.65 29.68
N ASN L 65 8.53 17.12 30.21
CA ASN L 65 8.27 17.21 31.65
C ASN L 65 9.13 16.27 32.50
N ARG L 66 8.64 16.00 33.70
CA ARG L 66 9.34 15.13 34.64
C ARG L 66 8.92 13.67 34.50
N LEU L 67 7.61 13.43 34.60
CA LEU L 67 7.07 12.09 34.85
C LEU L 67 7.40 10.95 33.87
N GLU L 68 8.26 11.20 32.89
CA GLU L 68 8.77 10.10 32.07
C GLU L 68 10.29 9.99 32.22
N LEU L 69 10.79 10.73 33.21
CA LEU L 69 12.20 10.74 33.64
C LEU L 69 13.09 9.62 33.11
N ARG L 70 12.57 8.40 33.18
CA ARG L 70 13.30 7.22 32.73
C ARG L 70 13.61 7.27 31.24
N ILE L 71 12.68 7.81 30.46
CA ILE L 71 12.87 7.91 29.01
C ILE L 71 13.79 9.08 28.68
N GLN L 72 13.69 10.16 29.44
CA GLN L 72 14.53 11.33 29.21
C GLN L 72 15.98 11.03 29.58
N HIS L 73 16.15 10.23 30.62
CA HIS L 73 17.49 9.80 31.05
C HIS L 73 18.14 8.94 29.96
N LEU L 74 17.37 8.03 29.38
CA LEU L 74 17.90 7.16 28.33
C LEU L 74 18.17 7.97 27.07
N SER L 75 17.26 8.88 26.74
CA SER L 75 17.43 9.73 25.58
C SER L 75 18.68 10.58 25.72
N ASP L 76 18.86 11.16 26.90
CA ASP L 76 20.03 11.99 27.19
C ASP L 76 21.32 11.20 27.10
N ARG L 77 21.30 9.95 27.56
CA ARG L 77 22.45 9.07 27.45
C ARG L 77 22.80 8.84 25.98
N VAL L 78 21.80 8.52 25.18
CA VAL L 78 21.99 8.28 23.76
C VAL L 78 22.51 9.52 23.03
N ASP L 79 21.97 10.68 23.41
CA ASP L 79 22.43 11.95 22.85
C ASP L 79 23.93 12.16 23.01
N ASP L 80 24.43 11.98 24.23
CA ASP L 80 25.84 12.22 24.53
C ASP L 80 26.74 11.08 24.07
N ALA L 81 26.22 9.86 24.05
CA ALA L 81 27.02 8.72 23.63
C ALA L 81 27.32 8.86 22.13
N LEU L 82 26.34 9.40 21.41
CA LEU L 82 26.50 9.70 20.00
C LEU L 82 27.47 10.86 19.79
N LEU L 83 27.48 11.81 20.72
CA LEU L 83 28.39 12.93 20.64
C LEU L 83 29.82 12.46 20.84
N ASP L 84 30.01 11.57 21.80
CA ASP L 84 31.33 11.02 22.09
C ASP L 84 31.87 10.18 20.93
N ILE L 85 30.98 9.43 20.28
CA ILE L 85 31.39 8.62 19.14
C ILE L 85 31.79 9.48 17.96
N TRP L 86 30.90 10.39 17.56
CA TRP L 86 31.16 11.25 16.42
C TRP L 86 32.29 12.27 16.61
N SER L 87 32.49 12.73 17.84
CA SER L 87 33.58 13.67 18.12
C SER L 87 34.94 12.99 18.04
N TYR L 88 35.10 11.87 18.73
CA TYR L 88 36.36 11.15 18.79
C TYR L 88 36.76 10.63 17.42
N ASN L 89 35.83 9.96 16.75
CA ASN L 89 36.08 9.39 15.43
C ASN L 89 36.39 10.41 14.35
N THR L 90 35.68 11.54 14.36
CA THR L 90 35.90 12.60 13.38
C THR L 90 37.22 13.32 13.60
N GLU L 91 37.60 13.45 14.87
CA GLU L 91 38.86 14.08 15.23
C GLU L 91 40.02 13.27 14.65
N LEU L 92 40.06 11.99 14.99
CA LEU L 92 41.14 11.12 14.53
C LEU L 92 41.17 11.00 13.01
N LEU L 93 39.98 10.99 12.40
CA LEU L 93 39.87 10.91 10.95
C LEU L 93 40.59 12.06 10.26
N VAL L 94 40.42 13.26 10.81
CA VAL L 94 41.03 14.45 10.23
C VAL L 94 42.55 14.45 10.43
N LEU L 95 42.98 14.07 11.63
CA LEU L 95 44.41 13.98 11.92
C LEU L 95 45.09 12.93 11.05
N LEU L 96 44.46 11.76 10.92
CA LEU L 96 45.01 10.70 10.10
C LEU L 96 45.05 11.08 8.63
N GLU L 97 43.97 11.66 8.13
CA GLU L 97 43.87 12.01 6.72
C GLU L 97 44.72 13.20 6.32
N ASN L 98 45.15 13.99 7.30
CA ASN L 98 46.07 15.08 7.02
C ASN L 98 47.51 14.58 6.98
N GLU L 99 47.84 13.67 7.88
CA GLU L 99 49.16 13.05 7.90
C GLU L 99 49.44 12.34 6.59
N ARG L 100 48.40 11.74 6.03
CA ARG L 100 48.51 10.94 4.81
C ARG L 100 48.47 11.81 3.55
N THR L 101 47.71 12.90 3.60
CA THR L 101 47.64 13.83 2.48
C THR L 101 49.01 14.48 2.25
N LEU L 102 49.70 14.74 3.35
CA LEU L 102 51.03 15.34 3.28
C LEU L 102 52.06 14.33 2.76
N ASP L 103 51.95 13.09 3.24
CA ASP L 103 52.82 12.02 2.77
C ASP L 103 52.57 11.72 1.30
N PHE L 104 51.32 11.91 0.88
CA PHE L 104 50.93 11.67 -0.50
C PHE L 104 51.61 12.65 -1.44
N HIS L 105 51.67 13.91 -1.03
CA HIS L 105 52.35 14.94 -1.82
C HIS L 105 53.85 14.70 -1.85
N ASP L 106 54.40 14.31 -0.70
CA ASP L 106 55.82 13.96 -0.57
C ASP L 106 56.22 12.92 -1.61
N ALA L 107 55.49 11.82 -1.64
CA ALA L 107 55.76 10.72 -2.56
C ALA L 107 55.66 11.17 -4.02
N ASN L 108 54.73 12.09 -4.26
CA ASN L 108 54.49 12.58 -5.62
C ASN L 108 55.69 13.31 -6.20
N VAL L 109 56.33 14.15 -5.40
CA VAL L 109 57.50 14.88 -5.89
C VAL L 109 58.72 13.96 -5.92
N LYS L 110 58.76 12.98 -5.02
CA LYS L 110 59.88 12.04 -4.97
C LYS L 110 59.86 11.16 -6.22
N ASN L 111 58.68 10.73 -6.62
CA ASN L 111 58.50 9.95 -7.83
C ASN L 111 58.85 10.77 -9.07
N LEU L 112 58.54 12.06 -9.01
CA LEU L 112 58.87 12.97 -10.10
C LEU L 112 60.38 13.04 -10.22
N PHE L 113 61.05 13.13 -9.07
CA PHE L 113 62.50 13.17 -8.99
C PHE L 113 63.13 11.89 -9.53
N GLU L 114 62.49 10.76 -9.21
CA GLU L 114 63.01 9.45 -9.62
C GLU L 114 62.80 9.21 -11.11
N LYS L 115 61.78 9.84 -11.67
CA LYS L 115 61.49 9.73 -13.10
C LYS L 115 62.57 10.41 -13.94
N VAL L 116 63.08 11.53 -13.44
CA VAL L 116 64.15 12.24 -14.15
C VAL L 116 65.47 11.53 -13.94
N LYS L 117 65.71 11.07 -12.72
CA LYS L 117 66.92 10.35 -12.36
C LYS L 117 67.12 9.10 -13.22
N ALA L 118 66.02 8.40 -13.48
CA ALA L 118 66.07 7.18 -14.27
C ALA L 118 66.33 7.47 -15.74
N GLN L 119 66.10 8.72 -16.15
CA GLN L 119 66.39 9.15 -17.51
C GLN L 119 67.83 9.58 -17.69
N LEU L 120 68.33 10.38 -16.75
CA LEU L 120 69.67 10.95 -16.85
C LEU L 120 70.74 9.90 -16.54
N LYS L 121 70.53 9.16 -15.47
CA LYS L 121 71.49 8.16 -15.00
C LYS L 121 72.84 8.81 -14.69
N ASP L 122 73.92 8.26 -15.24
CA ASP L 122 75.25 8.79 -14.98
C ASP L 122 75.62 9.97 -15.89
N ASN L 123 74.65 10.45 -16.67
CA ASN L 123 74.85 11.65 -17.46
C ASN L 123 74.70 12.90 -16.61
N ALA L 124 74.40 12.70 -15.33
CA ALA L 124 74.21 13.81 -14.41
C ALA L 124 74.75 13.49 -13.02
N ILE L 125 74.86 14.51 -12.18
CA ILE L 125 75.29 14.32 -10.80
C ILE L 125 74.19 14.70 -9.83
N ASP L 126 73.80 13.75 -8.98
CA ASP L 126 72.80 14.00 -7.95
C ASP L 126 73.39 14.91 -6.89
N GLU L 127 72.92 16.16 -6.84
CA GLU L 127 73.45 17.11 -5.89
C GLU L 127 72.90 16.90 -4.48
N GLY L 128 72.03 15.90 -4.34
CA GLY L 128 71.49 15.52 -3.05
C GLY L 128 70.52 16.54 -2.47
N ASN L 129 70.07 17.47 -3.30
CA ASN L 129 69.11 18.48 -2.88
C ASN L 129 67.97 18.58 -3.89
N GLY L 130 67.66 17.46 -4.53
CA GLY L 130 66.62 17.42 -5.53
C GLY L 130 67.06 18.00 -6.88
N CYS L 131 68.35 18.33 -6.98
CA CYS L 131 68.86 18.91 -8.22
C CYS L 131 69.81 17.96 -8.94
N PHE L 132 69.77 17.99 -10.25
CA PHE L 132 70.70 17.21 -11.07
C PHE L 132 71.67 18.12 -11.79
N LEU L 133 72.96 17.87 -11.57
CA LEU L 133 74.00 18.60 -12.29
C LEU L 133 74.33 17.84 -13.56
N LEU L 134 73.97 18.42 -14.70
CA LEU L 134 74.16 17.77 -15.98
C LEU L 134 75.63 17.79 -16.41
N LEU L 135 76.12 16.63 -16.83
CA LEU L 135 77.51 16.48 -17.24
C LEU L 135 77.72 16.81 -18.72
N HIS L 136 76.80 17.60 -19.27
CA HIS L 136 76.86 17.99 -20.67
C HIS L 136 76.05 19.26 -20.88
N LYS L 137 75.91 19.66 -22.14
CA LYS L 137 75.11 20.84 -22.48
C LYS L 137 73.67 20.46 -22.73
N CYS L 138 72.75 21.22 -22.15
CA CYS L 138 71.33 20.91 -22.20
C CYS L 138 70.53 22.17 -22.53
N ASN L 139 70.39 22.46 -23.82
CA ASN L 139 69.69 23.66 -24.26
C ASN L 139 68.20 23.62 -23.96
N ASN L 140 67.47 24.63 -24.42
CA ASN L 140 66.03 24.72 -24.19
C ASN L 140 65.21 23.72 -25.01
N SER L 141 65.90 22.79 -25.66
CA SER L 141 65.23 21.71 -26.37
C SER L 141 65.54 20.39 -25.66
N CYS L 142 66.49 20.44 -24.74
CA CYS L 142 66.91 19.24 -24.01
C CYS L 142 66.16 19.10 -22.69
N MET L 143 66.06 20.20 -21.95
CA MET L 143 65.33 20.24 -20.69
C MET L 143 63.88 19.81 -20.91
N ASP L 144 63.32 20.29 -22.01
CA ASP L 144 61.94 19.98 -22.39
C ASP L 144 61.77 18.48 -22.59
N ASP L 145 62.74 17.84 -23.23
CA ASP L 145 62.70 16.40 -23.41
C ASP L 145 62.75 15.67 -22.07
N ILE L 146 63.50 16.25 -21.14
CA ILE L 146 63.57 15.71 -19.79
C ILE L 146 62.22 15.84 -19.10
N LYS L 147 61.61 17.02 -19.23
CA LYS L 147 60.32 17.27 -18.61
C LYS L 147 59.21 16.43 -19.25
N ASN L 148 59.44 16.00 -20.49
CA ASN L 148 58.47 15.22 -21.23
C ASN L 148 58.76 13.72 -21.12
N GLY L 149 59.89 13.37 -20.53
CA GLY L 149 60.27 11.97 -20.41
C GLY L 149 60.78 11.39 -21.73
N THR L 150 61.34 12.25 -22.57
CA THR L 150 61.85 11.83 -23.87
C THR L 150 63.36 12.03 -24.01
N TYR L 151 64.00 12.47 -22.93
CA TYR L 151 65.45 12.63 -22.89
C TYR L 151 66.14 11.31 -23.20
N LYS L 152 66.90 11.26 -24.28
CA LYS L 152 67.60 10.04 -24.65
C LYS L 152 68.98 9.95 -24.00
N TYR L 153 69.20 8.84 -23.33
CA TYR L 153 70.41 8.59 -22.55
C TYR L 153 71.68 8.57 -23.40
N MET L 154 71.61 7.89 -24.54
CA MET L 154 72.78 7.66 -25.37
C MET L 154 73.23 8.89 -26.16
N ASP L 155 72.31 9.80 -26.45
CA ASP L 155 72.62 10.99 -27.25
C ASP L 155 73.56 11.93 -26.52
N TYR L 156 73.75 11.72 -25.21
CA TYR L 156 74.59 12.59 -24.40
C TYR L 156 75.62 11.81 -23.58
N ARG L 157 75.78 10.54 -23.90
CA ARG L 157 76.66 9.66 -23.12
C ARG L 157 78.14 10.00 -23.29
N GLU L 158 78.60 10.04 -24.54
CA GLU L 158 79.99 10.38 -24.87
C GLU L 158 80.42 11.65 -24.16
N GLU L 159 79.65 12.71 -24.35
CA GLU L 159 79.97 14.03 -23.80
C GLU L 159 80.07 13.99 -22.28
N SER L 160 79.22 13.19 -21.65
CA SER L 160 79.17 13.10 -20.20
C SER L 160 80.35 12.31 -19.64
N HIS L 161 80.73 11.23 -20.31
CA HIS L 161 81.87 10.43 -19.89
C HIS L 161 83.14 11.27 -19.93
N ILE L 162 83.28 12.05 -20.99
CA ILE L 162 84.43 12.91 -21.17
C ILE L 162 84.49 13.96 -20.07
N GLU L 163 83.34 14.59 -19.78
CA GLU L 163 83.28 15.64 -18.77
C GLU L 163 83.55 15.12 -17.37
N LYS L 164 83.20 13.86 -17.11
CA LYS L 164 83.51 13.26 -15.81
C LYS L 164 85.01 12.98 -15.71
N GLN L 165 85.62 12.57 -16.81
CA GLN L 165 87.05 12.29 -16.82
C GLN L 165 87.87 13.56 -16.56
N LYS L 166 87.29 14.70 -16.86
CA LYS L 166 87.89 15.99 -16.56
C LYS L 166 87.89 16.18 -15.04
N ILE L 167 86.80 15.73 -14.41
CA ILE L 167 86.66 15.79 -12.96
C ILE L 167 87.55 14.74 -12.31
N ASP L 168 87.91 13.72 -13.07
CA ASP L 168 88.70 12.61 -12.54
C ASP L 168 90.21 12.76 -12.78
N GLY L 169 90.57 13.62 -13.73
CA GLY L 169 91.97 13.82 -14.08
C GLY L 169 92.57 12.61 -14.78
N VAL L 170 91.94 12.19 -15.87
CA VAL L 170 92.37 11.01 -16.61
C VAL L 170 92.73 11.34 -18.06
N GLU L 171 93.87 10.82 -18.50
CA GLU L 171 94.32 11.01 -19.88
C GLU L 171 95.06 9.80 -20.40
#